data_3OTR
#
_entry.id   3OTR
#
_cell.length_a   323.632
_cell.length_b   323.632
_cell.length_c   66.773
_cell.angle_alpha   90.00
_cell.angle_beta   90.00
_cell.angle_gamma   90.00
#
_symmetry.space_group_name_H-M   'I 4'
#
loop_
_entity.id
_entity.type
_entity.pdbx_description
1 polymer Enolase
2 non-polymer 'CHLORIDE ION'
3 non-polymer 'SULFATE ION'
4 water water
#
_entity_poly.entity_id   1
_entity_poly.type   'polypeptide(L)'
_entity_poly.pdbx_seq_one_letter_code
;MVVIKDIVAREILDSRGNPTIEVDVSTEGGVFRAAVPSGASTGIYEALELRDKDPKRYLGKGVLNAVEIVRQEIKPALLG
KDPCDQKGIDMLMVEQLDGTKNEWGYSKSKLGANAILGVSIACCRAGAASKGLPLYKYIATLAGKTIDKMVMPVPFFNVI
NGGEHAGNGLALQEFLIAPVGAPNIREAIRYGSETYHHLKNVIKNKYGLDATNVGDEGGFAPNVATAEEALNLLVEAIKA
AGYEGKIKIAFDAAASEFYKQDEKKYDLDYKCKTKNASKHLTGEKLKEVYEGWLKKYPIISVEDPFDQDDFASFSAFTKD
VGEKTQVIGDDILVTNILRIEKALKDKACNCLLLKVNQIGSVTEAIEACLLAQKSGWGVQVSHRSGETEDSFIADLVVGL
RCGQIKSGSPCRSERLCKYNQLMRIEESLGADCVYAGESFRHPKRSHHHHHH
;
_entity_poly.pdbx_strand_id   A,B,C,D,E,F
#
loop_
_chem_comp.id
_chem_comp.type
_chem_comp.name
_chem_comp.formula
CL non-polymer 'CHLORIDE ION' 'Cl -1'
SO4 non-polymer 'SULFATE ION' 'O4 S -2'
#
# COMPACT_ATOMS: atom_id res chain seq x y z
N MET A 1 6.16 38.33 41.25
CA MET A 1 7.49 38.00 40.67
C MET A 1 7.64 36.50 40.43
N VAL A 2 7.59 36.11 39.17
CA VAL A 2 7.77 34.71 38.77
C VAL A 2 8.86 34.69 37.71
N VAL A 3 9.38 33.51 37.42
CA VAL A 3 10.43 33.37 36.42
C VAL A 3 10.19 32.14 35.56
N ILE A 4 10.84 32.09 34.40
CA ILE A 4 10.69 30.97 33.48
C ILE A 4 11.46 29.78 34.01
N LYS A 5 10.71 28.76 34.44
CA LYS A 5 11.30 27.54 34.98
C LYS A 5 11.62 26.53 33.88
N ASP A 6 10.85 26.54 32.80
CA ASP A 6 11.09 25.59 31.70
C ASP A 6 10.32 26.02 30.45
N ILE A 7 10.80 25.57 29.29
CA ILE A 7 10.15 25.88 28.01
C ILE A 7 10.30 24.67 27.10
N VAL A 8 9.18 24.07 26.72
CA VAL A 8 9.18 22.92 25.84
C VAL A 8 8.20 23.18 24.70
N ALA A 9 8.56 22.74 23.50
CA ALA A 9 7.70 22.92 22.33
C ALA A 9 7.35 21.56 21.78
N ARG A 10 6.37 21.52 20.88
CA ARG A 10 5.97 20.26 20.29
C ARG A 10 5.36 20.54 18.93
N GLU A 11 5.27 19.50 18.11
CA GLU A 11 4.71 19.62 16.78
C GLU A 11 3.26 19.15 16.82
N ILE A 12 2.34 20.02 16.41
CA ILE A 12 0.91 19.68 16.38
C ILE A 12 0.40 20.02 14.98
N LEU A 13 -0.86 19.70 14.70
CA LEU A 13 -1.45 19.98 13.40
C LEU A 13 -2.41 21.16 13.41
N ASP A 14 -2.31 22.00 12.38
CA ASP A 14 -3.16 23.18 12.25
C ASP A 14 -4.48 22.76 11.60
N SER A 15 -5.37 23.73 11.38
CA SER A 15 -6.68 23.45 10.78
C SER A 15 -6.70 22.76 9.41
N ARG A 16 -5.59 22.85 8.67
CA ARG A 16 -5.53 22.22 7.34
C ARG A 16 -4.79 20.89 7.30
N GLY A 17 -4.38 20.39 8.46
CA GLY A 17 -3.67 19.13 8.56
C GLY A 17 -2.15 19.25 8.45
N ASN A 18 -1.65 20.48 8.44
CA ASN A 18 -0.22 20.72 8.34
C ASN A 18 0.38 21.01 9.70
N PRO A 19 1.62 20.56 9.92
CA PRO A 19 2.27 20.79 11.19
C PRO A 19 2.48 22.25 11.52
N THR A 20 2.38 22.57 12.82
CA THR A 20 2.61 23.92 13.32
C THR A 20 3.27 23.72 14.68
N ILE A 21 3.73 24.81 15.30
CA ILE A 21 4.41 24.69 16.58
C ILE A 21 3.59 25.20 17.76
N GLU A 22 3.66 24.46 18.86
CA GLU A 22 2.98 24.79 20.10
C GLU A 22 4.04 24.86 21.18
N VAL A 23 3.96 25.87 22.04
CA VAL A 23 4.93 26.05 23.10
C VAL A 23 4.31 26.06 24.51
N ASP A 24 5.02 25.50 25.47
CA ASP A 24 4.60 25.46 26.88
C ASP A 24 5.65 26.14 27.77
N VAL A 25 5.31 27.31 28.32
CA VAL A 25 6.22 28.02 29.21
C VAL A 25 5.78 27.77 30.64
N SER A 26 6.74 27.40 31.49
CA SER A 26 6.46 27.12 32.89
C SER A 26 7.03 28.15 33.84
N THR A 27 6.27 28.43 34.90
CA THR A 27 6.68 29.36 35.95
C THR A 27 6.14 28.73 37.22
N GLU A 28 6.41 29.35 38.36
CA GLU A 28 5.91 28.83 39.63
C GLU A 28 4.38 28.86 39.64
N GLY A 29 3.79 29.62 38.72
CA GLY A 29 2.32 29.74 38.63
C GLY A 29 1.66 28.67 37.78
N GLY A 30 2.46 27.77 37.19
CA GLY A 30 1.94 26.69 36.36
C GLY A 30 2.52 26.67 34.95
N VAL A 31 1.90 25.89 34.09
CA VAL A 31 2.31 25.74 32.70
C VAL A 31 1.41 26.58 31.80
N PHE A 32 2.01 27.36 30.91
CA PHE A 32 1.26 28.26 30.01
C PHE A 32 1.51 27.88 28.57
N ARG A 33 0.44 27.71 27.80
CA ARG A 33 0.51 27.25 26.41
C ARG A 33 0.07 28.18 25.29
N ALA A 34 0.72 28.05 24.14
CA ALA A 34 0.42 28.87 22.96
C ALA A 34 0.72 28.11 21.66
N ALA A 35 -0.24 28.16 20.73
CA ALA A 35 -0.10 27.50 19.44
C ALA A 35 -0.10 28.58 18.37
N VAL A 36 0.92 28.56 17.54
CA VAL A 36 1.08 29.53 16.47
C VAL A 36 0.41 29.08 15.18
N PRO A 37 -0.31 30.00 14.51
CA PRO A 37 -0.94 29.68 13.23
C PRO A 37 0.14 29.57 12.14
N SER A 38 -0.25 29.18 10.93
CA SER A 38 0.71 29.05 9.83
C SER A 38 0.95 30.36 9.08
N GLY A 39 2.17 30.49 8.56
CA GLY A 39 2.60 31.67 7.81
C GLY A 39 3.31 31.27 6.53
N ALA A 40 4.38 31.97 6.19
CA ALA A 40 5.14 31.71 4.98
C ALA A 40 6.58 31.30 5.30
N SER A 41 7.03 30.21 4.68
CA SER A 41 8.40 29.73 4.89
C SER A 41 9.36 30.45 3.94
N THR A 42 8.83 31.05 2.88
CA THR A 42 9.63 31.83 1.91
C THR A 42 8.92 33.16 1.70
N GLY A 43 9.68 34.22 1.45
CA GLY A 43 9.10 35.54 1.24
C GLY A 43 10.11 36.66 1.32
N ILE A 44 9.75 37.81 0.75
CA ILE A 44 10.64 38.99 0.72
C ILE A 44 10.35 40.08 1.76
N TYR A 45 9.11 40.19 2.24
CA TYR A 45 8.79 41.24 3.23
C TYR A 45 8.45 40.75 4.63
N GLU A 46 7.69 39.68 4.71
CA GLU A 46 7.25 39.11 5.99
C GLU A 46 8.27 38.26 6.75
N ALA A 47 7.95 37.98 8.01
CA ALA A 47 8.79 37.16 8.87
C ALA A 47 8.60 35.73 8.40
N LEU A 48 9.71 35.03 8.19
CA LEU A 48 9.67 33.66 7.69
C LEU A 48 9.66 32.63 8.80
N GLU A 49 8.80 31.63 8.67
CA GLU A 49 8.70 30.56 9.65
C GLU A 49 9.63 29.44 9.20
N LEU A 50 10.20 28.74 10.17
CA LEU A 50 11.14 27.67 9.91
C LEU A 50 10.45 26.32 9.72
N ARG A 51 10.65 25.69 8.56
CA ARG A 51 10.07 24.38 8.28
C ARG A 51 11.19 23.43 7.85
N ASP A 52 11.07 22.18 8.28
CA ASP A 52 12.06 21.14 8.04
C ASP A 52 12.45 20.92 6.58
N LYS A 53 11.46 20.94 5.70
CA LYS A 53 11.68 20.74 4.26
C LYS A 53 12.13 19.30 3.96
N ASP A 54 11.63 18.37 4.77
CA ASP A 54 11.93 16.94 4.62
C ASP A 54 10.74 16.27 3.93
N PRO A 55 10.90 15.91 2.65
CA PRO A 55 9.82 15.28 1.89
C PRO A 55 9.30 13.99 2.51
N LYS A 56 10.15 13.29 3.26
CA LYS A 56 9.72 12.04 3.91
C LYS A 56 8.74 12.26 5.09
N ARG A 57 8.52 13.51 5.50
CA ARG A 57 7.56 13.78 6.57
C ARG A 57 6.68 15.01 6.29
N TYR A 58 5.36 14.83 6.42
CA TYR A 58 4.39 15.91 6.17
C TYR A 58 4.64 16.70 4.88
N LEU A 59 5.07 15.99 3.84
CA LEU A 59 5.33 16.58 2.54
C LEU A 59 6.28 17.77 2.62
N GLY A 60 7.22 17.71 3.57
CA GLY A 60 8.23 18.77 3.77
C GLY A 60 7.80 19.91 4.67
N LYS A 61 6.61 19.83 5.23
CA LYS A 61 6.10 20.91 6.07
C LYS A 61 6.25 20.68 7.59
N GLY A 62 7.15 19.79 8.00
CA GLY A 62 7.36 19.52 9.43
C GLY A 62 8.01 20.69 10.17
N VAL A 63 7.84 20.74 11.48
CA VAL A 63 8.44 21.81 12.30
C VAL A 63 9.34 21.28 13.43
N LEU A 64 9.97 20.12 13.22
CA LEU A 64 10.87 19.57 14.23
C LEU A 64 12.07 20.49 14.48
N ASN A 65 12.64 21.04 13.41
CA ASN A 65 13.77 21.96 13.56
C ASN A 65 13.36 23.12 14.45
N ALA A 66 12.12 23.56 14.30
CA ALA A 66 11.59 24.65 15.08
C ALA A 66 11.48 24.25 16.54
N VAL A 67 11.10 23.00 16.78
CA VAL A 67 10.97 22.50 18.14
C VAL A 67 12.35 22.51 18.79
N GLU A 68 13.35 22.02 18.06
CA GLU A 68 14.73 21.99 18.56
C GLU A 68 15.30 23.39 18.80
N ILE A 69 14.90 24.37 18.00
CA ILE A 69 15.37 25.73 18.21
C ILE A 69 14.95 26.21 19.59
N VAL A 70 13.67 25.99 19.92
CA VAL A 70 13.14 26.38 21.21
C VAL A 70 13.92 25.73 22.35
N ARG A 71 14.24 24.45 22.20
CA ARG A 71 14.97 23.73 23.25
C ARG A 71 16.44 24.10 23.34
N GLN A 72 17.11 24.13 22.19
CA GLN A 72 18.55 24.41 22.14
C GLN A 72 18.98 25.88 22.11
N GLU A 73 18.10 26.78 21.70
CA GLU A 73 18.50 28.19 21.63
C GLU A 73 17.74 29.10 22.55
N ILE A 74 16.42 29.04 22.50
CA ILE A 74 15.57 29.89 23.31
C ILE A 74 15.47 29.52 24.80
N LYS A 75 15.37 28.23 25.09
CA LYS A 75 15.24 27.80 26.49
C LYS A 75 16.39 28.32 27.37
N PRO A 76 17.63 27.93 27.08
CA PRO A 76 18.76 28.37 27.89
C PRO A 76 18.88 29.88 28.05
N ALA A 77 18.45 30.63 27.05
CA ALA A 77 18.53 32.09 27.07
C ALA A 77 17.44 32.75 27.91
N LEU A 78 16.35 32.04 28.17
CA LEU A 78 15.25 32.60 28.95
C LEU A 78 15.06 32.06 30.37
N LEU A 79 15.70 30.93 30.70
CA LEU A 79 15.57 30.37 32.05
C LEU A 79 15.99 31.40 33.08
N GLY A 80 15.09 31.73 33.99
CA GLY A 80 15.37 32.71 35.04
C GLY A 80 14.79 34.09 34.80
N LYS A 81 14.46 34.38 33.54
CA LYS A 81 13.90 35.68 33.17
C LYS A 81 12.46 35.84 33.63
N ASP A 82 12.08 37.09 33.86
CA ASP A 82 10.74 37.44 34.27
C ASP A 82 9.88 37.44 33.00
N PRO A 83 8.82 36.60 32.95
CA PRO A 83 7.95 36.54 31.77
C PRO A 83 7.14 37.82 31.53
N CYS A 84 7.08 38.70 32.53
CA CYS A 84 6.36 39.96 32.40
C CYS A 84 7.12 40.98 31.58
N ASP A 85 8.42 40.79 31.44
CA ASP A 85 9.26 41.71 30.65
C ASP A 85 9.10 41.29 29.19
N GLN A 86 7.90 41.53 28.67
CA GLN A 86 7.55 41.16 27.29
C GLN A 86 8.49 41.75 26.26
N LYS A 87 8.76 43.05 26.37
CA LYS A 87 9.65 43.72 25.43
C LYS A 87 11.07 43.16 25.50
N GLY A 88 11.54 42.93 26.72
CA GLY A 88 12.88 42.40 26.92
C GLY A 88 13.05 41.01 26.34
N ILE A 89 12.02 40.18 26.48
CA ILE A 89 12.04 38.82 25.97
C ILE A 89 11.95 38.78 24.44
N ASP A 90 11.03 39.54 23.88
CA ASP A 90 10.84 39.58 22.44
C ASP A 90 12.07 40.16 21.71
N MET A 91 12.61 41.27 22.22
CA MET A 91 13.82 41.87 21.62
C MET A 91 15.07 41.02 21.80
N LEU A 92 15.09 40.19 22.84
CA LEU A 92 16.24 39.31 23.08
C LEU A 92 16.27 38.26 21.98
N MET A 93 15.11 37.63 21.75
CA MET A 93 14.97 36.60 20.73
C MET A 93 15.16 37.13 19.31
N VAL A 94 14.50 38.23 18.99
CA VAL A 94 14.54 38.81 17.65
C VAL A 94 15.88 39.46 17.27
N GLU A 95 16.37 40.35 18.12
CA GLU A 95 17.61 41.07 17.84
C GLU A 95 18.89 40.31 18.22
N GLN A 96 18.98 39.84 19.45
CA GLN A 96 20.19 39.15 19.92
C GLN A 96 20.35 37.69 19.48
N LEU A 97 19.46 36.82 19.94
CA LEU A 97 19.54 35.40 19.60
C LEU A 97 19.45 35.08 18.10
N ASP A 98 18.72 35.90 17.36
CA ASP A 98 18.59 35.69 15.93
C ASP A 98 19.42 36.72 15.15
N GLY A 99 18.95 37.96 15.11
CA GLY A 99 19.66 39.02 14.42
C GLY A 99 19.63 39.03 12.89
N THR A 100 18.99 38.04 12.26
CA THR A 100 18.93 38.00 10.79
C THR A 100 17.98 39.12 10.34
N LYS A 101 18.54 40.09 9.62
CA LYS A 101 17.80 41.25 9.17
C LYS A 101 17.88 41.56 7.68
N ASN A 102 16.73 41.68 7.03
CA ASN A 102 16.69 42.02 5.61
C ASN A 102 16.60 43.55 5.52
N GLU A 103 16.35 44.08 4.34
CA GLU A 103 16.27 45.52 4.17
C GLU A 103 14.96 46.16 4.66
N TRP A 104 14.03 45.35 5.14
CA TRP A 104 12.75 45.84 5.67
C TRP A 104 12.57 45.61 7.18
N GLY A 105 13.62 45.12 7.84
CA GLY A 105 13.60 44.85 9.28
C GLY A 105 14.06 43.45 9.62
N TYR A 106 13.97 43.06 10.89
CA TYR A 106 14.39 41.71 11.30
C TYR A 106 13.47 40.66 10.69
N SER A 107 14.07 39.67 10.02
CA SER A 107 13.33 38.60 9.37
C SER A 107 13.01 37.41 10.27
N LYS A 108 13.85 37.15 11.28
CA LYS A 108 13.62 36.03 12.20
C LYS A 108 13.78 34.72 11.39
N SER A 109 14.80 34.71 10.53
CA SER A 109 15.12 33.59 9.65
C SER A 109 15.84 32.43 10.31
N LYS A 110 16.77 32.73 11.21
CA LYS A 110 17.54 31.69 11.89
C LYS A 110 16.69 30.90 12.89
N LEU A 111 15.95 31.58 13.76
CA LEU A 111 15.10 30.91 14.74
C LEU A 111 13.70 30.60 14.20
N GLY A 112 13.24 31.41 13.25
CA GLY A 112 11.93 31.21 12.66
C GLY A 112 10.83 31.92 13.43
N ALA A 113 10.05 32.72 12.71
CA ALA A 113 8.96 33.47 13.31
C ALA A 113 8.01 32.59 14.14
N ASN A 114 7.80 31.36 13.70
CA ASN A 114 6.92 30.42 14.41
C ASN A 114 7.43 30.05 15.80
N ALA A 115 8.73 29.79 15.90
CA ALA A 115 9.34 29.43 17.18
C ALA A 115 9.30 30.63 18.10
N ILE A 116 9.62 31.80 17.56
CA ILE A 116 9.64 33.04 18.34
C ILE A 116 8.25 33.44 18.84
N LEU A 117 7.26 33.49 17.95
CA LEU A 117 5.91 33.90 18.36
C LEU A 117 5.35 32.95 19.42
N GLY A 118 5.62 31.65 19.27
CA GLY A 118 5.15 30.65 20.23
C GLY A 118 5.59 30.99 21.63
N VAL A 119 6.87 31.31 21.78
CA VAL A 119 7.40 31.68 23.07
C VAL A 119 6.84 33.03 23.52
N SER A 120 6.83 34.01 22.62
CA SER A 120 6.31 35.35 22.90
C SER A 120 4.89 35.30 23.49
N ILE A 121 4.00 34.54 22.85
CA ILE A 121 2.62 34.41 23.32
C ILE A 121 2.54 33.65 24.66
N ALA A 122 3.33 32.59 24.80
CA ALA A 122 3.31 31.79 26.02
C ALA A 122 3.78 32.62 27.23
N CYS A 123 4.85 33.39 27.04
CA CYS A 123 5.37 34.23 28.12
C CYS A 123 4.34 35.29 28.44
N CYS A 124 3.73 35.85 27.41
CA CYS A 124 2.71 36.87 27.58
C CYS A 124 1.54 36.35 28.41
N ARG A 125 1.26 35.06 28.27
CA ARG A 125 0.15 34.41 28.94
C ARG A 125 0.53 34.11 30.39
N ALA A 126 1.79 33.78 30.61
CA ALA A 126 2.31 33.50 31.93
C ALA A 126 2.41 34.81 32.74
N GLY A 127 2.73 35.90 32.05
CA GLY A 127 2.85 37.21 32.68
C GLY A 127 1.51 37.68 33.21
N ALA A 128 0.46 37.54 32.40
CA ALA A 128 -0.89 37.92 32.82
C ALA A 128 -1.27 37.20 34.12
N ALA A 129 -0.94 35.91 34.20
CA ALA A 129 -1.23 35.11 35.40
C ALA A 129 -0.40 35.65 36.56
N SER A 130 0.84 36.02 36.30
CA SER A 130 1.73 36.57 37.32
C SER A 130 1.16 37.86 37.92
N LYS A 131 0.51 38.64 37.06
CA LYS A 131 -0.10 39.90 37.46
C LYS A 131 -1.53 39.72 37.99
N GLY A 132 -2.07 38.52 37.89
CA GLY A 132 -3.43 38.24 38.36
C GLY A 132 -4.49 38.92 37.49
N LEU A 133 -4.29 38.86 36.17
CA LEU A 133 -5.23 39.49 35.25
C LEU A 133 -5.56 38.58 34.08
N PRO A 134 -6.78 38.74 33.54
CA PRO A 134 -7.13 37.97 32.37
C PRO A 134 -6.25 38.46 31.22
N LEU A 135 -6.04 37.62 30.22
CA LEU A 135 -5.18 37.95 29.10
C LEU A 135 -5.50 39.28 28.41
N TYR A 136 -6.77 39.51 28.09
CA TYR A 136 -7.18 40.74 27.43
C TYR A 136 -6.78 42.01 28.19
N LYS A 137 -6.96 42.01 29.51
CA LYS A 137 -6.58 43.17 30.32
C LYS A 137 -5.07 43.32 30.39
N TYR A 138 -4.36 42.20 30.40
CA TYR A 138 -2.90 42.25 30.45
C TYR A 138 -2.36 42.83 29.15
N ILE A 139 -2.94 42.46 28.00
CA ILE A 139 -2.48 43.00 26.73
C ILE A 139 -2.68 44.49 26.74
N ALA A 140 -3.83 44.94 27.24
CA ALA A 140 -4.13 46.36 27.31
C ALA A 140 -3.05 47.06 28.11
N THR A 141 -2.57 46.42 29.17
CA THR A 141 -1.51 46.97 30.00
C THR A 141 -0.23 47.19 29.19
N LEU A 142 0.13 46.20 28.38
CA LEU A 142 1.33 46.28 27.54
C LEU A 142 1.20 47.32 26.43
N ALA A 143 -0.02 47.58 25.98
CA ALA A 143 -0.26 48.55 24.91
C ALA A 143 -0.42 49.97 25.42
N GLY A 144 -0.54 50.12 26.74
CA GLY A 144 -0.72 51.43 27.35
C GLY A 144 -2.19 51.84 27.33
N LYS A 145 -3.07 50.89 27.04
CA LYS A 145 -4.51 51.14 27.00
C LYS A 145 -5.09 50.94 28.41
N THR A 146 -6.32 51.39 28.63
CA THR A 146 -6.97 51.24 29.94
C THR A 146 -7.69 49.88 30.01
N ILE A 147 -7.91 49.40 31.25
CA ILE A 147 -8.56 48.11 31.48
C ILE A 147 -10.05 48.22 31.85
N ASP A 148 -10.66 49.35 31.53
CA ASP A 148 -12.09 49.58 31.81
C ASP A 148 -12.78 50.18 30.56
N LYS A 149 -14.05 49.83 30.36
CA LYS A 149 -14.81 50.27 29.17
C LYS A 149 -14.08 49.77 27.93
N MET A 150 -13.76 48.47 27.94
CA MET A 150 -13.06 47.85 26.83
C MET A 150 -14.03 47.64 25.68
N VAL A 151 -13.53 47.77 24.46
CA VAL A 151 -14.37 47.64 23.28
C VAL A 151 -14.40 46.24 22.66
N MET A 152 -15.60 45.70 22.47
CA MET A 152 -15.75 44.41 21.85
C MET A 152 -15.76 44.69 20.36
N PRO A 153 -15.01 43.90 19.57
CA PRO A 153 -14.90 44.14 18.16
C PRO A 153 -16.07 43.68 17.32
N VAL A 154 -16.11 44.22 16.10
CA VAL A 154 -17.11 43.87 15.11
C VAL A 154 -16.46 42.75 14.33
N PRO A 155 -17.13 41.59 14.25
CA PRO A 155 -16.58 40.46 13.53
C PRO A 155 -16.91 40.48 12.04
N PHE A 156 -15.92 40.11 11.22
CA PHE A 156 -16.04 40.05 9.77
C PHE A 156 -15.98 38.59 9.32
N PHE A 157 -17.14 38.03 9.02
CA PHE A 157 -17.25 36.63 8.63
C PHE A 157 -17.10 36.36 7.14
N ASN A 158 -16.20 35.45 6.78
CA ASN A 158 -15.99 35.07 5.40
C ASN A 158 -17.24 34.31 4.95
N VAL A 159 -17.71 34.58 3.73
CA VAL A 159 -18.91 33.90 3.25
C VAL A 159 -18.80 33.38 1.82
N ILE A 160 -18.26 34.20 0.91
CA ILE A 160 -18.12 33.78 -0.50
C ILE A 160 -16.65 33.84 -0.91
N ASN A 161 -16.19 32.81 -1.59
CA ASN A 161 -14.80 32.74 -2.03
C ASN A 161 -14.60 32.78 -3.54
N GLY A 162 -13.52 33.43 -3.96
CA GLY A 162 -13.18 33.55 -5.36
C GLY A 162 -11.67 33.50 -5.50
N GLY A 163 -11.15 34.14 -6.54
CA GLY A 163 -9.71 34.17 -6.78
C GLY A 163 -9.08 32.79 -6.76
N GLU A 164 -7.92 32.68 -6.14
CA GLU A 164 -7.21 31.41 -6.07
C GLU A 164 -7.82 30.38 -5.12
N HIS A 165 -8.88 30.76 -4.41
CA HIS A 165 -9.53 29.83 -3.49
C HIS A 165 -10.80 29.22 -4.09
N ALA A 166 -11.01 29.37 -5.38
CA ALA A 166 -12.21 28.80 -6.02
C ALA A 166 -12.05 28.60 -7.52
N GLY A 167 -12.80 27.63 -8.04
CA GLY A 167 -12.78 27.31 -9.47
C GLY A 167 -13.77 28.14 -10.25
N ASN A 168 -14.48 29.03 -9.55
CA ASN A 168 -15.45 29.91 -10.16
C ASN A 168 -14.77 31.05 -10.95
N GLY A 169 -15.58 31.85 -11.62
CA GLY A 169 -15.07 32.97 -12.42
C GLY A 169 -14.71 34.20 -11.62
N LEU A 170 -15.28 34.31 -10.42
CA LEU A 170 -15.03 35.45 -9.54
C LEU A 170 -13.52 35.68 -9.38
N ALA A 171 -13.08 36.91 -9.61
CA ALA A 171 -11.66 37.26 -9.51
C ALA A 171 -11.24 37.68 -8.10
N LEU A 172 -12.13 38.36 -7.38
CA LEU A 172 -11.83 38.80 -6.03
C LEU A 172 -11.75 37.56 -5.13
N GLN A 173 -10.87 37.62 -4.14
CA GLN A 173 -10.65 36.50 -3.25
C GLN A 173 -11.71 36.25 -2.15
N GLU A 174 -12.14 37.28 -1.43
CA GLU A 174 -13.12 37.08 -0.35
C GLU A 174 -14.23 38.12 -0.25
N PHE A 175 -15.42 37.64 0.13
CA PHE A 175 -16.58 38.49 0.36
C PHE A 175 -17.01 38.17 1.78
N LEU A 176 -17.12 39.20 2.62
CA LEU A 176 -17.49 39.02 4.01
C LEU A 176 -18.71 39.84 4.41
N ILE A 177 -19.28 39.49 5.55
CA ILE A 177 -20.43 40.22 6.11
C ILE A 177 -20.01 40.70 7.51
N ALA A 178 -20.41 41.92 7.86
CA ALA A 178 -20.05 42.51 9.15
C ALA A 178 -21.28 43.14 9.79
N PRO A 179 -21.75 42.59 10.94
CA PRO A 179 -22.93 43.09 11.63
C PRO A 179 -22.66 44.31 12.53
N VAL A 180 -22.40 45.45 11.89
CA VAL A 180 -22.11 46.68 12.64
C VAL A 180 -23.30 47.15 13.45
N GLY A 181 -24.51 46.81 13.00
CA GLY A 181 -25.74 47.23 13.69
C GLY A 181 -26.20 46.41 14.89
N ALA A 182 -25.39 45.46 15.35
CA ALA A 182 -25.77 44.64 16.50
C ALA A 182 -25.50 45.42 17.79
N PRO A 183 -26.27 45.14 18.86
CA PRO A 183 -26.07 45.86 20.12
C PRO A 183 -24.86 45.39 20.91
N ASN A 184 -24.52 44.12 20.78
CA ASN A 184 -23.37 43.54 21.47
C ASN A 184 -22.75 42.42 20.64
N ILE A 185 -21.58 41.93 21.02
CA ILE A 185 -20.93 40.89 20.19
C ILE A 185 -21.65 39.54 20.21
N ARG A 186 -22.26 39.15 21.32
CA ARG A 186 -22.97 37.86 21.33
C ARG A 186 -24.07 37.88 20.26
N GLU A 187 -24.71 39.02 20.09
CA GLU A 187 -25.74 39.15 19.06
C GLU A 187 -25.08 39.20 17.70
N ALA A 188 -23.97 39.91 17.61
CA ALA A 188 -23.24 40.02 16.34
C ALA A 188 -22.97 38.61 15.80
N ILE A 189 -22.55 37.71 16.68
CA ILE A 189 -22.26 36.34 16.28
C ILE A 189 -23.53 35.62 15.82
N ARG A 190 -24.68 35.94 16.41
CA ARG A 190 -25.93 35.31 16.02
C ARG A 190 -26.35 35.77 14.61
N TYR A 191 -26.35 37.09 14.40
CA TYR A 191 -26.69 37.71 13.11
C TYR A 191 -25.82 37.09 12.01
N GLY A 192 -24.54 36.93 12.32
CA GLY A 192 -23.58 36.34 11.41
C GLY A 192 -23.94 34.90 11.10
N SER A 193 -24.11 34.11 12.15
CA SER A 193 -24.46 32.69 12.01
C SER A 193 -25.75 32.48 11.22
N GLU A 194 -26.82 33.18 11.60
CA GLU A 194 -28.11 33.04 10.90
C GLU A 194 -28.01 33.43 9.43
N THR A 195 -27.41 34.57 9.13
CA THR A 195 -27.25 35.00 7.74
C THR A 195 -26.41 33.97 6.98
N TYR A 196 -25.39 33.42 7.63
CA TYR A 196 -24.52 32.41 7.02
C TYR A 196 -25.33 31.15 6.66
N HIS A 197 -26.14 30.64 7.59
CA HIS A 197 -26.94 29.46 7.29
C HIS A 197 -27.98 29.74 6.22
N HIS A 198 -28.49 30.97 6.20
CA HIS A 198 -29.47 31.30 5.19
C HIS A 198 -28.80 31.26 3.81
N LEU A 199 -27.57 31.76 3.75
CA LEU A 199 -26.82 31.78 2.51
C LEU A 199 -26.51 30.35 2.07
N LYS A 200 -26.22 29.48 3.04
CA LYS A 200 -25.91 28.09 2.70
C LYS A 200 -27.14 27.48 1.99
N ASN A 201 -28.31 27.68 2.56
CA ASN A 201 -29.54 27.14 2.01
C ASN A 201 -29.76 27.65 0.58
N VAL A 202 -29.56 28.94 0.37
CA VAL A 202 -29.72 29.53 -0.94
C VAL A 202 -28.82 28.81 -1.94
N ILE A 203 -27.57 28.58 -1.56
CA ILE A 203 -26.60 27.90 -2.42
C ILE A 203 -26.96 26.44 -2.66
N LYS A 204 -27.40 25.76 -1.60
CA LYS A 204 -27.80 24.36 -1.67
C LYS A 204 -28.88 24.15 -2.74
N ASN A 205 -29.88 25.01 -2.73
CA ASN A 205 -31.01 24.94 -3.67
C ASN A 205 -30.70 25.38 -5.09
N LYS A 206 -29.75 26.30 -5.25
CA LYS A 206 -29.41 26.80 -6.57
C LYS A 206 -28.23 26.05 -7.18
N TYR A 207 -27.12 25.99 -6.45
CA TYR A 207 -25.91 25.34 -6.95
C TYR A 207 -25.74 23.88 -6.58
N GLY A 208 -26.59 23.35 -5.69
CA GLY A 208 -26.52 21.95 -5.28
C GLY A 208 -25.88 21.75 -3.92
N LEU A 209 -26.11 20.56 -3.36
CA LEU A 209 -25.57 20.20 -2.06
C LEU A 209 -24.04 20.29 -1.99
N ASP A 210 -23.35 19.72 -2.98
CA ASP A 210 -21.88 19.75 -2.98
C ASP A 210 -21.29 21.15 -2.96
N ALA A 211 -22.06 22.16 -3.37
CA ALA A 211 -21.58 23.54 -3.36
C ALA A 211 -21.63 24.15 -1.95
N THR A 212 -22.16 23.40 -0.97
CA THR A 212 -22.22 23.88 0.41
C THR A 212 -21.01 23.40 1.22
N ASN A 213 -20.07 22.71 0.58
CA ASN A 213 -18.87 22.28 1.27
C ASN A 213 -17.98 23.51 1.38
N VAL A 214 -17.32 23.64 2.52
CA VAL A 214 -16.51 24.80 2.83
C VAL A 214 -15.01 24.77 2.52
N GLY A 215 -14.46 25.98 2.43
CA GLY A 215 -13.05 26.18 2.18
C GLY A 215 -12.30 26.29 3.50
N ASP A 216 -11.01 26.61 3.42
CA ASP A 216 -10.18 26.73 4.61
C ASP A 216 -10.75 27.61 5.73
N GLU A 217 -11.31 28.77 5.37
CA GLU A 217 -11.86 29.71 6.35
C GLU A 217 -13.36 29.47 6.67
N GLY A 218 -13.95 28.41 6.11
CA GLY A 218 -15.36 28.10 6.37
C GLY A 218 -16.37 28.71 5.41
N GLY A 219 -15.90 29.46 4.42
CA GLY A 219 -16.77 30.10 3.44
C GLY A 219 -17.12 29.18 2.27
N PHE A 220 -18.08 29.62 1.45
CA PHE A 220 -18.51 28.84 0.29
C PHE A 220 -17.87 29.34 -1.00
N ALA A 221 -17.79 28.44 -1.98
CA ALA A 221 -17.22 28.73 -3.29
C ALA A 221 -18.19 28.36 -4.40
N PRO A 222 -19.38 28.99 -4.43
CA PRO A 222 -20.37 28.69 -5.45
C PRO A 222 -19.88 29.13 -6.82
N ASN A 223 -20.52 28.62 -7.88
CA ASN A 223 -20.10 28.94 -9.22
C ASN A 223 -20.57 30.32 -9.74
N VAL A 224 -20.14 31.39 -9.07
CA VAL A 224 -20.51 32.76 -9.48
C VAL A 224 -19.39 33.35 -10.34
N ALA A 225 -19.75 33.92 -11.48
CA ALA A 225 -18.76 34.48 -12.42
C ALA A 225 -18.23 35.87 -12.11
N THR A 226 -19.07 36.75 -11.56
CA THR A 226 -18.63 38.11 -11.27
C THR A 226 -18.89 38.56 -9.84
N ALA A 227 -18.28 39.68 -9.49
CA ALA A 227 -18.43 40.26 -8.17
C ALA A 227 -19.90 40.65 -7.94
N GLU A 228 -20.53 41.17 -8.99
CA GLU A 228 -21.93 41.57 -8.91
C GLU A 228 -22.83 40.40 -8.44
N GLU A 229 -22.59 39.20 -8.98
CA GLU A 229 -23.36 38.03 -8.60
C GLU A 229 -23.11 37.65 -7.15
N ALA A 230 -21.86 37.78 -6.71
CA ALA A 230 -21.51 37.48 -5.33
C ALA A 230 -22.22 38.50 -4.46
N LEU A 231 -21.97 39.78 -4.74
CA LEU A 231 -22.61 40.88 -4.00
C LEU A 231 -24.14 40.73 -3.96
N ASN A 232 -24.74 40.26 -5.05
CA ASN A 232 -26.20 40.07 -5.08
C ASN A 232 -26.67 39.01 -4.09
N LEU A 233 -25.96 37.88 -4.02
CA LEU A 233 -26.33 36.82 -3.08
C LEU A 233 -26.30 37.32 -1.65
N LEU A 234 -25.29 38.10 -1.30
CA LEU A 234 -25.17 38.62 0.05
C LEU A 234 -26.32 39.55 0.42
N VAL A 235 -26.65 40.51 -0.45
CA VAL A 235 -27.76 41.44 -0.15
C VAL A 235 -29.09 40.70 0.02
N GLU A 236 -29.32 39.67 -0.80
CA GLU A 236 -30.55 38.87 -0.71
C GLU A 236 -30.58 38.10 0.61
N ALA A 237 -29.45 37.51 0.95
CA ALA A 237 -29.33 36.74 2.19
C ALA A 237 -29.54 37.62 3.43
N ILE A 238 -28.92 38.80 3.43
CA ILE A 238 -29.03 39.73 4.54
C ILE A 238 -30.48 40.16 4.73
N LYS A 239 -31.13 40.50 3.62
CA LYS A 239 -32.51 40.94 3.64
C LYS A 239 -33.45 39.81 4.06
N ALA A 240 -33.26 38.64 3.48
CA ALA A 240 -34.09 37.47 3.79
C ALA A 240 -33.93 37.03 5.24
N ALA A 241 -32.73 37.19 5.79
CA ALA A 241 -32.45 36.82 7.18
C ALA A 241 -33.08 37.83 8.16
N GLY A 242 -33.43 39.01 7.63
CA GLY A 242 -34.04 40.07 8.42
C GLY A 242 -33.07 41.08 8.97
N TYR A 243 -31.83 41.07 8.50
CA TYR A 243 -30.82 42.00 9.00
C TYR A 243 -30.46 43.11 8.02
N GLU A 244 -31.41 43.47 7.17
CA GLU A 244 -31.24 44.53 6.19
C GLU A 244 -30.93 45.83 6.92
N GLY A 245 -29.76 46.41 6.65
CA GLY A 245 -29.35 47.66 7.29
C GLY A 245 -28.52 47.46 8.54
N LYS A 246 -28.56 46.26 9.12
CA LYS A 246 -27.79 45.96 10.33
C LYS A 246 -26.51 45.15 10.07
N ILE A 247 -26.46 44.50 8.90
CA ILE A 247 -25.30 43.72 8.46
C ILE A 247 -24.78 44.35 7.19
N LYS A 248 -23.51 44.75 7.19
CA LYS A 248 -22.90 45.37 6.02
C LYS A 248 -22.01 44.36 5.31
N ILE A 249 -21.45 44.78 4.18
CA ILE A 249 -20.58 43.91 3.38
C ILE A 249 -19.14 44.44 3.31
N ALA A 250 -18.20 43.53 3.05
CA ALA A 250 -16.79 43.89 2.91
C ALA A 250 -16.13 42.87 2.00
N PHE A 251 -15.03 43.24 1.37
CA PHE A 251 -14.34 42.29 0.51
C PHE A 251 -12.83 42.46 0.47
N ASP A 252 -12.19 41.36 0.09
CA ASP A 252 -10.74 41.28 -0.03
C ASP A 252 -10.46 40.95 -1.49
N ALA A 253 -10.02 41.94 -2.26
CA ALA A 253 -9.73 41.76 -3.68
C ALA A 253 -8.52 40.88 -3.93
N ALA A 254 -7.47 41.05 -3.12
CA ALA A 254 -6.23 40.29 -3.30
C ALA A 254 -5.74 40.56 -4.72
N ALA A 255 -5.84 41.83 -5.12
CA ALA A 255 -5.47 42.29 -6.47
C ALA A 255 -4.10 41.86 -6.97
N SER A 256 -3.17 41.58 -6.07
CA SER A 256 -1.84 41.15 -6.49
C SER A 256 -1.95 39.91 -7.35
N GLU A 257 -2.95 39.09 -7.03
CA GLU A 257 -3.15 37.84 -7.73
C GLU A 257 -3.57 37.98 -9.20
N PHE A 258 -4.22 39.08 -9.57
CA PHE A 258 -4.61 39.26 -10.97
C PHE A 258 -3.96 40.50 -11.62
N TYR A 259 -2.82 40.92 -11.07
CA TYR A 259 -2.08 42.08 -11.58
C TYR A 259 -1.05 41.66 -12.63
N LYS A 260 -1.01 42.38 -13.74
CA LYS A 260 -0.04 42.11 -14.81
C LYS A 260 1.06 43.16 -14.66
N GLN A 261 2.13 42.72 -14.00
CA GLN A 261 3.30 43.50 -13.65
C GLN A 261 3.90 44.42 -14.73
N ASP A 262 4.18 43.87 -15.90
CA ASP A 262 4.79 44.66 -16.98
C ASP A 262 3.90 45.73 -17.59
N GLU A 263 2.78 45.32 -18.16
N GLU A 263 2.75 45.33 -18.14
CA GLU A 263 1.83 46.27 -18.77
CA GLU A 263 1.84 46.27 -18.77
C GLU A 263 1.07 47.11 -17.74
C GLU A 263 1.07 47.11 -17.74
N LYS A 264 1.25 46.79 -16.46
CA LYS A 264 0.58 47.50 -15.35
C LYS A 264 -0.93 47.51 -15.51
N LYS A 265 -1.50 46.31 -15.61
CA LYS A 265 -2.93 46.12 -15.77
C LYS A 265 -3.46 45.11 -14.75
N TYR A 266 -4.75 45.19 -14.47
CA TYR A 266 -5.43 44.27 -13.56
C TYR A 266 -6.46 43.55 -14.42
N ASP A 267 -6.31 42.23 -14.55
CA ASP A 267 -7.23 41.45 -15.38
C ASP A 267 -8.37 40.79 -14.57
N LEU A 268 -9.53 41.44 -14.56
CA LEU A 268 -10.70 40.90 -13.85
C LEU A 268 -11.20 39.60 -14.46
N ASP A 269 -10.67 39.24 -15.63
CA ASP A 269 -11.07 38.02 -16.31
C ASP A 269 -9.93 37.00 -16.32
N TYR A 270 -8.99 37.11 -15.39
CA TYR A 270 -7.84 36.21 -15.41
C TYR A 270 -8.22 34.72 -15.36
N LYS A 271 -9.43 34.40 -14.90
CA LYS A 271 -9.89 33.01 -14.85
C LYS A 271 -10.77 32.59 -16.03
N CYS A 272 -11.28 33.55 -16.79
CA CYS A 272 -12.15 33.23 -17.92
C CYS A 272 -11.38 32.63 -19.09
N LYS A 273 -11.99 31.64 -19.74
CA LYS A 273 -11.39 30.95 -20.89
C LYS A 273 -11.36 31.87 -22.11
N THR A 274 -12.46 32.57 -22.35
CA THR A 274 -12.53 33.55 -23.44
C THR A 274 -12.21 34.89 -22.76
N LYS A 275 -11.12 35.51 -23.19
CA LYS A 275 -10.68 36.77 -22.60
C LYS A 275 -11.27 38.02 -23.25
N ASN A 276 -11.50 39.01 -22.41
CA ASN A 276 -12.10 40.28 -22.81
C ASN A 276 -11.17 41.45 -22.53
N ALA A 277 -10.76 42.14 -23.59
CA ALA A 277 -9.88 43.30 -23.48
C ALA A 277 -10.48 44.40 -22.62
N SER A 278 -11.82 44.50 -22.64
CA SER A 278 -12.51 45.52 -21.86
C SER A 278 -12.35 45.35 -20.36
N LYS A 279 -11.81 44.21 -19.93
CA LYS A 279 -11.62 43.98 -18.50
C LYS A 279 -10.16 43.97 -18.01
N HIS A 280 -9.24 44.44 -18.84
CA HIS A 280 -7.84 44.54 -18.45
C HIS A 280 -7.70 46.02 -18.09
N LEU A 281 -7.89 46.31 -16.81
CA LEU A 281 -7.91 47.68 -16.31
C LEU A 281 -6.64 48.24 -15.67
N THR A 282 -6.46 49.55 -15.83
CA THR A 282 -5.35 50.25 -15.23
C THR A 282 -5.81 50.47 -13.80
N GLY A 283 -4.90 50.88 -12.93
CA GLY A 283 -5.25 51.12 -11.54
C GLY A 283 -6.36 52.13 -11.39
N GLU A 284 -6.23 53.27 -12.06
CA GLU A 284 -7.22 54.32 -11.99
C GLU A 284 -8.59 53.84 -12.44
N LYS A 285 -8.62 52.91 -13.38
CA LYS A 285 -9.89 52.44 -13.89
C LYS A 285 -10.48 51.36 -12.97
N LEU A 286 -9.61 50.51 -12.42
CA LEU A 286 -10.07 49.47 -11.50
C LEU A 286 -10.71 50.19 -10.32
N LYS A 287 -10.12 51.33 -9.94
CA LYS A 287 -10.61 52.16 -8.87
C LYS A 287 -12.09 52.51 -9.11
N GLU A 288 -12.38 53.01 -10.31
CA GLU A 288 -13.73 53.41 -10.68
C GLU A 288 -14.72 52.28 -10.58
N VAL A 289 -14.28 51.05 -10.85
CA VAL A 289 -15.17 49.89 -10.74
C VAL A 289 -15.54 49.71 -9.27
N TYR A 290 -14.55 49.80 -8.38
CA TYR A 290 -14.83 49.66 -6.96
C TYR A 290 -15.75 50.78 -6.51
N GLU A 291 -15.46 52.01 -6.96
CA GLU A 291 -16.28 53.17 -6.60
C GLU A 291 -17.72 52.99 -7.09
N GLY A 292 -17.88 52.16 -8.12
CA GLY A 292 -19.20 51.86 -8.68
C GLY A 292 -19.95 50.94 -7.72
N TRP A 293 -19.25 49.94 -7.18
CA TRP A 293 -19.89 49.02 -6.25
C TRP A 293 -20.19 49.66 -4.90
N LEU A 294 -19.32 50.57 -4.45
CA LEU A 294 -19.52 51.25 -3.17
C LEU A 294 -20.82 52.03 -3.15
N LYS A 295 -21.17 52.69 -4.25
CA LYS A 295 -22.42 53.46 -4.28
C LYS A 295 -23.65 52.59 -4.50
N LYS A 296 -23.46 51.37 -5.00
CA LYS A 296 -24.59 50.47 -5.27
C LYS A 296 -24.85 49.45 -4.15
N TYR A 297 -23.81 49.04 -3.42
CA TYR A 297 -23.96 48.06 -2.35
C TYR A 297 -23.51 48.64 -1.01
N PRO A 298 -23.97 48.06 0.11
CA PRO A 298 -23.59 48.54 1.44
C PRO A 298 -22.21 48.06 1.86
N ILE A 299 -21.20 48.34 1.03
CA ILE A 299 -19.83 47.94 1.30
C ILE A 299 -19.21 48.97 2.22
N ILE A 300 -18.65 48.51 3.34
CA ILE A 300 -18.05 49.42 4.32
C ILE A 300 -16.53 49.28 4.44
N SER A 301 -15.96 48.26 3.81
CA SER A 301 -14.51 48.03 3.88
C SER A 301 -14.00 47.27 2.66
N VAL A 302 -12.79 47.63 2.21
CA VAL A 302 -12.17 46.98 1.06
C VAL A 302 -10.70 46.68 1.37
N GLU A 303 -10.32 45.41 1.22
CA GLU A 303 -8.97 44.95 1.50
C GLU A 303 -8.18 44.65 0.22
N ASP A 304 -6.88 44.95 0.24
CA ASP A 304 -6.00 44.73 -0.93
C ASP A 304 -6.65 44.99 -2.29
N PRO A 305 -7.11 46.23 -2.51
CA PRO A 305 -7.73 46.57 -3.78
C PRO A 305 -6.76 46.56 -4.95
N PHE A 306 -5.46 46.69 -4.68
CA PHE A 306 -4.46 46.70 -5.73
C PHE A 306 -3.23 45.88 -5.36
N ASP A 307 -2.28 45.78 -6.27
CA ASP A 307 -1.03 45.02 -6.06
C ASP A 307 -0.30 45.50 -4.81
N GLN A 308 0.45 44.61 -4.17
CA GLN A 308 1.17 44.96 -2.94
C GLN A 308 2.20 46.09 -3.10
N ASP A 309 2.62 46.38 -4.33
CA ASP A 309 3.58 47.46 -4.56
C ASP A 309 3.04 48.60 -5.42
N ASP A 310 1.72 48.73 -5.49
CA ASP A 310 1.10 49.79 -6.30
C ASP A 310 0.54 50.87 -5.38
N PHE A 311 1.44 51.61 -4.74
CA PHE A 311 1.05 52.69 -3.83
C PHE A 311 0.27 53.80 -4.54
N ALA A 312 0.55 54.02 -5.81
CA ALA A 312 -0.15 55.04 -6.59
C ALA A 312 -1.66 54.83 -6.56
N SER A 313 -2.10 53.63 -6.98
CA SER A 313 -3.51 53.29 -7.00
C SER A 313 -4.13 53.40 -5.61
N PHE A 314 -3.50 52.76 -4.63
CA PHE A 314 -3.97 52.82 -3.25
C PHE A 314 -4.24 54.25 -2.82
N SER A 315 -3.25 55.12 -3.04
CA SER A 315 -3.36 56.52 -2.65
C SER A 315 -4.56 57.19 -3.28
N ALA A 316 -4.72 57.01 -4.58
CA ALA A 316 -5.82 57.61 -5.33
C ALA A 316 -7.18 57.11 -4.85
N PHE A 317 -7.28 55.80 -4.63
CA PHE A 317 -8.52 55.17 -4.16
C PHE A 317 -8.86 55.65 -2.75
N THR A 318 -7.84 55.70 -1.90
CA THR A 318 -8.01 56.16 -0.53
C THR A 318 -8.38 57.64 -0.50
N LYS A 319 -7.77 58.43 -1.38
CA LYS A 319 -8.08 59.85 -1.43
C LYS A 319 -9.56 60.05 -1.74
N ASP A 320 -10.07 59.32 -2.73
CA ASP A 320 -11.47 59.43 -3.14
C ASP A 320 -12.50 58.86 -2.17
N VAL A 321 -12.20 57.68 -1.63
CA VAL A 321 -13.13 56.98 -0.75
C VAL A 321 -12.81 56.97 0.76
N GLY A 322 -11.56 57.24 1.10
CA GLY A 322 -11.08 57.23 2.49
C GLY A 322 -11.97 57.68 3.64
N GLU A 323 -12.65 58.81 3.50
CA GLU A 323 -13.51 59.31 4.59
C GLU A 323 -14.63 58.38 5.00
N LYS A 324 -15.50 58.01 4.06
CA LYS A 324 -16.64 57.15 4.39
C LYS A 324 -16.36 55.63 4.25
N THR A 325 -15.23 55.24 3.66
CA THR A 325 -14.90 53.82 3.47
C THR A 325 -13.53 53.44 3.98
N GLN A 326 -13.41 52.20 4.43
CA GLN A 326 -12.15 51.70 4.94
C GLN A 326 -11.36 51.01 3.84
N VAL A 327 -10.06 51.28 3.79
CA VAL A 327 -9.16 50.71 2.81
C VAL A 327 -8.07 49.97 3.59
N ILE A 328 -8.20 48.65 3.68
CA ILE A 328 -7.25 47.83 4.42
C ILE A 328 -6.05 47.45 3.57
N GLY A 329 -4.88 47.47 4.20
CA GLY A 329 -3.63 47.10 3.58
C GLY A 329 -3.18 45.82 4.24
N ASP A 330 -3.13 44.74 3.47
CA ASP A 330 -2.70 43.44 3.99
C ASP A 330 -1.34 43.07 3.38
N ASP A 331 -1.35 42.57 2.14
CA ASP A 331 -0.11 42.18 1.46
C ASP A 331 0.84 43.37 1.27
N ILE A 332 0.27 44.56 1.11
CA ILE A 332 1.06 45.78 0.91
C ILE A 332 1.80 46.21 2.19
N LEU A 333 1.27 45.88 3.36
CA LEU A 333 1.89 46.25 4.62
C LEU A 333 2.60 45.07 5.32
N VAL A 334 2.01 43.88 5.22
CA VAL A 334 2.58 42.67 5.82
C VAL A 334 2.94 42.87 7.30
N THR A 335 2.11 43.63 8.00
CA THR A 335 2.32 43.91 9.41
C THR A 335 3.81 44.25 9.64
N ASN A 336 4.32 45.21 8.86
CA ASN A 336 5.72 45.63 8.96
C ASN A 336 5.85 47.14 9.16
N ILE A 337 6.50 47.54 10.26
CA ILE A 337 6.67 48.96 10.61
C ILE A 337 7.12 49.82 9.43
N LEU A 338 8.28 49.51 8.83
CA LEU A 338 8.77 50.31 7.69
C LEU A 338 7.73 50.37 6.57
N ARG A 339 7.10 49.25 6.26
CA ARG A 339 6.08 49.21 5.21
C ARG A 339 4.93 50.15 5.55
N ILE A 340 4.55 50.17 6.83
CA ILE A 340 3.47 51.02 7.31
C ILE A 340 3.85 52.50 7.19
N GLU A 341 5.05 52.83 7.65
CA GLU A 341 5.54 54.21 7.59
C GLU A 341 5.53 54.74 6.16
N LYS A 342 5.85 53.88 5.21
CA LYS A 342 5.85 54.29 3.81
C LYS A 342 4.40 54.51 3.40
N ALA A 343 3.51 53.63 3.84
CA ALA A 343 2.10 53.73 3.53
C ALA A 343 1.56 55.05 4.09
N LEU A 344 1.93 55.36 5.34
CA LEU A 344 1.50 56.60 5.98
C LEU A 344 1.95 57.82 5.22
N LYS A 345 3.23 57.85 4.83
CA LYS A 345 3.75 58.99 4.10
C LYS A 345 3.05 59.17 2.75
N ASP A 346 2.65 58.07 2.12
CA ASP A 346 1.96 58.13 0.83
C ASP A 346 0.42 58.07 0.95
N LYS A 347 -0.09 57.99 2.18
CA LYS A 347 -1.55 57.89 2.40
C LYS A 347 -2.15 56.80 1.52
N ALA A 348 -1.43 55.68 1.42
CA ALA A 348 -1.85 54.54 0.60
C ALA A 348 -3.17 53.91 1.05
N CYS A 349 -3.34 53.74 2.35
CA CYS A 349 -4.56 53.15 2.90
C CYS A 349 -4.90 53.81 4.23
N ASN A 350 -5.94 53.34 4.90
CA ASN A 350 -6.33 53.93 6.19
C ASN A 350 -6.64 52.89 7.27
N CYS A 351 -6.20 51.66 7.05
CA CYS A 351 -6.42 50.59 8.02
C CYS A 351 -5.36 49.50 7.87
N LEU A 352 -4.90 49.01 9.01
CA LEU A 352 -3.90 47.96 9.09
C LEU A 352 -4.52 46.61 9.37
N LEU A 353 -4.15 45.60 8.58
CA LEU A 353 -4.64 44.24 8.81
C LEU A 353 -3.52 43.68 9.66
N LEU A 354 -3.84 43.25 10.88
CA LEU A 354 -2.83 42.76 11.79
C LEU A 354 -2.75 41.24 11.95
N LYS A 355 -1.75 40.65 11.30
CA LYS A 355 -1.51 39.22 11.38
C LYS A 355 -0.29 39.10 12.28
N VAL A 356 -0.52 38.72 13.53
CA VAL A 356 0.54 38.61 14.52
C VAL A 356 1.74 37.73 14.13
N ASN A 357 1.51 36.57 13.52
CA ASN A 357 2.64 35.69 13.16
C ASN A 357 3.39 36.20 11.96
N GLN A 358 2.85 37.21 11.31
CA GLN A 358 3.45 37.77 10.13
C GLN A 358 4.61 38.68 10.55
N ILE A 359 4.50 39.24 11.75
CA ILE A 359 5.56 40.11 12.27
C ILE A 359 6.50 39.33 13.19
N GLY A 360 5.99 38.29 13.87
CA GLY A 360 6.84 37.46 14.73
C GLY A 360 6.75 37.53 16.25
N SER A 361 6.41 38.70 16.80
CA SER A 361 6.31 38.83 18.26
C SER A 361 5.14 39.68 18.71
N VAL A 362 4.77 39.53 19.99
CA VAL A 362 3.68 40.27 20.58
C VAL A 362 4.04 41.75 20.71
N THR A 363 5.25 42.03 21.18
CA THR A 363 5.70 43.41 21.34
C THR A 363 5.65 44.14 19.99
N GLU A 364 6.11 43.47 18.95
CA GLU A 364 6.10 44.05 17.60
C GLU A 364 4.70 44.19 17.04
N ALA A 365 3.82 43.28 17.44
CA ALA A 365 2.46 43.33 16.98
C ALA A 365 1.84 44.59 17.58
N ILE A 366 2.10 44.80 18.87
CA ILE A 366 1.57 45.95 19.58
C ILE A 366 2.07 47.30 19.06
N GLU A 367 3.38 47.42 18.84
N GLU A 367 3.37 47.42 18.86
CA GLU A 367 3.92 48.70 18.34
CA GLU A 367 3.95 48.66 18.37
C GLU A 367 3.31 49.05 16.98
C GLU A 367 3.42 49.04 16.97
N ALA A 368 3.08 48.04 16.15
CA ALA A 368 2.53 48.24 14.81
C ALA A 368 1.10 48.74 14.94
N CYS A 369 0.34 48.11 15.84
CA CYS A 369 -1.03 48.51 16.08
C CYS A 369 -1.07 49.95 16.59
N LEU A 370 -0.16 50.27 17.50
CA LEU A 370 -0.11 51.62 18.05
C LEU A 370 0.25 52.64 16.98
N LEU A 371 1.23 52.34 16.13
CA LEU A 371 1.62 53.27 15.07
C LEU A 371 0.42 53.61 14.19
N ALA A 372 -0.35 52.59 13.82
CA ALA A 372 -1.53 52.79 12.99
C ALA A 372 -2.54 53.66 13.72
N GLN A 373 -2.85 53.29 14.96
CA GLN A 373 -3.83 54.04 15.77
C GLN A 373 -3.45 55.49 16.00
N LYS A 374 -2.17 55.75 16.25
CA LYS A 374 -1.67 57.11 16.48
C LYS A 374 -1.75 57.97 15.21
N SER A 375 -1.79 57.31 14.06
CA SER A 375 -1.86 58.00 12.78
C SER A 375 -3.28 58.18 12.26
N GLY A 376 -4.28 57.82 13.06
CA GLY A 376 -5.68 57.96 12.63
C GLY A 376 -6.25 56.76 11.90
N TRP A 377 -5.43 55.74 11.69
CA TRP A 377 -5.84 54.50 11.01
C TRP A 377 -6.64 53.60 11.92
N GLY A 378 -7.35 52.66 11.30
CA GLY A 378 -8.13 51.68 12.03
C GLY A 378 -7.25 50.45 12.07
N VAL A 379 -7.66 49.42 12.79
CA VAL A 379 -6.87 48.20 12.85
C VAL A 379 -7.79 47.00 12.93
N GLN A 380 -7.57 46.04 12.03
CA GLN A 380 -8.37 44.82 12.01
C GLN A 380 -7.46 43.62 12.23
N VAL A 381 -7.66 42.93 13.36
CA VAL A 381 -6.87 41.75 13.69
C VAL A 381 -7.35 40.61 12.81
N SER A 382 -6.43 39.86 12.24
CA SER A 382 -6.81 38.76 11.35
C SER A 382 -6.26 37.40 11.71
N HIS A 383 -7.03 36.41 11.28
CA HIS A 383 -6.71 35.01 11.45
C HIS A 383 -5.85 34.64 10.26
N ARG A 384 -5.61 33.34 10.09
CA ARG A 384 -4.85 32.83 8.98
C ARG A 384 -5.57 31.66 8.34
N SER A 385 -5.15 31.32 7.13
CA SER A 385 -5.72 30.20 6.40
C SER A 385 -5.54 28.96 7.27
N GLY A 386 -4.37 28.85 7.89
CA GLY A 386 -4.03 27.73 8.75
C GLY A 386 -4.02 28.15 10.21
N GLU A 387 -5.18 28.04 10.85
CA GLU A 387 -5.34 28.39 12.27
C GLU A 387 -5.27 27.19 13.18
N THR A 388 -5.42 27.46 14.47
CA THR A 388 -5.40 26.44 15.50
C THR A 388 -6.51 26.65 16.52
N GLU A 389 -6.46 25.82 17.55
CA GLU A 389 -7.42 25.78 18.64
C GLU A 389 -7.19 26.95 19.59
N ASP A 390 -6.11 27.70 19.37
CA ASP A 390 -5.74 28.84 20.21
C ASP A 390 -6.53 30.09 19.85
N SER A 391 -7.14 30.71 20.88
CA SER A 391 -7.97 31.91 20.72
C SER A 391 -7.26 33.21 21.08
N PHE A 392 -5.93 33.21 21.01
CA PHE A 392 -5.15 34.39 21.37
C PHE A 392 -5.63 35.69 20.74
N ILE A 393 -5.79 35.70 19.42
CA ILE A 393 -6.20 36.92 18.72
C ILE A 393 -7.51 37.51 19.25
N ALA A 394 -8.31 36.69 19.92
CA ALA A 394 -9.57 37.18 20.50
C ALA A 394 -9.22 38.14 21.64
N ASP A 395 -8.34 37.71 22.54
CA ASP A 395 -7.95 38.58 23.65
C ASP A 395 -7.12 39.74 23.13
N LEU A 396 -6.38 39.50 22.05
CA LEU A 396 -5.55 40.53 21.46
C LEU A 396 -6.41 41.69 20.96
N VAL A 397 -7.41 41.37 20.13
CA VAL A 397 -8.29 42.40 19.58
C VAL A 397 -8.96 43.27 20.67
N VAL A 398 -9.33 42.65 21.80
CA VAL A 398 -9.97 43.38 22.90
C VAL A 398 -8.96 44.24 23.68
N GLY A 399 -7.77 43.68 23.89
CA GLY A 399 -6.71 44.39 24.62
C GLY A 399 -6.19 45.61 23.88
N LEU A 400 -6.04 45.48 22.56
CA LEU A 400 -5.55 46.58 21.73
C LEU A 400 -6.66 47.58 21.34
N ARG A 401 -7.89 47.32 21.79
CA ARG A 401 -9.02 48.19 21.55
C ARG A 401 -9.19 48.55 20.06
N CYS A 402 -9.14 47.53 19.21
CA CYS A 402 -9.28 47.69 17.77
C CYS A 402 -10.74 47.83 17.32
N GLY A 403 -11.63 47.11 18.01
CA GLY A 403 -13.05 47.14 17.70
C GLY A 403 -13.34 46.57 16.32
N GLN A 404 -12.49 45.65 15.87
CA GLN A 404 -12.63 45.08 14.55
C GLN A 404 -11.79 43.81 14.43
N ILE A 405 -12.36 42.74 13.89
CA ILE A 405 -11.63 41.48 13.75
C ILE A 405 -12.25 40.51 12.75
N LYS A 406 -11.42 39.92 11.87
CA LYS A 406 -11.94 38.91 10.92
C LYS A 406 -11.25 37.61 11.29
N SER A 407 -12.04 36.59 11.61
CA SER A 407 -11.49 35.31 12.00
C SER A 407 -12.25 34.15 11.40
N GLY A 408 -12.67 34.32 10.15
CA GLY A 408 -13.39 33.27 9.44
C GLY A 408 -14.90 33.26 9.59
N SER A 409 -15.51 32.33 8.86
CA SER A 409 -16.94 32.15 8.87
C SER A 409 -17.34 31.55 10.20
N PRO A 410 -18.64 31.58 10.52
CA PRO A 410 -19.03 30.95 11.76
C PRO A 410 -19.14 29.44 11.52
N CYS A 411 -18.06 28.87 10.98
CA CYS A 411 -17.98 27.45 10.65
C CYS A 411 -16.52 27.00 10.83
N ARG A 412 -16.31 25.78 11.32
CA ARG A 412 -14.97 25.23 11.58
C ARG A 412 -14.52 25.78 12.94
N SER A 413 -14.27 24.89 13.90
CA SER A 413 -13.89 25.33 15.26
C SER A 413 -12.62 26.15 15.45
N GLU A 414 -11.74 26.22 14.45
CA GLU A 414 -10.55 27.05 14.62
C GLU A 414 -10.95 28.52 14.41
N ARG A 415 -12.13 28.73 13.84
CA ARG A 415 -12.63 30.08 13.60
C ARG A 415 -13.55 30.43 14.77
N LEU A 416 -14.38 29.46 15.16
CA LEU A 416 -15.35 29.64 16.25
C LEU A 416 -14.75 29.75 17.64
N CYS A 417 -13.59 29.15 17.88
CA CYS A 417 -13.01 29.23 19.22
C CYS A 417 -12.65 30.70 19.50
N LYS A 418 -12.37 31.46 18.44
CA LYS A 418 -12.07 32.90 18.59
C LYS A 418 -13.36 33.63 18.92
N TYR A 419 -14.40 33.38 18.13
CA TYR A 419 -15.69 34.03 18.37
C TYR A 419 -16.30 33.62 19.72
N ASN A 420 -16.10 32.36 20.11
CA ASN A 420 -16.60 31.86 21.40
C ASN A 420 -15.85 32.59 22.51
N GLN A 421 -14.55 32.77 22.34
CA GLN A 421 -13.73 33.46 23.32
C GLN A 421 -14.21 34.89 23.52
N LEU A 422 -14.56 35.57 22.43
CA LEU A 422 -15.06 36.94 22.51
C LEU A 422 -16.32 37.00 23.37
N MET A 423 -17.21 36.03 23.20
CA MET A 423 -18.44 36.00 23.97
C MET A 423 -18.17 35.81 25.45
N ARG A 424 -17.14 35.02 25.80
CA ARG A 424 -16.79 34.82 27.21
C ARG A 424 -16.25 36.13 27.75
N ILE A 425 -15.39 36.78 26.96
CA ILE A 425 -14.80 38.06 27.37
C ILE A 425 -15.92 39.03 27.72
N GLU A 426 -16.94 39.08 26.87
CA GLU A 426 -18.07 39.98 27.06
C GLU A 426 -18.83 39.68 28.37
N GLU A 427 -19.02 38.39 28.71
CA GLU A 427 -19.71 38.04 29.95
C GLU A 427 -18.91 38.50 31.15
N SER A 428 -17.61 38.19 31.12
CA SER A 428 -16.71 38.56 32.21
C SER A 428 -16.77 40.05 32.49
N LEU A 429 -16.62 40.85 31.45
CA LEU A 429 -16.65 42.29 31.59
C LEU A 429 -18.03 42.79 31.96
N GLY A 430 -19.07 42.20 31.37
CA GLY A 430 -20.44 42.60 31.66
C GLY A 430 -20.67 44.07 31.31
N ALA A 431 -21.06 44.86 32.31
CA ALA A 431 -21.33 46.28 32.11
C ALA A 431 -20.06 47.12 31.87
N ASP A 432 -18.90 46.53 32.10
CA ASP A 432 -17.62 47.23 31.93
C ASP A 432 -17.09 47.18 30.47
N CYS A 433 -17.96 46.93 29.50
CA CYS A 433 -17.53 46.88 28.09
C CYS A 433 -18.61 47.47 27.20
N VAL A 434 -18.21 47.85 25.98
CA VAL A 434 -19.12 48.42 25.00
C VAL A 434 -18.78 47.83 23.64
N TYR A 435 -19.76 47.77 22.75
CA TYR A 435 -19.57 47.20 21.42
C TYR A 435 -19.22 48.29 20.39
N ALA A 436 -18.14 48.06 19.64
CA ALA A 436 -17.65 49.00 18.63
C ALA A 436 -18.75 49.56 17.72
N GLY A 437 -19.57 48.67 17.17
CA GLY A 437 -20.67 49.04 16.29
C GLY A 437 -20.28 49.90 15.09
N GLU A 438 -21.03 50.98 14.88
CA GLU A 438 -20.79 51.92 13.78
C GLU A 438 -19.39 52.53 13.82
N SER A 439 -18.78 52.55 15.01
CA SER A 439 -17.46 53.11 15.21
C SER A 439 -16.34 52.06 15.18
N PHE A 440 -16.57 50.96 14.49
CA PHE A 440 -15.55 49.90 14.44
C PHE A 440 -14.17 50.38 14.00
N ARG A 441 -14.09 51.25 13.00
CA ARG A 441 -12.78 51.73 12.53
C ARG A 441 -12.07 52.74 13.46
N HIS A 442 -12.84 53.49 14.25
CA HIS A 442 -12.27 54.45 15.20
C HIS A 442 -13.10 54.45 16.48
N PRO A 443 -12.94 53.40 17.31
CA PRO A 443 -13.70 53.29 18.56
C PRO A 443 -13.61 54.54 19.42
N LYS A 444 -14.67 54.80 20.19
CA LYS A 444 -14.73 55.97 21.06
C LYS A 444 -13.66 55.91 22.15
N MET B 1 -12.59 16.08 50.37
CA MET B 1 -11.50 17.05 50.07
C MET B 1 -12.11 18.38 49.61
N VAL B 2 -12.07 18.64 48.30
CA VAL B 2 -12.62 19.86 47.71
C VAL B 2 -14.08 19.60 47.37
N VAL B 3 -14.88 20.67 47.33
CA VAL B 3 -16.30 20.53 46.99
C VAL B 3 -16.70 21.53 45.91
N ILE B 4 -17.90 21.36 45.37
CA ILE B 4 -18.41 22.23 44.32
C ILE B 4 -18.86 23.56 44.93
N LYS B 5 -18.25 24.66 44.47
CA LYS B 5 -18.58 26.01 44.94
C LYS B 5 -19.55 26.74 44.02
N ASP B 6 -19.58 26.36 42.73
CA ASP B 6 -20.50 27.02 41.79
C ASP B 6 -20.51 26.31 40.43
N ILE B 7 -21.65 26.39 39.74
CA ILE B 7 -21.80 25.81 38.42
C ILE B 7 -22.53 26.81 37.55
N VAL B 8 -21.90 27.22 36.45
CA VAL B 8 -22.52 28.15 35.51
C VAL B 8 -22.42 27.57 34.11
N ALA B 9 -23.22 28.10 33.19
CA ALA B 9 -23.21 27.62 31.82
C ALA B 9 -23.49 28.77 30.88
N ARG B 10 -23.05 28.64 29.63
CA ARG B 10 -23.26 29.68 28.64
C ARG B 10 -23.54 29.03 27.28
N GLU B 11 -23.85 29.87 26.31
CA GLU B 11 -24.16 29.43 24.97
C GLU B 11 -22.99 29.77 24.04
N ILE B 12 -22.41 28.75 23.42
CA ILE B 12 -21.30 28.94 22.48
C ILE B 12 -21.71 28.31 21.15
N LEU B 13 -20.87 28.44 20.12
CA LEU B 13 -21.18 27.86 18.82
C LEU B 13 -20.36 26.62 18.51
N ASP B 14 -21.01 25.62 17.93
CA ASP B 14 -20.35 24.35 17.58
C ASP B 14 -19.68 24.50 16.21
N SER B 15 -19.01 23.46 15.76
CA SER B 15 -18.31 23.48 14.48
C SER B 15 -19.18 23.82 13.26
N ARG B 16 -20.50 23.66 13.34
CA ARG B 16 -21.33 23.99 12.17
C ARG B 16 -21.98 25.37 12.34
N GLY B 17 -21.66 26.07 13.43
CA GLY B 17 -22.22 27.39 13.67
C GLY B 17 -23.53 27.36 14.42
N ASN B 18 -23.84 26.22 15.04
CA ASN B 18 -25.07 26.07 15.82
C ASN B 18 -24.74 26.12 17.30
N PRO B 19 -25.64 26.69 18.09
CA PRO B 19 -25.39 26.79 19.52
C PRO B 19 -25.28 25.44 20.23
N THR B 20 -24.54 25.44 21.33
CA THR B 20 -24.37 24.27 22.18
C THR B 20 -24.02 24.81 23.55
N ILE B 21 -24.14 24.00 24.59
CA ILE B 21 -23.86 24.45 25.94
C ILE B 21 -22.44 24.18 26.41
N GLU B 22 -21.92 25.09 27.23
CA GLU B 22 -20.60 24.96 27.81
C GLU B 22 -20.77 25.22 29.32
N VAL B 23 -20.30 24.27 30.13
CA VAL B 23 -20.44 24.37 31.58
C VAL B 23 -19.12 24.61 32.32
N ASP B 24 -19.20 25.41 33.39
CA ASP B 24 -18.06 25.72 34.25
C ASP B 24 -18.34 25.34 35.69
N VAL B 25 -17.71 24.26 36.15
CA VAL B 25 -17.84 23.82 37.52
C VAL B 25 -16.64 24.39 38.26
N SER B 26 -16.88 25.01 39.41
CA SER B 26 -15.82 25.61 40.21
C SER B 26 -15.67 24.96 41.58
N THR B 27 -14.42 24.88 42.02
CA THR B 27 -14.06 24.34 43.31
C THR B 27 -12.97 25.28 43.82
N GLU B 28 -12.42 25.00 44.99
CA GLU B 28 -11.31 25.81 45.49
C GLU B 28 -10.05 25.54 44.67
N GLY B 29 -10.06 24.43 43.90
CA GLY B 29 -8.92 24.07 43.05
C GLY B 29 -8.93 24.71 41.67
N GLY B 30 -9.92 25.57 41.41
CA GLY B 30 -10.02 26.27 40.13
C GLY B 30 -11.37 26.09 39.45
N VAL B 31 -11.45 26.53 38.19
CA VAL B 31 -12.66 26.43 37.38
C VAL B 31 -12.43 25.37 36.31
N PHE B 32 -13.37 24.46 36.17
CA PHE B 32 -13.24 23.38 35.19
C PHE B 32 -14.33 23.49 34.13
N ARG B 33 -13.90 23.57 32.88
CA ARG B 33 -14.79 23.75 31.74
C ARG B 33 -15.01 22.53 30.87
N ALA B 34 -16.25 22.40 30.37
CA ALA B 34 -16.64 21.30 29.49
C ALA B 34 -17.73 21.74 28.50
N ALA B 35 -17.53 21.45 27.21
CA ALA B 35 -18.49 21.80 26.17
C ALA B 35 -18.97 20.50 25.53
N VAL B 36 -20.28 20.41 25.27
CA VAL B 36 -20.84 19.21 24.68
C VAL B 36 -21.12 19.39 23.19
N PRO B 37 -21.00 18.30 22.43
CA PRO B 37 -21.26 18.35 21.00
C PRO B 37 -22.75 18.23 20.69
N SER B 38 -23.10 18.34 19.42
CA SER B 38 -24.49 18.26 18.97
C SER B 38 -25.05 16.83 19.10
N GLY B 39 -26.36 16.76 19.32
CA GLY B 39 -27.08 15.50 19.48
C GLY B 39 -28.41 15.51 18.75
N ALA B 40 -29.43 14.99 19.39
CA ALA B 40 -30.76 14.94 18.80
C ALA B 40 -31.83 15.25 19.83
N SER B 41 -32.78 16.10 19.45
CA SER B 41 -33.87 16.49 20.35
C SER B 41 -35.09 15.56 20.24
N THR B 42 -35.00 14.53 19.39
CA THR B 42 -36.08 13.57 19.23
C THR B 42 -35.48 12.19 18.93
N GLY B 43 -36.25 11.14 19.21
CA GLY B 43 -35.81 9.76 19.00
C GLY B 43 -36.39 8.86 20.07
N ILE B 44 -36.50 7.57 19.81
CA ILE B 44 -37.06 6.66 20.81
C ILE B 44 -36.05 5.86 21.64
N TYR B 45 -34.76 6.01 21.38
CA TYR B 45 -33.76 5.25 22.13
C TYR B 45 -32.76 6.12 22.91
N GLU B 46 -32.11 7.02 22.19
CA GLU B 46 -31.08 7.91 22.75
C GLU B 46 -31.52 9.01 23.71
N ALA B 47 -30.53 9.59 24.39
CA ALA B 47 -30.75 10.69 25.34
C ALA B 47 -31.03 11.91 24.47
N LEU B 48 -32.10 12.61 24.80
CA LEU B 48 -32.51 13.78 24.03
C LEU B 48 -32.01 15.12 24.56
N GLU B 49 -31.51 15.95 23.65
CA GLU B 49 -31.04 17.30 23.98
C GLU B 49 -32.22 18.19 24.25
N LEU B 50 -31.96 19.34 24.85
CA LEU B 50 -32.99 20.31 25.14
C LEU B 50 -32.68 21.53 24.28
N ARG B 51 -33.54 21.79 23.30
CA ARG B 51 -33.39 22.94 22.40
C ARG B 51 -34.51 23.91 22.69
N ASP B 52 -34.22 25.20 22.57
CA ASP B 52 -35.21 26.24 22.84
C ASP B 52 -36.39 26.22 21.86
N LYS B 53 -36.11 25.91 20.59
CA LYS B 53 -37.15 25.86 19.56
C LYS B 53 -37.81 27.23 19.36
N ASP B 54 -36.99 28.28 19.42
CA ASP B 54 -37.47 29.66 19.24
C ASP B 54 -37.34 30.01 17.76
N PRO B 55 -38.47 30.13 17.05
CA PRO B 55 -38.40 30.43 15.61
C PRO B 55 -37.53 31.62 15.22
N LYS B 56 -37.34 32.60 16.12
CA LYS B 56 -36.55 33.80 15.80
C LYS B 56 -35.12 33.90 16.37
N ARG B 57 -34.57 32.81 16.92
CA ARG B 57 -33.18 32.82 17.41
C ARG B 57 -32.51 31.55 16.95
N TYR B 58 -31.38 31.70 16.26
CA TYR B 58 -30.61 30.56 15.78
C TYR B 58 -31.43 29.43 15.16
N LEU B 59 -32.44 29.78 14.37
CA LEU B 59 -33.28 28.80 13.70
C LEU B 59 -33.79 27.71 14.66
N GLY B 60 -34.17 28.13 15.87
CA GLY B 60 -34.70 27.24 16.90
C GLY B 60 -33.70 26.34 17.60
N LYS B 61 -32.41 26.58 17.41
CA LYS B 61 -31.38 25.74 18.02
C LYS B 61 -30.68 26.37 19.22
N GLY B 62 -31.26 27.41 19.79
CA GLY B 62 -30.66 28.05 20.95
C GLY B 62 -30.68 27.08 22.12
N VAL B 63 -29.95 27.37 23.19
CA VAL B 63 -29.90 26.49 24.35
C VAL B 63 -29.99 27.28 25.66
N LEU B 64 -30.65 28.43 25.61
CA LEU B 64 -30.79 29.26 26.80
C LEU B 64 -31.55 28.49 27.88
N ASN B 65 -32.57 27.72 27.49
CA ASN B 65 -33.32 26.93 28.46
C ASN B 65 -32.40 25.97 29.17
N ALA B 66 -31.51 25.31 28.41
CA ALA B 66 -30.55 24.38 28.99
C ALA B 66 -29.65 25.11 29.97
N VAL B 67 -29.21 26.31 29.59
CA VAL B 67 -28.35 27.11 30.46
C VAL B 67 -29.05 27.50 31.75
N GLU B 68 -30.36 27.78 31.67
CA GLU B 68 -31.12 28.16 32.85
C GLU B 68 -31.35 26.93 33.75
N ILE B 69 -31.54 25.76 33.13
CA ILE B 69 -31.73 24.48 33.86
C ILE B 69 -30.54 24.24 34.78
N VAL B 70 -29.34 24.42 34.24
CA VAL B 70 -28.12 24.23 35.01
C VAL B 70 -28.16 25.16 36.22
N ARG B 71 -28.47 26.43 35.96
CA ARG B 71 -28.54 27.44 37.01
C ARG B 71 -29.62 27.24 38.09
N GLN B 72 -30.83 26.85 37.70
CA GLN B 72 -31.94 26.70 38.67
C GLN B 72 -32.27 25.30 39.20
N GLU B 73 -31.86 24.26 38.50
CA GLU B 73 -32.16 22.90 38.92
C GLU B 73 -30.92 22.12 39.35
N ILE B 74 -29.88 22.15 38.53
CA ILE B 74 -28.63 21.41 38.80
C ILE B 74 -27.76 22.06 39.89
N LYS B 75 -27.39 23.32 39.68
CA LYS B 75 -26.54 24.04 40.63
C LYS B 75 -26.95 23.90 42.10
N PRO B 76 -28.20 24.27 42.44
CA PRO B 76 -28.60 24.15 43.83
C PRO B 76 -28.48 22.72 44.38
N ALA B 77 -28.69 21.73 43.52
CA ALA B 77 -28.62 20.33 43.93
C ALA B 77 -27.18 19.84 44.17
N LEU B 78 -26.22 20.39 43.43
CA LEU B 78 -24.81 19.95 43.54
C LEU B 78 -23.91 20.78 44.47
N LEU B 79 -24.27 22.03 44.79
CA LEU B 79 -23.43 22.82 45.67
C LEU B 79 -23.10 22.03 46.93
N GLY B 80 -21.81 21.94 47.26
CA GLY B 80 -21.36 21.24 48.46
C GLY B 80 -20.95 19.78 48.28
N LYS B 81 -21.30 19.18 47.14
CA LYS B 81 -20.95 17.78 46.87
C LYS B 81 -19.49 17.68 46.44
N ASP B 82 -18.89 16.50 46.64
CA ASP B 82 -17.51 16.26 46.24
C ASP B 82 -17.54 15.96 44.75
N PRO B 83 -16.75 16.70 43.93
CA PRO B 83 -16.76 16.43 42.49
C PRO B 83 -16.24 15.05 42.11
N CYS B 84 -15.54 14.38 43.02
CA CYS B 84 -15.00 13.04 42.76
C CYS B 84 -16.04 11.92 42.68
N ASP B 85 -17.18 12.10 43.33
CA ASP B 85 -18.24 11.09 43.33
C ASP B 85 -18.98 11.17 41.99
N GLN B 86 -18.28 10.83 40.92
CA GLN B 86 -18.85 10.90 39.57
C GLN B 86 -20.17 10.14 39.48
N LYS B 87 -20.22 8.92 39.99
CA LYS B 87 -21.43 8.13 39.92
C LYS B 87 -22.57 8.75 40.72
N GLY B 88 -22.27 9.28 41.90
CA GLY B 88 -23.28 9.92 42.73
C GLY B 88 -23.88 11.15 42.09
N ILE B 89 -23.04 11.94 41.43
CA ILE B 89 -23.48 13.16 40.75
C ILE B 89 -24.27 12.83 39.48
N ASP B 90 -23.75 11.91 38.68
CA ASP B 90 -24.42 11.50 37.44
C ASP B 90 -25.80 10.92 37.70
N MET B 91 -25.93 10.08 38.73
CA MET B 91 -27.24 9.48 39.03
C MET B 91 -28.20 10.46 39.70
N LEU B 92 -27.69 11.44 40.44
CA LEU B 92 -28.53 12.43 41.08
C LEU B 92 -29.27 13.21 39.98
N MET B 93 -28.57 13.49 38.89
CA MET B 93 -29.15 14.22 37.77
C MET B 93 -30.07 13.38 36.89
N VAL B 94 -29.59 12.21 36.50
CA VAL B 94 -30.35 11.31 35.62
C VAL B 94 -31.56 10.64 36.26
N GLU B 95 -31.45 10.27 37.52
CA GLU B 95 -32.54 9.56 38.19
C GLU B 95 -33.42 10.35 39.15
N GLN B 96 -32.87 11.38 39.80
CA GLN B 96 -33.67 12.16 40.74
C GLN B 96 -34.10 13.51 40.20
N LEU B 97 -33.14 14.35 39.84
CA LEU B 97 -33.49 15.68 39.32
C LEU B 97 -34.31 15.57 38.05
N ASP B 98 -33.92 14.66 37.16
CA ASP B 98 -34.65 14.49 35.92
C ASP B 98 -35.69 13.38 36.06
N GLY B 99 -35.25 12.12 36.01
CA GLY B 99 -36.15 10.98 36.16
C GLY B 99 -36.99 10.55 34.97
N THR B 100 -37.00 11.32 33.89
CA THR B 100 -37.78 10.94 32.70
C THR B 100 -37.21 9.68 32.03
N LYS B 101 -38.09 8.88 31.42
CA LYS B 101 -37.67 7.65 30.77
C LYS B 101 -38.65 7.12 29.71
N ASN B 102 -38.18 6.16 28.93
CA ASN B 102 -38.93 5.50 27.86
C ASN B 102 -38.79 4.00 28.07
N GLU B 103 -39.16 3.16 27.11
CA GLU B 103 -39.01 1.70 27.30
C GLU B 103 -37.55 1.23 27.14
N TRP B 104 -36.63 2.17 26.92
CA TRP B 104 -35.21 1.83 26.74
C TRP B 104 -34.26 2.50 27.75
N GLY B 105 -34.81 3.02 28.85
CA GLY B 105 -34.01 3.67 29.88
C GLY B 105 -34.32 5.14 30.08
N TYR B 106 -33.52 5.80 30.91
CA TYR B 106 -33.70 7.21 31.19
C TYR B 106 -33.34 8.05 29.97
N SER B 107 -34.28 8.88 29.54
CA SER B 107 -34.11 9.75 28.37
C SER B 107 -33.38 11.05 28.66
N LYS B 108 -33.49 11.56 29.89
CA LYS B 108 -32.82 12.81 30.25
C LYS B 108 -33.45 13.99 29.52
N SER B 109 -34.77 13.89 29.33
CA SER B 109 -35.57 14.89 28.62
C SER B 109 -35.86 16.20 29.34
N LYS B 110 -36.18 16.12 30.63
CA LYS B 110 -36.51 17.33 31.39
C LYS B 110 -35.33 18.30 31.52
N LEU B 111 -34.17 17.79 31.95
CA LEU B 111 -32.99 18.64 32.11
C LEU B 111 -32.22 18.76 30.79
N GLY B 112 -32.32 17.74 29.94
CA GLY B 112 -31.63 17.75 28.66
C GLY B 112 -30.31 17.00 28.70
N ALA B 113 -30.14 16.09 27.74
CA ALA B 113 -28.91 15.30 27.65
C ALA B 113 -27.68 16.21 27.62
N ASN B 114 -27.82 17.36 26.98
CA ASN B 114 -26.72 18.33 26.86
C ASN B 114 -26.34 19.00 28.20
N ALA B 115 -27.34 19.42 28.97
CA ALA B 115 -27.09 20.05 30.27
C ALA B 115 -26.38 19.08 31.23
N ILE B 116 -26.87 17.84 31.29
CA ILE B 116 -26.30 16.84 32.17
C ILE B 116 -24.89 16.40 31.77
N LEU B 117 -24.66 16.19 30.48
CA LEU B 117 -23.34 15.76 30.03
C LEU B 117 -22.31 16.84 30.27
N GLY B 118 -22.71 18.09 30.07
CA GLY B 118 -21.83 19.23 30.27
C GLY B 118 -21.37 19.29 31.71
N VAL B 119 -22.31 19.06 32.63
CA VAL B 119 -22.02 19.08 34.06
C VAL B 119 -21.19 17.87 34.43
N SER B 120 -21.57 16.70 33.90
CA SER B 120 -20.87 15.46 34.18
C SER B 120 -19.39 15.53 33.81
N ILE B 121 -19.11 16.08 32.63
CA ILE B 121 -17.74 16.19 32.16
C ILE B 121 -16.98 17.25 32.95
N ALA B 122 -17.62 18.37 33.27
CA ALA B 122 -16.94 19.41 34.03
C ALA B 122 -16.55 18.88 35.41
N CYS B 123 -17.48 18.21 36.09
CA CYS B 123 -17.18 17.64 37.41
C CYS B 123 -16.04 16.63 37.31
N CYS B 124 -16.08 15.82 36.26
CA CYS B 124 -15.05 14.82 36.02
C CYS B 124 -13.69 15.52 35.94
N ARG B 125 -13.65 16.69 35.32
CA ARG B 125 -12.39 17.42 35.24
C ARG B 125 -12.01 17.97 36.61
N ALA B 126 -12.99 18.37 37.40
CA ALA B 126 -12.72 18.90 38.74
C ALA B 126 -12.23 17.74 39.63
N GLY B 127 -12.81 16.57 39.44
CA GLY B 127 -12.44 15.38 40.22
C GLY B 127 -11.01 14.98 39.94
N ALA B 128 -10.63 14.98 38.67
CA ALA B 128 -9.28 14.64 38.27
C ALA B 128 -8.31 15.56 39.01
N ALA B 129 -8.61 16.86 38.99
CA ALA B 129 -7.78 17.86 39.66
C ALA B 129 -7.66 17.61 41.16
N SER B 130 -8.78 17.28 41.79
CA SER B 130 -8.80 17.00 43.23
C SER B 130 -7.83 15.86 43.54
N LYS B 131 -7.99 14.75 42.82
CA LYS B 131 -7.12 13.59 42.98
C LYS B 131 -5.69 13.86 42.55
N GLY B 132 -5.48 14.98 41.86
CA GLY B 132 -4.14 15.35 41.38
C GLY B 132 -3.69 14.41 40.28
N LEU B 133 -4.58 14.18 39.32
CA LEU B 133 -4.29 13.29 38.18
C LEU B 133 -4.71 13.89 36.85
N PRO B 134 -3.97 13.55 35.79
CA PRO B 134 -4.39 14.03 34.48
C PRO B 134 -5.74 13.39 34.19
N LEU B 135 -6.61 14.10 33.46
CA LEU B 135 -7.95 13.59 33.16
C LEU B 135 -8.00 12.13 32.65
N TYR B 136 -7.09 11.76 31.75
CA TYR B 136 -7.11 10.39 31.23
C TYR B 136 -6.88 9.35 32.31
N LYS B 137 -5.93 9.58 33.21
CA LYS B 137 -5.68 8.64 34.30
C LYS B 137 -6.85 8.60 35.27
N TYR B 138 -7.48 9.75 35.49
CA TYR B 138 -8.62 9.82 36.40
C TYR B 138 -9.77 8.97 35.85
N ILE B 139 -9.97 9.05 34.54
CA ILE B 139 -11.01 8.26 33.89
C ILE B 139 -10.71 6.76 34.02
N ALA B 140 -9.43 6.41 33.94
CA ALA B 140 -9.02 5.02 34.09
C ALA B 140 -9.46 4.51 35.45
N THR B 141 -9.21 5.28 36.51
CA THR B 141 -9.60 4.85 37.86
C THR B 141 -11.10 4.71 37.99
N LEU B 142 -11.87 5.53 37.28
CA LEU B 142 -13.33 5.43 37.33
C LEU B 142 -13.76 4.15 36.65
N ALA B 143 -13.08 3.79 35.56
CA ALA B 143 -13.42 2.56 34.81
C ALA B 143 -12.82 1.31 35.48
N GLY B 144 -12.04 1.52 36.54
CA GLY B 144 -11.40 0.42 37.24
C GLY B 144 -10.27 -0.19 36.43
N LYS B 145 -9.64 0.61 35.59
CA LYS B 145 -8.54 0.14 34.75
C LYS B 145 -7.21 0.69 35.22
N THR B 146 -6.13 -0.02 34.91
CA THR B 146 -4.81 0.40 35.35
C THR B 146 -4.33 1.69 34.67
N ILE B 147 -3.51 2.44 35.39
CA ILE B 147 -2.95 3.69 34.92
C ILE B 147 -1.45 3.58 34.63
N ASP B 148 -0.93 2.35 34.62
CA ASP B 148 0.50 2.13 34.34
C ASP B 148 0.82 2.01 32.82
N LYS B 149 0.54 0.88 32.19
CA LYS B 149 0.82 0.73 30.75
C LYS B 149 -0.46 1.05 29.97
N MET B 150 -0.66 2.34 29.70
CA MET B 150 -1.87 2.77 29.00
C MET B 150 -1.74 2.59 27.49
N VAL B 151 -2.88 2.44 26.83
CA VAL B 151 -2.91 2.22 25.39
C VAL B 151 -3.42 3.40 24.58
N MET B 152 -2.70 3.72 23.50
CA MET B 152 -3.08 4.80 22.60
C MET B 152 -3.95 4.17 21.52
N PRO B 153 -4.95 4.92 21.04
CA PRO B 153 -5.84 4.37 20.05
C PRO B 153 -5.40 4.56 18.62
N VAL B 154 -5.93 3.71 17.74
CA VAL B 154 -5.68 3.78 16.33
C VAL B 154 -6.75 4.74 15.85
N PRO B 155 -6.34 5.80 15.15
CA PRO B 155 -7.32 6.77 14.66
C PRO B 155 -7.97 6.39 13.33
N PHE B 156 -9.27 6.68 13.23
CA PHE B 156 -10.04 6.40 12.00
C PHE B 156 -10.44 7.75 11.40
N PHE B 157 -9.73 8.15 10.35
CA PHE B 157 -9.94 9.42 9.69
C PHE B 157 -10.94 9.37 8.54
N ASN B 158 -11.89 10.30 8.55
CA ASN B 158 -12.88 10.41 7.49
C ASN B 158 -12.13 10.88 6.25
N VAL B 159 -12.52 10.43 5.07
CA VAL B 159 -11.82 10.85 3.84
C VAL B 159 -12.76 11.09 2.65
N ILE B 160 -13.71 10.18 2.43
CA ILE B 160 -14.66 10.30 1.33
C ILE B 160 -16.09 10.18 1.87
N ASN B 161 -16.93 11.13 1.52
CA ASN B 161 -18.32 11.17 1.96
C ASN B 161 -19.29 10.78 0.87
N GLY B 162 -20.45 10.27 1.28
CA GLY B 162 -21.51 9.87 0.36
C GLY B 162 -22.86 9.87 1.05
N GLY B 163 -23.79 9.08 0.50
CA GLY B 163 -25.13 8.99 1.08
C GLY B 163 -25.77 10.35 1.19
N GLU B 164 -26.24 10.68 2.39
CA GLU B 164 -26.90 11.97 2.62
C GLU B 164 -25.92 13.14 2.72
N HIS B 165 -24.64 12.86 2.99
CA HIS B 165 -23.64 13.94 3.09
C HIS B 165 -23.02 14.35 1.75
N ALA B 166 -23.59 13.90 0.63
CA ALA B 166 -23.06 14.24 -0.69
C ALA B 166 -24.06 14.00 -1.83
N GLY B 167 -23.99 14.86 -2.84
CA GLY B 167 -24.85 14.76 -4.01
C GLY B 167 -24.37 13.74 -5.03
N ASN B 168 -23.22 13.13 -4.75
CA ASN B 168 -22.64 12.12 -5.64
C ASN B 168 -23.51 10.86 -5.68
N GLY B 169 -23.06 9.84 -6.42
CA GLY B 169 -23.80 8.59 -6.55
C GLY B 169 -23.54 7.56 -5.47
N LEU B 170 -22.50 7.77 -4.67
CA LEU B 170 -22.16 6.84 -3.61
C LEU B 170 -23.28 6.75 -2.56
N ALA B 171 -23.75 5.53 -2.28
CA ALA B 171 -24.82 5.30 -1.32
C ALA B 171 -24.29 5.27 0.12
N LEU B 172 -23.12 4.67 0.29
CA LEU B 172 -22.50 4.56 1.61
C LEU B 172 -22.17 5.96 2.10
N GLN B 173 -22.32 6.18 3.40
CA GLN B 173 -22.09 7.48 3.99
C GLN B 173 -20.61 7.88 4.22
N GLU B 174 -19.77 6.98 4.73
CA GLU B 174 -18.37 7.31 5.01
C GLU B 174 -17.35 6.25 4.67
N PHE B 175 -16.18 6.71 4.24
CA PHE B 175 -15.02 5.86 3.96
C PHE B 175 -13.94 6.46 4.82
N LEU B 176 -13.24 5.62 5.58
CA LEU B 176 -12.18 6.10 6.43
C LEU B 176 -10.90 5.30 6.20
N ILE B 177 -9.78 5.85 6.68
CA ILE B 177 -8.47 5.19 6.59
C ILE B 177 -7.97 5.06 8.01
N ALA B 178 -7.32 3.93 8.31
CA ALA B 178 -6.82 3.69 9.67
C ALA B 178 -5.39 3.14 9.66
N PRO B 179 -4.42 3.94 10.16
CA PRO B 179 -3.01 3.54 10.21
C PRO B 179 -2.66 2.49 11.28
N VAL B 180 -3.23 1.31 11.12
CA VAL B 180 -3.00 0.19 12.03
C VAL B 180 -1.50 -0.19 12.06
N GLY B 181 -0.80 0.08 10.97
CA GLY B 181 0.62 -0.25 10.86
C GLY B 181 1.59 0.77 11.43
N ALA B 182 1.10 1.85 12.00
CA ALA B 182 2.00 2.86 12.58
C ALA B 182 2.60 2.35 13.89
N PRO B 183 3.77 2.88 14.28
CA PRO B 183 4.43 2.46 15.53
C PRO B 183 3.89 3.18 16.76
N ASN B 184 3.34 4.37 16.58
CA ASN B 184 2.79 5.15 17.69
C ASN B 184 1.72 6.12 17.19
N ILE B 185 1.02 6.79 18.10
CA ILE B 185 -0.08 7.68 17.71
C ILE B 185 0.40 8.90 16.90
N ARG B 186 1.53 9.49 17.26
CA ARG B 186 2.02 10.66 16.50
C ARG B 186 2.35 10.25 15.06
N GLU B 187 2.84 9.03 14.87
CA GLU B 187 3.12 8.54 13.53
C GLU B 187 1.80 8.26 12.84
N ALA B 188 0.86 7.64 13.57
CA ALA B 188 -0.46 7.35 13.00
C ALA B 188 -1.09 8.62 12.44
N ILE B 189 -0.94 9.73 13.17
CA ILE B 189 -1.46 11.00 12.73
C ILE B 189 -0.71 11.50 11.48
N ARG B 190 0.62 11.31 11.45
CA ARG B 190 1.41 11.75 10.29
C ARG B 190 0.91 10.99 9.06
N TYR B 191 0.85 9.66 9.19
CA TYR B 191 0.39 8.78 8.12
C TYR B 191 -0.95 9.24 7.59
N GLY B 192 -1.84 9.61 8.51
CA GLY B 192 -3.17 10.07 8.15
C GLY B 192 -3.13 11.38 7.39
N SER B 193 -2.41 12.35 7.92
CA SER B 193 -2.33 13.65 7.27
C SER B 193 -1.69 13.55 5.88
N GLU B 194 -0.66 12.73 5.74
CA GLU B 194 0.02 12.56 4.46
C GLU B 194 -0.88 11.88 3.42
N THR B 195 -1.58 10.82 3.83
CA THR B 195 -2.46 10.12 2.91
C THR B 195 -3.65 11.01 2.57
N TYR B 196 -4.08 11.81 3.54
CA TYR B 196 -5.19 12.73 3.33
C TYR B 196 -4.81 13.76 2.25
N HIS B 197 -3.61 14.33 2.33
CA HIS B 197 -3.17 15.31 1.33
C HIS B 197 -2.90 14.67 -0.02
N HIS B 198 -2.42 13.43 -0.03
CA HIS B 198 -2.21 12.74 -1.30
C HIS B 198 -3.55 12.52 -1.96
N LEU B 199 -4.56 12.18 -1.16
CA LEU B 199 -5.90 11.98 -1.68
C LEU B 199 -6.44 13.31 -2.21
N LYS B 200 -6.22 14.37 -1.43
CA LYS B 200 -6.68 15.70 -1.78
C LYS B 200 -6.21 16.11 -3.15
N ASN B 201 -4.94 15.90 -3.48
CA ASN B 201 -4.47 16.32 -4.79
C ASN B 201 -4.85 15.33 -5.90
N VAL B 202 -5.12 14.07 -5.57
CA VAL B 202 -5.55 13.12 -6.58
C VAL B 202 -6.92 13.60 -7.03
N ILE B 203 -7.78 13.90 -6.05
CA ILE B 203 -9.13 14.39 -6.31
C ILE B 203 -9.05 15.71 -7.09
N LYS B 204 -8.13 16.59 -6.70
CA LYS B 204 -7.97 17.88 -7.37
C LYS B 204 -7.78 17.70 -8.88
N ASN B 205 -6.91 16.77 -9.28
CA ASN B 205 -6.67 16.54 -10.71
C ASN B 205 -7.83 15.92 -11.47
N LYS B 206 -8.48 14.93 -10.87
CA LYS B 206 -9.59 14.26 -11.53
C LYS B 206 -10.94 14.99 -11.43
N TYR B 207 -11.17 15.73 -10.34
CA TYR B 207 -12.46 16.42 -10.17
C TYR B 207 -12.43 17.96 -10.09
N GLY B 208 -11.24 18.55 -9.96
CA GLY B 208 -11.14 20.01 -9.88
C GLY B 208 -10.97 20.55 -8.48
N LEU B 209 -10.63 21.85 -8.41
CA LEU B 209 -10.41 22.53 -7.14
C LEU B 209 -11.59 22.51 -6.17
N ASP B 210 -12.82 22.69 -6.66
CA ASP B 210 -13.99 22.70 -5.78
C ASP B 210 -14.24 21.37 -5.08
N ALA B 211 -13.87 20.27 -5.74
CA ALA B 211 -14.06 18.94 -5.18
C ALA B 211 -13.21 18.73 -3.93
N THR B 212 -12.22 19.61 -3.70
CA THR B 212 -11.35 19.49 -2.52
C THR B 212 -11.91 20.23 -1.30
N ASN B 213 -13.07 20.87 -1.44
CA ASN B 213 -13.70 21.54 -0.29
C ASN B 213 -14.19 20.45 0.63
N VAL B 214 -14.22 20.73 1.92
CA VAL B 214 -14.59 19.74 2.92
C VAL B 214 -15.98 19.83 3.52
N GLY B 215 -16.45 18.69 4.02
CA GLY B 215 -17.76 18.59 4.65
C GLY B 215 -17.65 18.83 6.14
N ASP B 216 -18.71 18.51 6.88
CA ASP B 216 -18.76 18.69 8.33
C ASP B 216 -17.60 18.06 9.10
N GLU B 217 -17.17 16.88 8.68
CA GLU B 217 -16.09 16.14 9.36
C GLU B 217 -14.72 16.28 8.69
N GLY B 218 -14.58 17.24 7.77
CA GLY B 218 -13.32 17.49 7.08
C GLY B 218 -13.00 16.62 5.87
N GLY B 219 -13.93 15.75 5.49
CA GLY B 219 -13.70 14.86 4.36
C GLY B 219 -14.16 15.47 3.04
N PHE B 220 -13.86 14.77 1.95
CA PHE B 220 -14.22 15.23 0.61
C PHE B 220 -15.46 14.53 0.06
N ALA B 221 -16.06 15.15 -0.95
CA ALA B 221 -17.26 14.62 -1.61
C ALA B 221 -17.08 14.61 -3.12
N PRO B 222 -16.09 13.84 -3.63
CA PRO B 222 -15.87 13.78 -5.06
C PRO B 222 -17.06 13.11 -5.73
N ASN B 223 -17.34 13.49 -6.97
CA ASN B 223 -18.47 12.94 -7.70
C ASN B 223 -18.24 11.51 -8.20
N VAL B 224 -18.15 10.56 -7.27
CA VAL B 224 -17.97 9.16 -7.62
C VAL B 224 -19.33 8.48 -7.57
N ALA B 225 -19.57 7.57 -8.51
CA ALA B 225 -20.87 6.89 -8.59
C ALA B 225 -21.01 5.62 -7.72
N THR B 226 -19.92 4.91 -7.51
CA THR B 226 -19.96 3.66 -6.73
C THR B 226 -18.90 3.54 -5.65
N ALA B 227 -19.02 2.48 -4.86
CA ALA B 227 -18.08 2.20 -3.78
C ALA B 227 -16.74 1.80 -4.37
N GLU B 228 -16.78 1.13 -5.52
CA GLU B 228 -15.55 0.69 -6.19
C GLU B 228 -14.70 1.89 -6.61
N GLU B 229 -15.34 2.93 -7.14
CA GLU B 229 -14.61 4.13 -7.55
C GLU B 229 -13.97 4.79 -6.34
N ALA B 230 -14.69 4.80 -5.21
CA ALA B 230 -14.18 5.42 -3.98
C ALA B 230 -13.00 4.62 -3.40
N LEU B 231 -13.17 3.30 -3.34
CA LEU B 231 -12.12 2.43 -2.81
C LEU B 231 -10.84 2.51 -3.65
N ASN B 232 -10.98 2.64 -4.97
CA ASN B 232 -9.80 2.76 -5.83
C ASN B 232 -9.04 4.04 -5.53
N LEU B 233 -9.76 5.13 -5.24
CA LEU B 233 -9.13 6.40 -4.91
C LEU B 233 -8.32 6.24 -3.63
N LEU B 234 -8.89 5.55 -2.64
CA LEU B 234 -8.19 5.34 -1.38
C LEU B 234 -6.95 4.45 -1.59
N VAL B 235 -7.11 3.34 -2.30
CA VAL B 235 -5.97 2.45 -2.55
C VAL B 235 -4.86 3.24 -3.23
N GLU B 236 -5.24 4.05 -4.21
CA GLU B 236 -4.28 4.87 -4.95
C GLU B 236 -3.61 5.89 -4.03
N ALA B 237 -4.41 6.52 -3.17
CA ALA B 237 -3.90 7.53 -2.24
C ALA B 237 -2.88 6.92 -1.29
N ILE B 238 -3.21 5.73 -0.77
CA ILE B 238 -2.34 5.02 0.15
C ILE B 238 -1.01 4.63 -0.48
N LYS B 239 -1.04 4.25 -1.76
CA LYS B 239 0.18 3.83 -2.44
C LYS B 239 1.08 5.04 -2.75
N ALA B 240 0.47 6.15 -3.13
CA ALA B 240 1.22 7.38 -3.42
C ALA B 240 1.93 7.85 -2.15
N ALA B 241 1.27 7.69 -1.01
CA ALA B 241 1.82 8.07 0.28
C ALA B 241 2.91 7.08 0.73
N GLY B 242 2.95 5.91 0.10
CA GLY B 242 3.93 4.88 0.43
C GLY B 242 3.57 4.05 1.66
N TYR B 243 2.29 4.03 2.01
CA TYR B 243 1.84 3.28 3.18
C TYR B 243 1.02 2.04 2.86
N GLU B 244 1.21 1.44 1.69
CA GLU B 244 0.45 0.24 1.38
C GLU B 244 0.80 -0.82 2.39
N GLY B 245 -0.22 -1.44 2.96
CA GLY B 245 -0.03 -2.49 3.96
C GLY B 245 0.03 -1.96 5.38
N LYS B 246 0.17 -0.65 5.53
CA LYS B 246 0.23 -0.03 6.86
C LYS B 246 -1.03 0.79 7.18
N ILE B 247 -1.79 1.16 6.17
CA ILE B 247 -3.04 1.90 6.35
C ILE B 247 -4.16 1.07 5.75
N LYS B 248 -5.17 0.77 6.55
CA LYS B 248 -6.31 -0.02 6.10
C LYS B 248 -7.51 0.88 5.90
N ILE B 249 -8.55 0.33 5.30
CA ILE B 249 -9.79 1.08 5.03
C ILE B 249 -10.95 0.63 5.94
N ALA B 250 -11.92 1.53 6.10
CA ALA B 250 -13.10 1.25 6.89
C ALA B 250 -14.24 2.07 6.30
N PHE B 251 -15.47 1.68 6.56
CA PHE B 251 -16.59 2.44 6.06
C PHE B 251 -17.83 2.31 6.94
N ASP B 252 -18.66 3.35 6.89
CA ASP B 252 -19.89 3.43 7.62
C ASP B 252 -20.93 3.53 6.52
N ALA B 253 -21.69 2.47 6.34
CA ALA B 253 -22.71 2.46 5.30
C ALA B 253 -23.93 3.30 5.64
N ALA B 254 -24.32 3.33 6.92
CA ALA B 254 -25.50 4.08 7.34
C ALA B 254 -26.66 3.54 6.50
N ALA B 255 -26.68 2.22 6.36
CA ALA B 255 -27.66 1.50 5.56
C ALA B 255 -29.11 1.90 5.78
N SER B 256 -29.42 2.47 6.94
CA SER B 256 -30.78 2.89 7.22
C SER B 256 -31.22 3.91 6.17
N GLU B 257 -30.27 4.72 5.70
CA GLU B 257 -30.55 5.74 4.70
C GLU B 257 -30.98 5.21 3.33
N PHE B 258 -30.68 3.95 3.03
CA PHE B 258 -31.09 3.38 1.73
C PHE B 258 -31.86 2.06 1.84
N TYR B 259 -32.62 1.93 2.93
CA TYR B 259 -33.43 0.74 3.19
C TYR B 259 -34.88 1.05 2.86
N LYS B 260 -35.51 0.15 2.11
CA LYS B 260 -36.91 0.32 1.72
C LYS B 260 -37.78 -0.57 2.59
N GLN B 261 -38.45 0.05 3.57
CA GLN B 261 -39.30 -0.66 4.52
C GLN B 261 -40.38 -1.51 3.84
N ASP B 262 -41.09 -0.90 2.90
CA ASP B 262 -42.15 -1.59 2.14
C ASP B 262 -41.66 -2.85 1.42
N GLU B 263 -40.48 -2.79 0.81
CA GLU B 263 -39.90 -3.92 0.08
C GLU B 263 -39.03 -4.81 0.98
N LYS B 264 -38.42 -4.21 1.99
CA LYS B 264 -37.50 -4.91 2.90
C LYS B 264 -36.22 -5.26 2.14
N LYS B 265 -35.79 -4.32 1.30
CA LYS B 265 -34.61 -4.45 0.49
C LYS B 265 -33.83 -3.13 0.50
N TYR B 266 -32.54 -3.22 0.20
CA TYR B 266 -31.63 -2.08 0.18
C TYR B 266 -31.36 -1.65 -1.25
N ASP B 267 -31.20 -0.34 -1.46
CA ASP B 267 -30.95 0.23 -2.79
C ASP B 267 -29.65 1.04 -2.82
N LEU B 268 -28.60 0.48 -3.44
CA LEU B 268 -27.31 1.19 -3.52
C LEU B 268 -27.28 2.30 -4.57
N ASP B 269 -28.37 2.45 -5.32
CA ASP B 269 -28.48 3.48 -6.36
C ASP B 269 -29.66 4.38 -6.03
N TYR B 270 -29.97 4.57 -4.75
CA TYR B 270 -31.13 5.37 -4.36
C TYR B 270 -31.06 6.85 -4.80
N LYS B 271 -29.86 7.34 -5.11
CA LYS B 271 -29.70 8.74 -5.55
C LYS B 271 -29.69 8.94 -7.07
N CYS B 272 -29.74 7.85 -7.83
CA CYS B 272 -29.75 7.94 -9.29
C CYS B 272 -31.15 8.39 -9.74
N LYS B 273 -31.19 9.24 -10.76
CA LYS B 273 -32.44 9.78 -11.32
C LYS B 273 -33.27 8.66 -11.93
N THR B 274 -32.71 8.01 -12.95
CA THR B 274 -33.37 6.89 -13.61
C THR B 274 -33.29 5.74 -12.61
N LYS B 275 -34.42 5.10 -12.31
CA LYS B 275 -34.44 4.03 -11.31
C LYS B 275 -34.61 2.59 -11.82
N ASN B 276 -33.67 2.18 -12.69
CA ASN B 276 -33.63 0.83 -13.27
C ASN B 276 -32.19 0.31 -13.43
N ALA B 277 -31.22 0.99 -12.82
CA ALA B 277 -29.82 0.58 -12.90
C ALA B 277 -29.66 -0.89 -12.47
N SER B 278 -30.19 -1.23 -11.31
CA SER B 278 -30.13 -2.59 -10.78
C SER B 278 -31.23 -2.82 -9.75
N LYS B 279 -31.70 -4.06 -9.63
CA LYS B 279 -32.76 -4.39 -8.68
C LYS B 279 -32.29 -4.20 -7.24
N HIS B 280 -33.23 -3.92 -6.35
CA HIS B 280 -32.93 -3.70 -4.93
C HIS B 280 -32.48 -5.04 -4.31
N LEU B 281 -31.55 -4.96 -3.37
CA LEU B 281 -30.99 -6.15 -2.74
C LEU B 281 -31.53 -6.46 -1.36
N THR B 282 -31.67 -7.75 -1.06
CA THR B 282 -32.14 -8.19 0.25
C THR B 282 -30.92 -8.18 1.17
N GLY B 283 -31.14 -8.41 2.46
CA GLY B 283 -30.05 -8.44 3.42
C GLY B 283 -28.97 -9.41 2.93
N GLU B 284 -29.43 -10.58 2.47
CA GLU B 284 -28.57 -11.65 1.92
C GLU B 284 -27.61 -11.13 0.84
N LYS B 285 -28.17 -10.65 -0.26
CA LYS B 285 -27.37 -10.14 -1.37
C LYS B 285 -26.48 -8.95 -0.99
N LEU B 286 -26.99 -8.07 -0.12
CA LEU B 286 -26.22 -6.91 0.30
C LEU B 286 -24.97 -7.41 1.04
N LYS B 287 -25.14 -8.46 1.84
CA LYS B 287 -24.04 -9.07 2.57
C LYS B 287 -22.98 -9.56 1.59
N GLU B 288 -23.42 -10.28 0.56
CA GLU B 288 -22.50 -10.82 -0.46
C GLU B 288 -21.74 -9.71 -1.15
N VAL B 289 -22.40 -8.57 -1.33
CA VAL B 289 -21.76 -7.42 -1.95
C VAL B 289 -20.63 -6.94 -1.05
N TYR B 290 -20.88 -6.87 0.26
CA TYR B 290 -19.84 -6.43 1.20
C TYR B 290 -18.71 -7.46 1.25
N GLU B 291 -19.07 -8.74 1.34
CA GLU B 291 -18.07 -9.79 1.38
C GLU B 291 -17.23 -9.72 0.10
N GLY B 292 -17.85 -9.26 -0.98
CA GLY B 292 -17.15 -9.12 -2.24
C GLY B 292 -16.06 -8.09 -2.10
N TRP B 293 -16.38 -6.95 -1.50
CA TRP B 293 -15.39 -5.89 -1.32
C TRP B 293 -14.32 -6.28 -0.29
N LEU B 294 -14.69 -7.05 0.72
CA LEU B 294 -13.72 -7.46 1.74
C LEU B 294 -12.57 -8.25 1.09
N LYS B 295 -12.86 -9.02 0.04
CA LYS B 295 -11.81 -9.79 -0.66
C LYS B 295 -10.96 -8.87 -1.52
N LYS B 296 -11.63 -7.96 -2.24
CA LYS B 296 -10.98 -7.00 -3.13
C LYS B 296 -10.07 -5.97 -2.46
N TYR B 297 -10.60 -5.29 -1.46
CA TYR B 297 -9.89 -4.21 -0.77
C TYR B 297 -9.56 -4.50 0.70
N PRO B 298 -8.54 -3.82 1.24
CA PRO B 298 -8.12 -3.99 2.63
C PRO B 298 -9.02 -3.26 3.61
N ILE B 299 -10.27 -3.70 3.68
CA ILE B 299 -11.23 -3.10 4.60
C ILE B 299 -11.15 -3.91 5.88
N ILE B 300 -11.04 -3.24 7.02
CA ILE B 300 -10.94 -3.94 8.31
C ILE B 300 -12.13 -3.69 9.24
N SER B 301 -12.97 -2.71 8.91
CA SER B 301 -14.12 -2.39 9.74
C SER B 301 -15.31 -1.92 8.92
N VAL B 302 -16.50 -2.31 9.35
CA VAL B 302 -17.75 -1.93 8.68
C VAL B 302 -18.76 -1.48 9.74
N GLU B 303 -19.27 -0.28 9.58
CA GLU B 303 -20.22 0.31 10.50
C GLU B 303 -21.60 0.45 9.83
N ASP B 304 -22.65 0.15 10.59
CA ASP B 304 -24.05 0.21 10.11
C ASP B 304 -24.30 -0.43 8.73
N PRO B 305 -23.85 -1.68 8.53
CA PRO B 305 -24.02 -2.39 7.26
C PRO B 305 -25.48 -2.62 6.85
N PHE B 306 -26.39 -2.62 7.83
CA PHE B 306 -27.80 -2.82 7.54
C PHE B 306 -28.67 -1.85 8.33
N ASP B 307 -29.98 -1.93 8.10
CA ASP B 307 -30.93 -1.04 8.75
C ASP B 307 -30.87 -1.11 10.27
N GLN B 308 -31.16 0.03 10.88
CA GLN B 308 -31.20 0.22 12.33
C GLN B 308 -31.94 -0.90 13.09
N ASP B 309 -32.88 -1.59 12.43
CA ASP B 309 -33.65 -2.67 13.07
C ASP B 309 -33.53 -4.01 12.37
N ASP B 310 -32.57 -4.18 11.48
CA ASP B 310 -32.43 -5.45 10.78
C ASP B 310 -31.37 -6.34 11.44
N PHE B 311 -31.72 -6.85 12.63
CA PHE B 311 -30.83 -7.74 13.40
C PHE B 311 -30.52 -9.05 12.67
N ALA B 312 -31.48 -9.54 11.88
CA ALA B 312 -31.27 -10.77 11.13
C ALA B 312 -30.02 -10.66 10.24
N SER B 313 -29.94 -9.59 9.44
CA SER B 313 -28.80 -9.37 8.56
C SER B 313 -27.52 -9.16 9.37
N PHE B 314 -27.53 -8.20 10.30
CA PHE B 314 -26.36 -7.97 11.14
C PHE B 314 -25.80 -9.29 11.64
N SER B 315 -26.66 -10.10 12.24
CA SER B 315 -26.23 -11.38 12.78
C SER B 315 -25.62 -12.28 11.72
N ALA B 316 -26.28 -12.44 10.59
CA ALA B 316 -25.79 -13.27 9.49
C ALA B 316 -24.41 -12.78 9.00
N PHE B 317 -24.27 -11.47 8.88
CA PHE B 317 -23.03 -10.85 8.42
C PHE B 317 -21.91 -11.00 9.45
N THR B 318 -22.22 -10.72 10.71
CA THR B 318 -21.24 -10.83 11.79
C THR B 318 -20.80 -12.29 11.99
N LYS B 319 -21.71 -13.21 11.72
CA LYS B 319 -21.44 -14.63 11.88
C LYS B 319 -20.40 -15.15 10.90
N ASP B 320 -20.57 -14.89 9.61
CA ASP B 320 -19.61 -15.40 8.62
C ASP B 320 -18.33 -14.57 8.39
N VAL B 321 -18.25 -13.37 8.94
CA VAL B 321 -17.01 -12.57 8.81
C VAL B 321 -16.26 -12.79 10.13
N GLY B 322 -16.99 -12.76 11.23
CA GLY B 322 -16.48 -12.98 12.60
C GLY B 322 -15.14 -12.42 13.01
N GLU B 323 -14.15 -13.30 13.13
CA GLU B 323 -12.78 -12.92 13.53
C GLU B 323 -11.94 -12.11 12.56
N LYS B 324 -12.29 -12.06 11.29
CA LYS B 324 -11.47 -11.30 10.34
C LYS B 324 -11.89 -9.85 10.07
N THR B 325 -13.08 -9.46 10.52
CA THR B 325 -13.54 -8.08 10.28
C THR B 325 -14.35 -7.54 11.45
N GLN B 326 -14.19 -6.24 11.71
CA GLN B 326 -14.91 -5.58 12.78
C GLN B 326 -16.23 -5.10 12.22
N VAL B 327 -17.30 -5.30 12.97
CA VAL B 327 -18.64 -4.90 12.57
C VAL B 327 -19.20 -3.97 13.65
N ILE B 328 -19.15 -2.67 13.38
CA ILE B 328 -19.61 -1.67 14.34
C ILE B 328 -21.10 -1.42 14.29
N GLY B 329 -21.66 -1.16 15.47
CA GLY B 329 -23.07 -0.84 15.62
C GLY B 329 -23.15 0.62 16.07
N ASP B 330 -23.92 1.43 15.35
CA ASP B 330 -24.08 2.86 15.68
C ASP B 330 -25.55 3.16 15.87
N ASP B 331 -26.27 3.31 14.76
CA ASP B 331 -27.70 3.60 14.80
C ASP B 331 -28.47 2.46 15.46
N ILE B 332 -28.01 1.23 15.24
CA ILE B 332 -28.65 0.05 15.80
C ILE B 332 -28.55 -0.03 17.32
N LEU B 333 -27.47 0.52 17.88
CA LEU B 333 -27.26 0.50 19.33
C LEU B 333 -27.56 1.85 19.96
N VAL B 334 -27.11 2.91 19.29
CA VAL B 334 -27.29 4.28 19.77
C VAL B 334 -26.79 4.45 21.22
N THR B 335 -25.65 3.81 21.51
CA THR B 335 -24.98 3.83 22.82
C THR B 335 -25.99 3.67 23.98
N ASN B 336 -26.93 2.74 23.81
CA ASN B 336 -27.94 2.46 24.81
C ASN B 336 -27.72 1.08 25.40
N ILE B 337 -27.59 1.01 26.72
CA ILE B 337 -27.36 -0.27 27.41
C ILE B 337 -28.32 -1.35 26.94
N LEU B 338 -29.62 -1.13 27.11
CA LEU B 338 -30.64 -2.11 26.70
C LEU B 338 -30.55 -2.54 25.24
N ARG B 339 -30.10 -1.63 24.37
CA ARG B 339 -29.94 -1.97 22.95
C ARG B 339 -28.71 -2.85 22.82
N ILE B 340 -27.63 -2.46 23.50
CA ILE B 340 -26.39 -3.21 23.48
C ILE B 340 -26.67 -4.64 23.92
N GLU B 341 -27.44 -4.78 25.00
CA GLU B 341 -27.80 -6.11 25.52
C GLU B 341 -28.58 -6.96 24.52
N LYS B 342 -29.47 -6.33 23.74
CA LYS B 342 -30.22 -7.08 22.75
C LYS B 342 -29.30 -7.49 21.62
N ALA B 343 -28.38 -6.60 21.26
CA ALA B 343 -27.42 -6.89 20.19
C ALA B 343 -26.44 -7.97 20.64
N LEU B 344 -26.07 -7.95 21.92
CA LEU B 344 -25.15 -8.96 22.46
C LEU B 344 -25.80 -10.33 22.38
N LYS B 345 -27.07 -10.40 22.77
CA LYS B 345 -27.83 -11.63 22.75
C LYS B 345 -27.96 -12.18 21.32
N ASP B 346 -28.19 -11.29 20.36
CA ASP B 346 -28.36 -11.68 18.97
C ASP B 346 -27.06 -11.74 18.17
N LYS B 347 -25.93 -11.42 18.81
CA LYS B 347 -24.62 -11.42 18.14
C LYS B 347 -24.68 -10.61 16.85
N ALA B 348 -25.31 -9.45 16.94
CA ALA B 348 -25.49 -8.55 15.81
C ALA B 348 -24.21 -7.80 15.44
N CYS B 349 -23.34 -7.55 16.41
CA CYS B 349 -22.08 -6.84 16.18
C CYS B 349 -20.94 -7.47 16.94
N ASN B 350 -19.79 -6.82 16.86
CA ASN B 350 -18.61 -7.23 17.60
C ASN B 350 -17.83 -5.96 17.98
N CYS B 351 -18.54 -4.83 18.01
CA CYS B 351 -17.96 -3.53 18.36
C CYS B 351 -19.04 -2.46 18.60
N LEU B 352 -18.78 -1.59 19.57
CA LEU B 352 -19.68 -0.52 19.94
C LEU B 352 -19.12 0.84 19.57
N LEU B 353 -19.94 1.69 18.96
CA LEU B 353 -19.52 3.03 18.60
C LEU B 353 -20.01 3.85 19.77
N LEU B 354 -19.08 4.30 20.61
CA LEU B 354 -19.43 5.05 21.82
C LEU B 354 -19.53 6.57 21.59
N LYS B 355 -20.75 7.10 21.65
CA LYS B 355 -21.00 8.55 21.52
C LYS B 355 -21.46 9.00 22.90
N VAL B 356 -20.55 9.58 23.65
CA VAL B 356 -20.82 10.00 25.03
C VAL B 356 -22.06 10.92 25.23
N ASN B 357 -22.37 11.82 24.29
CA ASN B 357 -23.55 12.69 24.48
C ASN B 357 -24.85 11.98 24.08
N GLN B 358 -24.72 10.78 23.54
CA GLN B 358 -25.88 10.01 23.10
C GLN B 358 -26.47 9.24 24.28
N ILE B 359 -25.64 8.97 25.29
CA ILE B 359 -26.08 8.25 26.48
C ILE B 359 -26.33 9.24 27.63
N GLY B 360 -25.66 10.38 27.63
CA GLY B 360 -25.89 11.41 28.66
C GLY B 360 -24.87 11.73 29.74
N SER B 361 -24.20 10.72 30.29
CA SER B 361 -23.22 10.98 31.35
C SER B 361 -21.96 10.17 31.17
N VAL B 362 -20.91 10.56 31.89
CA VAL B 362 -19.64 9.87 31.82
C VAL B 362 -19.79 8.48 32.46
N THR B 363 -20.48 8.42 33.59
CA THR B 363 -20.70 7.15 34.32
C THR B 363 -21.38 6.11 33.42
N GLU B 364 -22.46 6.50 32.76
CA GLU B 364 -23.17 5.59 31.86
C GLU B 364 -22.31 5.25 30.64
N ALA B 365 -21.52 6.22 30.18
CA ALA B 365 -20.65 5.98 29.05
C ALA B 365 -19.65 4.90 29.43
N ILE B 366 -19.17 4.94 30.67
CA ILE B 366 -18.21 3.96 31.15
C ILE B 366 -18.78 2.55 31.25
N GLU B 367 -19.96 2.37 31.86
CA GLU B 367 -20.52 1.02 31.97
C GLU B 367 -20.86 0.45 30.59
N ALA B 368 -21.19 1.33 29.66
CA ALA B 368 -21.51 0.91 28.30
C ALA B 368 -20.23 0.32 27.68
N CYS B 369 -19.12 1.02 27.88
CA CYS B 369 -17.84 0.57 27.36
C CYS B 369 -17.42 -0.72 28.04
N LEU B 370 -17.57 -0.78 29.36
CA LEU B 370 -17.20 -1.96 30.13
C LEU B 370 -18.04 -3.16 29.76
N LEU B 371 -19.31 -2.94 29.44
CA LEU B 371 -20.22 -4.02 29.07
C LEU B 371 -19.77 -4.65 27.75
N ALA B 372 -19.37 -3.81 26.81
CA ALA B 372 -18.91 -4.26 25.50
C ALA B 372 -17.61 -5.05 25.61
N GLN B 373 -16.63 -4.44 26.25
CA GLN B 373 -15.30 -5.04 26.43
C GLN B 373 -15.25 -6.41 27.10
N LYS B 374 -16.09 -6.63 28.10
CA LYS B 374 -16.09 -7.90 28.80
C LYS B 374 -16.93 -8.96 28.08
N SER B 375 -17.54 -8.59 26.95
CA SER B 375 -18.37 -9.51 26.17
C SER B 375 -17.76 -9.82 24.80
N GLY B 376 -16.44 -9.60 24.64
CA GLY B 376 -15.73 -9.87 23.39
C GLY B 376 -15.85 -8.83 22.28
N TRP B 377 -16.38 -7.66 22.61
CA TRP B 377 -16.56 -6.58 21.66
C TRP B 377 -15.51 -5.51 21.82
N GLY B 378 -15.32 -4.74 20.76
CA GLY B 378 -14.39 -3.63 20.79
C GLY B 378 -15.24 -2.41 21.10
N VAL B 379 -14.57 -1.28 21.32
CA VAL B 379 -15.26 -0.04 21.58
C VAL B 379 -14.50 1.03 20.83
N GLN B 380 -15.20 1.79 20.01
CA GLN B 380 -14.60 2.87 19.23
C GLN B 380 -15.25 4.19 19.63
N VAL B 381 -14.50 5.01 20.35
CA VAL B 381 -14.98 6.33 20.77
C VAL B 381 -15.22 7.15 19.50
N SER B 382 -16.34 7.86 19.45
CA SER B 382 -16.68 8.65 18.27
C SER B 382 -17.01 10.10 18.56
N HIS B 383 -16.76 10.92 17.54
CA HIS B 383 -17.03 12.34 17.53
C HIS B 383 -18.47 12.51 17.05
N ARG B 384 -18.93 13.74 16.94
CA ARG B 384 -20.28 14.02 16.44
C ARG B 384 -20.11 14.94 15.25
N SER B 385 -21.16 15.08 14.44
CA SER B 385 -21.09 15.94 13.28
C SER B 385 -20.87 17.39 13.72
N GLY B 386 -21.43 17.74 14.87
CA GLY B 386 -21.29 19.08 15.42
C GLY B 386 -20.40 19.03 16.66
N GLU B 387 -19.10 19.23 16.46
CA GLU B 387 -18.13 19.23 17.55
C GLU B 387 -17.78 20.62 18.07
N THR B 388 -16.96 20.64 19.12
CA THR B 388 -16.52 21.88 19.73
C THR B 388 -15.01 21.76 19.89
N GLU B 389 -14.39 22.79 20.43
CA GLU B 389 -12.94 22.79 20.64
C GLU B 389 -12.55 22.03 21.92
N ASP B 390 -13.47 21.20 22.43
CA ASP B 390 -13.23 20.42 23.64
C ASP B 390 -12.65 19.07 23.21
N SER B 391 -11.51 18.70 23.80
CA SER B 391 -10.81 17.45 23.48
C SER B 391 -11.07 16.31 24.47
N PHE B 392 -12.19 16.38 25.18
CA PHE B 392 -12.54 15.38 26.18
C PHE B 392 -12.48 13.92 25.74
N ILE B 393 -13.00 13.61 24.55
CA ILE B 393 -13.00 12.20 24.09
C ILE B 393 -11.60 11.66 23.85
N ALA B 394 -10.61 12.55 23.76
CA ALA B 394 -9.23 12.10 23.57
C ALA B 394 -8.78 11.40 24.84
N ASP B 395 -9.07 12.02 25.99
CA ASP B 395 -8.69 11.42 27.26
C ASP B 395 -9.59 10.23 27.61
N LEU B 396 -10.84 10.28 27.15
CA LEU B 396 -11.79 9.21 27.41
C LEU B 396 -11.33 7.89 26.77
N VAL B 397 -10.99 7.94 25.50
CA VAL B 397 -10.55 6.74 24.80
C VAL B 397 -9.24 6.18 25.39
N VAL B 398 -8.37 7.04 25.89
CA VAL B 398 -7.13 6.57 26.50
C VAL B 398 -7.42 5.95 27.86
N GLY B 399 -8.26 6.63 28.65
CA GLY B 399 -8.64 6.16 29.97
C GLY B 399 -9.39 4.85 29.93
N LEU B 400 -10.26 4.69 28.93
CA LEU B 400 -11.04 3.47 28.80
C LEU B 400 -10.24 2.34 28.15
N ARG B 401 -9.07 2.67 27.61
CA ARG B 401 -8.19 1.70 27.00
C ARG B 401 -8.91 0.96 25.86
N CYS B 402 -9.65 1.72 25.06
CA CYS B 402 -10.41 1.17 23.95
C CYS B 402 -9.54 0.68 22.82
N GLY B 403 -8.59 1.51 22.40
CA GLY B 403 -7.68 1.15 21.31
C GLY B 403 -8.07 1.66 19.93
N GLN B 404 -9.19 2.38 19.84
CA GLN B 404 -9.66 2.92 18.55
C GLN B 404 -10.58 4.13 18.70
N ILE B 405 -10.40 5.11 17.83
CA ILE B 405 -11.20 6.34 17.87
C ILE B 405 -11.39 7.01 16.53
N LYS B 406 -12.62 7.46 16.24
CA LYS B 406 -12.83 8.19 14.99
C LYS B 406 -13.22 9.60 15.44
N SER B 407 -12.50 10.60 14.94
CA SER B 407 -12.78 11.98 15.31
C SER B 407 -12.59 12.93 14.14
N GLY B 408 -13.00 12.48 12.95
CA GLY B 408 -12.92 13.27 11.75
C GLY B 408 -11.59 13.18 11.03
N SER B 409 -11.54 13.83 9.86
CA SER B 409 -10.36 13.88 9.05
C SER B 409 -9.34 14.73 9.78
N PRO B 410 -8.08 14.67 9.34
CA PRO B 410 -7.08 15.51 9.98
C PRO B 410 -7.22 16.91 9.40
N CYS B 411 -8.45 17.43 9.45
CA CYS B 411 -8.78 18.74 8.91
C CYS B 411 -9.95 19.31 9.71
N ARG B 412 -9.90 20.61 9.99
CA ARG B 412 -10.91 21.32 10.80
C ARG B 412 -10.49 21.10 12.25
N SER B 413 -10.18 22.18 12.96
CA SER B 413 -9.70 22.06 14.34
C SER B 413 -10.61 21.40 15.37
N GLU B 414 -11.91 21.25 15.11
CA GLU B 414 -12.73 20.55 16.09
C GLU B 414 -12.35 19.07 16.03
N ARG B 415 -11.63 18.68 14.97
CA ARG B 415 -11.19 17.32 14.78
C ARG B 415 -9.74 17.20 15.25
N LEU B 416 -8.88 18.06 14.71
CA LEU B 416 -7.46 18.07 15.07
C LEU B 416 -7.31 18.33 16.56
N CYS B 417 -8.30 19.00 17.13
CA CYS B 417 -8.37 19.27 18.54
C CYS B 417 -8.14 17.96 19.32
N LYS B 418 -8.85 16.90 18.92
CA LYS B 418 -8.72 15.60 19.58
C LYS B 418 -7.40 14.90 19.26
N TYR B 419 -7.02 14.90 17.99
CA TYR B 419 -5.78 14.25 17.59
C TYR B 419 -4.54 14.88 18.24
N ASN B 420 -4.52 16.21 18.30
CA ASN B 420 -3.42 16.90 18.95
C ASN B 420 -3.35 16.53 20.42
N GLN B 421 -4.51 16.33 21.03
CA GLN B 421 -4.58 15.98 22.44
C GLN B 421 -4.00 14.60 22.68
N LEU B 422 -4.24 13.68 21.76
CA LEU B 422 -3.68 12.33 21.90
C LEU B 422 -2.15 12.41 21.85
N MET B 423 -1.61 13.27 20.99
CA MET B 423 -0.15 13.39 20.91
C MET B 423 0.44 13.95 22.20
N ARG B 424 -0.26 14.86 22.88
CA ARG B 424 0.26 15.42 24.13
C ARG B 424 0.26 14.33 25.19
N ILE B 425 -0.81 13.55 25.22
CA ILE B 425 -0.95 12.45 26.17
C ILE B 425 0.16 11.43 25.98
N GLU B 426 0.51 11.20 24.72
CA GLU B 426 1.57 10.25 24.40
C GLU B 426 2.90 10.77 24.92
N GLU B 427 3.15 12.07 24.79
CA GLU B 427 4.38 12.64 25.31
C GLU B 427 4.45 12.49 26.81
N SER B 428 3.36 12.91 27.48
CA SER B 428 3.26 12.84 28.94
C SER B 428 3.61 11.46 29.47
N LEU B 429 2.95 10.43 28.93
CA LEU B 429 3.19 9.05 29.35
C LEU B 429 4.58 8.54 28.99
N GLY B 430 5.18 9.11 27.96
CA GLY B 430 6.51 8.71 27.53
C GLY B 430 6.61 7.23 27.26
N ALA B 431 7.67 6.62 27.78
CA ALA B 431 7.91 5.19 27.59
C ALA B 431 6.93 4.33 28.39
N ASP B 432 5.91 4.97 28.97
CA ASP B 432 4.94 4.28 29.78
C ASP B 432 3.55 4.13 29.09
N CYS B 433 3.57 3.82 27.80
CA CYS B 433 2.32 3.61 27.04
C CYS B 433 2.65 2.85 25.76
N VAL B 434 1.62 2.29 25.12
CA VAL B 434 1.80 1.54 23.86
C VAL B 434 0.71 1.90 22.87
N TYR B 435 0.99 1.65 21.59
CA TYR B 435 0.05 1.93 20.54
C TYR B 435 -0.73 0.65 20.24
N ALA B 436 -2.06 0.76 20.21
CA ALA B 436 -2.94 -0.37 19.93
C ALA B 436 -2.55 -1.11 18.65
N GLY B 437 -2.16 -0.36 17.63
CA GLY B 437 -1.77 -0.95 16.35
C GLY B 437 -2.68 -2.08 15.90
N GLU B 438 -2.06 -3.19 15.50
CA GLU B 438 -2.76 -4.39 15.04
C GLU B 438 -3.83 -4.87 16.01
N SER B 439 -3.68 -4.54 17.30
CA SER B 439 -4.62 -4.98 18.33
C SER B 439 -5.75 -3.98 18.66
N PHE B 440 -6.06 -3.05 17.77
CA PHE B 440 -7.10 -2.05 18.05
C PHE B 440 -8.48 -2.59 18.47
N ARG B 441 -8.81 -3.82 18.09
CA ARG B 441 -10.11 -4.39 18.47
C ARG B 441 -10.18 -4.79 19.92
N HIS B 442 -9.04 -5.20 20.47
CA HIS B 442 -8.93 -5.63 21.86
C HIS B 442 -7.45 -5.53 22.24
N PRO B 443 -7.04 -4.40 22.84
CA PRO B 443 -5.66 -4.20 23.22
C PRO B 443 -5.08 -5.28 24.11
N LYS B 444 -3.86 -5.70 23.78
CA LYS B 444 -3.17 -6.74 24.53
C LYS B 444 -3.02 -6.26 25.95
N ARG B 445 -2.97 -7.20 26.89
CA ARG B 445 -2.83 -6.84 28.27
C ARG B 445 -1.37 -6.62 28.62
N SER B 446 -1.16 -5.99 29.76
CA SER B 446 0.17 -5.75 30.29
C SER B 446 0.40 -6.91 31.26
N HIS B 447 1.65 -7.26 31.55
CA HIS B 447 1.93 -8.37 32.44
C HIS B 447 2.91 -7.98 33.55
N MET C 1 23.40 13.21 7.61
CA MET C 1 24.61 14.02 7.23
C MET C 1 25.69 13.09 6.65
N VAL C 2 26.07 13.34 5.41
CA VAL C 2 27.09 12.54 4.74
C VAL C 2 28.29 13.41 4.40
N VAL C 3 29.35 12.78 3.91
CA VAL C 3 30.56 13.51 3.52
C VAL C 3 31.10 12.96 2.20
N ILE C 4 31.94 13.76 1.55
CA ILE C 4 32.54 13.36 0.29
C ILE C 4 33.65 12.34 0.53
N LYS C 5 33.46 11.14 -0.02
CA LYS C 5 34.43 10.08 0.12
C LYS C 5 35.36 9.97 -1.08
N ASP C 6 34.93 10.48 -2.23
CA ASP C 6 35.77 10.40 -3.43
C ASP C 6 35.19 11.25 -4.59
N ILE C 7 36.07 11.68 -5.48
CA ILE C 7 35.69 12.46 -6.66
C ILE C 7 36.57 12.02 -7.83
N VAL C 8 35.95 11.59 -8.93
CA VAL C 8 36.69 11.15 -10.11
C VAL C 8 36.06 11.75 -11.35
N ALA C 9 36.89 11.96 -12.37
CA ALA C 9 36.42 12.53 -13.63
C ALA C 9 36.88 11.67 -14.78
N ARG C 10 36.18 11.80 -15.90
CA ARG C 10 36.51 11.07 -17.11
C ARG C 10 36.15 11.96 -18.29
N GLU C 11 36.57 11.52 -19.46
CA GLU C 11 36.34 12.24 -20.70
C GLU C 11 35.29 11.51 -21.52
N ILE C 12 34.12 12.14 -21.71
CA ILE C 12 33.06 11.56 -22.53
C ILE C 12 32.84 12.50 -23.72
N LEU C 13 32.02 12.08 -24.68
CA LEU C 13 31.73 12.91 -25.83
C LEU C 13 30.39 13.63 -25.70
N ASP C 14 30.36 14.90 -26.13
CA ASP C 14 29.14 15.69 -26.09
C ASP C 14 28.34 15.38 -27.35
N SER C 15 27.22 16.06 -27.55
CA SER C 15 26.34 15.82 -28.70
C SER C 15 26.96 16.10 -30.07
N ARG C 16 28.05 16.86 -30.11
CA ARG C 16 28.70 17.16 -31.40
C ARG C 16 29.88 16.24 -31.67
N GLY C 17 30.15 15.34 -30.73
CA GLY C 17 31.25 14.38 -30.87
C GLY C 17 32.57 14.89 -30.32
N ASN C 18 32.51 15.99 -29.56
CA ASN C 18 33.68 16.58 -28.95
C ASN C 18 33.73 16.22 -27.48
N PRO C 19 34.93 15.96 -26.96
CA PRO C 19 35.03 15.58 -25.56
C PRO C 19 34.58 16.64 -24.57
N THR C 20 34.03 16.17 -23.46
CA THR C 20 33.63 17.05 -22.38
C THR C 20 33.96 16.26 -21.12
N ILE C 21 33.91 16.93 -19.97
CA ILE C 21 34.25 16.30 -18.72
C ILE C 21 32.99 15.80 -17.98
N GLU C 22 33.13 14.68 -17.29
CA GLU C 22 32.03 14.10 -16.53
C GLU C 22 32.63 13.84 -15.16
N VAL C 23 31.90 14.16 -14.10
CA VAL C 23 32.42 13.96 -12.77
C VAL C 23 31.49 13.12 -11.91
N ASP C 24 32.08 12.28 -11.08
CA ASP C 24 31.36 11.43 -10.14
C ASP C 24 31.82 11.81 -8.74
N VAL C 25 30.87 12.14 -7.87
CA VAL C 25 31.17 12.49 -6.49
C VAL C 25 30.55 11.40 -5.63
N SER C 26 31.37 10.72 -4.82
CA SER C 26 30.87 9.65 -3.98
C SER C 26 30.74 10.01 -2.51
N THR C 27 29.70 9.47 -1.88
CA THR C 27 29.42 9.67 -0.48
C THR C 27 28.88 8.34 0.02
N GLU C 28 28.56 8.23 1.30
CA GLU C 28 28.00 6.98 1.80
C GLU C 28 26.58 6.80 1.30
N GLY C 29 26.07 7.80 0.59
CA GLY C 29 24.72 7.76 0.03
C GLY C 29 24.73 7.14 -1.37
N GLY C 30 25.89 7.11 -2.02
CA GLY C 30 26.02 6.55 -3.36
C GLY C 30 26.96 7.35 -4.26
N VAL C 31 26.85 7.14 -5.57
CA VAL C 31 27.69 7.86 -6.54
C VAL C 31 26.82 8.85 -7.31
N PHE C 32 27.30 10.09 -7.45
CA PHE C 32 26.53 11.14 -8.14
C PHE C 32 27.28 11.70 -9.34
N ARG C 33 26.66 11.58 -10.51
CA ARG C 33 27.27 11.97 -11.76
C ARG C 33 26.81 13.32 -12.29
N ALA C 34 27.69 13.98 -13.04
CA ALA C 34 27.40 15.29 -13.63
C ALA C 34 28.28 15.48 -14.86
N ALA C 35 27.65 15.82 -15.99
CA ALA C 35 28.35 16.07 -17.24
C ALA C 35 28.20 17.54 -17.59
N VAL C 36 29.27 18.13 -18.14
CA VAL C 36 29.27 19.55 -18.50
C VAL C 36 29.10 19.76 -20.01
N PRO C 37 28.38 20.82 -20.42
CA PRO C 37 28.19 21.11 -21.84
C PRO C 37 29.31 21.99 -22.38
N SER C 38 29.24 22.35 -23.66
CA SER C 38 30.29 23.20 -24.27
C SER C 38 30.23 24.63 -23.77
N GLY C 39 31.39 25.27 -23.80
CA GLY C 39 31.53 26.66 -23.37
C GLY C 39 32.52 27.40 -24.23
N ALA C 40 33.38 28.20 -23.60
CA ALA C 40 34.37 28.97 -24.32
C ALA C 40 35.72 28.84 -23.62
N SER C 41 36.78 28.63 -24.39
CA SER C 41 38.11 28.50 -23.82
C SER C 41 38.85 29.85 -23.79
N THR C 42 38.28 30.86 -24.47
CA THR C 42 38.89 32.19 -24.51
C THR C 42 37.83 33.27 -24.31
N GLY C 43 38.19 34.35 -23.62
CA GLY C 43 37.25 35.44 -23.36
C GLY C 43 37.61 36.33 -22.17
N ILE C 44 36.69 37.25 -21.85
CA ILE C 44 36.87 38.21 -20.75
C ILE C 44 35.74 38.25 -19.72
N TYR C 45 34.51 37.95 -20.14
CA TYR C 45 33.38 38.00 -19.22
C TYR C 45 32.92 36.63 -18.73
N GLU C 46 33.20 35.60 -19.53
CA GLU C 46 32.79 34.23 -19.23
C GLU C 46 33.76 33.43 -18.37
N ALA C 47 33.26 32.29 -17.88
CA ALA C 47 34.04 31.35 -17.10
C ALA C 47 34.68 30.57 -18.23
N LEU C 48 35.97 30.28 -18.15
CA LEU C 48 36.63 29.59 -19.26
C LEU C 48 36.90 28.10 -19.09
N GLU C 49 36.67 27.33 -20.15
CA GLU C 49 36.93 25.91 -20.16
C GLU C 49 38.41 25.66 -20.24
N LEU C 50 38.82 24.49 -19.79
CA LEU C 50 40.21 24.12 -19.85
C LEU C 50 40.24 23.01 -20.90
N ARG C 51 40.74 23.36 -22.09
CA ARG C 51 40.89 22.43 -23.20
C ARG C 51 42.38 22.10 -23.25
N ASP C 52 42.71 20.96 -23.83
CA ASP C 52 44.10 20.53 -23.93
C ASP C 52 44.85 21.20 -25.08
N LYS C 53 44.14 21.76 -26.05
CA LYS C 53 44.80 22.40 -27.19
C LYS C 53 45.87 21.52 -27.85
N ASP C 54 45.60 20.23 -27.95
CA ASP C 54 46.55 19.30 -28.59
C ASP C 54 45.99 18.98 -29.97
N PRO C 55 46.51 19.65 -31.01
CA PRO C 55 46.03 19.44 -32.38
C PRO C 55 45.98 17.98 -32.81
N LYS C 56 46.90 17.14 -32.33
CA LYS C 56 46.93 15.72 -32.71
C LYS C 56 45.93 14.81 -31.99
N ARG C 57 45.12 15.36 -31.09
CA ARG C 57 44.14 14.54 -30.36
C ARG C 57 42.80 15.29 -30.22
N TYR C 58 41.74 14.73 -30.81
CA TYR C 58 40.41 15.36 -30.80
C TYR C 58 40.40 16.77 -31.35
N LEU C 59 41.25 17.03 -32.33
CA LEU C 59 41.31 18.33 -32.97
C LEU C 59 41.50 19.48 -31.97
N GLY C 60 42.27 19.20 -30.91
CA GLY C 60 42.56 20.19 -29.87
C GLY C 60 41.49 20.39 -28.81
N LYS C 61 40.45 19.57 -28.82
CA LYS C 61 39.37 19.71 -27.84
C LYS C 61 39.35 18.71 -26.68
N GLY C 62 40.46 18.02 -26.44
CA GLY C 62 40.52 17.05 -25.36
C GLY C 62 40.37 17.75 -24.01
N VAL C 63 40.03 16.98 -22.98
CA VAL C 63 39.86 17.53 -21.63
C VAL C 63 40.60 16.69 -20.58
N LEU C 64 41.73 16.10 -20.98
CA LEU C 64 42.53 15.27 -20.06
C LEU C 64 43.08 16.09 -18.91
N ASN C 65 43.48 17.33 -19.19
CA ASN C 65 43.99 18.21 -18.14
C ASN C 65 42.92 18.50 -17.10
N ALA C 66 41.70 18.78 -17.55
CA ALA C 66 40.61 19.05 -16.64
C ALA C 66 40.42 17.82 -15.75
N VAL C 67 40.42 16.64 -16.36
CA VAL C 67 40.27 15.37 -15.65
C VAL C 67 41.35 15.22 -14.57
N GLU C 68 42.58 15.63 -14.88
CA GLU C 68 43.69 15.59 -13.92
C GLU C 68 43.50 16.56 -12.79
N ILE C 69 43.14 17.80 -13.15
CA ILE C 69 42.90 18.86 -12.18
C ILE C 69 41.95 18.34 -11.10
N VAL C 70 40.87 17.71 -11.52
CA VAL C 70 39.90 17.16 -10.60
C VAL C 70 40.56 16.18 -9.61
N ARG C 71 41.42 15.31 -10.11
CA ARG C 71 42.07 14.33 -9.24
C ARG C 71 43.16 14.91 -8.32
N GLN C 72 44.03 15.76 -8.88
CA GLN C 72 45.14 16.34 -8.12
C GLN C 72 44.91 17.61 -7.28
N GLU C 73 44.07 18.53 -7.74
CA GLU C 73 43.81 19.77 -6.97
C GLU C 73 42.48 19.83 -6.22
N ILE C 74 41.40 19.49 -6.90
CA ILE C 74 40.07 19.55 -6.30
C ILE C 74 39.69 18.43 -5.32
N LYS C 75 40.01 17.18 -5.68
CA LYS C 75 39.63 16.03 -4.85
C LYS C 75 40.21 16.07 -3.43
N PRO C 76 41.53 16.33 -3.29
CA PRO C 76 42.07 16.41 -1.94
C PRO C 76 41.46 17.53 -1.08
N ALA C 77 41.05 18.62 -1.74
CA ALA C 77 40.47 19.77 -1.04
C ALA C 77 39.01 19.57 -0.61
N LEU C 78 38.34 18.56 -1.15
CA LEU C 78 36.94 18.34 -0.80
C LEU C 78 36.64 17.07 0.00
N LEU C 79 37.61 16.14 0.08
CA LEU C 79 37.39 14.92 0.85
C LEU C 79 36.96 15.25 2.28
N GLY C 80 35.97 14.52 2.77
CA GLY C 80 35.48 14.72 4.13
C GLY C 80 34.49 15.85 4.32
N LYS C 81 34.36 16.72 3.34
CA LYS C 81 33.43 17.83 3.45
C LYS C 81 31.99 17.45 3.12
N ASP C 82 31.05 18.16 3.75
CA ASP C 82 29.62 17.95 3.58
C ASP C 82 29.22 18.52 2.21
N PRO C 83 28.64 17.67 1.33
CA PRO C 83 28.23 18.13 0.00
C PRO C 83 27.10 19.14 -0.02
N CYS C 84 26.40 19.31 1.10
CA CYS C 84 25.30 20.27 1.16
C CYS C 84 25.77 21.71 1.23
N ASP C 85 27.03 21.92 1.61
CA ASP C 85 27.57 23.26 1.69
C ASP C 85 27.94 23.69 0.28
N GLN C 86 26.92 23.92 -0.53
CA GLN C 86 27.09 24.30 -1.93
C GLN C 86 27.88 25.59 -2.09
N LYS C 87 27.53 26.61 -1.31
CA LYS C 87 28.22 27.89 -1.41
C LYS C 87 29.68 27.77 -0.94
N GLY C 88 29.88 26.97 0.10
CA GLY C 88 31.23 26.76 0.64
C GLY C 88 32.14 26.07 -0.34
N ILE C 89 31.61 25.06 -1.02
CA ILE C 89 32.40 24.31 -2.00
C ILE C 89 32.66 25.12 -3.27
N ASP C 90 31.64 25.80 -3.78
CA ASP C 90 31.82 26.60 -4.99
C ASP C 90 32.87 27.69 -4.79
N MET C 91 32.76 28.47 -3.71
CA MET C 91 33.76 29.52 -3.43
C MET C 91 35.14 28.97 -3.17
N LEU C 92 35.21 27.81 -2.51
CA LEU C 92 36.51 27.20 -2.23
C LEU C 92 37.23 26.96 -3.56
N MET C 93 36.53 26.38 -4.52
CA MET C 93 37.10 26.10 -5.83
C MET C 93 37.39 27.36 -6.66
N VAL C 94 36.42 28.26 -6.72
CA VAL C 94 36.57 29.49 -7.51
C VAL C 94 37.55 30.53 -6.96
N GLU C 95 37.37 30.91 -5.69
CA GLU C 95 38.20 31.94 -5.07
C GLU C 95 39.51 31.46 -4.44
N GLN C 96 39.55 30.24 -3.93
CA GLN C 96 40.77 29.74 -3.28
C GLN C 96 41.61 28.85 -4.19
N LEU C 97 41.15 27.63 -4.44
CA LEU C 97 41.89 26.69 -5.29
C LEU C 97 42.24 27.26 -6.67
N ASP C 98 41.39 28.12 -7.21
CA ASP C 98 41.68 28.73 -8.50
C ASP C 98 42.10 30.19 -8.32
N GLY C 99 41.15 31.05 -8.00
CA GLY C 99 41.43 32.47 -7.77
C GLY C 99 41.69 33.34 -8.98
N THR C 100 41.68 32.77 -10.18
CA THR C 100 41.92 33.55 -11.39
C THR C 100 40.78 34.53 -11.60
N LYS C 101 41.11 35.79 -11.91
CA LYS C 101 40.10 36.81 -12.11
C LYS C 101 40.57 38.02 -12.90
N ASN C 102 39.60 38.87 -13.27
CA ASN C 102 39.86 40.10 -14.00
C ASN C 102 38.90 41.17 -13.45
N GLU C 103 38.72 42.28 -14.17
CA GLU C 103 37.85 43.37 -13.70
C GLU C 103 36.37 42.96 -13.63
N TRP C 104 35.98 41.98 -14.43
CA TRP C 104 34.59 41.53 -14.49
C TRP C 104 34.25 40.28 -13.65
N GLY C 105 35.17 39.86 -12.78
CA GLY C 105 34.93 38.70 -11.92
C GLY C 105 35.90 37.55 -12.14
N TYR C 106 35.65 36.45 -11.43
CA TYR C 106 36.49 35.25 -11.53
C TYR C 106 36.26 34.51 -12.87
N SER C 107 37.37 34.23 -13.58
CA SER C 107 37.31 33.55 -14.88
C SER C 107 37.44 32.03 -14.76
N LYS C 108 38.08 31.56 -13.70
CA LYS C 108 38.23 30.12 -13.48
C LYS C 108 39.05 29.37 -14.55
N SER C 109 39.92 30.10 -15.24
CA SER C 109 40.75 29.54 -16.31
C SER C 109 41.89 28.63 -15.87
N LYS C 110 42.30 28.72 -14.60
CA LYS C 110 43.39 27.88 -14.08
C LYS C 110 42.95 26.43 -13.92
N LEU C 111 41.81 26.22 -13.26
CA LEU C 111 41.27 24.87 -13.05
C LEU C 111 40.34 24.49 -14.20
N GLY C 112 39.64 25.47 -14.75
CA GLY C 112 38.70 25.27 -15.83
C GLY C 112 37.28 25.32 -15.32
N ALA C 113 36.44 26.10 -16.00
CA ALA C 113 35.05 26.22 -15.61
C ALA C 113 34.38 24.86 -15.75
N ASN C 114 34.90 24.03 -16.66
CA ASN C 114 34.34 22.70 -16.88
C ASN C 114 34.62 21.75 -15.70
N ALA C 115 35.83 21.79 -15.14
CA ALA C 115 36.16 20.94 -14.01
C ALA C 115 35.35 21.36 -12.78
N ILE C 116 35.30 22.66 -12.54
CA ILE C 116 34.58 23.21 -11.40
C ILE C 116 33.08 22.97 -11.46
N LEU C 117 32.46 23.29 -12.58
CA LEU C 117 31.02 23.11 -12.72
C LEU C 117 30.64 21.63 -12.60
N GLY C 118 31.48 20.75 -13.14
CA GLY C 118 31.23 19.31 -13.05
C GLY C 118 31.10 18.90 -11.61
N VAL C 119 32.06 19.35 -10.79
CA VAL C 119 32.07 19.05 -9.37
C VAL C 119 30.89 19.75 -8.70
N SER C 120 30.69 21.03 -9.03
CA SER C 120 29.61 21.82 -8.46
C SER C 120 28.24 21.13 -8.62
N ILE C 121 27.99 20.58 -9.80
CA ILE C 121 26.71 19.91 -10.07
C ILE C 121 26.66 18.55 -9.38
N ALA C 122 27.74 17.79 -9.44
CA ALA C 122 27.78 16.47 -8.80
C ALA C 122 27.50 16.59 -7.29
N CYS C 123 28.09 17.60 -6.64
CA CYS C 123 27.88 17.82 -5.21
C CYS C 123 26.44 18.23 -4.94
N CYS C 124 25.87 19.02 -5.86
CA CYS C 124 24.50 19.46 -5.70
C CYS C 124 23.60 18.23 -5.65
N ARG C 125 23.82 17.29 -6.55
CA ARG C 125 23.04 16.05 -6.57
C ARG C 125 23.30 15.23 -5.31
N ALA C 126 24.56 15.16 -4.89
CA ALA C 126 24.92 14.42 -3.69
C ALA C 126 24.24 15.07 -2.49
N GLY C 127 24.14 16.40 -2.51
CA GLY C 127 23.50 17.14 -1.43
C GLY C 127 22.01 16.85 -1.39
N ALA C 128 21.38 16.86 -2.55
CA ALA C 128 19.95 16.59 -2.64
C ALA C 128 19.64 15.18 -2.08
N ALA C 129 20.49 14.21 -2.37
CA ALA C 129 20.28 12.85 -1.88
C ALA C 129 20.46 12.80 -0.37
N SER C 130 21.42 13.58 0.12
CA SER C 130 21.71 13.65 1.55
C SER C 130 20.48 14.12 2.31
N LYS C 131 19.83 15.15 1.77
CA LYS C 131 18.61 15.72 2.36
C LYS C 131 17.36 14.90 2.08
N GLY C 132 17.42 14.02 1.07
CA GLY C 132 16.28 13.20 0.69
C GLY C 132 15.34 13.94 -0.26
N LEU C 133 15.77 15.10 -0.74
CA LEU C 133 14.99 15.92 -1.65
C LEU C 133 15.30 15.63 -3.13
N PRO C 134 14.27 15.70 -3.99
CA PRO C 134 14.55 15.53 -5.42
C PRO C 134 15.35 16.76 -5.83
N LEU C 135 16.22 16.61 -6.82
CA LEU C 135 17.08 17.72 -7.27
C LEU C 135 16.36 19.06 -7.45
N TYR C 136 15.24 19.06 -8.15
CA TYR C 136 14.49 20.30 -8.37
C TYR C 136 14.12 21.02 -7.08
N LYS C 137 13.71 20.28 -6.06
CA LYS C 137 13.35 20.91 -4.79
C LYS C 137 14.60 21.36 -4.03
N TYR C 138 15.66 20.56 -4.07
CA TYR C 138 16.89 20.92 -3.38
C TYR C 138 17.42 22.26 -3.91
N ILE C 139 17.35 22.44 -5.22
CA ILE C 139 17.81 23.70 -5.84
C ILE C 139 16.98 24.89 -5.33
N ALA C 140 15.69 24.68 -5.12
CA ALA C 140 14.81 25.74 -4.63
C ALA C 140 15.22 26.13 -3.20
N THR C 141 15.57 25.14 -2.38
CA THR C 141 15.98 25.43 -1.00
C THR C 141 17.25 26.27 -0.99
N LEU C 142 18.14 26.02 -1.96
CA LEU C 142 19.39 26.77 -2.08
C LEU C 142 19.14 28.20 -2.52
N ALA C 143 18.07 28.42 -3.28
CA ALA C 143 17.73 29.74 -3.77
C ALA C 143 16.72 30.45 -2.89
N GLY C 144 16.29 29.81 -1.80
CA GLY C 144 15.30 30.40 -0.90
C GLY C 144 13.92 30.50 -1.52
N LYS C 145 13.60 29.57 -2.42
CA LYS C 145 12.30 29.57 -3.09
C LYS C 145 11.40 28.41 -2.66
N THR C 146 10.11 28.56 -2.94
CA THR C 146 9.08 27.59 -2.57
C THR C 146 9.27 26.19 -3.18
N ILE C 147 8.92 25.18 -2.38
CA ILE C 147 8.99 23.78 -2.80
C ILE C 147 7.59 23.18 -2.73
N ASP C 148 6.58 24.06 -2.62
CA ASP C 148 5.20 23.62 -2.51
C ASP C 148 4.36 24.03 -3.74
N LYS C 149 4.48 25.30 -4.14
CA LYS C 149 3.75 25.83 -5.28
C LYS C 149 4.77 26.01 -6.42
N MET C 150 5.24 24.91 -6.99
CA MET C 150 6.25 24.99 -8.04
C MET C 150 5.67 25.23 -9.45
N VAL C 151 6.51 25.77 -10.34
CA VAL C 151 6.09 26.12 -11.68
C VAL C 151 6.88 25.45 -12.80
N MET C 152 6.16 24.88 -13.75
CA MET C 152 6.77 24.22 -14.90
C MET C 152 6.95 25.31 -15.97
N PRO C 153 8.12 25.32 -16.62
CA PRO C 153 8.39 26.36 -17.60
C PRO C 153 7.79 26.16 -18.99
N VAL C 154 7.73 27.26 -19.72
CA VAL C 154 7.23 27.28 -21.08
C VAL C 154 8.45 26.96 -21.93
N PRO C 155 8.37 25.90 -22.74
CA PRO C 155 9.50 25.52 -23.56
C PRO C 155 9.61 26.30 -24.87
N PHE C 156 10.84 26.70 -25.19
CA PHE C 156 11.14 27.42 -26.42
C PHE C 156 11.91 26.46 -27.29
N PHE C 157 11.28 26.03 -28.38
CA PHE C 157 11.87 25.08 -29.30
C PHE C 157 12.47 25.72 -30.54
N ASN C 158 13.73 25.41 -30.82
CA ASN C 158 14.42 25.93 -31.99
C ASN C 158 13.81 25.21 -33.21
N VAL C 159 13.48 25.95 -34.26
CA VAL C 159 12.88 25.34 -35.46
C VAL C 159 13.55 25.74 -36.77
N ILE C 160 13.92 27.01 -36.91
CA ILE C 160 14.59 27.48 -38.11
C ILE C 160 15.90 28.18 -37.74
N ASN C 161 16.97 27.81 -38.42
CA ASN C 161 18.31 28.35 -38.19
C ASN C 161 18.83 29.26 -39.28
N GLY C 162 19.57 30.28 -38.89
CA GLY C 162 20.16 31.23 -39.83
C GLY C 162 21.49 31.72 -39.31
N GLY C 163 21.95 32.84 -39.84
CA GLY C 163 23.21 33.42 -39.44
C GLY C 163 24.37 32.45 -39.60
N GLU C 164 25.23 32.41 -38.59
CA GLU C 164 26.41 31.53 -38.61
C GLU C 164 26.10 30.03 -38.55
N HIS C 165 24.87 29.65 -38.24
CA HIS C 165 24.53 28.23 -38.18
C HIS C 165 23.91 27.72 -39.49
N ALA C 166 24.06 28.45 -40.59
CA ALA C 166 23.48 28.02 -41.86
C ALA C 166 23.98 28.79 -43.09
N GLY C 167 23.89 28.13 -44.24
CA GLY C 167 24.32 28.70 -45.51
C GLY C 167 23.27 29.54 -46.21
N ASN C 168 22.06 29.54 -45.67
CA ASN C 168 20.97 30.33 -46.25
C ASN C 168 21.26 31.81 -46.09
N GLY C 169 20.42 32.68 -46.63
CA GLY C 169 20.64 34.12 -46.53
C GLY C 169 20.06 34.74 -45.27
N LEU C 170 19.43 33.92 -44.44
CA LEU C 170 18.83 34.40 -43.20
C LEU C 170 19.89 34.88 -42.22
N ALA C 171 19.92 36.20 -41.98
CA ALA C 171 20.89 36.79 -41.06
C ALA C 171 20.63 36.45 -39.60
N LEU C 172 19.35 36.42 -39.19
CA LEU C 172 19.01 36.09 -37.80
C LEU C 172 19.39 34.63 -37.49
N GLN C 173 19.89 34.39 -36.29
CA GLN C 173 20.36 33.06 -35.92
C GLN C 173 19.33 31.97 -35.58
N GLU C 174 18.26 32.29 -34.86
CA GLU C 174 17.29 31.27 -34.48
C GLU C 174 15.84 31.72 -34.42
N PHE C 175 14.95 30.83 -34.82
CA PHE C 175 13.52 31.08 -34.73
C PHE C 175 12.99 29.95 -33.89
N LEU C 176 12.17 30.30 -32.90
CA LEU C 176 11.63 29.32 -32.00
C LEU C 176 10.13 29.46 -31.85
N ILE C 177 9.50 28.39 -31.38
CA ILE C 177 8.06 28.40 -31.13
C ILE C 177 7.89 28.11 -29.63
N ALA C 178 6.95 28.82 -29.01
CA ALA C 178 6.68 28.68 -27.57
C ALA C 178 5.20 28.41 -27.31
N PRO C 179 4.85 27.19 -26.87
CA PRO C 179 3.44 26.83 -26.57
C PRO C 179 2.90 27.46 -25.29
N VAL C 180 2.79 28.78 -25.26
CA VAL C 180 2.30 29.48 -24.07
C VAL C 180 0.84 29.14 -23.74
N GLY C 181 0.08 28.74 -24.75
CA GLY C 181 -1.33 28.41 -24.56
C GLY C 181 -1.66 27.01 -24.08
N ALA C 182 -0.66 26.17 -23.87
CA ALA C 182 -0.90 24.80 -23.41
C ALA C 182 -1.33 24.79 -21.94
N PRO C 183 -2.06 23.74 -21.52
CA PRO C 183 -2.51 23.62 -20.14
C PRO C 183 -1.46 23.06 -19.18
N ASN C 184 -0.42 22.42 -19.71
CA ASN C 184 0.65 21.84 -18.90
C ASN C 184 1.91 21.59 -19.73
N ILE C 185 2.96 21.08 -19.11
CA ILE C 185 4.22 20.87 -19.82
C ILE C 185 4.10 19.66 -20.78
N ARG C 186 3.36 18.62 -20.39
CA ARG C 186 3.18 17.46 -21.28
C ARG C 186 2.59 17.90 -22.61
N GLU C 187 1.52 18.68 -22.54
CA GLU C 187 0.87 19.18 -23.74
C GLU C 187 1.73 20.21 -24.47
N ALA C 188 2.47 21.03 -23.74
CA ALA C 188 3.33 22.01 -24.39
C ALA C 188 4.28 21.25 -25.31
N ILE C 189 4.79 20.13 -24.80
CA ILE C 189 5.71 19.26 -25.53
C ILE C 189 5.03 18.58 -26.72
N ARG C 190 3.76 18.21 -26.57
CA ARG C 190 3.05 17.60 -27.68
C ARG C 190 2.86 18.65 -28.77
N TYR C 191 2.41 19.84 -28.36
CA TYR C 191 2.22 20.97 -29.27
C TYR C 191 3.52 21.23 -30.03
N GLY C 192 4.63 21.26 -29.29
CA GLY C 192 5.94 21.49 -29.89
C GLY C 192 6.27 20.44 -30.92
N SER C 193 6.13 19.18 -30.53
CA SER C 193 6.40 18.06 -31.42
C SER C 193 5.61 18.10 -32.72
N GLU C 194 4.29 18.15 -32.59
CA GLU C 194 3.40 18.17 -33.74
C GLU C 194 3.75 19.31 -34.70
N THR C 195 3.90 20.52 -34.17
CA THR C 195 4.22 21.68 -35.02
C THR C 195 5.57 21.45 -35.73
N TYR C 196 6.56 20.96 -34.99
CA TYR C 196 7.88 20.68 -35.55
C TYR C 196 7.76 19.72 -36.75
N HIS C 197 6.89 18.72 -36.65
CA HIS C 197 6.69 17.78 -37.74
C HIS C 197 5.89 18.40 -38.89
N HIS C 198 4.93 19.26 -38.57
CA HIS C 198 4.20 19.93 -39.65
C HIS C 198 5.15 20.85 -40.41
N LEU C 199 6.08 21.47 -39.68
CA LEU C 199 7.07 22.34 -40.28
C LEU C 199 7.97 21.51 -41.18
N LYS C 200 8.40 20.36 -40.68
CA LYS C 200 9.28 19.44 -41.40
C LYS C 200 8.65 19.01 -42.73
N ASN C 201 7.34 18.74 -42.72
CA ASN C 201 6.65 18.30 -43.93
C ASN C 201 6.63 19.45 -44.93
N VAL C 202 6.27 20.62 -44.44
CA VAL C 202 6.21 21.83 -45.27
C VAL C 202 7.57 22.10 -45.91
N ILE C 203 8.66 21.82 -45.19
CA ILE C 203 10.00 22.03 -45.73
C ILE C 203 10.34 20.97 -46.80
N LYS C 204 9.93 19.72 -46.57
CA LYS C 204 10.20 18.65 -47.53
C LYS C 204 9.48 18.90 -48.86
N ASN C 205 8.24 19.38 -48.78
CA ASN C 205 7.44 19.63 -49.98
C ASN C 205 7.86 20.87 -50.77
N LYS C 206 8.50 21.84 -50.11
CA LYS C 206 8.93 23.06 -50.80
C LYS C 206 10.44 23.14 -51.05
N TYR C 207 11.25 22.57 -50.17
CA TYR C 207 12.70 22.64 -50.34
C TYR C 207 13.36 21.30 -50.65
N GLY C 208 12.66 20.20 -50.44
CA GLY C 208 13.22 18.88 -50.73
C GLY C 208 13.56 18.12 -49.46
N LEU C 209 13.76 16.81 -49.62
CA LEU C 209 14.07 15.92 -48.49
C LEU C 209 15.31 16.34 -47.71
N ASP C 210 16.42 16.57 -48.42
CA ASP C 210 17.68 16.96 -47.78
C ASP C 210 17.58 18.21 -46.88
N ALA C 211 16.60 19.07 -47.13
CA ALA C 211 16.42 20.27 -46.30
C ALA C 211 15.80 19.94 -44.92
N THR C 212 15.48 18.66 -44.69
CA THR C 212 14.92 18.22 -43.40
C THR C 212 16.00 17.75 -42.42
N ASN C 213 17.25 17.68 -42.87
CA ASN C 213 18.35 17.30 -41.99
C ASN C 213 18.47 18.39 -40.94
N VAL C 214 18.92 18.04 -39.75
CA VAL C 214 18.99 19.00 -38.67
C VAL C 214 20.38 19.51 -38.27
N GLY C 215 20.38 20.69 -37.67
CA GLY C 215 21.60 21.32 -37.18
C GLY C 215 21.88 20.81 -35.79
N ASP C 216 22.85 21.42 -35.12
CA ASP C 216 23.26 21.02 -33.77
C ASP C 216 22.18 20.95 -32.69
N GLU C 217 21.17 21.81 -32.80
CA GLU C 217 20.08 21.87 -31.80
C GLU C 217 18.80 21.19 -32.27
N GLY C 218 18.84 20.53 -33.42
CA GLY C 218 17.68 19.82 -33.96
C GLY C 218 16.78 20.61 -34.91
N GLY C 219 17.12 21.88 -35.12
CA GLY C 219 16.33 22.75 -36.02
C GLY C 219 16.66 22.53 -37.48
N PHE C 220 15.84 23.12 -38.36
CA PHE C 220 16.03 22.98 -39.80
C PHE C 220 16.71 24.22 -40.38
N ALA C 221 17.35 24.05 -41.53
CA ALA C 221 18.04 25.16 -42.18
C ALA C 221 17.65 25.31 -43.66
N PRO C 222 16.34 25.48 -43.94
CA PRO C 222 15.92 25.65 -45.32
C PRO C 222 16.59 26.88 -45.92
N ASN C 223 16.84 26.86 -47.22
CA ASN C 223 17.49 27.99 -47.85
C ASN C 223 16.53 29.16 -48.06
N VAL C 224 16.19 29.83 -46.97
CA VAL C 224 15.30 30.98 -47.01
C VAL C 224 16.16 32.24 -47.09
N ALA C 225 15.71 33.25 -47.84
CA ALA C 225 16.50 34.48 -47.99
C ALA C 225 16.29 35.52 -46.88
N THR C 226 15.05 35.64 -46.41
CA THR C 226 14.73 36.64 -45.40
C THR C 226 14.01 36.10 -44.18
N ALA C 227 13.89 36.97 -43.18
CA ALA C 227 13.21 36.66 -41.95
C ALA C 227 11.71 36.51 -42.22
N GLU C 228 11.20 37.29 -43.17
CA GLU C 228 9.77 37.23 -43.53
C GLU C 228 9.38 35.84 -44.02
N GLU C 229 10.24 35.19 -44.81
CA GLU C 229 9.93 33.84 -45.29
C GLU C 229 9.91 32.87 -44.13
N ALA C 230 10.92 32.99 -43.26
CA ALA C 230 11.05 32.14 -42.09
C ALA C 230 9.80 32.22 -41.21
N LEU C 231 9.40 33.44 -40.88
CA LEU C 231 8.22 33.67 -40.06
C LEU C 231 6.97 33.13 -40.74
N ASN C 232 6.88 33.29 -42.06
CA ASN C 232 5.72 32.76 -42.80
C ASN C 232 5.64 31.23 -42.72
N LEU C 233 6.79 30.56 -42.70
CA LEU C 233 6.80 29.10 -42.58
C LEU C 233 6.30 28.67 -41.20
N LEU C 234 6.66 29.42 -40.16
CA LEU C 234 6.22 29.06 -38.82
C LEU C 234 4.73 29.28 -38.68
N VAL C 235 4.25 30.44 -39.16
CA VAL C 235 2.83 30.75 -39.10
C VAL C 235 2.08 29.66 -39.82
N GLU C 236 2.58 29.28 -40.99
CA GLU C 236 1.97 28.23 -41.81
C GLU C 236 1.95 26.90 -41.08
N ALA C 237 3.06 26.57 -40.41
CA ALA C 237 3.18 25.32 -39.65
C ALA C 237 2.24 25.30 -38.46
N ILE C 238 2.12 26.42 -37.76
CA ILE C 238 1.25 26.55 -36.60
C ILE C 238 -0.21 26.34 -36.99
N LYS C 239 -0.58 26.83 -38.16
CA LYS C 239 -1.95 26.66 -38.64
C LYS C 239 -2.20 25.20 -39.00
N ALA C 240 -1.28 24.61 -39.75
CA ALA C 240 -1.41 23.21 -40.14
C ALA C 240 -1.53 22.29 -38.93
N ALA C 241 -0.71 22.55 -37.91
CA ALA C 241 -0.73 21.75 -36.68
C ALA C 241 -2.01 21.96 -35.86
N GLY C 242 -2.74 23.04 -36.16
CA GLY C 242 -3.99 23.37 -35.48
C GLY C 242 -3.82 24.16 -34.19
N TYR C 243 -2.68 24.85 -34.02
CA TYR C 243 -2.43 25.61 -32.79
C TYR C 243 -2.33 27.12 -32.97
N GLU C 244 -3.04 27.69 -33.94
CA GLU C 244 -3.00 29.13 -34.14
C GLU C 244 -3.54 29.78 -32.87
N GLY C 245 -2.80 30.74 -32.33
CA GLY C 245 -3.21 31.44 -31.11
C GLY C 245 -2.66 30.82 -29.84
N LYS C 246 -2.26 29.56 -29.89
CA LYS C 246 -1.72 28.86 -28.71
C LYS C 246 -0.20 28.70 -28.72
N ILE C 247 0.40 28.81 -29.91
CA ILE C 247 1.85 28.71 -30.06
C ILE C 247 2.38 30.07 -30.55
N LYS C 248 3.29 30.65 -29.77
CA LYS C 248 3.88 31.94 -30.10
C LYS C 248 5.27 31.77 -30.71
N ILE C 249 5.83 32.87 -31.22
CA ILE C 249 7.16 32.86 -31.83
C ILE C 249 8.19 33.73 -31.11
N ALA C 250 9.44 33.38 -31.25
CA ALA C 250 10.53 34.12 -30.65
C ALA C 250 11.74 33.93 -31.55
N PHE C 251 12.70 34.84 -31.46
CA PHE C 251 13.91 34.68 -32.26
C PHE C 251 15.15 35.20 -31.56
N ASP C 252 16.30 34.66 -31.98
CA ASP C 252 17.60 35.04 -31.45
C ASP C 252 18.33 35.64 -32.65
N ALA C 253 18.39 36.96 -32.70
CA ALA C 253 19.04 37.63 -33.80
C ALA C 253 20.54 37.38 -33.85
N ALA C 254 21.18 37.37 -32.70
CA ALA C 254 22.63 37.19 -32.60
C ALA C 254 23.23 38.33 -33.42
N ALA C 255 22.61 39.51 -33.26
CA ALA C 255 22.98 40.74 -33.98
C ALA C 255 24.47 41.03 -34.09
N SER C 256 25.23 40.68 -33.07
CA SER C 256 26.68 40.91 -33.07
C SER C 256 27.29 40.30 -34.33
N GLU C 257 26.77 39.16 -34.75
CA GLU C 257 27.27 38.43 -35.91
C GLU C 257 27.12 39.16 -37.26
N PHE C 258 26.21 40.14 -37.35
CA PHE C 258 26.05 40.90 -38.61
C PHE C 258 26.17 42.42 -38.41
N TYR C 259 26.93 42.81 -37.40
CA TYR C 259 27.15 44.22 -37.08
C TYR C 259 28.50 44.68 -37.64
N LYS C 260 28.45 45.73 -38.45
CA LYS C 260 29.65 46.32 -39.04
C LYS C 260 30.14 47.36 -38.05
N GLN C 261 31.09 46.96 -37.22
CA GLN C 261 31.64 47.80 -36.15
C GLN C 261 32.13 49.17 -36.56
N ASP C 262 32.93 49.26 -37.62
CA ASP C 262 33.47 50.55 -38.07
C ASP C 262 32.41 51.46 -38.70
N GLU C 263 31.38 50.84 -39.27
CA GLU C 263 30.30 51.54 -39.95
C GLU C 263 29.07 51.79 -39.06
N LYS C 264 29.02 51.16 -37.89
CA LYS C 264 27.88 51.32 -36.96
C LYS C 264 26.54 51.00 -37.62
N LYS C 265 26.49 49.90 -38.37
CA LYS C 265 25.27 49.49 -39.04
C LYS C 265 25.17 47.98 -39.08
N TYR C 266 23.92 47.50 -39.13
CA TYR C 266 23.63 46.08 -39.16
C TYR C 266 23.23 45.66 -40.58
N ASP C 267 23.87 44.61 -41.10
CA ASP C 267 23.62 44.13 -42.46
C ASP C 267 22.81 42.83 -42.48
N LEU C 268 21.52 42.94 -42.76
CA LEU C 268 20.65 41.76 -42.82
C LEU C 268 20.96 40.80 -43.98
N ASP C 269 21.77 41.25 -44.95
CA ASP C 269 22.14 40.43 -46.10
C ASP C 269 23.65 40.20 -46.10
N TYR C 270 24.24 40.09 -44.91
CA TYR C 270 25.69 39.92 -44.82
C TYR C 270 26.19 38.65 -45.48
N LYS C 271 25.27 37.76 -45.87
CA LYS C 271 25.65 36.51 -46.55
C LYS C 271 25.24 36.53 -48.03
N CYS C 272 25.02 37.72 -48.58
CA CYS C 272 24.64 37.89 -49.98
C CYS C 272 23.52 36.94 -50.39
N ALA C 277 24.30 43.68 -53.11
CA ALA C 277 24.82 44.88 -52.47
C ALA C 277 23.68 45.84 -52.06
N SER C 278 22.91 45.44 -51.05
CA SER C 278 21.80 46.25 -50.54
C SER C 278 22.33 47.44 -49.74
N LYS C 279 21.55 47.98 -48.81
CA LYS C 279 22.01 49.10 -48.00
C LYS C 279 21.77 48.79 -46.51
N HIS C 280 22.87 48.80 -45.76
CA HIS C 280 22.92 48.48 -44.32
C HIS C 280 22.00 49.33 -43.44
N LEU C 281 21.58 48.76 -42.32
CA LEU C 281 20.68 49.44 -41.39
C LEU C 281 21.31 49.94 -40.11
N THR C 282 20.86 51.08 -39.63
CA THR C 282 21.35 51.67 -38.39
C THR C 282 20.59 51.00 -37.24
N GLY C 283 20.88 51.42 -36.01
CA GLY C 283 20.22 50.89 -34.82
C GLY C 283 18.73 51.18 -34.85
N GLU C 284 18.37 52.42 -35.18
CA GLU C 284 16.96 52.84 -35.25
C GLU C 284 16.17 52.12 -36.32
N LYS C 285 16.72 52.06 -37.54
CA LYS C 285 16.04 51.37 -38.64
C LYS C 285 15.81 49.89 -38.32
N LEU C 286 16.84 49.22 -37.82
CA LEU C 286 16.72 47.81 -37.48
C LEU C 286 15.61 47.63 -36.44
N LYS C 287 15.52 48.57 -35.49
CA LYS C 287 14.50 48.53 -34.44
C LYS C 287 13.12 48.54 -35.11
N GLU C 288 12.95 49.46 -36.05
CA GLU C 288 11.71 49.60 -36.78
C GLU C 288 11.40 48.34 -37.57
N VAL C 289 12.44 47.68 -38.08
CA VAL C 289 12.24 46.45 -38.83
C VAL C 289 11.69 45.41 -37.88
N TYR C 290 12.23 45.36 -36.66
CA TYR C 290 11.76 44.41 -35.65
C TYR C 290 10.36 44.77 -35.21
N GLU C 291 10.14 46.04 -34.91
CA GLU C 291 8.83 46.50 -34.47
C GLU C 291 7.80 46.20 -35.56
N GLY C 292 8.26 46.20 -36.80
CA GLY C 292 7.38 45.90 -37.92
C GLY C 292 6.93 44.46 -37.83
N TRP C 293 7.86 43.56 -37.51
CA TRP C 293 7.50 42.13 -37.41
C TRP C 293 6.62 41.85 -36.21
N LEU C 294 6.86 42.53 -35.09
CA LEU C 294 6.04 42.31 -33.90
C LEU C 294 4.55 42.60 -34.15
N LYS C 295 4.29 43.63 -34.97
CA LYS C 295 2.92 44.01 -35.29
C LYS C 295 2.32 43.07 -36.32
N LYS C 296 3.18 42.40 -37.07
CA LYS C 296 2.78 41.53 -38.16
C LYS C 296 2.65 40.07 -37.71
N TYR C 297 3.58 39.61 -36.87
CA TYR C 297 3.59 38.22 -36.38
C TYR C 297 3.46 38.10 -34.85
N PRO C 298 3.04 36.91 -34.36
CA PRO C 298 2.87 36.69 -32.92
C PRO C 298 4.17 36.42 -32.20
N ILE C 299 5.11 37.35 -32.32
CA ILE C 299 6.41 37.23 -31.68
C ILE C 299 6.29 37.74 -30.25
N ILE C 300 6.71 36.94 -29.28
CA ILE C 300 6.61 37.33 -27.87
C ILE C 300 7.97 37.52 -27.19
N SER C 301 9.06 37.22 -27.89
CA SER C 301 10.39 37.35 -27.30
C SER C 301 11.48 37.52 -28.35
N VAL C 302 12.38 38.47 -28.10
CA VAL C 302 13.50 38.77 -28.97
C VAL C 302 14.79 38.69 -28.16
N GLU C 303 15.73 37.87 -28.61
CA GLU C 303 17.03 37.69 -27.95
C GLU C 303 18.12 38.32 -28.78
N ASP C 304 19.06 39.02 -28.11
CA ASP C 304 20.17 39.70 -28.78
C ASP C 304 19.79 40.41 -30.08
N PRO C 305 18.88 41.39 -29.99
CA PRO C 305 18.48 42.13 -31.19
C PRO C 305 19.58 43.03 -31.74
N PHE C 306 20.52 43.44 -30.89
CA PHE C 306 21.60 44.32 -31.32
C PHE C 306 22.97 43.83 -30.86
N ASP C 307 24.01 44.58 -31.23
CA ASP C 307 25.38 44.23 -30.90
C ASP C 307 25.64 44.13 -29.40
N GLN C 308 26.60 43.28 -29.09
CA GLN C 308 27.05 43.01 -27.73
C GLN C 308 27.30 44.29 -26.90
N ASP C 309 27.83 45.34 -27.52
CA ASP C 309 28.12 46.59 -26.81
C ASP C 309 27.37 47.80 -27.38
N ASP C 310 26.10 47.59 -27.71
CA ASP C 310 25.25 48.67 -28.25
C ASP C 310 24.02 48.80 -27.35
N PHE C 311 24.26 49.31 -26.14
CA PHE C 311 23.21 49.49 -25.16
C PHE C 311 22.19 50.53 -25.62
N ALA C 312 22.66 51.55 -26.34
CA ALA C 312 21.78 52.59 -26.84
C ALA C 312 20.60 52.01 -27.65
N SER C 313 20.89 51.02 -28.49
CA SER C 313 19.85 50.37 -29.29
C SER C 313 18.96 49.51 -28.41
N PHE C 314 19.57 48.67 -27.57
CA PHE C 314 18.79 47.84 -26.66
C PHE C 314 17.79 48.68 -25.87
N SER C 315 18.29 49.72 -25.22
CA SER C 315 17.43 50.59 -24.40
C SER C 315 16.29 51.22 -25.17
N ALA C 316 16.56 51.73 -26.36
CA ALA C 316 15.51 52.35 -27.17
C ALA C 316 14.42 51.33 -27.50
N PHE C 317 14.85 50.11 -27.81
CA PHE C 317 13.95 49.01 -28.16
C PHE C 317 13.13 48.53 -26.95
N THR C 318 13.80 48.35 -25.82
CA THR C 318 13.13 47.91 -24.60
C THR C 318 12.13 48.96 -24.11
N LYS C 319 12.50 50.23 -24.23
CA LYS C 319 11.62 51.33 -23.83
C LYS C 319 10.31 51.28 -24.64
N ASP C 320 10.43 50.96 -25.93
CA ASP C 320 9.28 50.89 -26.85
C ASP C 320 8.43 49.64 -26.78
N VAL C 321 9.05 48.47 -26.78
CA VAL C 321 8.31 47.21 -26.78
C VAL C 321 8.28 46.42 -25.46
N GLY C 322 9.12 46.82 -24.50
CA GLY C 322 9.22 46.15 -23.20
C GLY C 322 7.97 45.78 -22.43
N GLU C 323 6.93 46.60 -22.49
CA GLU C 323 5.72 46.27 -21.74
C GLU C 323 5.06 44.99 -22.20
N LYS C 324 5.02 44.75 -23.50
CA LYS C 324 4.41 43.53 -24.03
C LYS C 324 5.39 42.48 -24.52
N THR C 325 6.54 42.91 -25.01
CA THR C 325 7.54 41.97 -25.52
C THR C 325 8.75 41.80 -24.61
N GLN C 326 9.31 40.61 -24.63
CA GLN C 326 10.46 40.28 -23.82
C GLN C 326 11.73 40.53 -24.64
N VAL C 327 12.70 41.19 -24.02
CA VAL C 327 13.97 41.49 -24.66
C VAL C 327 15.04 40.79 -23.84
N ILE C 328 15.52 39.66 -24.35
CA ILE C 328 16.52 38.87 -23.65
C ILE C 328 17.95 39.28 -23.98
N GLY C 329 18.80 39.35 -22.96
CA GLY C 329 20.20 39.68 -23.14
C GLY C 329 21.01 38.39 -22.98
N ASP C 330 21.81 38.05 -23.99
CA ASP C 330 22.65 36.85 -23.93
C ASP C 330 24.11 37.26 -24.03
N ASP C 331 24.60 37.55 -25.23
CA ASP C 331 26.00 37.95 -25.42
C ASP C 331 26.30 39.26 -24.70
N ILE C 332 25.29 40.09 -24.55
CA ILE C 332 25.44 41.38 -23.89
C ILE C 332 25.54 41.26 -22.36
N LEU C 333 25.22 40.06 -21.85
CA LEU C 333 25.27 39.80 -20.41
C LEU C 333 26.20 38.65 -20.03
N VAL C 334 26.30 37.64 -20.90
CA VAL C 334 27.14 36.44 -20.68
C VAL C 334 27.03 35.94 -19.24
N THR C 335 25.80 35.85 -18.73
CA THR C 335 25.51 35.40 -17.36
C THR C 335 26.53 35.93 -16.35
N ASN C 336 26.86 37.22 -16.48
CA ASN C 336 27.84 37.89 -15.59
C ASN C 336 27.18 38.98 -14.76
N ILE C 337 27.41 38.95 -13.44
CA ILE C 337 26.81 39.93 -12.50
C ILE C 337 27.07 41.40 -12.85
N LEU C 338 28.33 41.79 -13.06
CA LEU C 338 28.62 43.19 -13.40
C LEU C 338 27.98 43.63 -14.71
N ARG C 339 27.92 42.73 -15.69
CA ARG C 339 27.28 43.04 -16.97
C ARG C 339 25.79 43.26 -16.74
N ILE C 340 25.17 42.35 -15.97
CA ILE C 340 23.75 42.45 -15.65
C ILE C 340 23.46 43.79 -14.98
N GLU C 341 24.30 44.17 -14.03
CA GLU C 341 24.13 45.45 -13.34
C GLU C 341 24.23 46.61 -14.32
N LYS C 342 25.18 46.54 -15.25
CA LYS C 342 25.32 47.62 -16.23
C LYS C 342 24.04 47.69 -17.09
N ALA C 343 23.51 46.51 -17.45
CA ALA C 343 22.29 46.46 -18.24
C ALA C 343 21.10 47.07 -17.49
N LEU C 344 20.98 46.75 -16.19
CA LEU C 344 19.89 47.30 -15.36
C LEU C 344 19.95 48.82 -15.31
N LYS C 345 21.15 49.33 -15.11
CA LYS C 345 21.41 50.76 -15.03
C LYS C 345 20.88 51.46 -16.29
N ASP C 346 21.16 50.86 -17.44
CA ASP C 346 20.73 51.40 -18.73
C ASP C 346 19.34 50.95 -19.16
N LYS C 347 18.79 49.94 -18.49
CA LYS C 347 17.48 49.40 -18.83
C LYS C 347 17.48 48.91 -20.27
N ALA C 348 18.47 48.09 -20.57
CA ALA C 348 18.65 47.52 -21.90
C ALA C 348 17.81 46.29 -22.14
N CYS C 349 17.59 45.50 -21.09
CA CYS C 349 16.82 44.26 -21.21
C CYS C 349 15.68 44.21 -20.22
N ASN C 350 14.98 43.09 -20.26
CA ASN C 350 13.91 42.79 -19.32
C ASN C 350 13.84 41.27 -19.12
N CYS C 351 14.97 40.61 -19.40
CA CYS C 351 15.11 39.14 -19.24
C CYS C 351 16.56 38.63 -19.40
N LEU C 352 16.98 37.76 -18.48
CA LEU C 352 18.32 37.16 -18.50
C LEU C 352 18.34 35.77 -19.10
N LEU C 353 19.33 35.52 -19.96
CA LEU C 353 19.46 34.21 -20.54
C LEU C 353 20.47 33.55 -19.63
N LEU C 354 20.03 32.59 -18.83
CA LEU C 354 20.88 31.91 -17.87
C LEU C 354 21.56 30.66 -18.44
N LYS C 355 22.88 30.72 -18.55
CA LYS C 355 23.72 29.60 -19.03
C LYS C 355 24.65 29.23 -17.89
N VAL C 356 24.29 28.18 -17.17
CA VAL C 356 25.06 27.75 -16.00
C VAL C 356 26.56 27.64 -16.19
N ASN C 357 27.02 26.92 -17.21
CA ASN C 357 28.47 26.76 -17.40
C ASN C 357 29.15 28.04 -17.83
N GLN C 358 28.36 29.02 -18.26
CA GLN C 358 28.92 30.29 -18.69
C GLN C 358 29.40 31.07 -17.48
N ILE C 359 28.75 30.87 -16.33
CA ILE C 359 29.15 31.56 -15.11
C ILE C 359 30.07 30.67 -14.28
N GLY C 360 29.94 29.34 -14.40
CA GLY C 360 30.84 28.40 -13.70
C GLY C 360 30.43 27.55 -12.51
N SER C 361 29.42 27.97 -11.75
CA SER C 361 29.00 27.18 -10.59
C SER C 361 27.51 27.30 -10.34
N VAL C 362 27.01 26.38 -9.53
CA VAL C 362 25.60 26.35 -9.18
C VAL C 362 25.22 27.57 -8.36
N THR C 363 26.04 27.88 -7.35
CA THR C 363 25.78 29.03 -6.49
C THR C 363 25.73 30.32 -7.31
N GLU C 364 26.79 30.58 -8.05
CA GLU C 364 26.87 31.78 -8.88
C GLU C 364 25.69 31.84 -9.87
N ALA C 365 25.31 30.71 -10.43
CA ALA C 365 24.17 30.68 -11.36
C ALA C 365 22.89 31.09 -10.63
N ILE C 366 22.76 30.65 -9.38
CA ILE C 366 21.59 30.96 -8.57
C ILE C 366 21.51 32.44 -8.18
N GLU C 367 22.64 33.06 -7.84
CA GLU C 367 22.60 34.47 -7.45
C GLU C 367 22.39 35.35 -8.69
N ALA C 368 22.72 34.84 -9.87
CA ALA C 368 22.53 35.59 -11.11
C ALA C 368 21.02 35.62 -11.37
N CYS C 369 20.40 34.47 -11.20
CA CYS C 369 18.96 34.35 -11.39
C CYS C 369 18.21 35.23 -10.38
N LEU C 370 18.61 35.16 -9.11
CA LEU C 370 17.96 35.97 -8.07
C LEU C 370 18.10 37.48 -8.30
N LEU C 371 19.24 37.89 -8.84
CA LEU C 371 19.48 39.31 -9.12
C LEU C 371 18.52 39.78 -10.21
N ALA C 372 18.34 38.97 -11.23
CA ALA C 372 17.46 39.30 -12.33
C ALA C 372 16.02 39.39 -11.83
N GLN C 373 15.57 38.34 -11.15
CA GLN C 373 14.21 38.28 -10.62
C GLN C 373 13.90 39.42 -9.66
N LYS C 374 14.85 39.77 -8.82
CA LYS C 374 14.70 40.84 -7.83
C LYS C 374 14.59 42.21 -8.51
N SER C 375 15.10 42.32 -9.73
CA SER C 375 15.08 43.57 -10.49
C SER C 375 13.87 43.71 -11.43
N GLY C 376 12.96 42.74 -11.40
CA GLY C 376 11.77 42.78 -12.27
C GLY C 376 11.97 42.15 -13.64
N TRP C 377 13.11 41.50 -13.81
CA TRP C 377 13.48 40.82 -15.05
C TRP C 377 13.00 39.39 -15.06
N GLY C 378 12.87 38.84 -16.26
CA GLY C 378 12.48 37.46 -16.43
C GLY C 378 13.78 36.70 -16.55
N VAL C 379 13.71 35.38 -16.51
CA VAL C 379 14.91 34.56 -16.65
C VAL C 379 14.57 33.36 -17.51
N GLN C 380 15.43 33.08 -18.47
CA GLN C 380 15.23 31.94 -19.37
C GLN C 380 16.48 31.07 -19.34
N VAL C 381 16.33 29.86 -18.82
CA VAL C 381 17.44 28.92 -18.73
C VAL C 381 17.74 28.40 -20.14
N SER C 382 19.01 28.47 -20.53
CA SER C 382 19.41 28.03 -21.86
C SER C 382 20.39 26.89 -21.87
N HIS C 383 20.35 26.18 -22.99
CA HIS C 383 21.21 25.05 -23.26
C HIS C 383 22.39 25.58 -24.04
N ARG C 384 23.40 24.74 -24.26
CA ARG C 384 24.56 25.12 -25.04
C ARG C 384 24.51 24.32 -26.35
N SER C 385 25.32 24.72 -27.32
CA SER C 385 25.37 24.04 -28.62
C SER C 385 25.76 22.58 -28.46
N GLY C 386 26.73 22.31 -27.60
CA GLY C 386 27.18 20.97 -27.32
C GLY C 386 26.62 20.56 -25.98
N GLU C 387 25.67 19.63 -25.97
CA GLU C 387 25.04 19.15 -24.75
C GLU C 387 25.38 17.69 -24.48
N THR C 388 24.78 17.15 -23.42
CA THR C 388 24.99 15.77 -23.03
C THR C 388 23.65 15.20 -22.57
N GLU C 389 23.68 13.91 -22.18
CA GLU C 389 22.50 13.21 -21.68
C GLU C 389 21.97 13.90 -20.44
N ASP C 390 22.89 14.47 -19.66
CA ASP C 390 22.58 15.14 -18.39
C ASP C 390 21.43 16.14 -18.47
N SER C 391 20.39 15.92 -17.66
CA SER C 391 19.20 16.77 -17.65
C SER C 391 19.17 17.82 -16.52
N PHE C 392 20.35 18.16 -15.99
CA PHE C 392 20.44 19.13 -14.89
C PHE C 392 19.64 20.43 -15.07
N ILE C 393 19.75 21.09 -16.21
CA ILE C 393 19.02 22.35 -16.42
C ILE C 393 17.50 22.20 -16.36
N ALA C 394 16.98 20.98 -16.48
CA ALA C 394 15.53 20.77 -16.40
C ALA C 394 15.10 20.95 -14.94
N ASP C 395 15.88 20.41 -14.00
CA ASP C 395 15.55 20.54 -12.59
C ASP C 395 15.87 21.95 -12.09
N LEU C 396 16.86 22.58 -12.72
CA LEU C 396 17.26 23.94 -12.35
C LEU C 396 16.16 24.96 -12.65
N VAL C 397 15.61 24.90 -13.86
CA VAL C 397 14.56 25.85 -14.25
C VAL C 397 13.31 25.73 -13.37
N VAL C 398 13.01 24.52 -12.92
CA VAL C 398 11.86 24.30 -12.05
C VAL C 398 12.18 24.85 -10.66
N GLY C 399 13.33 24.43 -10.12
CA GLY C 399 13.77 24.88 -8.79
C GLY C 399 13.85 26.39 -8.62
N LEU C 400 14.34 27.07 -9.65
CA LEU C 400 14.50 28.53 -9.62
C LEU C 400 13.24 29.28 -10.02
N ARG C 401 12.19 28.55 -10.36
CA ARG C 401 10.92 29.13 -10.76
C ARG C 401 11.14 30.22 -11.82
N CYS C 402 11.88 29.86 -12.88
CA CYS C 402 12.18 30.79 -13.97
C CYS C 402 10.99 31.01 -14.89
N GLY C 403 10.26 29.94 -15.16
CA GLY C 403 9.07 30.01 -16.03
C GLY C 403 9.30 29.78 -17.51
N GLN C 404 10.56 29.61 -17.92
CA GLN C 404 10.87 29.39 -19.34
C GLN C 404 12.24 28.77 -19.56
N ILE C 405 12.33 27.96 -20.61
CA ILE C 405 13.57 27.28 -20.93
C ILE C 405 13.68 26.99 -22.42
N LYS C 406 14.85 27.23 -22.99
CA LYS C 406 15.06 26.91 -24.40
C LYS C 406 16.14 25.84 -24.35
N SER C 407 15.80 24.65 -24.79
CA SER C 407 16.72 23.52 -24.76
C SER C 407 16.70 22.77 -26.08
N GLY C 408 16.53 23.51 -27.17
CA GLY C 408 16.52 22.95 -28.52
C GLY C 408 15.18 22.47 -29.04
N SER C 409 15.21 21.86 -30.21
CA SER C 409 14.04 21.32 -30.86
C SER C 409 13.65 20.01 -30.18
N PRO C 410 12.43 19.52 -30.45
CA PRO C 410 12.04 18.23 -29.88
C PRO C 410 12.63 17.15 -30.80
N CYS C 411 13.95 17.17 -30.93
CA CYS C 411 14.71 16.27 -31.78
C CYS C 411 16.15 16.24 -31.27
N ARG C 412 16.75 15.04 -31.23
CA ARG C 412 18.12 14.81 -30.72
C ARG C 412 17.95 14.67 -29.22
N SER C 413 18.24 13.49 -28.70
CA SER C 413 18.05 13.22 -27.28
C SER C 413 18.77 14.11 -26.25
N GLU C 414 19.82 14.82 -26.65
CA GLU C 414 20.48 15.70 -25.68
C GLU C 414 19.53 16.86 -25.36
N ARG C 415 18.55 17.05 -26.25
CA ARG C 415 17.52 18.06 -26.10
C ARG C 415 16.30 17.44 -25.42
N LEU C 416 15.85 16.30 -25.94
CA LEU C 416 14.69 15.61 -25.39
C LEU C 416 14.88 15.09 -23.97
N CYS C 417 16.11 14.83 -23.54
CA CYS C 417 16.32 14.33 -22.17
C CYS C 417 15.90 15.41 -21.19
N LYS C 418 16.06 16.69 -21.58
CA LYS C 418 15.63 17.80 -20.71
C LYS C 418 14.12 17.86 -20.71
N TYR C 419 13.51 17.86 -21.90
CA TYR C 419 12.04 17.93 -22.02
C TYR C 419 11.37 16.72 -21.36
N ASN C 420 11.93 15.54 -21.53
CA ASN C 420 11.37 14.36 -20.89
C ASN C 420 11.48 14.51 -19.38
N GLN C 421 12.62 15.00 -18.92
CA GLN C 421 12.83 15.20 -17.49
C GLN C 421 11.76 16.15 -16.90
N LEU C 422 11.33 17.15 -17.68
CA LEU C 422 10.30 18.07 -17.20
C LEU C 422 8.98 17.31 -17.10
N MET C 423 8.71 16.40 -18.03
CA MET C 423 7.46 15.64 -17.97
C MET C 423 7.45 14.73 -16.75
N ARG C 424 8.60 14.16 -16.38
CA ARG C 424 8.67 13.30 -15.19
C ARG C 424 8.48 14.16 -13.94
N ILE C 425 9.05 15.36 -13.94
CA ILE C 425 8.92 16.28 -12.80
C ILE C 425 7.47 16.70 -12.60
N GLU C 426 6.79 17.02 -13.69
CA GLU C 426 5.40 17.42 -13.62
C GLU C 426 4.56 16.27 -13.06
N GLU C 427 4.83 15.06 -13.56
CA GLU C 427 4.10 13.87 -13.10
C GLU C 427 4.24 13.69 -11.58
N SER C 428 5.46 13.84 -11.06
CA SER C 428 5.73 13.72 -9.62
C SER C 428 4.97 14.73 -8.78
N LEU C 429 4.99 15.99 -9.20
CA LEU C 429 4.30 17.07 -8.48
C LEU C 429 2.76 17.03 -8.55
N GLY C 430 2.21 16.31 -9.53
CA GLY C 430 0.76 16.23 -9.68
C GLY C 430 0.10 17.59 -9.59
N ALA C 431 -0.91 17.70 -8.71
CA ALA C 431 -1.66 18.94 -8.53
C ALA C 431 -0.88 20.08 -7.87
N ASP C 432 0.28 19.78 -7.29
CA ASP C 432 1.10 20.79 -6.62
C ASP C 432 1.85 21.76 -7.55
N CYS C 433 1.93 21.43 -8.83
CA CYS C 433 2.63 22.33 -9.77
C CYS C 433 1.64 23.01 -10.69
N VAL C 434 2.09 24.09 -11.32
CA VAL C 434 1.27 24.85 -12.25
C VAL C 434 2.15 25.21 -13.47
N TYR C 435 1.54 25.33 -14.65
CA TYR C 435 2.30 25.66 -15.86
C TYR C 435 2.36 27.18 -16.01
N ALA C 436 3.55 27.70 -16.31
CA ALA C 436 3.76 29.15 -16.47
C ALA C 436 2.77 29.79 -17.43
N GLY C 437 2.58 29.17 -18.59
CA GLY C 437 1.65 29.67 -19.60
C GLY C 437 1.91 31.11 -19.99
N GLU C 438 0.83 31.90 -20.05
CA GLU C 438 0.91 33.31 -20.44
C GLU C 438 1.77 34.17 -19.52
N SER C 439 1.96 33.78 -18.27
CA SER C 439 2.78 34.56 -17.34
C SER C 439 4.19 33.99 -17.18
N PHE C 440 4.77 33.53 -18.27
CA PHE C 440 6.13 32.96 -18.24
C PHE C 440 7.20 33.98 -17.85
N ARG C 441 6.96 35.26 -18.14
CA ARG C 441 7.92 36.32 -17.81
C ARG C 441 8.02 36.51 -16.31
N HIS C 442 6.90 36.33 -15.62
CA HIS C 442 6.82 36.46 -14.16
C HIS C 442 5.91 35.36 -13.63
N PRO C 443 6.43 34.12 -13.59
CA PRO C 443 5.72 32.91 -13.17
C PRO C 443 5.21 32.91 -11.74
N LYS C 444 5.60 33.90 -10.95
CA LYS C 444 5.14 34.01 -9.58
C LYS C 444 3.61 34.07 -9.57
N ARG C 445 3.04 34.66 -10.62
CA ARG C 445 1.60 34.83 -10.76
C ARG C 445 0.95 33.79 -11.69
N SER C 446 1.50 32.58 -11.73
CA SER C 446 0.94 31.54 -12.59
C SER C 446 -0.25 30.83 -11.95
N HIS C 447 -1.15 30.33 -12.80
CA HIS C 447 -2.36 29.62 -12.36
C HIS C 447 -3.10 28.88 -13.49
N HIS C 448 -4.08 28.08 -13.09
CA HIS C 448 -4.88 27.29 -14.04
C HIS C 448 -5.99 28.12 -14.66
N MET D 1 16.38 -11.95 -1.65
CA MET D 1 15.05 -12.02 -2.33
C MET D 1 14.22 -10.75 -2.26
N VAL D 2 14.39 -9.89 -3.26
CA VAL D 2 13.61 -8.68 -3.35
C VAL D 2 12.46 -9.04 -4.29
N VAL D 3 11.35 -8.34 -4.19
CA VAL D 3 10.19 -8.61 -5.03
C VAL D 3 9.73 -7.33 -5.69
N ILE D 4 8.92 -7.47 -6.74
CA ILE D 4 8.39 -6.32 -7.47
C ILE D 4 7.25 -5.70 -6.67
N LYS D 5 7.43 -4.45 -6.27
CA LYS D 5 6.41 -3.71 -5.49
C LYS D 5 5.52 -2.82 -6.36
N ASP D 6 5.98 -2.48 -7.56
CA ASP D 6 5.18 -1.61 -8.43
C ASP D 6 5.82 -1.49 -9.81
N ILE D 7 4.96 -1.24 -10.81
CA ILE D 7 5.39 -1.07 -12.19
C ILE D 7 4.57 0.08 -12.75
N VAL D 8 5.24 1.09 -13.27
CA VAL D 8 4.51 2.23 -13.83
C VAL D 8 5.18 2.57 -15.16
N ALA D 9 4.40 3.15 -16.07
CA ALA D 9 4.89 3.52 -17.38
C ALA D 9 4.48 4.94 -17.72
N ARG D 10 5.15 5.52 -18.70
CA ARG D 10 4.83 6.87 -19.13
C ARG D 10 5.21 7.04 -20.59
N GLU D 11 4.79 8.17 -21.15
CA GLU D 11 5.03 8.49 -22.53
C GLU D 11 6.09 9.57 -22.64
N ILE D 12 7.23 9.22 -23.24
CA ILE D 12 8.32 10.17 -23.43
C ILE D 12 8.56 10.27 -24.93
N LEU D 13 9.40 11.21 -25.35
CA LEU D 13 9.70 11.36 -26.77
C LEU D 13 11.04 10.75 -27.14
N ASP D 14 11.08 10.06 -28.28
CA ASP D 14 12.31 9.44 -28.76
C ASP D 14 13.12 10.55 -29.43
N SER D 15 14.31 10.20 -29.94
CA SER D 15 15.20 11.17 -30.58
C SER D 15 14.62 11.91 -31.80
N ARG D 16 13.51 11.41 -32.35
CA ARG D 16 12.90 12.07 -33.50
C ARG D 16 11.65 12.88 -33.16
N GLY D 17 11.35 12.98 -31.88
CA GLY D 17 10.19 13.74 -31.44
C GLY D 17 8.89 12.96 -31.42
N ASN D 18 8.97 11.65 -31.61
CA ASN D 18 7.80 10.79 -31.59
C ASN D 18 7.71 10.08 -30.25
N PRO D 19 6.49 9.84 -29.77
CA PRO D 19 6.40 9.18 -28.48
C PRO D 19 6.93 7.74 -28.43
N THR D 20 7.39 7.35 -27.25
CA THR D 20 7.87 6.00 -27.01
C THR D 20 7.54 5.74 -25.55
N ILE D 21 7.52 4.48 -25.15
CA ILE D 21 7.16 4.13 -23.79
C ILE D 21 8.38 3.97 -22.88
N GLU D 22 8.20 4.30 -21.60
CA GLU D 22 9.25 4.19 -20.58
C GLU D 22 8.66 3.51 -19.35
N VAL D 23 9.38 2.54 -18.79
CA VAL D 23 8.88 1.79 -17.62
C VAL D 23 9.78 1.89 -16.40
N ASP D 24 9.14 2.04 -15.23
CA ASP D 24 9.81 2.11 -13.92
C ASP D 24 9.33 0.94 -13.09
N VAL D 25 10.24 0.03 -12.76
CA VAL D 25 9.90 -1.14 -11.94
C VAL D 25 10.49 -0.91 -10.56
N SER D 26 9.64 -0.98 -9.54
CA SER D 26 10.08 -0.76 -8.16
C SER D 26 10.18 -1.99 -7.30
N THR D 27 11.23 -2.02 -6.49
CA THR D 27 11.50 -3.10 -5.53
C THR D 27 12.03 -2.40 -4.29
N GLU D 28 12.15 -3.11 -3.18
CA GLU D 28 12.70 -2.50 -1.97
C GLU D 28 14.14 -2.04 -2.22
N GLY D 29 14.73 -2.48 -3.34
CA GLY D 29 16.09 -2.09 -3.71
C GLY D 29 16.14 -0.78 -4.51
N GLY D 30 14.97 -0.21 -4.81
CA GLY D 30 14.87 1.04 -5.54
C GLY D 30 13.99 0.99 -6.80
N VAL D 31 13.98 2.09 -7.53
CA VAL D 31 13.21 2.22 -8.76
C VAL D 31 14.18 1.97 -9.93
N PHE D 32 13.75 1.16 -10.89
CA PHE D 32 14.58 0.82 -12.05
C PHE D 32 13.84 1.19 -13.32
N ARG D 33 14.52 1.96 -14.17
CA ARG D 33 13.93 2.50 -15.40
C ARG D 33 14.45 1.99 -16.74
N ALA D 34 13.56 1.89 -17.72
CA ALA D 34 13.93 1.44 -19.05
C ALA D 34 13.13 2.18 -20.12
N ALA D 35 13.82 2.64 -21.16
CA ALA D 35 13.21 3.35 -22.28
C ALA D 35 13.33 2.49 -23.54
N VAL D 36 12.23 2.35 -24.27
CA VAL D 36 12.21 1.53 -25.48
C VAL D 36 12.40 2.34 -26.75
N PRO D 37 13.25 1.87 -27.67
CA PRO D 37 13.45 2.59 -28.93
C PRO D 37 12.31 2.31 -29.90
N SER D 38 11.84 3.34 -30.61
CA SER D 38 10.74 3.19 -31.58
C SER D 38 11.06 2.21 -32.71
N GLY D 39 10.00 1.55 -33.20
CA GLY D 39 10.12 0.56 -34.29
C GLY D 39 9.11 0.75 -35.42
N ALA D 40 7.86 1.04 -35.06
CA ALA D 40 6.76 1.24 -36.01
C ALA D 40 6.39 -0.06 -36.73
N SER D 41 5.82 -1.02 -35.99
CA SER D 41 5.43 -2.31 -36.56
C SER D 41 3.93 -2.58 -36.52
N THR D 42 3.51 -3.49 -37.40
CA THR D 42 2.11 -3.92 -37.52
C THR D 42 1.88 -5.32 -36.91
N GLY D 43 2.94 -6.12 -36.78
CA GLY D 43 2.86 -7.47 -36.20
C GLY D 43 2.75 -8.64 -37.18
N ILE D 44 2.88 -8.37 -38.47
CA ILE D 44 2.77 -9.42 -39.49
C ILE D 44 4.05 -10.25 -39.67
N TYR D 45 5.18 -9.56 -39.78
CA TYR D 45 6.47 -10.21 -40.01
C TYR D 45 7.36 -10.15 -38.75
N GLU D 46 7.33 -9.02 -38.05
CA GLU D 46 8.11 -8.81 -36.84
C GLU D 46 7.20 -8.56 -35.65
N ALA D 47 7.78 -8.28 -34.48
CA ALA D 47 7.00 -8.04 -33.26
C ALA D 47 6.21 -6.73 -33.34
N LEU D 48 4.91 -6.82 -33.01
CA LEU D 48 4.02 -5.67 -33.04
C LEU D 48 4.36 -4.64 -31.98
N GLU D 49 4.22 -3.38 -32.34
CA GLU D 49 4.46 -2.26 -31.45
C GLU D 49 3.09 -1.62 -31.28
N LEU D 50 2.64 -1.41 -30.04
CA LEU D 50 1.31 -0.84 -29.81
C LEU D 50 1.26 0.70 -29.88
N ARG D 51 0.60 1.20 -30.92
CA ARG D 51 0.41 2.63 -31.17
C ARG D 51 -1.07 2.94 -31.01
N ASP D 52 -1.39 4.18 -30.65
CA ASP D 52 -2.78 4.58 -30.43
C ASP D 52 -3.54 4.84 -31.72
N LYS D 53 -2.81 5.17 -32.78
CA LYS D 53 -3.40 5.45 -34.09
C LYS D 53 -4.47 6.54 -34.05
N ASP D 54 -4.29 7.50 -33.14
CA ASP D 54 -5.21 8.63 -32.99
C ASP D 54 -4.61 9.83 -33.72
N PRO D 55 -5.17 10.19 -34.89
CA PRO D 55 -4.65 11.32 -35.66
C PRO D 55 -4.56 12.65 -34.92
N LYS D 56 -5.42 12.86 -33.92
CA LYS D 56 -5.43 14.10 -33.14
C LYS D 56 -4.23 14.23 -32.18
N ARG D 57 -3.55 13.12 -31.84
CA ARG D 57 -2.37 13.19 -30.94
C ARG D 57 -1.14 12.58 -31.57
N TYR D 58 -0.05 13.34 -31.59
CA TYR D 58 1.21 12.90 -32.17
C TYR D 58 1.08 12.19 -33.51
N LEU D 59 0.21 12.70 -34.38
CA LEU D 59 0.01 12.13 -35.71
C LEU D 59 -0.23 10.62 -35.67
N GLY D 60 -1.06 10.19 -34.73
CA GLY D 60 -1.38 8.77 -34.56
C GLY D 60 -0.32 7.89 -33.94
N LYS D 61 0.78 8.48 -33.47
CA LYS D 61 1.88 7.70 -32.88
C LYS D 61 1.94 7.68 -31.35
N GLY D 62 0.82 7.93 -30.68
CA GLY D 62 0.81 7.91 -29.22
C GLY D 62 1.02 6.52 -28.66
N VAL D 63 1.33 6.43 -27.36
CA VAL D 63 1.53 5.15 -26.70
C VAL D 63 0.79 5.09 -25.35
N LEU D 64 -0.34 5.79 -25.26
CA LEU D 64 -1.15 5.81 -24.04
C LEU D 64 -1.76 4.43 -23.81
N ASN D 65 -2.17 3.77 -24.89
CA ASN D 65 -2.76 2.45 -24.75
C ASN D 65 -1.72 1.49 -24.18
N ALA D 66 -0.47 1.63 -24.62
CA ALA D 66 0.60 0.79 -24.12
C ALA D 66 0.86 1.05 -22.63
N VAL D 67 0.88 2.33 -22.24
CA VAL D 67 1.10 2.70 -20.83
C VAL D 67 0.00 2.11 -19.96
N GLU D 68 -1.24 2.20 -20.44
CA GLU D 68 -2.40 1.68 -19.72
C GLU D 68 -2.32 0.16 -19.58
N ILE D 69 -1.84 -0.51 -20.61
CA ILE D 69 -1.69 -1.97 -20.58
C ILE D 69 -0.74 -2.38 -19.46
N VAL D 70 0.37 -1.68 -19.34
CA VAL D 70 1.32 -2.00 -18.28
C VAL D 70 0.61 -1.92 -16.93
N ARG D 71 -0.32 -0.99 -16.78
CA ARG D 71 -1.04 -0.82 -15.51
C ARG D 71 -2.15 -1.86 -15.31
N GLN D 72 -2.99 -2.06 -16.32
CA GLN D 72 -4.11 -3.01 -16.21
C GLN D 72 -3.84 -4.49 -16.52
N GLU D 73 -2.77 -4.79 -17.25
CA GLU D 73 -2.50 -6.17 -17.61
C GLU D 73 -1.23 -6.72 -17.00
N ILE D 74 -0.12 -6.02 -17.17
CA ILE D 74 1.16 -6.47 -16.66
C ILE D 74 1.36 -6.28 -15.16
N LYS D 75 1.20 -5.05 -14.66
CA LYS D 75 1.39 -4.80 -13.22
C LYS D 75 0.85 -5.94 -12.32
N PRO D 76 -0.46 -6.23 -12.41
CA PRO D 76 -1.04 -7.27 -11.54
C PRO D 76 -0.41 -8.67 -11.63
N ALA D 77 -0.02 -9.09 -12.82
CA ALA D 77 0.58 -10.41 -12.99
C ALA D 77 2.01 -10.48 -12.45
N LEU D 78 2.71 -9.35 -12.41
CA LEU D 78 4.10 -9.33 -11.95
C LEU D 78 4.34 -8.88 -10.51
N LEU D 79 3.35 -8.31 -9.83
CA LEU D 79 3.55 -7.90 -8.43
C LEU D 79 3.95 -9.12 -7.59
N GLY D 80 4.93 -8.93 -6.71
CA GLY D 80 5.39 -10.01 -5.83
C GLY D 80 6.41 -10.97 -6.42
N LYS D 81 6.62 -10.89 -7.74
CA LYS D 81 7.57 -11.76 -8.42
C LYS D 81 8.99 -11.32 -8.14
N ASP D 82 9.92 -12.24 -8.34
CA ASP D 82 11.34 -11.97 -8.16
C ASP D 82 11.83 -11.46 -9.52
N PRO D 83 12.32 -10.22 -9.57
CA PRO D 83 12.80 -9.68 -10.85
C PRO D 83 13.92 -10.50 -11.47
N CYS D 84 14.66 -11.23 -10.65
CA CYS D 84 15.78 -12.07 -11.13
C CYS D 84 15.36 -13.23 -12.03
N ASP D 85 14.07 -13.51 -12.09
CA ASP D 85 13.59 -14.58 -12.93
C ASP D 85 13.19 -13.95 -14.25
N GLN D 86 14.20 -13.56 -15.01
CA GLN D 86 14.02 -12.92 -16.32
C GLN D 86 13.22 -13.83 -17.25
N LYS D 87 13.64 -15.10 -17.31
CA LYS D 87 13.04 -16.12 -18.16
C LYS D 87 11.53 -16.25 -17.86
N GLY D 88 11.21 -16.44 -16.58
CA GLY D 88 9.82 -16.59 -16.14
C GLY D 88 8.94 -15.39 -16.45
N ILE D 89 9.45 -14.20 -16.22
CA ILE D 89 8.71 -12.97 -16.47
C ILE D 89 8.52 -12.76 -17.97
N ASP D 90 9.60 -12.84 -18.74
CA ASP D 90 9.50 -12.65 -20.18
C ASP D 90 8.51 -13.60 -20.86
N MET D 91 8.43 -14.85 -20.40
CA MET D 91 7.51 -15.82 -21.00
C MET D 91 6.10 -15.61 -20.49
N LEU D 92 5.96 -15.20 -19.22
CA LEU D 92 4.65 -14.95 -18.64
C LEU D 92 3.96 -13.87 -19.48
N MET D 93 4.71 -12.85 -19.86
CA MET D 93 4.16 -11.76 -20.66
C MET D 93 3.88 -12.19 -22.10
N VAL D 94 4.88 -12.80 -22.72
CA VAL D 94 4.77 -13.23 -24.12
C VAL D 94 3.86 -14.42 -24.37
N GLU D 95 3.97 -15.47 -23.57
CA GLU D 95 3.17 -16.69 -23.76
C GLU D 95 1.81 -16.71 -23.04
N GLN D 96 1.76 -16.36 -21.76
CA GLN D 96 0.49 -16.33 -21.01
C GLN D 96 -0.34 -15.04 -21.16
N LEU D 97 0.12 -13.95 -20.54
CA LEU D 97 -0.61 -12.67 -20.60
C LEU D 97 -1.02 -12.26 -22.01
N ASP D 98 -0.12 -12.39 -22.96
CA ASP D 98 -0.45 -12.03 -24.33
C ASP D 98 -0.81 -13.31 -25.07
N GLY D 99 0.17 -14.15 -25.36
CA GLY D 99 -0.06 -15.42 -26.05
C GLY D 99 -0.36 -15.40 -27.54
N THR D 100 -0.49 -14.23 -28.14
CA THR D 100 -0.77 -14.16 -29.58
C THR D 100 0.48 -14.45 -30.40
N LYS D 101 0.28 -14.97 -31.61
CA LYS D 101 1.41 -15.28 -32.47
C LYS D 101 1.09 -15.24 -33.97
N ASN D 102 2.12 -15.03 -34.79
CA ASN D 102 1.97 -14.98 -36.24
C ASN D 102 2.65 -16.21 -36.83
N GLU D 103 2.87 -16.21 -38.13
CA GLU D 103 3.50 -17.36 -38.80
C GLU D 103 4.89 -17.71 -38.28
N TRP D 104 5.66 -16.70 -37.89
N TRP D 104 5.67 -16.71 -37.90
CA TRP D 104 7.04 -16.88 -37.42
CA TRP D 104 7.04 -16.94 -37.43
C TRP D 104 7.24 -16.82 -35.90
C TRP D 104 7.26 -16.85 -35.91
N GLY D 105 6.20 -17.11 -35.13
CA GLY D 105 6.30 -17.09 -33.65
C GLY D 105 5.44 -16.08 -32.90
N TYR D 106 5.70 -15.95 -31.60
CA TYR D 106 4.96 -15.00 -30.77
C TYR D 106 5.12 -13.58 -31.24
N SER D 107 4.00 -12.99 -31.64
CA SER D 107 3.94 -11.63 -32.18
C SER D 107 3.74 -10.53 -31.15
N LYS D 108 3.21 -10.86 -29.97
CA LYS D 108 2.99 -9.86 -28.92
C LYS D 108 2.06 -8.75 -29.39
N SER D 109 0.94 -9.15 -29.99
CA SER D 109 -0.06 -8.23 -30.53
C SER D 109 -1.02 -7.64 -29.52
N LYS D 110 -1.33 -8.39 -28.47
CA LYS D 110 -2.25 -7.91 -27.45
C LYS D 110 -1.60 -6.81 -26.58
N LEU D 111 -0.47 -7.14 -25.97
CA LEU D 111 0.23 -6.19 -25.10
C LEU D 111 1.17 -5.24 -25.83
N GLY D 112 1.76 -5.69 -26.93
CA GLY D 112 2.68 -4.86 -27.70
C GLY D 112 4.13 -5.09 -27.29
N ALA D 113 5.00 -5.26 -28.28
CA ALA D 113 6.42 -5.48 -28.03
C ALA D 113 7.02 -4.34 -27.22
N ASN D 114 6.59 -3.11 -27.52
CA ASN D 114 7.08 -1.93 -26.81
C ASN D 114 6.81 -1.97 -25.30
N ALA D 115 5.63 -2.46 -24.91
CA ALA D 115 5.27 -2.54 -23.49
C ALA D 115 6.06 -3.63 -22.77
N ILE D 116 6.08 -4.82 -23.36
CA ILE D 116 6.77 -5.96 -22.77
C ILE D 116 8.28 -5.75 -22.63
N LEU D 117 8.91 -5.19 -23.66
CA LEU D 117 10.35 -4.96 -23.61
C LEU D 117 10.70 -3.95 -22.53
N GLY D 118 9.86 -2.95 -22.35
CA GLY D 118 10.11 -1.93 -21.31
C GLY D 118 10.17 -2.57 -19.94
N VAL D 119 9.20 -3.44 -19.65
CA VAL D 119 9.15 -4.15 -18.37
C VAL D 119 10.28 -5.18 -18.30
N SER D 120 10.61 -5.78 -19.45
CA SER D 120 11.68 -6.77 -19.50
C SER D 120 13.04 -6.17 -19.15
N ILE D 121 13.34 -5.00 -19.71
CA ILE D 121 14.62 -4.34 -19.43
C ILE D 121 14.61 -3.80 -18.02
N ALA D 122 13.50 -3.20 -17.61
CA ALA D 122 13.38 -2.65 -16.26
C ALA D 122 13.64 -3.75 -15.23
N CYS D 123 13.11 -4.94 -15.48
CA CYS D 123 13.31 -6.06 -14.56
C CYS D 123 14.74 -6.54 -14.62
N CYS D 124 15.35 -6.48 -15.79
CA CYS D 124 16.72 -6.91 -15.95
C CYS D 124 17.60 -6.01 -15.06
N ARG D 125 17.28 -4.72 -15.00
CA ARG D 125 18.04 -3.77 -14.16
C ARG D 125 17.79 -3.99 -12.67
N ALA D 126 16.54 -4.25 -12.30
CA ALA D 126 16.19 -4.51 -10.92
C ALA D 126 16.85 -5.83 -10.53
N GLY D 127 17.05 -6.71 -11.51
CA GLY D 127 17.69 -8.00 -11.29
C GLY D 127 19.15 -7.83 -10.92
N ALA D 128 19.92 -7.15 -11.77
CA ALA D 128 21.34 -6.92 -11.51
C ALA D 128 21.55 -6.30 -10.14
N ALA D 129 20.64 -5.42 -9.75
CA ALA D 129 20.71 -4.73 -8.45
C ALA D 129 20.54 -5.71 -7.31
N SER D 130 19.61 -6.64 -7.46
CA SER D 130 19.34 -7.64 -6.42
C SER D 130 20.51 -8.62 -6.29
N LYS D 131 21.27 -8.80 -7.37
CA LYS D 131 22.43 -9.68 -7.37
C LYS D 131 23.72 -8.95 -7.02
N GLY D 132 23.68 -7.62 -6.99
CA GLY D 132 24.86 -6.81 -6.66
C GLY D 132 25.90 -6.85 -7.78
N LEU D 133 25.41 -6.84 -9.02
CA LEU D 133 26.28 -6.88 -10.18
C LEU D 133 25.94 -5.77 -11.15
N PRO D 134 26.94 -5.28 -11.91
CA PRO D 134 26.64 -4.25 -12.91
C PRO D 134 25.74 -4.91 -13.96
N LEU D 135 25.04 -4.12 -14.75
CA LEU D 135 24.12 -4.67 -15.75
C LEU D 135 24.83 -5.57 -16.77
N TYR D 136 25.89 -5.08 -17.37
CA TYR D 136 26.63 -5.87 -18.38
C TYR D 136 27.08 -7.21 -17.81
N LYS D 137 27.49 -7.20 -16.56
CA LYS D 137 27.97 -8.39 -15.89
C LYS D 137 26.80 -9.31 -15.56
N TYR D 138 25.62 -8.75 -15.34
CA TYR D 138 24.43 -9.55 -15.03
C TYR D 138 23.89 -10.24 -16.27
N ILE D 139 23.86 -9.49 -17.38
CA ILE D 139 23.39 -10.04 -18.65
C ILE D 139 24.20 -11.28 -19.05
N ALA D 140 25.50 -11.29 -18.70
CA ALA D 140 26.34 -12.44 -19.02
C ALA D 140 25.87 -13.68 -18.26
N THR D 141 25.51 -13.53 -16.98
CA THR D 141 25.05 -14.68 -16.18
C THR D 141 23.77 -15.27 -16.79
N LEU D 142 22.91 -14.40 -17.32
CA LEU D 142 21.68 -14.84 -17.96
C LEU D 142 21.98 -15.61 -19.24
N ALA D 143 23.03 -15.19 -19.95
CA ALA D 143 23.43 -15.83 -21.20
C ALA D 143 24.39 -16.99 -21.01
N GLY D 144 24.70 -17.33 -19.77
CA GLY D 144 25.60 -18.43 -19.45
C GLY D 144 27.05 -18.18 -19.83
N LYS D 145 27.44 -16.92 -19.87
CA LYS D 145 28.81 -16.55 -20.23
C LYS D 145 29.55 -16.04 -18.99
N THR D 146 30.87 -16.24 -18.96
CA THR D 146 31.67 -15.80 -17.81
C THR D 146 31.78 -14.28 -17.78
N ILE D 147 32.07 -13.76 -16.59
CA ILE D 147 32.20 -12.33 -16.37
C ILE D 147 33.68 -11.92 -16.37
N ASP D 148 34.50 -12.64 -17.13
CA ASP D 148 35.94 -12.37 -17.23
C ASP D 148 36.66 -13.30 -18.23
N LYS D 149 37.42 -12.75 -19.17
CA LYS D 149 37.59 -11.31 -19.33
C LYS D 149 36.53 -10.93 -20.34
N MET D 150 35.85 -9.82 -20.11
CA MET D 150 34.79 -9.42 -21.02
C MET D 150 35.35 -8.72 -22.25
N VAL D 151 34.61 -8.82 -23.36
CA VAL D 151 35.03 -8.22 -24.64
C VAL D 151 34.36 -6.90 -25.01
N MET D 152 35.18 -5.88 -25.30
CA MET D 152 34.68 -4.59 -25.70
C MET D 152 34.50 -4.64 -27.21
N PRO D 153 33.31 -4.22 -27.70
CA PRO D 153 33.00 -4.28 -29.11
C PRO D 153 33.59 -3.22 -30.00
N VAL D 154 33.65 -3.52 -31.29
CA VAL D 154 34.13 -2.58 -32.28
C VAL D 154 32.90 -1.78 -32.70
N PRO D 155 32.96 -0.46 -32.59
CA PRO D 155 31.82 0.34 -32.98
C PRO D 155 31.77 0.62 -34.47
N PHE D 156 30.57 0.61 -35.03
CA PHE D 156 30.35 0.88 -36.43
C PHE D 156 29.57 2.20 -36.48
N PHE D 157 30.25 3.26 -36.91
CA PHE D 157 29.62 4.58 -36.94
C PHE D 157 29.05 4.95 -38.31
N ASN D 158 27.78 5.37 -38.30
CA ASN D 158 27.10 5.80 -39.49
C ASN D 158 27.81 7.09 -39.96
N VAL D 159 28.01 7.27 -41.26
CA VAL D 159 28.70 8.49 -41.72
C VAL D 159 28.05 9.19 -42.93
N ILE D 160 27.63 8.41 -43.93
CA ILE D 160 27.01 8.94 -45.13
C ILE D 160 25.68 8.22 -45.38
N ASN D 161 24.64 8.97 -45.77
CA ASN D 161 23.31 8.40 -46.00
C ASN D 161 22.81 8.45 -47.45
N GLY D 162 22.09 7.40 -47.85
CA GLY D 162 21.51 7.30 -49.17
C GLY D 162 20.13 6.69 -49.09
N GLY D 163 19.71 5.98 -50.13
CA GLY D 163 18.41 5.34 -50.16
C GLY D 163 17.27 6.25 -49.76
N GLU D 164 16.38 5.76 -48.90
CA GLU D 164 15.24 6.54 -48.45
C GLU D 164 15.60 7.65 -47.47
N HIS D 165 16.76 7.57 -46.84
CA HIS D 165 17.16 8.60 -45.89
C HIS D 165 17.86 9.79 -46.59
N ALA D 166 17.91 9.78 -47.92
CA ALA D 166 18.57 10.86 -48.64
C ALA D 166 17.89 11.18 -49.97
N GLY D 167 18.10 12.41 -50.43
CA GLY D 167 17.55 12.90 -51.68
C GLY D 167 18.63 12.94 -52.74
N ASN D 168 19.72 12.22 -52.48
CA ASN D 168 20.85 12.15 -53.40
C ASN D 168 20.66 10.95 -54.33
N GLY D 169 21.62 10.69 -55.20
CA GLY D 169 21.52 9.56 -56.14
C GLY D 169 21.92 8.22 -55.56
N LEU D 170 22.59 8.24 -54.41
CA LEU D 170 23.04 7.02 -53.75
C LEU D 170 21.87 6.11 -53.39
N ALA D 171 21.89 4.89 -53.91
CA ALA D 171 20.82 3.91 -53.66
C ALA D 171 21.01 3.15 -52.35
N LEU D 172 22.26 2.96 -51.94
CA LEU D 172 22.56 2.25 -50.69
C LEU D 172 22.08 3.12 -49.53
N GLN D 173 21.50 2.50 -48.51
CA GLN D 173 20.97 3.22 -47.37
C GLN D 173 22.03 3.91 -46.49
N GLU D 174 23.17 3.26 -46.25
CA GLU D 174 24.20 3.89 -45.40
C GLU D 174 25.61 3.30 -45.45
N PHE D 175 26.58 4.16 -45.17
CA PHE D 175 27.99 3.78 -45.11
C PHE D 175 28.48 4.03 -43.70
N LEU D 176 29.17 3.05 -43.13
CA LEU D 176 29.69 3.16 -41.78
C LEU D 176 31.20 2.98 -41.77
N ILE D 177 31.85 3.40 -40.68
CA ILE D 177 33.30 3.23 -40.51
C ILE D 177 33.51 2.53 -39.18
N ALA D 178 34.35 1.50 -39.18
CA ALA D 178 34.63 0.73 -37.97
C ALA D 178 36.14 0.66 -37.73
N PRO D 179 36.61 1.13 -36.55
CA PRO D 179 38.03 1.13 -36.20
C PRO D 179 38.51 -0.17 -35.55
N VAL D 180 38.69 -1.20 -36.38
CA VAL D 180 39.15 -2.50 -35.90
C VAL D 180 40.58 -2.45 -35.38
N GLY D 181 41.38 -1.50 -35.89
CA GLY D 181 42.77 -1.36 -35.49
C GLY D 181 43.06 -0.59 -34.20
N ALA D 182 42.03 -0.10 -33.52
CA ALA D 182 42.23 0.64 -32.29
C ALA D 182 42.66 -0.33 -31.19
N PRO D 183 43.43 0.15 -30.20
CA PRO D 183 43.88 -0.72 -29.11
C PRO D 183 42.79 -1.01 -28.08
N ASN D 184 41.82 -0.09 -27.94
CA ASN D 184 40.72 -0.24 -26.99
C ASN D 184 39.48 0.52 -27.45
N ILE D 185 38.37 0.40 -26.71
CA ILE D 185 37.12 1.04 -27.10
C ILE D 185 37.20 2.57 -27.01
N ARG D 186 37.87 3.11 -25.98
CA ARG D 186 38.02 4.56 -25.81
C ARG D 186 38.65 5.20 -27.05
N GLU D 187 39.77 4.65 -27.47
CA GLU D 187 40.48 5.12 -28.66
C GLU D 187 39.64 4.88 -29.90
N ALA D 188 38.91 3.76 -29.92
CA ALA D 188 38.05 3.46 -31.06
C ALA D 188 37.07 4.60 -31.27
N ILE D 189 36.55 5.13 -30.17
CA ILE D 189 35.61 6.24 -30.23
C ILE D 189 36.31 7.55 -30.68
N ARG D 190 37.59 7.70 -30.36
CA ARG D 190 38.34 8.89 -30.77
C ARG D 190 38.64 8.81 -32.28
N TYR D 191 39.06 7.64 -32.73
CA TYR D 191 39.35 7.40 -34.15
C TYR D 191 38.11 7.79 -34.96
N GLY D 192 36.94 7.32 -34.51
CA GLY D 192 35.68 7.60 -35.18
C GLY D 192 35.31 9.07 -35.16
N SER D 193 35.41 9.69 -33.99
CA SER D 193 35.09 11.11 -33.83
C SER D 193 35.94 11.98 -34.74
N GLU D 194 37.24 11.77 -34.68
CA GLU D 194 38.20 12.54 -35.50
C GLU D 194 37.94 12.38 -36.98
N THR D 195 37.72 11.14 -37.41
CA THR D 195 37.46 10.86 -38.82
C THR D 195 36.16 11.52 -39.25
N TYR D 196 35.15 11.41 -38.39
CA TYR D 196 33.84 12.01 -38.65
C TYR D 196 33.98 13.53 -38.85
N HIS D 197 34.81 14.18 -38.03
CA HIS D 197 35.00 15.62 -38.17
C HIS D 197 35.80 15.96 -39.43
N HIS D 198 36.77 15.13 -39.81
CA HIS D 198 37.51 15.40 -41.05
C HIS D 198 36.55 15.22 -42.23
N LEU D 199 35.63 14.26 -42.09
CA LEU D 199 34.65 14.02 -43.13
C LEU D 199 33.71 15.22 -43.22
N LYS D 200 33.42 15.83 -42.09
CA LYS D 200 32.53 16.99 -42.07
C LYS D 200 33.17 18.16 -42.83
N ASN D 201 34.45 18.42 -42.57
CA ASN D 201 35.15 19.51 -43.27
C ASN D 201 35.23 19.29 -44.78
N VAL D 202 35.52 18.06 -45.19
CA VAL D 202 35.59 17.70 -46.59
C VAL D 202 34.27 17.98 -47.28
N ILE D 203 33.18 17.63 -46.61
CA ILE D 203 31.85 17.85 -47.15
C ILE D 203 31.54 19.34 -47.20
N LYS D 204 31.91 20.07 -46.14
CA LYS D 204 31.65 21.50 -46.10
C LYS D 204 32.32 22.22 -47.25
N ASN D 205 33.59 21.88 -47.48
CA ASN D 205 34.38 22.50 -48.54
C ASN D 205 33.98 22.11 -49.96
N LYS D 206 33.38 20.94 -50.14
CA LYS D 206 32.98 20.49 -51.48
C LYS D 206 31.49 20.68 -51.79
N TYR D 207 30.62 20.43 -50.80
CA TYR D 207 29.17 20.55 -51.03
C TYR D 207 28.51 21.75 -50.35
N GLY D 208 29.20 22.40 -49.43
CA GLY D 208 28.64 23.57 -48.72
C GLY D 208 28.32 23.31 -47.25
N LEU D 209 28.05 24.40 -46.52
CA LEU D 209 27.74 24.33 -45.09
C LEU D 209 26.45 23.57 -44.77
N ASP D 210 25.42 23.71 -45.62
CA ASP D 210 24.15 23.02 -45.38
C ASP D 210 24.25 21.49 -45.54
N ALA D 211 25.30 21.02 -46.20
CA ALA D 211 25.49 19.58 -46.39
C ALA D 211 26.01 18.93 -45.09
N THR D 212 26.33 19.74 -44.08
CA THR D 212 26.83 19.21 -42.80
C THR D 212 25.70 18.96 -41.77
N ASN D 213 24.46 19.21 -42.16
CA ASN D 213 23.35 18.95 -41.26
C ASN D 213 23.24 17.45 -41.25
N VAL D 214 22.70 16.90 -40.16
CA VAL D 214 22.63 15.45 -40.02
C VAL D 214 21.25 14.83 -40.12
N GLY D 215 21.26 13.53 -40.38
CA GLY D 215 20.05 12.72 -40.50
C GLY D 215 19.62 12.19 -39.14
N ASP D 216 18.74 11.21 -39.14
CA ASP D 216 18.23 10.62 -37.89
C ASP D 216 19.29 9.97 -37.00
N GLU D 217 20.30 9.35 -37.62
CA GLU D 217 21.36 8.67 -36.87
C GLU D 217 22.65 9.47 -36.76
N GLY D 218 22.63 10.72 -37.21
CA GLY D 218 23.81 11.59 -37.14
C GLY D 218 24.72 11.64 -38.35
N GLY D 219 24.41 10.88 -39.40
CA GLY D 219 25.21 10.86 -40.62
C GLY D 219 24.92 12.04 -41.53
N PHE D 220 25.77 12.27 -42.53
CA PHE D 220 25.58 13.37 -43.47
C PHE D 220 24.92 12.83 -44.73
N ALA D 221 24.33 13.72 -45.52
CA ALA D 221 23.67 13.35 -46.76
C ALA D 221 24.13 14.21 -47.94
N PRO D 222 25.44 14.14 -48.26
CA PRO D 222 25.94 14.92 -49.40
C PRO D 222 25.27 14.49 -50.68
N ASN D 223 25.15 15.42 -51.64
CA ASN D 223 24.49 15.11 -52.91
C ASN D 223 25.41 14.35 -53.85
N VAL D 224 25.63 13.07 -53.54
CA VAL D 224 26.47 12.20 -54.34
C VAL D 224 25.57 11.33 -55.20
N ALA D 225 25.96 11.11 -56.46
CA ALA D 225 25.16 10.32 -57.39
C ALA D 225 25.39 8.80 -57.34
N THR D 226 26.56 8.37 -56.89
CA THR D 226 26.89 6.95 -56.85
C THR D 226 27.61 6.49 -55.59
N ALA D 227 27.76 5.17 -55.46
CA ALA D 227 28.43 4.56 -54.32
C ALA D 227 29.94 4.85 -54.37
N GLU D 228 30.50 4.97 -55.58
CA GLU D 228 31.92 5.26 -55.74
C GLU D 228 32.27 6.60 -55.09
N GLU D 229 31.45 7.62 -55.36
CA GLU D 229 31.68 8.96 -54.79
C GLU D 229 31.64 8.89 -53.28
N ALA D 230 30.67 8.15 -52.74
CA ALA D 230 30.51 7.99 -51.30
C ALA D 230 31.76 7.36 -50.71
N LEU D 231 32.17 6.24 -51.28
CA LEU D 231 33.36 5.52 -50.82
C LEU D 231 34.60 6.41 -50.91
N ASN D 232 34.72 7.18 -51.99
CA ASN D 232 35.86 8.09 -52.17
C ASN D 232 35.96 9.14 -51.07
N LEU D 233 34.81 9.56 -50.52
CA LEU D 233 34.82 10.55 -49.43
C LEU D 233 35.34 9.94 -48.15
N LEU D 234 34.91 8.72 -47.84
CA LEU D 234 35.35 8.03 -46.63
C LEU D 234 36.85 7.75 -46.68
N VAL D 235 37.33 7.26 -47.82
CA VAL D 235 38.75 6.98 -47.97
C VAL D 235 39.54 8.29 -47.78
N GLU D 236 38.97 9.39 -48.26
CA GLU D 236 39.60 10.69 -48.15
C GLU D 236 39.62 11.16 -46.69
N ALA D 237 38.53 10.94 -45.98
CA ALA D 237 38.42 11.32 -44.56
C ALA D 237 39.36 10.49 -43.68
N ILE D 238 39.36 9.18 -43.90
CA ILE D 238 40.22 8.25 -43.15
C ILE D 238 41.69 8.64 -43.34
N LYS D 239 42.03 9.14 -44.53
CA LYS D 239 43.39 9.57 -44.84
C LYS D 239 43.74 10.88 -44.14
N ALA D 240 42.79 11.82 -44.14
CA ALA D 240 43.00 13.12 -43.52
C ALA D 240 43.16 12.99 -42.00
N ALA D 241 42.52 11.97 -41.43
CA ALA D 241 42.57 11.73 -39.99
C ALA D 241 43.83 10.93 -39.63
N GLY D 242 44.49 10.40 -40.65
CA GLY D 242 45.71 9.62 -40.47
C GLY D 242 45.45 8.22 -39.93
N TYR D 243 44.38 7.59 -40.41
CA TYR D 243 44.04 6.24 -39.95
C TYR D 243 43.91 5.16 -41.03
N GLU D 244 44.66 5.26 -42.14
N GLU D 244 44.74 5.23 -42.08
CA GLU D 244 44.58 4.22 -43.16
CA GLU D 244 44.68 4.25 -43.15
C GLU D 244 45.08 2.92 -42.55
C GLU D 244 45.11 2.91 -42.54
N GLY D 245 44.30 1.86 -42.72
CA GLY D 245 44.63 0.55 -42.19
C GLY D 245 43.99 0.26 -40.85
N LYS D 246 43.75 1.29 -40.04
CA LYS D 246 43.13 1.08 -38.74
C LYS D 246 41.61 1.23 -38.77
N ILE D 247 41.10 1.96 -39.75
CA ILE D 247 39.66 2.15 -39.90
C ILE D 247 39.17 1.49 -41.19
N LYS D 248 38.17 0.63 -41.07
CA LYS D 248 37.61 -0.06 -42.22
C LYS D 248 36.24 0.53 -42.53
N ILE D 249 35.67 0.14 -43.68
CA ILE D 249 34.36 0.63 -44.09
C ILE D 249 33.38 -0.52 -44.14
N ALA D 250 32.11 -0.20 -43.92
CA ALA D 250 31.04 -1.20 -43.97
C ALA D 250 29.81 -0.47 -44.47
N PHE D 251 28.94 -1.18 -45.18
CA PHE D 251 27.70 -0.52 -45.65
C PHE D 251 26.48 -1.40 -45.45
N ASP D 252 25.33 -0.74 -45.52
CA ASP D 252 24.01 -1.35 -45.39
C ASP D 252 23.31 -0.99 -46.67
N ALA D 253 23.11 -1.99 -47.53
CA ALA D 253 22.45 -1.76 -48.80
C ALA D 253 20.95 -1.54 -48.66
N ALA D 254 20.31 -2.30 -47.76
CA ALA D 254 18.87 -2.21 -47.59
C ALA D 254 18.28 -2.36 -48.99
N ALA D 255 18.80 -3.36 -49.72
CA ALA D 255 18.42 -3.65 -51.11
C ALA D 255 16.93 -3.78 -51.37
N SER D 256 16.17 -4.21 -50.36
CA SER D 256 14.73 -4.33 -50.53
C SER D 256 14.11 -3.03 -51.01
N GLU D 257 14.78 -1.92 -50.73
CA GLU D 257 14.26 -0.62 -51.10
C GLU D 257 14.35 -0.34 -52.61
N PHE D 258 15.44 -0.75 -53.25
CA PHE D 258 15.58 -0.53 -54.71
C PHE D 258 15.37 -1.79 -55.57
N TYR D 259 14.64 -2.76 -55.05
CA TYR D 259 14.35 -4.00 -55.77
C TYR D 259 12.99 -3.91 -56.44
N LYS D 260 12.98 -4.23 -57.74
CA LYS D 260 11.75 -4.23 -58.54
C LYS D 260 11.22 -5.65 -58.61
N GLN D 261 10.06 -5.87 -57.99
CA GLN D 261 9.43 -7.18 -57.92
C GLN D 261 9.11 -7.71 -59.31
N ASP D 262 8.22 -7.00 -60.00
CA ASP D 262 7.78 -7.38 -61.35
C ASP D 262 8.94 -7.71 -62.29
N GLU D 263 9.96 -6.85 -62.25
CA GLU D 263 11.12 -6.99 -63.10
C GLU D 263 12.15 -8.00 -62.55
N LYS D 264 12.11 -8.23 -61.23
CA LYS D 264 13.04 -9.16 -60.54
C LYS D 264 14.50 -8.74 -60.72
N LYS D 265 14.75 -7.44 -60.65
CA LYS D 265 16.08 -6.88 -60.81
C LYS D 265 16.27 -5.70 -59.86
N TYR D 266 17.52 -5.27 -59.70
CA TYR D 266 17.88 -4.16 -58.82
C TYR D 266 18.24 -2.92 -59.61
N ASP D 267 17.90 -1.74 -59.07
CA ASP D 267 18.17 -0.47 -59.74
C ASP D 267 18.93 0.47 -58.83
N LEU D 268 20.23 0.59 -59.05
CA LEU D 268 21.06 1.49 -58.23
C LEU D 268 20.74 2.97 -58.48
N ASP D 269 19.93 3.25 -59.48
CA ASP D 269 19.52 4.62 -59.82
C ASP D 269 18.00 4.70 -59.70
N TYR D 270 17.43 4.07 -58.67
CA TYR D 270 15.97 4.06 -58.50
C TYR D 270 15.38 5.43 -58.17
N LYS D 271 16.24 6.43 -58.01
CA LYS D 271 15.80 7.79 -57.71
C LYS D 271 16.18 8.76 -58.84
N CYS D 272 16.82 8.24 -59.88
CA CYS D 272 17.25 9.05 -61.03
C CYS D 272 18.02 10.29 -60.58
N LYS D 279 19.45 -0.42 -67.70
CA LYS D 279 20.64 -0.55 -66.86
C LYS D 279 20.36 -1.22 -65.51
N HIS D 280 19.23 -1.92 -65.39
CA HIS D 280 18.84 -2.60 -64.15
C HIS D 280 19.57 -3.94 -64.02
N LEU D 281 20.15 -4.19 -62.84
CA LEU D 281 20.92 -5.41 -62.57
C LEU D 281 20.13 -6.58 -61.99
N THR D 282 20.54 -7.79 -62.33
CA THR D 282 19.91 -8.99 -61.82
C THR D 282 20.61 -9.28 -60.50
N GLY D 283 20.21 -10.35 -59.82
CA GLY D 283 20.81 -10.72 -58.55
C GLY D 283 22.31 -10.99 -58.65
N GLU D 284 22.69 -11.80 -59.63
CA GLU D 284 24.09 -12.14 -59.84
C GLU D 284 24.90 -10.90 -60.26
N LYS D 285 24.37 -10.11 -61.18
CA LYS D 285 25.06 -8.89 -61.63
C LYS D 285 25.30 -7.88 -60.51
N LEU D 286 24.31 -7.74 -59.63
CA LEU D 286 24.44 -6.82 -58.49
C LEU D 286 25.55 -7.34 -57.57
N LYS D 287 25.64 -8.66 -57.46
CA LYS D 287 26.65 -9.30 -56.64
C LYS D 287 28.02 -8.90 -57.18
N GLU D 288 28.20 -9.04 -58.49
CA GLU D 288 29.45 -8.70 -59.15
C GLU D 288 29.88 -7.27 -58.82
N VAL D 289 28.92 -6.36 -58.78
CA VAL D 289 29.21 -4.97 -58.45
C VAL D 289 29.74 -4.86 -57.01
N TYR D 290 29.17 -5.66 -56.09
CA TYR D 290 29.63 -5.63 -54.69
C TYR D 290 31.04 -6.19 -54.58
N GLU D 291 31.30 -7.32 -55.24
CA GLU D 291 32.63 -7.95 -55.19
C GLU D 291 33.67 -7.01 -55.77
N GLY D 292 33.23 -6.15 -56.69
CA GLY D 292 34.11 -5.18 -57.31
C GLY D 292 34.51 -4.13 -56.30
N TRP D 293 33.57 -3.69 -55.47
CA TRP D 293 33.89 -2.67 -54.47
C TRP D 293 34.77 -3.23 -53.34
N LEU D 294 34.63 -4.51 -53.06
CA LEU D 294 35.43 -5.17 -52.01
C LEU D 294 36.90 -5.21 -52.38
N LYS D 295 37.21 -5.07 -53.67
CA LYS D 295 38.60 -5.07 -54.14
C LYS D 295 39.18 -3.66 -54.09
N LYS D 296 38.40 -2.68 -54.54
CA LYS D 296 38.86 -1.28 -54.55
C LYS D 296 38.90 -0.60 -53.20
N TYR D 297 37.99 -0.99 -52.31
CA TYR D 297 37.93 -0.36 -51.00
C TYR D 297 38.04 -1.37 -49.85
N PRO D 298 38.43 -0.89 -48.65
CA PRO D 298 38.56 -1.74 -47.48
C PRO D 298 37.23 -1.94 -46.78
N ILE D 299 36.34 -2.72 -47.41
CA ILE D 299 35.04 -3.01 -46.86
C ILE D 299 35.10 -4.33 -46.14
N ILE D 300 34.76 -4.34 -44.85
CA ILE D 300 34.81 -5.56 -44.05
C ILE D 300 33.45 -6.11 -43.65
N SER D 301 32.37 -5.41 -44.02
CA SER D 301 31.01 -5.86 -43.69
C SER D 301 29.95 -5.31 -44.64
N VAL D 302 28.98 -6.15 -44.98
CA VAL D 302 27.89 -5.78 -45.88
C VAL D 302 26.55 -6.24 -45.29
N GLU D 303 25.64 -5.29 -45.06
CA GLU D 303 24.33 -5.58 -44.49
C GLU D 303 23.22 -5.50 -45.57
N ASP D 304 22.26 -6.42 -45.51
CA ASP D 304 21.15 -6.47 -46.48
C ASP D 304 21.56 -6.18 -47.93
N PRO D 305 22.51 -6.95 -48.45
CA PRO D 305 22.95 -6.73 -49.82
C PRO D 305 21.85 -6.99 -50.86
N PHE D 306 20.89 -7.84 -50.53
CA PHE D 306 19.81 -8.16 -51.47
C PHE D 306 18.42 -8.04 -50.86
N ASP D 307 17.40 -8.32 -51.67
CA ASP D 307 16.01 -8.24 -51.23
C ASP D 307 15.73 -9.11 -50.01
N GLN D 308 14.80 -8.64 -49.21
CA GLN D 308 14.34 -9.27 -47.98
C GLN D 308 14.04 -10.79 -48.13
N ASP D 309 13.63 -11.23 -49.32
CA ASP D 309 13.33 -12.65 -49.56
C ASP D 309 14.17 -13.30 -50.68
N ASP D 310 15.26 -12.66 -51.08
CA ASP D 310 16.11 -13.18 -52.15
C ASP D 310 17.26 -14.02 -51.57
N PHE D 311 16.93 -15.19 -51.02
CA PHE D 311 17.94 -16.07 -50.43
C PHE D 311 18.96 -16.58 -51.45
N ALA D 312 18.57 -16.70 -52.71
CA ALA D 312 19.49 -17.17 -53.73
C ALA D 312 20.70 -16.22 -53.83
N SER D 313 20.41 -14.92 -53.89
CA SER D 313 21.46 -13.92 -53.97
C SER D 313 22.31 -13.86 -52.70
N PHE D 314 21.69 -14.02 -51.53
CA PHE D 314 22.45 -14.02 -50.28
C PHE D 314 23.46 -15.16 -50.25
N SER D 315 22.97 -16.39 -50.45
CA SER D 315 23.83 -17.57 -50.43
C SER D 315 25.02 -17.43 -51.36
N ALA D 316 24.76 -17.12 -52.63
CA ALA D 316 25.81 -16.96 -53.62
C ALA D 316 26.88 -15.95 -53.16
N PHE D 317 26.44 -14.78 -52.71
CA PHE D 317 27.33 -13.74 -52.23
C PHE D 317 28.13 -14.22 -51.01
N THR D 318 27.42 -14.80 -50.04
CA THR D 318 28.06 -15.34 -48.84
C THR D 318 28.95 -16.54 -49.18
N LYS D 319 28.59 -17.25 -50.24
CA LYS D 319 29.34 -18.43 -50.69
C LYS D 319 30.70 -17.93 -51.21
N ASP D 320 30.68 -16.74 -51.85
CA ASP D 320 31.89 -16.13 -52.40
C ASP D 320 32.72 -15.37 -51.36
N VAL D 321 32.28 -14.17 -50.99
CA VAL D 321 33.00 -13.33 -50.00
C VAL D 321 32.74 -13.69 -48.54
N GLY D 322 32.24 -14.90 -48.29
CA GLY D 322 31.91 -15.37 -46.94
C GLY D 322 32.95 -15.28 -45.83
N GLU D 323 34.02 -16.07 -45.92
CA GLU D 323 35.04 -16.05 -44.86
C GLU D 323 35.98 -14.86 -44.87
N LYS D 324 35.84 -13.98 -45.86
CA LYS D 324 36.71 -12.81 -45.94
C LYS D 324 35.96 -11.53 -45.52
N THR D 325 34.70 -11.42 -45.96
CA THR D 325 33.86 -10.26 -45.66
C THR D 325 32.62 -10.70 -44.86
N GLN D 326 32.15 -9.83 -43.98
CA GLN D 326 30.98 -10.15 -43.18
C GLN D 326 29.69 -9.84 -43.93
N VAL D 327 28.72 -10.75 -43.84
CA VAL D 327 27.43 -10.60 -44.49
C VAL D 327 26.35 -10.57 -43.42
N ILE D 328 25.85 -9.38 -43.13
CA ILE D 328 24.84 -9.21 -42.09
C ILE D 328 23.42 -9.26 -42.65
N GLY D 329 22.54 -9.98 -41.94
CA GLY D 329 21.15 -10.11 -42.30
C GLY D 329 20.34 -9.30 -41.30
N ASP D 330 19.65 -8.27 -41.78
CA ASP D 330 18.83 -7.41 -40.93
C ASP D 330 17.35 -7.62 -41.28
N ASP D 331 16.90 -6.98 -42.36
CA ASP D 331 15.50 -7.10 -42.78
C ASP D 331 15.13 -8.52 -43.17
N ILE D 332 16.12 -9.33 -43.50
CA ILE D 332 15.87 -10.70 -43.88
C ILE D 332 15.72 -11.63 -42.67
N LEU D 333 16.12 -11.16 -41.49
CA LEU D 333 16.04 -11.95 -40.24
C LEU D 333 15.13 -11.39 -39.14
N VAL D 334 15.07 -10.05 -39.06
CA VAL D 334 14.28 -9.32 -38.06
C VAL D 334 14.32 -9.96 -36.66
N THR D 335 15.54 -10.30 -36.24
CA THR D 335 15.79 -10.90 -34.92
C THR D 335 14.74 -11.97 -34.56
N ASN D 336 14.51 -12.90 -35.48
CA ASN D 336 13.52 -13.97 -35.30
C ASN D 336 14.11 -15.38 -35.46
N ILE D 337 13.93 -16.21 -34.43
CA ILE D 337 14.45 -17.59 -34.43
C ILE D 337 14.19 -18.38 -35.72
N LEU D 338 12.92 -18.51 -36.11
CA LEU D 338 12.61 -19.28 -37.32
C LEU D 338 13.20 -18.70 -38.61
N ARG D 339 13.41 -17.38 -38.66
CA ARG D 339 14.01 -16.76 -39.84
C ARG D 339 15.50 -17.08 -39.83
N ILE D 340 16.09 -17.05 -38.64
CA ILE D 340 17.51 -17.33 -38.46
C ILE D 340 17.77 -18.78 -38.84
N GLU D 341 16.99 -19.71 -38.31
CA GLU D 341 17.14 -21.14 -38.64
C GLU D 341 17.10 -21.35 -40.15
N LYS D 342 16.24 -20.61 -40.83
CA LYS D 342 16.14 -20.73 -42.27
C LYS D 342 17.39 -20.17 -42.94
N ALA D 343 17.86 -19.03 -42.45
CA ALA D 343 19.05 -18.40 -43.00
C ALA D 343 20.28 -19.29 -42.82
N LEU D 344 20.25 -20.14 -41.79
CA LEU D 344 21.35 -21.05 -41.52
C LEU D 344 21.38 -22.24 -42.48
N LYS D 345 20.23 -22.87 -42.72
CA LYS D 345 20.18 -24.03 -43.62
C LYS D 345 20.44 -23.60 -45.07
N ASP D 346 20.21 -22.33 -45.38
CA ASP D 346 20.43 -21.80 -46.72
C ASP D 346 21.80 -21.14 -46.88
N LYS D 347 22.57 -21.04 -45.79
CA LYS D 347 23.91 -20.42 -45.84
C LYS D 347 23.80 -18.99 -46.38
N ALA D 348 22.71 -18.30 -46.02
CA ALA D 348 22.44 -16.94 -46.49
C ALA D 348 23.35 -15.84 -45.94
N CYS D 349 23.58 -15.85 -44.63
CA CYS D 349 24.41 -14.83 -43.98
C CYS D 349 25.51 -15.50 -43.19
N ASN D 350 26.22 -14.68 -42.41
CA ASN D 350 27.25 -15.16 -41.49
C ASN D 350 27.23 -14.27 -40.23
N CYS D 351 26.23 -13.38 -40.14
CA CYS D 351 26.07 -12.50 -38.99
C CYS D 351 24.62 -12.04 -38.79
N LEU D 352 24.21 -11.95 -37.53
CA LEU D 352 22.86 -11.50 -37.17
C LEU D 352 22.89 -10.05 -36.71
N LEU D 353 21.87 -9.27 -37.09
CA LEU D 353 21.77 -7.89 -36.65
C LEU D 353 20.73 -7.95 -35.55
N LEU D 354 21.16 -7.77 -34.31
CA LEU D 354 20.27 -7.89 -33.16
C LEU D 354 19.60 -6.57 -32.77
N LYS D 355 18.27 -6.58 -32.80
CA LYS D 355 17.45 -5.44 -32.43
C LYS D 355 16.45 -5.93 -31.40
N VAL D 356 16.68 -5.57 -30.14
CA VAL D 356 15.82 -6.00 -29.04
C VAL D 356 14.32 -5.69 -29.18
N ASN D 357 13.96 -4.47 -29.56
CA ASN D 357 12.55 -4.14 -29.69
C ASN D 357 11.87 -4.90 -30.81
N GLN D 358 12.69 -5.38 -31.73
CA GLN D 358 12.21 -6.11 -32.87
C GLN D 358 11.68 -7.49 -32.43
N ILE D 359 12.24 -8.03 -31.34
CA ILE D 359 11.81 -9.34 -30.84
C ILE D 359 10.87 -9.22 -29.62
N GLY D 360 11.04 -8.17 -28.82
CA GLY D 360 10.16 -7.94 -27.67
C GLY D 360 10.62 -8.18 -26.25
N SER D 361 11.68 -8.96 -26.05
CA SER D 361 12.15 -9.22 -24.69
C SER D 361 13.63 -9.52 -24.64
N VAL D 362 14.17 -9.44 -23.44
CA VAL D 362 15.58 -9.69 -23.20
C VAL D 362 15.87 -11.18 -23.38
N THR D 363 15.03 -12.02 -22.79
CA THR D 363 15.21 -13.47 -22.90
C THR D 363 15.24 -13.91 -24.35
N GLU D 364 14.23 -13.48 -25.12
CA GLU D 364 14.16 -13.83 -26.53
C GLU D 364 15.36 -13.27 -27.31
N ALA D 365 15.85 -12.11 -26.91
CA ALA D 365 17.02 -11.51 -27.56
C ALA D 365 18.27 -12.36 -27.27
N ILE D 366 18.40 -12.80 -26.02
CA ILE D 366 19.53 -13.62 -25.60
C ILE D 366 19.58 -14.95 -26.34
N GLU D 367 18.46 -15.68 -26.41
CA GLU D 367 18.48 -16.98 -27.11
C GLU D 367 18.74 -16.79 -28.62
N ALA D 368 18.33 -15.65 -29.17
CA ALA D 368 18.56 -15.38 -30.59
C ALA D 368 20.05 -15.19 -30.82
N CYS D 369 20.69 -14.48 -29.89
CA CYS D 369 22.12 -14.23 -29.98
C CYS D 369 22.90 -15.52 -29.77
N LEU D 370 22.51 -16.29 -28.77
CA LEU D 370 23.19 -17.55 -28.49
C LEU D 370 23.09 -18.49 -29.67
N LEU D 371 21.89 -18.58 -30.25
CA LEU D 371 21.63 -19.43 -31.40
C LEU D 371 22.63 -19.15 -32.51
N ALA D 372 22.77 -17.87 -32.85
CA ALA D 372 23.69 -17.44 -33.89
C ALA D 372 25.12 -17.81 -33.54
N GLN D 373 25.54 -17.44 -32.34
CA GLN D 373 26.90 -17.69 -31.88
C GLN D 373 27.31 -19.16 -31.87
N LYS D 374 26.40 -20.04 -31.48
CA LYS D 374 26.72 -21.47 -31.45
C LYS D 374 26.50 -22.16 -32.81
N SER D 375 26.13 -21.37 -33.83
CA SER D 375 25.88 -21.91 -35.17
C SER D 375 26.88 -21.41 -36.24
N GLY D 376 27.97 -20.79 -35.80
CA GLY D 376 29.01 -20.29 -36.71
C GLY D 376 28.86 -18.87 -37.22
N TRP D 377 27.87 -18.16 -36.69
CA TRP D 377 27.60 -16.78 -37.07
C TRP D 377 28.11 -15.79 -36.05
N GLY D 378 28.22 -14.55 -36.47
CA GLY D 378 28.65 -13.47 -35.60
C GLY D 378 27.38 -12.72 -35.25
N VAL D 379 27.47 -11.78 -34.31
CA VAL D 379 26.32 -10.99 -33.91
C VAL D 379 26.72 -9.54 -33.75
N GLN D 380 25.89 -8.64 -34.27
CA GLN D 380 26.13 -7.23 -34.17
C GLN D 380 24.90 -6.57 -33.59
N VAL D 381 25.05 -6.01 -32.39
CA VAL D 381 23.94 -5.33 -31.74
C VAL D 381 23.71 -4.03 -32.48
N SER D 382 22.44 -3.72 -32.72
CA SER D 382 22.10 -2.50 -33.43
C SER D 382 21.09 -1.63 -32.72
N HIS D 383 21.21 -0.34 -32.98
CA HIS D 383 20.34 0.68 -32.44
C HIS D 383 19.15 0.79 -33.41
N ARG D 384 18.30 1.80 -33.22
CA ARG D 384 17.16 2.03 -34.11
C ARG D 384 17.18 3.50 -34.51
N SER D 385 16.38 3.88 -35.50
CA SER D 385 16.33 5.28 -35.95
C SER D 385 15.86 6.16 -34.82
N GLY D 386 14.82 5.70 -34.14
CA GLY D 386 14.25 6.43 -33.00
C GLY D 386 14.78 5.87 -31.71
N GLU D 387 15.85 6.47 -31.20
CA GLU D 387 16.47 6.06 -29.94
C GLU D 387 16.10 7.00 -28.80
N THR D 388 16.46 6.56 -27.59
CA THR D 388 16.21 7.32 -26.38
C THR D 388 17.55 7.54 -25.71
N GLU D 389 17.54 8.21 -24.56
CA GLU D 389 18.77 8.45 -23.82
C GLU D 389 19.12 7.26 -22.91
N ASP D 390 18.64 6.07 -23.28
CA ASP D 390 18.87 4.84 -22.54
C ASP D 390 20.00 4.04 -23.20
N SER D 391 21.04 3.76 -22.43
CA SER D 391 22.22 3.04 -22.94
C SER D 391 22.21 1.53 -22.72
N PHE D 392 21.03 0.92 -22.63
CA PHE D 392 20.95 -0.53 -22.39
C PHE D 392 21.75 -1.40 -23.36
N ILE D 393 21.68 -1.11 -24.65
CA ILE D 393 22.40 -1.91 -25.64
C ILE D 393 23.93 -1.86 -25.49
N ALA D 394 24.44 -0.93 -24.68
CA ALA D 394 25.89 -0.85 -24.44
C ALA D 394 26.23 -2.00 -23.51
N ASP D 395 25.43 -2.17 -22.47
CA ASP D 395 25.65 -3.25 -21.51
C ASP D 395 25.29 -4.59 -22.15
N LEU D 396 24.35 -4.57 -23.08
CA LEU D 396 23.92 -5.80 -23.74
C LEU D 396 25.03 -6.39 -24.63
N VAL D 397 25.64 -5.57 -25.49
CA VAL D 397 26.71 -6.04 -26.39
C VAL D 397 27.92 -6.60 -25.61
N VAL D 398 28.17 -6.05 -24.43
CA VAL D 398 29.28 -6.51 -23.59
C VAL D 398 28.89 -7.81 -22.87
N GLY D 399 27.66 -7.84 -22.36
CA GLY D 399 27.15 -9.01 -21.65
C GLY D 399 27.07 -10.25 -22.52
N LEU D 400 26.68 -10.06 -23.78
CA LEU D 400 26.56 -11.16 -24.74
C LEU D 400 27.86 -11.44 -25.49
N ARG D 401 28.92 -10.69 -25.18
CA ARG D 401 30.23 -10.91 -25.81
C ARG D 401 30.16 -11.02 -27.35
N CYS D 402 29.45 -10.08 -27.98
CA CYS D 402 29.27 -10.06 -29.43
C CYS D 402 30.49 -9.59 -30.19
N GLY D 403 31.17 -8.59 -29.65
CA GLY D 403 32.38 -8.04 -30.26
C GLY D 403 32.13 -6.93 -31.27
N GLN D 404 30.87 -6.57 -31.51
CA GLN D 404 30.53 -5.52 -32.46
C GLN D 404 29.16 -4.93 -32.22
N ILE D 405 29.05 -3.62 -32.45
CA ILE D 405 27.81 -2.88 -32.25
C ILE D 405 27.77 -1.65 -33.14
N LYS D 406 26.59 -1.35 -33.69
CA LYS D 406 26.46 -0.14 -34.49
C LYS D 406 25.40 0.66 -33.75
N SER D 407 25.73 1.89 -33.37
CA SER D 407 24.80 2.70 -32.62
C SER D 407 24.82 4.16 -33.06
N GLY D 408 24.96 4.36 -34.36
CA GLY D 408 24.98 5.69 -34.95
C GLY D 408 26.31 6.39 -34.99
N SER D 409 26.30 7.59 -35.56
CA SER D 409 27.47 8.42 -35.69
C SER D 409 27.86 8.92 -34.32
N PRO D 410 29.10 9.43 -34.18
CA PRO D 410 29.50 9.99 -32.90
C PRO D 410 28.94 11.41 -32.88
N CYS D 411 27.61 11.50 -32.94
CA CYS D 411 26.87 12.76 -32.97
C CYS D 411 25.43 12.47 -32.58
N ARG D 412 24.82 13.37 -31.81
CA ARG D 412 23.45 13.21 -31.30
C ARG D 412 23.57 12.31 -30.07
N SER D 413 23.32 12.88 -28.89
CA SER D 413 23.47 12.13 -27.61
C SER D 413 22.71 10.82 -27.45
N GLU D 414 21.69 10.55 -28.26
CA GLU D 414 21.01 9.26 -28.13
C GLU D 414 21.98 8.21 -28.65
N ARG D 415 22.90 8.64 -29.51
CA ARG D 415 23.93 7.78 -30.06
C ARG D 415 25.15 7.76 -29.16
N LEU D 416 25.57 8.94 -28.70
CA LEU D 416 26.73 9.04 -27.84
C LEU D 416 26.53 8.44 -26.45
N CYS D 417 25.29 8.39 -25.96
CA CYS D 417 25.08 7.82 -24.63
C CYS D 417 25.47 6.34 -24.61
N LYS D 418 25.33 5.66 -25.74
CA LYS D 418 25.75 4.26 -25.80
C LYS D 418 27.28 4.21 -25.77
N TYR D 419 27.91 4.94 -26.69
CA TYR D 419 29.37 4.93 -26.76
C TYR D 419 30.04 5.41 -25.46
N ASN D 420 29.44 6.41 -24.81
CA ASN D 420 29.99 6.88 -23.52
C ASN D 420 29.90 5.75 -22.51
N GLN D 421 28.77 5.04 -22.50
CA GLN D 421 28.58 3.93 -21.57
C GLN D 421 29.61 2.84 -21.82
N LEU D 422 29.98 2.61 -23.07
CA LEU D 422 30.99 1.59 -23.35
C LEU D 422 32.31 2.02 -22.71
N MET D 423 32.62 3.32 -22.79
CA MET D 423 33.86 3.81 -22.20
C MET D 423 33.83 3.69 -20.67
N ARG D 424 32.65 3.84 -20.05
CA ARG D 424 32.57 3.71 -18.60
C ARG D 424 32.74 2.25 -18.21
N ILE D 425 32.12 1.37 -19.00
CA ILE D 425 32.21 -0.06 -18.75
C ILE D 425 33.66 -0.49 -18.85
N GLU D 426 34.37 0.00 -19.86
CA GLU D 426 35.78 -0.34 -20.05
C GLU D 426 36.65 0.22 -18.91
N GLU D 427 36.24 1.34 -18.34
CA GLU D 427 36.97 1.97 -17.24
C GLU D 427 36.87 1.12 -15.96
N SER D 428 35.68 0.60 -15.67
CA SER D 428 35.45 -0.23 -14.49
C SER D 428 36.12 -1.60 -14.56
N LEU D 429 36.01 -2.26 -15.72
CA LEU D 429 36.61 -3.58 -15.90
C LEU D 429 38.14 -3.58 -15.80
N GLY D 430 38.77 -2.44 -16.14
CA GLY D 430 40.23 -2.34 -16.09
C GLY D 430 40.90 -3.41 -16.93
N ALA D 431 41.92 -4.06 -16.37
CA ALA D 431 42.66 -5.11 -17.08
C ALA D 431 41.82 -6.38 -17.29
N ASP D 432 40.67 -6.46 -16.64
CA ASP D 432 39.79 -7.61 -16.75
C ASP D 432 38.86 -7.55 -18.00
N CYS D 433 39.36 -6.95 -19.08
CA CYS D 433 38.60 -6.89 -20.34
C CYS D 433 39.57 -6.73 -21.51
N VAL D 434 39.08 -7.02 -22.71
CA VAL D 434 39.91 -6.93 -23.92
C VAL D 434 39.06 -6.35 -25.06
N TYR D 435 39.72 -5.80 -26.07
CA TYR D 435 39.04 -5.22 -27.24
C TYR D 435 39.05 -6.21 -28.40
N ALA D 436 37.86 -6.48 -28.95
CA ALA D 436 37.71 -7.43 -30.05
C ALA D 436 38.59 -7.14 -31.27
N GLY D 437 38.86 -5.87 -31.53
CA GLY D 437 39.70 -5.47 -32.67
C GLY D 437 39.49 -6.30 -33.93
N GLU D 438 40.58 -6.84 -34.48
CA GLU D 438 40.53 -7.66 -35.70
C GLU D 438 39.58 -8.86 -35.58
N SER D 439 39.44 -9.39 -34.38
CA SER D 439 38.59 -10.54 -34.14
C SER D 439 37.16 -10.17 -33.70
N PHE D 440 36.65 -9.06 -34.22
CA PHE D 440 35.31 -8.57 -33.87
C PHE D 440 34.17 -9.52 -34.21
N ARG D 441 34.26 -10.18 -35.36
CA ARG D 441 33.19 -11.09 -35.78
C ARG D 441 33.18 -12.44 -35.07
N HIS D 442 34.22 -12.75 -34.33
CA HIS D 442 34.32 -14.00 -33.56
C HIS D 442 35.31 -13.79 -32.42
N PRO D 443 34.85 -13.12 -31.34
CA PRO D 443 35.71 -12.86 -30.19
C PRO D 443 36.40 -14.12 -29.69
N LYS D 444 37.70 -14.02 -29.44
CA LYS D 444 38.50 -15.16 -28.97
C LYS D 444 37.95 -15.80 -27.70
N ARG D 445 37.74 -17.11 -27.78
CA ARG D 445 37.20 -17.93 -26.68
C ARG D 445 38.08 -17.94 -25.42
N SER D 446 37.41 -18.14 -24.27
CA SER D 446 38.07 -18.18 -22.96
C SER D 446 38.05 -19.60 -22.40
N MET E 1 20.25 -50.26 33.07
CA MET E 1 20.11 -51.31 32.04
C MET E 1 18.63 -51.71 32.00
N VAL E 2 17.86 -50.98 31.21
CA VAL E 2 16.41 -51.18 31.06
C VAL E 2 16.07 -52.36 30.13
N VAL E 3 14.99 -53.07 30.45
CA VAL E 3 14.53 -54.23 29.65
C VAL E 3 12.99 -54.28 29.56
N ILE E 4 12.49 -55.09 28.63
CA ILE E 4 11.04 -55.22 28.43
C ILE E 4 10.36 -56.08 29.51
N LYS E 5 9.50 -55.44 30.30
CA LYS E 5 8.76 -56.12 31.37
C LYS E 5 7.49 -56.80 30.90
N ASP E 6 6.78 -56.17 29.96
CA ASP E 6 5.53 -56.73 29.47
C ASP E 6 5.16 -56.14 28.10
N ILE E 7 4.29 -56.84 27.38
CA ILE E 7 3.79 -56.41 26.08
C ILE E 7 2.33 -56.81 25.96
N VAL E 8 1.45 -55.85 25.82
CA VAL E 8 0.03 -56.11 25.68
C VAL E 8 -0.49 -55.36 24.48
N ALA E 9 -1.55 -55.86 23.87
CA ALA E 9 -2.15 -55.21 22.71
C ALA E 9 -3.67 -55.16 22.85
N ARG E 10 -4.31 -54.33 22.05
CA ARG E 10 -5.76 -54.20 22.07
C ARG E 10 -6.25 -53.76 20.72
N GLU E 11 -7.56 -53.76 20.56
CA GLU E 11 -8.20 -53.37 19.33
C GLU E 11 -8.82 -51.99 19.50
N ILE E 12 -8.42 -51.05 18.65
CA ILE E 12 -8.95 -49.70 18.68
C ILE E 12 -9.51 -49.41 17.29
N LEU E 13 -10.03 -48.21 17.07
CA LEU E 13 -10.57 -47.87 15.76
C LEU E 13 -9.74 -46.78 15.07
N ASP E 14 -9.56 -46.91 13.76
CA ASP E 14 -8.80 -45.93 12.98
C ASP E 14 -9.73 -44.79 12.56
N SER E 15 -9.18 -43.81 11.85
CA SER E 15 -9.96 -42.65 11.40
C SER E 15 -11.20 -42.94 10.57
N ARG E 16 -11.31 -44.16 10.01
CA ARG E 16 -12.49 -44.51 9.21
C ARG E 16 -13.50 -45.35 9.98
N GLY E 17 -13.21 -45.62 11.24
CA GLY E 17 -14.11 -46.40 12.09
C GLY E 17 -13.86 -47.89 12.05
N ASN E 18 -12.82 -48.32 11.34
CA ASN E 18 -12.48 -49.73 11.26
C ASN E 18 -11.46 -50.08 12.31
N PRO E 19 -11.43 -51.35 12.73
CA PRO E 19 -10.47 -51.75 13.75
C PRO E 19 -9.02 -51.76 13.28
N THR E 20 -8.11 -51.56 14.22
CA THR E 20 -6.68 -51.58 13.97
C THR E 20 -6.04 -52.01 15.30
N ILE E 21 -4.77 -52.38 15.26
CA ILE E 21 -4.11 -52.84 16.48
C ILE E 21 -3.34 -51.73 17.17
N GLU E 22 -3.21 -51.85 18.50
CA GLU E 22 -2.48 -50.89 19.31
C GLU E 22 -1.65 -51.68 20.32
N VAL E 23 -0.35 -51.40 20.40
CA VAL E 23 0.54 -52.13 21.32
C VAL E 23 1.18 -51.28 22.41
N ASP E 24 1.26 -51.84 23.61
CA ASP E 24 1.87 -51.19 24.77
C ASP E 24 3.05 -51.99 25.32
N VAL E 25 4.27 -51.52 25.02
CA VAL E 25 5.48 -52.17 25.52
C VAL E 25 5.84 -51.47 26.84
N SER E 26 6.04 -52.26 27.90
CA SER E 26 6.38 -51.71 29.22
C SER E 26 7.79 -52.02 29.68
N THR E 27 8.38 -51.07 30.42
CA THR E 27 9.73 -51.20 30.99
C THR E 27 9.77 -50.43 32.32
N GLU E 28 10.93 -50.41 32.98
CA GLU E 28 11.06 -49.67 34.25
C GLU E 28 10.75 -48.19 34.03
N GLY E 29 10.99 -47.71 32.81
CA GLY E 29 10.74 -46.32 32.44
C GLY E 29 9.29 -45.94 32.17
N GLY E 30 8.40 -46.94 32.14
CA GLY E 30 6.98 -46.67 31.90
C GLY E 30 6.34 -47.54 30.82
N VAL E 31 5.19 -47.09 30.34
CA VAL E 31 4.42 -47.78 29.31
C VAL E 31 4.52 -47.00 27.99
N PHE E 32 4.93 -47.68 26.92
CA PHE E 32 5.08 -47.04 25.62
C PHE E 32 4.10 -47.63 24.62
N ARG E 33 3.30 -46.76 24.02
CA ARG E 33 2.23 -47.13 23.10
C ARG E 33 2.43 -46.74 21.64
N ALA E 34 1.87 -47.56 20.74
CA ALA E 34 1.94 -47.34 19.30
C ALA E 34 0.71 -47.93 18.61
N ALA E 35 0.13 -47.17 17.68
CA ALA E 35 -1.06 -47.62 16.94
C ALA E 35 -0.70 -47.69 15.45
N VAL E 36 -0.99 -48.85 14.85
CA VAL E 36 -0.71 -49.10 13.43
C VAL E 36 -1.83 -48.60 12.51
N PRO E 37 -1.49 -47.88 11.42
CA PRO E 37 -2.50 -47.40 10.50
C PRO E 37 -2.86 -48.50 9.49
N SER E 38 -3.80 -48.21 8.60
CA SER E 38 -4.22 -49.18 7.59
C SER E 38 -4.76 -48.51 6.33
N GLY E 39 -4.39 -49.05 5.17
CA GLY E 39 -4.85 -48.50 3.88
C GLY E 39 -6.23 -49.02 3.50
N GLY E 43 -2.12 -54.95 -4.46
CA GLY E 43 -0.83 -55.38 -5.00
C GLY E 43 -0.34 -56.67 -4.34
N ILE E 44 0.26 -57.53 -5.15
CA ILE E 44 0.81 -58.81 -4.68
C ILE E 44 2.27 -58.63 -4.22
N TYR E 45 2.63 -57.40 -3.84
CA TYR E 45 4.00 -57.10 -3.40
C TYR E 45 4.06 -56.61 -1.95
N GLU E 46 3.00 -55.92 -1.53
CA GLU E 46 2.89 -55.37 -0.19
C GLU E 46 2.98 -56.45 0.91
N ALA E 47 3.38 -56.03 2.11
CA ALA E 47 3.47 -56.94 3.25
C ALA E 47 2.06 -57.06 3.84
N LEU E 48 1.41 -58.20 3.63
CA LEU E 48 0.03 -58.41 4.12
C LEU E 48 -0.13 -58.38 5.64
N GLU E 49 -1.18 -57.69 6.08
CA GLU E 49 -1.53 -57.56 7.50
C GLU E 49 -2.48 -58.70 7.86
N LEU E 50 -2.75 -58.87 9.15
CA LEU E 50 -3.63 -59.97 9.61
C LEU E 50 -5.03 -59.49 10.07
N ARG E 51 -6.05 -59.96 9.35
CA ARG E 51 -7.46 -59.64 9.63
C ARG E 51 -8.19 -60.93 10.03
N ASP E 52 -9.20 -60.80 10.90
CA ASP E 52 -9.97 -61.95 11.39
C ASP E 52 -10.92 -62.54 10.33
N LYS E 53 -11.35 -61.72 9.39
CA LYS E 53 -12.24 -62.13 8.30
C LYS E 53 -13.60 -62.68 8.79
N ASP E 54 -14.06 -62.17 9.93
CA ASP E 54 -15.32 -62.59 10.52
C ASP E 54 -16.46 -61.65 10.08
N PRO E 55 -17.31 -62.08 9.13
CA PRO E 55 -18.40 -61.22 8.64
C PRO E 55 -19.37 -60.66 9.71
N LYS E 56 -19.36 -61.23 10.91
CA LYS E 56 -20.24 -60.78 12.00
C LYS E 56 -19.61 -59.73 12.94
N ARG E 57 -18.33 -59.44 12.75
CA ARG E 57 -17.62 -58.43 13.54
C ARG E 57 -16.95 -57.42 12.63
N TYR E 58 -17.30 -56.15 12.81
CA TYR E 58 -16.75 -55.06 12.02
C TYR E 58 -16.66 -55.38 10.51
N LEU E 59 -17.63 -56.13 10.01
CA LEU E 59 -17.67 -56.49 8.61
C LEU E 59 -16.39 -57.23 8.17
N GLY E 60 -15.86 -58.07 9.05
CA GLY E 60 -14.66 -58.86 8.77
C GLY E 60 -13.33 -58.16 8.88
N LYS E 61 -13.31 -56.98 9.50
CA LYS E 61 -12.07 -56.22 9.64
C LYS E 61 -11.51 -56.20 11.07
N GLY E 62 -11.87 -57.19 11.87
CA GLY E 62 -11.38 -57.26 13.25
C GLY E 62 -9.92 -57.65 13.31
N VAL E 63 -9.24 -57.31 14.41
CA VAL E 63 -7.83 -57.65 14.57
C VAL E 63 -7.56 -58.40 15.88
N LEU E 64 -8.55 -59.12 16.38
CA LEU E 64 -8.41 -59.89 17.62
C LEU E 64 -7.28 -60.93 17.52
N ASN E 65 -7.11 -61.52 16.34
CA ASN E 65 -6.04 -62.52 16.14
C ASN E 65 -4.68 -61.89 16.26
N ALA E 66 -4.51 -60.70 15.69
CA ALA E 66 -3.25 -59.99 15.76
C ALA E 66 -2.95 -59.70 17.23
N VAL E 67 -4.00 -59.39 18.00
CA VAL E 67 -3.84 -59.11 19.43
C VAL E 67 -3.31 -60.34 20.15
N GLU E 68 -3.83 -61.52 19.80
CA GLU E 68 -3.39 -62.77 20.40
C GLU E 68 -2.00 -63.19 19.94
N ILE E 69 -1.66 -62.87 18.70
CA ILE E 69 -0.34 -63.19 18.20
C ILE E 69 0.70 -62.48 19.06
N VAL E 70 0.42 -61.21 19.40
CA VAL E 70 1.33 -60.43 20.23
C VAL E 70 1.49 -61.09 21.60
N ARG E 71 0.36 -61.42 22.22
CA ARG E 71 0.34 -62.05 23.54
C ARG E 71 0.95 -63.45 23.62
N GLN E 72 0.67 -64.30 22.62
CA GLN E 72 1.15 -65.68 22.62
C GLN E 72 2.47 -65.95 21.90
N GLU E 73 2.73 -65.23 20.81
CA GLU E 73 3.94 -65.46 20.02
C GLU E 73 5.09 -64.49 20.30
N ILE E 74 4.81 -63.20 20.22
CA ILE E 74 5.82 -62.15 20.41
C ILE E 74 6.23 -61.90 21.87
N LYS E 75 5.25 -61.68 22.74
CA LYS E 75 5.52 -61.41 24.16
C LYS E 75 6.57 -62.33 24.81
N PRO E 76 6.36 -63.66 24.78
CA PRO E 76 7.35 -64.54 25.42
C PRO E 76 8.76 -64.42 24.83
N ALA E 77 8.84 -64.18 23.54
CA ALA E 77 10.12 -64.06 22.86
C ALA E 77 10.88 -62.77 23.17
N LEU E 78 10.17 -61.74 23.63
CA LEU E 78 10.82 -60.45 23.91
C LEU E 78 11.01 -60.06 25.38
N LEU E 79 10.34 -60.70 26.32
CA LEU E 79 10.53 -60.34 27.72
C LEU E 79 12.02 -60.45 28.07
N GLY E 80 12.56 -59.39 28.68
CA GLY E 80 13.98 -59.37 29.07
C GLY E 80 14.88 -58.71 28.04
N LYS E 81 14.43 -58.62 26.80
CA LYS E 81 15.22 -58.00 25.75
C LYS E 81 15.36 -56.52 26.02
N ASP E 82 16.43 -55.95 25.47
CA ASP E 82 16.71 -54.53 25.60
C ASP E 82 15.96 -53.86 24.47
N PRO E 83 15.04 -52.93 24.79
CA PRO E 83 14.28 -52.26 23.73
C PRO E 83 15.15 -51.46 22.76
N CYS E 84 16.35 -51.08 23.17
CA CYS E 84 17.27 -50.31 22.32
C CYS E 84 17.82 -51.10 21.11
N ASP E 85 17.76 -52.43 21.19
CA ASP E 85 18.26 -53.27 20.11
C ASP E 85 17.17 -53.42 19.03
N GLN E 86 16.83 -52.29 18.41
CA GLN E 86 15.79 -52.25 17.39
C GLN E 86 16.01 -53.30 16.29
N LYS E 87 17.23 -53.36 15.78
CA LYS E 87 17.60 -54.30 14.71
C LYS E 87 17.31 -55.76 15.10
N GLY E 88 17.76 -56.16 16.29
CA GLY E 88 17.55 -57.53 16.78
C GLY E 88 16.11 -57.88 17.03
N ILE E 89 15.37 -56.95 17.63
CA ILE E 89 13.97 -57.16 17.91
C ILE E 89 13.16 -57.28 16.63
N ASP E 90 13.37 -56.35 15.70
CA ASP E 90 12.66 -56.37 14.43
C ASP E 90 12.98 -57.61 13.61
N MET E 91 14.26 -57.93 13.45
CA MET E 91 14.66 -59.11 12.67
C MET E 91 14.30 -60.43 13.32
N LEU E 92 14.10 -60.43 14.64
CA LEU E 92 13.72 -61.65 15.33
C LEU E 92 12.27 -61.96 14.97
N MET E 93 11.44 -60.91 14.93
CA MET E 93 10.03 -61.08 14.60
C MET E 93 9.82 -61.48 13.13
N VAL E 94 10.51 -60.78 12.23
CA VAL E 94 10.38 -61.03 10.80
C VAL E 94 11.07 -62.28 10.27
N GLU E 95 12.26 -62.58 10.77
CA GLU E 95 13.03 -63.73 10.27
C GLU E 95 12.83 -65.05 11.03
N GLN E 96 12.84 -65.01 12.35
CA GLN E 96 12.64 -66.23 13.16
C GLN E 96 11.19 -66.55 13.57
N LEU E 97 10.57 -65.70 14.37
CA LEU E 97 9.19 -65.95 14.81
C LEU E 97 8.22 -66.12 13.65
N ASP E 98 8.45 -65.40 12.56
CA ASP E 98 7.60 -65.50 11.38
C ASP E 98 8.33 -66.27 10.27
N GLY E 99 9.25 -65.60 9.58
CA GLY E 99 10.03 -66.23 8.52
C GLY E 99 9.37 -66.54 7.20
N THR E 100 8.05 -66.36 7.09
CA THR E 100 7.37 -66.64 5.82
C THR E 100 7.75 -65.57 4.79
N LYS E 101 8.30 -66.01 3.65
CA LYS E 101 8.72 -65.08 2.59
C LYS E 101 8.23 -65.50 1.20
N ASN E 102 8.42 -64.61 0.23
CA ASN E 102 8.02 -64.85 -1.16
C ASN E 102 9.08 -64.33 -2.15
N GLU E 103 8.73 -64.16 -3.42
CA GLU E 103 9.69 -63.66 -4.41
C GLU E 103 10.24 -62.27 -4.11
N TRP E 104 9.52 -61.48 -3.32
CA TRP E 104 9.98 -60.11 -3.02
C TRP E 104 10.51 -59.87 -1.60
N GLY E 105 10.67 -60.95 -0.83
CA GLY E 105 11.19 -60.83 0.53
C GLY E 105 10.21 -61.29 1.57
N TYR E 106 10.57 -61.10 2.84
CA TYR E 106 9.72 -61.51 3.95
C TYR E 106 8.35 -60.85 3.85
N SER E 107 7.31 -61.69 3.83
CA SER E 107 5.93 -61.25 3.72
C SER E 107 5.26 -60.95 5.06
N LYS E 108 5.76 -61.54 6.15
CA LYS E 108 5.16 -61.29 7.47
C LYS E 108 3.71 -61.79 7.51
N SER E 109 3.50 -62.92 6.84
CA SER E 109 2.19 -63.58 6.71
C SER E 109 1.67 -64.21 7.99
N LYS E 110 2.55 -64.89 8.73
CA LYS E 110 2.17 -65.58 9.96
C LYS E 110 1.75 -64.67 11.12
N LEU E 111 2.62 -63.72 11.48
CA LEU E 111 2.33 -62.82 12.59
C LEU E 111 1.54 -61.57 12.19
N GLY E 112 1.60 -61.22 10.90
CA GLY E 112 0.91 -60.04 10.39
C GLY E 112 1.80 -58.81 10.46
N ALA E 113 1.86 -58.05 9.38
CA ALA E 113 2.69 -56.85 9.33
C ALA E 113 2.24 -55.81 10.35
N ASN E 114 0.95 -55.85 10.70
CA ASN E 114 0.38 -54.90 11.67
C ASN E 114 0.79 -55.21 13.11
N ALA E 115 0.77 -56.49 13.47
CA ALA E 115 1.16 -56.92 14.81
C ALA E 115 2.65 -56.60 15.01
N ILE E 116 3.47 -57.02 14.04
CA ILE E 116 4.90 -56.79 14.11
C ILE E 116 5.27 -55.30 14.16
N LEU E 117 4.62 -54.48 13.34
CA LEU E 117 4.93 -53.04 13.31
C LEU E 117 4.62 -52.39 14.65
N GLY E 118 3.41 -52.65 15.17
CA GLY E 118 2.98 -52.10 16.46
C GLY E 118 4.02 -52.29 17.54
N VAL E 119 4.55 -53.51 17.64
CA VAL E 119 5.59 -53.83 18.61
C VAL E 119 6.88 -53.08 18.27
N SER E 120 7.22 -53.05 16.99
CA SER E 120 8.43 -52.39 16.51
C SER E 120 8.46 -50.91 16.93
N ILE E 121 7.35 -50.21 16.71
CA ILE E 121 7.22 -48.79 17.07
C ILE E 121 7.23 -48.62 18.60
N ALA E 122 6.45 -49.44 19.29
CA ALA E 122 6.41 -49.37 20.75
C ALA E 122 7.83 -49.50 21.33
N CYS E 123 8.57 -50.50 20.89
CA CYS E 123 9.94 -50.68 21.38
C CYS E 123 10.82 -49.48 21.04
N CYS E 124 10.64 -48.96 19.84
CA CYS E 124 11.41 -47.81 19.39
C CYS E 124 11.24 -46.66 20.39
N ARG E 125 10.01 -46.49 20.89
CA ARG E 125 9.70 -45.45 21.90
C ARG E 125 10.28 -45.78 23.26
N ALA E 126 10.29 -47.07 23.59
CA ALA E 126 10.84 -47.52 24.86
C ALA E 126 12.35 -47.31 24.81
N GLY E 127 12.93 -47.54 23.63
CA GLY E 127 14.36 -47.37 23.41
C GLY E 127 14.75 -45.91 23.47
N ALA E 128 13.95 -45.04 22.85
CA ALA E 128 14.22 -43.61 22.86
C ALA E 128 14.25 -43.12 24.30
N ALA E 129 13.35 -43.65 25.13
CA ALA E 129 13.27 -43.26 26.54
C ALA E 129 14.43 -43.81 27.37
N SER E 130 14.92 -44.99 27.02
CA SER E 130 16.05 -45.59 27.75
C SER E 130 17.31 -44.78 27.52
N LYS E 131 17.42 -44.18 26.33
CA LYS E 131 18.54 -43.35 25.94
C LYS E 131 18.34 -41.88 26.35
N GLY E 132 17.23 -41.58 27.00
CA GLY E 132 16.94 -40.20 27.42
C GLY E 132 16.84 -39.22 26.25
N LEU E 133 16.40 -39.71 25.09
CA LEU E 133 16.28 -38.88 23.90
C LEU E 133 14.86 -38.81 23.37
N PRO E 134 14.48 -37.64 22.82
CA PRO E 134 13.14 -37.56 22.23
C PRO E 134 13.10 -38.49 21.01
N LEU E 135 11.94 -39.04 20.71
CA LEU E 135 11.79 -39.98 19.58
C LEU E 135 12.50 -39.57 18.28
N TYR E 136 12.39 -38.31 17.89
CA TYR E 136 13.03 -37.86 16.64
C TYR E 136 14.56 -38.00 16.64
N LYS E 137 15.20 -37.77 17.80
CA LYS E 137 16.66 -37.93 17.88
C LYS E 137 17.07 -39.39 17.89
N TYR E 138 16.29 -40.22 18.56
CA TYR E 138 16.61 -41.65 18.66
C TYR E 138 16.59 -42.31 17.26
N ILE E 139 15.62 -41.93 16.44
CA ILE E 139 15.50 -42.45 15.09
C ILE E 139 16.73 -42.04 14.26
N ALA E 140 17.28 -40.87 14.58
CA ALA E 140 18.47 -40.38 13.90
C ALA E 140 19.66 -41.27 14.24
N THR E 141 19.82 -41.62 15.51
CA THR E 141 20.92 -42.48 15.94
C THR E 141 20.80 -43.87 15.30
N LEU E 142 19.56 -44.32 15.06
CA LEU E 142 19.33 -45.62 14.42
C LEU E 142 19.66 -45.55 12.93
N ALA E 143 19.52 -44.36 12.34
CA ALA E 143 19.80 -44.17 10.92
C ALA E 143 21.26 -43.83 10.69
N GLY E 144 21.95 -43.43 11.75
CA GLY E 144 23.35 -43.04 11.69
C GLY E 144 23.52 -41.65 11.09
N LYS E 145 22.76 -40.68 11.61
CA LYS E 145 22.79 -39.29 11.13
C LYS E 145 23.72 -38.37 11.95
N ASP E 148 24.81 -32.51 12.20
CA ASP E 148 24.07 -31.48 11.46
C ASP E 148 22.79 -31.07 12.18
N LYS E 149 22.23 -29.94 11.75
CA LYS E 149 20.97 -29.43 12.30
C LYS E 149 19.93 -30.34 11.69
N MET E 150 18.84 -30.57 12.40
CA MET E 150 17.80 -31.45 11.88
C MET E 150 16.95 -30.72 10.84
N VAL E 151 16.49 -31.45 9.84
CA VAL E 151 15.70 -30.88 8.76
C VAL E 151 14.19 -31.04 8.95
N MET E 152 13.47 -29.93 9.00
CA MET E 152 12.02 -29.97 9.14
C MET E 152 11.51 -30.12 7.70
N PRO E 153 10.53 -31.02 7.50
CA PRO E 153 10.01 -31.29 6.17
C PRO E 153 8.94 -30.36 5.65
N VAL E 154 8.83 -30.34 4.33
CA VAL E 154 7.82 -29.57 3.62
C VAL E 154 6.58 -30.47 3.60
N PRO E 155 5.44 -29.95 4.07
CA PRO E 155 4.22 -30.73 4.09
C PRO E 155 3.43 -30.67 2.78
N PHE E 156 2.94 -31.82 2.34
CA PHE E 156 2.12 -31.91 1.12
C PHE E 156 0.68 -32.21 1.58
N PHE E 157 -0.18 -31.19 1.51
CA PHE E 157 -1.57 -31.29 1.96
C PHE E 157 -2.53 -31.71 0.87
N ASN E 158 -3.29 -32.78 1.11
CA ASN E 158 -4.29 -33.27 0.16
C ASN E 158 -5.50 -32.35 0.20
N VAL E 159 -5.85 -31.76 -0.95
CA VAL E 159 -6.97 -30.82 -1.02
C VAL E 159 -8.13 -31.18 -1.96
N ILE E 160 -7.83 -31.80 -3.10
CA ILE E 160 -8.89 -32.19 -4.04
C ILE E 160 -8.75 -33.67 -4.41
N ASN E 161 -9.84 -34.41 -4.25
CA ASN E 161 -9.86 -35.85 -4.53
C ASN E 161 -10.53 -36.22 -5.86
N GLY E 162 -10.12 -37.36 -6.40
CA GLY E 162 -10.66 -37.88 -7.64
C GLY E 162 -10.53 -39.39 -7.64
N GLY E 163 -10.39 -39.99 -8.82
CA GLY E 163 -10.26 -41.44 -8.94
C GLY E 163 -11.36 -42.15 -8.19
N GLU E 164 -11.01 -43.23 -7.50
CA GLU E 164 -11.98 -44.02 -6.73
C GLU E 164 -12.51 -43.28 -5.51
N HIS E 165 -11.75 -42.31 -5.01
CA HIS E 165 -12.15 -41.52 -3.83
C HIS E 165 -13.29 -40.52 -4.07
N ALA E 166 -13.81 -40.40 -5.30
CA ALA E 166 -14.88 -39.45 -5.57
C ALA E 166 -15.72 -39.79 -6.80
N GLY E 167 -16.85 -39.10 -6.93
CA GLY E 167 -17.78 -39.27 -8.04
C GLY E 167 -17.55 -38.27 -9.16
N ASN E 168 -16.42 -37.56 -9.10
CA ASN E 168 -16.04 -36.58 -10.12
C ASN E 168 -15.77 -37.27 -11.43
N GLY E 169 -15.44 -36.49 -12.45
CA GLY E 169 -15.09 -37.04 -13.74
C GLY E 169 -13.56 -37.14 -13.72
N LEU E 170 -12.98 -36.55 -12.69
CA LEU E 170 -11.53 -36.51 -12.46
C LEU E 170 -10.94 -37.91 -12.29
N ALA E 171 -10.01 -38.27 -13.17
CA ALA E 171 -9.36 -39.59 -13.14
C ALA E 171 -8.25 -39.67 -12.09
N LEU E 172 -7.51 -38.59 -11.93
CA LEU E 172 -6.42 -38.54 -10.96
C LEU E 172 -7.00 -38.68 -9.56
N GLN E 173 -6.28 -39.35 -8.67
CA GLN E 173 -6.74 -39.57 -7.30
C GLN E 173 -6.55 -38.37 -6.35
N GLU E 174 -5.35 -37.83 -6.26
CA GLU E 174 -5.10 -36.71 -5.34
C GLU E 174 -4.36 -35.51 -5.89
N PHE E 175 -4.82 -34.33 -5.49
CA PHE E 175 -4.18 -33.06 -5.84
C PHE E 175 -3.76 -32.46 -4.51
N LEU E 176 -2.47 -32.15 -4.38
CA LEU E 176 -1.94 -31.58 -3.14
C LEU E 176 -1.30 -30.22 -3.38
N ILE E 177 -1.02 -29.53 -2.28
CA ILE E 177 -0.35 -28.22 -2.29
C ILE E 177 0.81 -28.29 -1.29
N ALA E 178 1.96 -27.75 -1.67
CA ALA E 178 3.16 -27.78 -0.83
C ALA E 178 3.79 -26.38 -0.69
N PRO E 179 3.78 -25.82 0.54
CA PRO E 179 4.33 -24.50 0.80
C PRO E 179 5.85 -24.49 0.91
N VAL E 180 6.52 -24.71 -0.21
CA VAL E 180 7.99 -24.74 -0.27
C VAL E 180 8.59 -23.37 0.04
N GLY E 181 7.80 -22.31 -0.14
CA GLY E 181 8.24 -20.95 0.09
C GLY E 181 8.24 -20.46 1.53
N ALA E 182 7.64 -21.24 2.43
CA ALA E 182 7.58 -20.84 3.85
C ALA E 182 8.98 -20.87 4.50
N PRO E 183 9.21 -20.02 5.52
CA PRO E 183 10.50 -19.94 6.22
C PRO E 183 10.75 -21.09 7.20
N ASN E 184 9.69 -21.54 7.87
CA ASN E 184 9.77 -22.63 8.85
C ASN E 184 8.54 -23.52 8.75
N ILE E 185 8.51 -24.62 9.50
CA ILE E 185 7.38 -25.55 9.42
C ILE E 185 6.11 -24.96 10.04
N ARG E 186 6.23 -24.10 11.05
CA ARG E 186 5.05 -23.48 11.66
C ARG E 186 4.29 -22.69 10.61
N GLU E 187 5.02 -21.85 9.89
CA GLU E 187 4.45 -21.04 8.84
C GLU E 187 3.95 -21.94 7.70
N ALA E 188 4.70 -23.00 7.38
CA ALA E 188 4.28 -23.91 6.32
C ALA E 188 2.86 -24.43 6.57
N ILE E 189 2.56 -24.74 7.83
CA ILE E 189 1.24 -25.24 8.20
C ILE E 189 0.18 -24.13 8.12
N ARG E 190 0.54 -22.91 8.53
CA ARG E 190 -0.39 -21.78 8.47
C ARG E 190 -0.75 -21.51 7.01
N TYR E 191 0.26 -21.54 6.15
CA TYR E 191 0.08 -21.35 4.71
C TYR E 191 -0.91 -22.38 4.18
N GLY E 192 -0.73 -23.63 4.59
CA GLY E 192 -1.58 -24.73 4.15
C GLY E 192 -3.00 -24.60 4.65
N SER E 193 -3.15 -24.20 5.91
CA SER E 193 -4.47 -24.04 6.52
C SER E 193 -5.26 -22.90 5.90
N GLU E 194 -4.60 -21.76 5.71
CA GLU E 194 -5.25 -20.60 5.13
C GLU E 194 -5.68 -20.91 3.70
N THR E 195 -4.76 -21.47 2.92
CA THR E 195 -5.06 -21.81 1.54
C THR E 195 -6.22 -22.82 1.49
N TYR E 196 -6.17 -23.80 2.39
CA TYR E 196 -7.20 -24.81 2.49
C TYR E 196 -8.57 -24.18 2.75
N HIS E 197 -8.61 -23.14 3.58
CA HIS E 197 -9.87 -22.47 3.88
C HIS E 197 -10.37 -21.60 2.72
N HIS E 198 -9.47 -21.03 1.92
CA HIS E 198 -9.90 -20.24 0.78
C HIS E 198 -10.47 -21.17 -0.29
N LEU E 199 -9.86 -22.34 -0.43
CA LEU E 199 -10.33 -23.34 -1.38
C LEU E 199 -11.72 -23.78 -0.96
N LYS E 200 -11.92 -23.92 0.36
CA LYS E 200 -13.20 -24.31 0.92
C LYS E 200 -14.24 -23.24 0.56
N ASN E 201 -13.87 -21.97 0.74
CA ASN E 201 -14.74 -20.84 0.43
C ASN E 201 -15.11 -20.86 -1.04
N VAL E 202 -14.12 -21.00 -1.91
CA VAL E 202 -14.38 -21.03 -3.36
C VAL E 202 -15.34 -22.17 -3.72
N ILE E 203 -15.04 -23.38 -3.26
CA ILE E 203 -15.89 -24.53 -3.55
C ILE E 203 -17.32 -24.34 -3.04
N LYS E 204 -17.47 -23.63 -1.93
CA LYS E 204 -18.82 -23.39 -1.40
C LYS E 204 -19.59 -22.50 -2.37
N ASN E 205 -18.97 -21.42 -2.82
CA ASN E 205 -19.60 -20.46 -3.73
C ASN E 205 -19.83 -20.99 -5.15
N LYS E 206 -19.06 -21.97 -5.59
CA LYS E 206 -19.22 -22.48 -6.94
C LYS E 206 -20.00 -23.79 -7.02
N TYR E 207 -19.72 -24.71 -6.11
CA TYR E 207 -20.40 -26.01 -6.14
C TYR E 207 -21.46 -26.22 -5.06
N GLY E 208 -21.48 -25.38 -4.03
CA GLY E 208 -22.45 -25.49 -2.94
C GLY E 208 -21.84 -25.90 -1.61
N LEU E 209 -22.61 -25.74 -0.54
CA LEU E 209 -22.17 -26.07 0.82
C LEU E 209 -21.84 -27.56 0.99
N ASP E 210 -22.69 -28.44 0.46
CA ASP E 210 -22.47 -29.89 0.59
C ASP E 210 -21.18 -30.38 -0.06
N ALA E 211 -20.62 -29.58 -0.98
CA ALA E 211 -19.38 -29.94 -1.65
C ALA E 211 -18.15 -29.64 -0.78
N THR E 212 -18.39 -29.14 0.44
CA THR E 212 -17.30 -28.83 1.38
C THR E 212 -17.13 -29.93 2.43
N ASN E 213 -17.92 -30.99 2.35
CA ASN E 213 -17.76 -32.12 3.27
C ASN E 213 -16.48 -32.79 2.83
N VAL E 214 -15.72 -33.31 3.77
CA VAL E 214 -14.42 -33.90 3.44
C VAL E 214 -14.37 -35.43 3.27
N GLY E 215 -13.32 -35.86 2.56
CA GLY E 215 -13.08 -37.28 2.30
C GLY E 215 -12.22 -37.85 3.41
N ASP E 216 -11.87 -39.12 3.30
CA ASP E 216 -11.05 -39.82 4.32
C ASP E 216 -9.83 -39.04 4.79
N GLU E 217 -9.16 -38.37 3.87
CA GLU E 217 -7.94 -37.62 4.19
C GLU E 217 -8.14 -36.13 4.43
N GLY E 218 -9.40 -35.69 4.50
CA GLY E 218 -9.74 -34.28 4.75
C GLY E 218 -9.87 -33.36 3.55
N GLY E 219 -9.68 -33.90 2.35
CA GLY E 219 -9.77 -33.11 1.12
C GLY E 219 -11.20 -33.00 0.64
N PHE E 220 -11.43 -32.20 -0.40
CA PHE E 220 -12.77 -31.99 -0.95
C PHE E 220 -13.00 -32.80 -2.22
N ALA E 221 -14.26 -33.04 -2.52
CA ALA E 221 -14.65 -33.81 -3.71
C ALA E 221 -15.59 -33.01 -4.63
N PRO E 222 -15.17 -31.79 -5.03
CA PRO E 222 -16.02 -31.00 -5.91
C PRO E 222 -16.26 -31.73 -7.21
N ASN E 223 -17.50 -31.73 -7.69
CA ASN E 223 -17.86 -32.42 -8.92
C ASN E 223 -17.20 -31.80 -10.16
N VAL E 224 -15.87 -31.85 -10.22
CA VAL E 224 -15.12 -31.32 -11.36
C VAL E 224 -15.07 -32.34 -12.48
N ALA E 225 -14.98 -31.86 -13.72
CA ALA E 225 -14.94 -32.73 -14.88
C ALA E 225 -13.52 -33.21 -15.20
N THR E 226 -12.63 -32.26 -15.48
CA THR E 226 -11.26 -32.57 -15.87
C THR E 226 -10.21 -32.15 -14.85
N ALA E 227 -8.96 -32.55 -15.12
CA ALA E 227 -7.83 -32.20 -14.28
C ALA E 227 -7.56 -30.70 -14.36
N GLU E 228 -7.80 -30.10 -15.53
CA GLU E 228 -7.59 -28.65 -15.68
C GLU E 228 -8.43 -27.87 -14.69
N GLU E 229 -9.72 -28.20 -14.60
CA GLU E 229 -10.63 -27.52 -13.67
C GLU E 229 -10.16 -27.60 -12.22
N ALA E 230 -9.68 -28.78 -11.81
CA ALA E 230 -9.19 -28.97 -10.45
C ALA E 230 -7.98 -28.07 -10.20
N LEU E 231 -7.01 -28.11 -11.11
CA LEU E 231 -5.80 -27.29 -10.99
C LEU E 231 -6.14 -25.79 -10.97
N ASN E 232 -7.13 -25.39 -11.75
CA ASN E 232 -7.54 -23.98 -11.77
C ASN E 232 -8.06 -23.54 -10.41
N LEU E 233 -8.74 -24.45 -9.70
CA LEU E 233 -9.25 -24.13 -8.38
C LEU E 233 -8.07 -23.88 -7.46
N LEU E 234 -7.09 -24.78 -7.48
CA LEU E 234 -5.91 -24.62 -6.63
C LEU E 234 -5.22 -23.27 -6.92
N VAL E 235 -4.97 -22.98 -8.20
CA VAL E 235 -4.30 -21.74 -8.56
C VAL E 235 -5.10 -20.55 -8.05
N GLU E 236 -6.41 -20.67 -8.11
CA GLU E 236 -7.32 -19.62 -7.65
C GLU E 236 -7.20 -19.48 -6.12
N ALA E 237 -7.32 -20.61 -5.42
CA ALA E 237 -7.23 -20.62 -3.96
C ALA E 237 -5.89 -20.08 -3.46
N ILE E 238 -4.81 -20.46 -4.14
CA ILE E 238 -3.46 -20.01 -3.78
C ILE E 238 -3.36 -18.50 -3.95
N LYS E 239 -3.98 -18.00 -5.02
CA LYS E 239 -3.97 -16.56 -5.30
C LYS E 239 -4.74 -15.82 -4.22
N ALA E 240 -5.92 -16.32 -3.89
CA ALA E 240 -6.78 -15.70 -2.87
C ALA E 240 -6.10 -15.66 -1.48
N ALA E 241 -5.29 -16.67 -1.18
CA ALA E 241 -4.57 -16.75 0.09
C ALA E 241 -3.36 -15.83 0.07
N GLY E 242 -2.98 -15.40 -1.14
CA GLY E 242 -1.85 -14.50 -1.32
C GLY E 242 -0.49 -15.17 -1.27
N TYR E 243 -0.43 -16.47 -1.55
CA TYR E 243 0.84 -17.18 -1.52
C TYR E 243 1.35 -17.63 -2.90
N GLU E 244 0.91 -16.94 -3.95
CA GLU E 244 1.34 -17.27 -5.30
C GLU E 244 2.87 -17.23 -5.32
N GLY E 245 3.49 -18.34 -5.73
CA GLY E 245 4.95 -18.45 -5.79
C GLY E 245 5.55 -19.18 -4.60
N LYS E 246 4.84 -19.16 -3.46
CA LYS E 246 5.32 -19.83 -2.24
C LYS E 246 4.66 -21.19 -2.00
N ILE E 247 3.53 -21.43 -2.66
CA ILE E 247 2.83 -22.72 -2.55
C ILE E 247 2.81 -23.34 -3.93
N LYS E 248 3.24 -24.60 -4.03
CA LYS E 248 3.29 -25.31 -5.30
C LYS E 248 2.25 -26.41 -5.30
N ILE E 249 2.07 -27.05 -6.45
CA ILE E 249 1.09 -28.11 -6.59
C ILE E 249 1.77 -29.46 -6.81
N ALA E 250 1.06 -30.52 -6.47
CA ALA E 250 1.55 -31.87 -6.64
C ALA E 250 0.35 -32.78 -6.80
N PHE E 251 0.54 -33.97 -7.38
CA PHE E 251 -0.59 -34.89 -7.53
C PHE E 251 -0.22 -36.36 -7.55
N ASP E 252 -1.16 -37.19 -7.13
CA ASP E 252 -1.03 -38.65 -7.09
C ASP E 252 -2.05 -39.16 -8.10
N ALA E 253 -1.57 -39.66 -9.21
CA ALA E 253 -2.44 -40.17 -10.25
C ALA E 253 -3.10 -41.49 -9.88
N ALA E 254 -2.32 -42.40 -9.30
CA ALA E 254 -2.83 -43.72 -8.94
C ALA E 254 -3.28 -44.36 -10.25
N ALA E 255 -2.42 -44.25 -11.26
CA ALA E 255 -2.67 -44.75 -12.61
C ALA E 255 -3.09 -46.21 -12.69
N SER E 256 -2.70 -47.02 -11.72
CA SER E 256 -3.10 -48.43 -11.72
C SER E 256 -4.62 -48.53 -11.77
N GLU E 257 -5.29 -47.61 -11.07
CA GLU E 257 -6.76 -47.61 -11.00
C GLU E 257 -7.44 -47.45 -12.36
N PHE E 258 -6.83 -46.71 -13.29
CA PHE E 258 -7.43 -46.54 -14.63
C PHE E 258 -6.65 -47.17 -15.79
N TYR E 259 -5.85 -48.18 -15.48
CA TYR E 259 -5.06 -48.89 -16.49
C TYR E 259 -5.85 -50.11 -16.95
N LYS E 260 -5.77 -50.40 -18.24
CA LYS E 260 -6.46 -51.56 -18.81
C LYS E 260 -5.39 -52.48 -19.39
N GLN E 261 -4.92 -53.43 -18.59
CA GLN E 261 -3.87 -54.36 -19.03
C GLN E 261 -4.29 -55.21 -20.22
N ASP E 262 -5.59 -55.42 -20.37
CA ASP E 262 -6.14 -56.20 -21.48
C ASP E 262 -5.74 -55.53 -22.79
N GLU E 263 -5.79 -54.20 -22.76
CA GLU E 263 -5.48 -53.36 -23.91
C GLU E 263 -4.12 -52.66 -23.79
N LYS E 264 -3.58 -52.63 -22.57
CA LYS E 264 -2.28 -51.98 -22.27
C LYS E 264 -2.29 -50.49 -22.61
N LYS E 265 -3.34 -49.81 -22.17
CA LYS E 265 -3.53 -48.37 -22.36
C LYS E 265 -4.27 -47.79 -21.14
N TYR E 266 -4.16 -46.47 -20.97
CA TYR E 266 -4.81 -45.78 -19.85
C TYR E 266 -6.05 -45.02 -20.33
N ASP E 267 -7.01 -44.83 -19.43
CA ASP E 267 -8.27 -44.13 -19.73
C ASP E 267 -8.59 -43.07 -18.68
N LEU E 268 -8.36 -41.80 -19.00
CA LEU E 268 -8.64 -40.69 -18.09
C LEU E 268 -10.13 -40.44 -17.88
N ASP E 269 -10.96 -41.01 -18.74
CA ASP E 269 -12.40 -40.84 -18.67
C ASP E 269 -13.04 -42.18 -18.30
N TYR E 270 -12.41 -42.94 -17.39
CA TYR E 270 -12.94 -44.25 -17.02
C TYR E 270 -14.23 -44.12 -16.20
N LYS E 271 -14.53 -42.90 -15.78
CA LYS E 271 -15.74 -42.59 -15.00
C LYS E 271 -16.74 -41.80 -15.87
N CYS E 272 -16.56 -41.91 -17.20
CA CYS E 272 -17.40 -41.22 -18.18
C CYS E 272 -17.30 -39.70 -18.08
N ALA E 277 -17.22 -42.71 -24.41
CA ALA E 277 -16.03 -43.46 -24.84
C ALA E 277 -15.10 -42.57 -25.68
N SER E 278 -13.98 -42.18 -25.08
CA SER E 278 -12.97 -41.35 -25.74
C SER E 278 -11.81 -42.23 -26.26
N LYS E 279 -10.64 -41.64 -26.48
CA LYS E 279 -9.48 -42.38 -26.98
C LYS E 279 -8.57 -42.80 -25.83
N HIS E 280 -8.41 -44.11 -25.67
CA HIS E 280 -7.54 -44.66 -24.63
C HIS E 280 -6.09 -44.32 -24.98
N LEU E 281 -5.35 -43.82 -23.99
CA LEU E 281 -3.97 -43.40 -24.19
C LEU E 281 -2.92 -44.43 -23.81
N THR E 282 -1.80 -44.43 -24.53
CA THR E 282 -0.69 -45.33 -24.27
C THR E 282 0.24 -44.63 -23.29
N GLY E 283 1.27 -45.34 -22.83
CA GLY E 283 2.24 -44.75 -21.89
C GLY E 283 2.81 -43.45 -22.44
N GLU E 284 3.21 -43.47 -23.70
CA GLU E 284 3.74 -42.28 -24.36
C GLU E 284 2.72 -41.16 -24.41
N LYS E 285 1.51 -41.46 -24.84
CA LYS E 285 0.46 -40.44 -24.93
C LYS E 285 0.15 -39.83 -23.55
N LEU E 286 -0.07 -40.68 -22.55
CA LEU E 286 -0.36 -40.20 -21.19
C LEU E 286 0.75 -39.29 -20.69
N LYS E 287 2.00 -39.68 -20.98
CA LYS E 287 3.18 -38.91 -20.60
C LYS E 287 3.07 -37.49 -21.16
N GLU E 288 2.77 -37.39 -22.45
CA GLU E 288 2.64 -36.09 -23.10
C GLU E 288 1.59 -35.23 -22.40
N VAL E 289 0.51 -35.85 -21.95
CA VAL E 289 -0.54 -35.12 -21.26
C VAL E 289 0.03 -34.50 -19.98
N TYR E 290 0.78 -35.28 -19.20
CA TYR E 290 1.38 -34.76 -17.96
C TYR E 290 2.36 -33.64 -18.24
N GLU E 291 3.25 -33.86 -19.21
CA GLU E 291 4.25 -32.86 -19.57
C GLU E 291 3.59 -31.54 -19.95
N GLY E 292 2.36 -31.64 -20.45
CA GLY E 292 1.59 -30.47 -20.84
C GLY E 292 1.14 -29.69 -19.60
N TRP E 293 0.72 -30.41 -18.56
CA TRP E 293 0.28 -29.73 -17.35
C TRP E 293 1.48 -29.13 -16.61
N LEU E 294 2.60 -29.85 -16.60
CA LEU E 294 3.81 -29.37 -15.92
C LEU E 294 4.24 -28.01 -16.46
N LYS E 295 4.14 -27.81 -17.78
CA LYS E 295 4.51 -26.53 -18.39
C LYS E 295 3.46 -25.44 -18.16
N LYS E 296 2.19 -25.83 -18.00
CA LYS E 296 1.12 -24.84 -17.82
C LYS E 296 0.83 -24.48 -16.35
N TYR E 297 1.19 -25.34 -15.41
CA TYR E 297 0.95 -25.08 -13.98
C TYR E 297 2.22 -25.28 -13.14
N PRO E 298 2.22 -24.75 -11.90
CA PRO E 298 3.37 -24.89 -10.99
C PRO E 298 3.40 -26.25 -10.27
N ILE E 299 3.48 -27.33 -11.02
CA ILE E 299 3.52 -28.69 -10.46
C ILE E 299 4.95 -29.14 -10.21
N ILE E 300 5.28 -29.42 -8.95
CA ILE E 300 6.64 -29.83 -8.56
C ILE E 300 6.84 -31.32 -8.27
N SER E 301 5.76 -32.09 -8.15
CA SER E 301 5.87 -33.52 -7.84
C SER E 301 4.69 -34.34 -8.37
N VAL E 302 4.98 -35.51 -8.97
CA VAL E 302 3.94 -36.40 -9.51
C VAL E 302 4.12 -37.82 -8.97
N GLU E 303 3.08 -38.34 -8.31
CA GLU E 303 3.10 -39.69 -7.69
C GLU E 303 2.31 -40.70 -8.54
N ASP E 304 2.81 -41.93 -8.62
CA ASP E 304 2.18 -43.02 -9.41
C ASP E 304 1.53 -42.58 -10.73
N PRO E 305 2.33 -41.97 -11.62
CA PRO E 305 1.83 -41.51 -12.91
C PRO E 305 1.46 -42.65 -13.87
N PHE E 306 1.98 -43.86 -13.62
CA PHE E 306 1.68 -45.00 -14.46
C PHE E 306 1.41 -46.23 -13.63
N ASP E 307 0.96 -47.30 -14.29
CA ASP E 307 0.64 -48.57 -13.62
C ASP E 307 1.75 -49.13 -12.74
N GLN E 308 1.30 -49.89 -11.76
CA GLN E 308 2.12 -50.56 -10.78
C GLN E 308 3.30 -51.35 -11.41
N ASP E 309 3.11 -51.93 -12.59
CA ASP E 309 4.16 -52.69 -13.27
C ASP E 309 4.57 -52.14 -14.63
N ASP E 310 4.26 -50.88 -14.89
CA ASP E 310 4.61 -50.27 -16.16
C ASP E 310 5.87 -49.44 -15.99
N PHE E 311 7.00 -50.12 -15.86
CA PHE E 311 8.31 -49.46 -15.71
C PHE E 311 8.72 -48.69 -16.97
N ALA E 312 8.41 -49.24 -18.14
CA ALA E 312 8.75 -48.60 -19.40
C ALA E 312 8.33 -47.13 -19.43
N SER E 313 7.07 -46.87 -19.07
CA SER E 313 6.52 -45.51 -19.06
C SER E 313 7.13 -44.64 -17.95
N PHE E 314 7.37 -45.22 -16.78
CA PHE E 314 8.02 -44.49 -15.69
C PHE E 314 9.39 -43.99 -16.12
N SER E 315 10.19 -44.90 -16.67
CA SER E 315 11.54 -44.56 -17.12
C SER E 315 11.57 -43.45 -18.14
N ALA E 316 10.71 -43.55 -19.15
CA ALA E 316 10.60 -42.55 -20.20
C ALA E 316 10.21 -41.20 -19.60
N PHE E 317 9.23 -41.24 -18.70
CA PHE E 317 8.73 -40.03 -18.04
C PHE E 317 9.82 -39.39 -17.16
N THR E 318 10.47 -40.21 -16.35
CA THR E 318 11.54 -39.72 -15.46
C THR E 318 12.74 -39.18 -16.24
N LYS E 319 12.96 -39.70 -17.44
CA LYS E 319 14.08 -39.22 -18.25
C LYS E 319 13.83 -37.81 -18.77
N ASP E 320 12.58 -37.51 -19.12
CA ASP E 320 12.19 -36.20 -19.66
C ASP E 320 12.09 -35.07 -18.63
N VAL E 321 11.39 -35.34 -17.53
CA VAL E 321 11.18 -34.33 -16.48
C VAL E 321 12.03 -34.49 -15.21
N GLY E 322 12.55 -35.70 -14.99
CA GLY E 322 13.37 -36.02 -13.82
C GLY E 322 14.21 -34.94 -13.14
N GLU E 323 15.04 -34.25 -13.91
CA GLU E 323 15.90 -33.21 -13.33
C GLU E 323 15.15 -32.05 -12.66
N LYS E 324 13.96 -31.74 -13.17
CA LYS E 324 13.18 -30.62 -12.64
C LYS E 324 11.99 -31.02 -11.76
N THR E 325 11.31 -32.11 -12.12
CA THR E 325 10.17 -32.59 -11.35
C THR E 325 10.44 -33.92 -10.68
N GLN E 326 9.81 -34.11 -9.52
CA GLN E 326 9.95 -35.31 -8.75
C GLN E 326 8.92 -36.35 -9.19
N VAL E 327 9.37 -37.58 -9.43
CA VAL E 327 8.47 -38.68 -9.81
C VAL E 327 8.51 -39.66 -8.66
N ILE E 328 7.42 -39.72 -7.90
CA ILE E 328 7.35 -40.60 -6.75
C ILE E 328 6.79 -41.97 -7.13
N GLY E 329 7.42 -43.01 -6.59
CA GLY E 329 6.99 -44.37 -6.82
C GLY E 329 6.34 -44.91 -5.55
N ASP E 330 5.03 -45.14 -5.62
CA ASP E 330 4.24 -45.65 -4.49
C ASP E 330 3.87 -47.12 -4.73
N ASP E 331 2.78 -47.36 -5.45
CA ASP E 331 2.31 -48.71 -5.75
C ASP E 331 3.41 -49.56 -6.41
N ILE E 332 4.15 -48.93 -7.33
CA ILE E 332 5.23 -49.61 -8.06
C ILE E 332 6.40 -50.05 -7.14
N LEU E 333 6.63 -49.34 -6.04
CA LEU E 333 7.71 -49.66 -5.10
C LEU E 333 7.19 -50.35 -3.84
N VAL E 334 6.00 -49.93 -3.41
CA VAL E 334 5.33 -50.46 -2.22
C VAL E 334 6.32 -50.67 -1.05
N THR E 335 7.22 -49.71 -0.87
CA THR E 335 8.24 -49.72 0.20
C THR E 335 9.05 -51.03 0.32
N ASN E 336 9.25 -51.72 -0.80
CA ASN E 336 10.00 -52.98 -0.83
C ASN E 336 11.39 -52.81 -1.43
N ILE E 337 12.41 -53.30 -0.73
CA ILE E 337 13.81 -53.19 -1.16
C ILE E 337 14.04 -53.67 -2.59
N LEU E 338 13.65 -54.91 -2.88
CA LEU E 338 13.81 -55.46 -4.24
C LEU E 338 13.09 -54.62 -5.30
N ARG E 339 11.89 -54.11 -4.99
CA ARG E 339 11.14 -53.29 -5.94
C ARG E 339 11.92 -52.00 -6.20
N ILE E 340 12.53 -51.46 -5.14
CA ILE E 340 13.32 -50.24 -5.23
C ILE E 340 14.57 -50.49 -6.07
N GLU E 341 15.27 -51.59 -5.80
CA GLU E 341 16.48 -51.93 -6.56
C GLU E 341 16.18 -52.05 -8.05
N LYS E 342 15.02 -52.62 -8.39
CA LYS E 342 14.63 -52.76 -9.79
C LYS E 342 14.33 -51.38 -10.39
N ALA E 343 13.72 -50.52 -9.60
CA ALA E 343 13.38 -49.18 -10.03
C ALA E 343 14.67 -48.40 -10.30
N LEU E 344 15.69 -48.61 -9.45
CA LEU E 344 16.98 -47.94 -9.61
C LEU E 344 17.70 -48.40 -10.88
N LYS E 345 17.71 -49.70 -11.10
CA LYS E 345 18.36 -50.29 -12.27
C LYS E 345 17.75 -49.75 -13.56
N ASP E 346 16.42 -49.58 -13.55
CA ASP E 346 15.66 -49.08 -14.70
C ASP E 346 15.45 -47.56 -14.67
N LYS E 347 15.91 -46.88 -13.62
CA LYS E 347 15.74 -45.42 -13.49
C LYS E 347 14.26 -45.05 -13.70
N ALA E 348 13.38 -45.72 -12.96
CA ALA E 348 11.93 -45.51 -13.07
C ALA E 348 11.43 -44.29 -12.27
N CYS E 349 12.03 -44.04 -11.11
CA CYS E 349 11.62 -42.91 -10.25
C CYS E 349 12.82 -42.08 -9.85
N ASN E 350 12.56 -41.10 -9.00
CA ASN E 350 13.60 -40.27 -8.43
C ASN E 350 13.20 -39.94 -6.98
N CYS E 351 12.17 -40.62 -6.49
CA CYS E 351 11.68 -40.43 -5.12
C CYS E 351 10.87 -41.65 -4.63
N LEU E 352 10.97 -41.90 -3.32
CA LEU E 352 10.28 -43.02 -2.68
C LEU E 352 9.19 -42.56 -1.72
N LEU E 353 8.02 -43.16 -1.84
CA LEU E 353 6.92 -42.83 -0.93
C LEU E 353 7.12 -43.88 0.16
N LEU E 354 7.40 -43.44 1.39
CA LEU E 354 7.66 -44.35 2.49
C LEU E 354 6.48 -44.56 3.46
N LYS E 355 5.88 -45.75 3.37
CA LYS E 355 4.77 -46.15 4.21
C LYS E 355 5.26 -47.29 5.10
N VAL E 356 5.49 -46.99 6.38
CA VAL E 356 6.01 -47.99 7.34
C VAL E 356 5.24 -49.29 7.48
N ASN E 357 3.90 -49.25 7.55
CA ASN E 357 3.14 -50.49 7.71
C ASN E 357 3.14 -51.33 6.44
N GLN E 358 3.60 -50.73 5.35
CA GLN E 358 3.64 -51.39 4.06
C GLN E 358 4.85 -52.36 4.04
N ILE E 359 5.89 -52.03 4.80
CA ILE E 359 7.08 -52.88 4.90
C ILE E 359 7.04 -53.71 6.20
N GLY E 360 6.47 -53.16 7.27
CA GLY E 360 6.34 -53.92 8.52
C GLY E 360 7.15 -53.60 9.77
N SER E 361 8.30 -52.95 9.64
CA SER E 361 9.13 -52.64 10.81
C SER E 361 9.95 -51.36 10.67
N VAL E 362 10.33 -50.80 11.81
CA VAL E 362 11.14 -49.57 11.81
C VAL E 362 12.51 -49.83 11.17
N THR E 363 13.17 -50.93 11.54
CA THR E 363 14.48 -51.24 10.99
C THR E 363 14.43 -51.30 9.45
N GLU E 364 13.38 -51.92 8.92
CA GLU E 364 13.22 -52.03 7.47
C GLU E 364 12.85 -50.69 6.81
N ALA E 365 12.03 -49.89 7.48
CA ALA E 365 11.63 -48.60 6.94
C ALA E 365 12.88 -47.71 6.81
N ILE E 366 13.71 -47.71 7.85
CA ILE E 366 14.96 -46.94 7.85
C ILE E 366 15.87 -47.43 6.74
N GLU E 367 16.00 -48.75 6.64
CA GLU E 367 16.81 -49.40 5.64
C GLU E 367 16.36 -49.05 4.23
N ALA E 368 15.05 -48.97 4.02
CA ALA E 368 14.48 -48.63 2.73
C ALA E 368 14.72 -47.15 2.42
N CYS E 369 14.59 -46.32 3.45
CA CYS E 369 14.81 -44.90 3.31
C CYS E 369 16.25 -44.62 2.89
N LEU E 370 17.20 -45.13 3.67
CA LEU E 370 18.61 -44.93 3.37
C LEU E 370 19.01 -45.39 1.97
N LEU E 371 18.48 -46.53 1.53
CA LEU E 371 18.80 -47.04 0.19
C LEU E 371 18.45 -45.99 -0.86
N ALA E 372 17.27 -45.40 -0.73
CA ALA E 372 16.84 -44.37 -1.67
C ALA E 372 17.79 -43.18 -1.57
N GLN E 373 17.93 -42.63 -0.37
CA GLN E 373 18.79 -41.47 -0.13
C GLN E 373 20.22 -41.62 -0.63
N LYS E 374 20.81 -42.78 -0.42
CA LYS E 374 22.19 -43.03 -0.86
C LYS E 374 22.28 -43.27 -2.37
N SER E 375 21.13 -43.40 -3.03
CA SER E 375 21.10 -43.63 -4.47
C SER E 375 20.70 -42.37 -5.24
N GLY E 376 20.64 -41.23 -4.54
CA GLY E 376 20.30 -39.95 -5.18
C GLY E 376 18.82 -39.64 -5.26
N TRP E 377 17.99 -40.47 -4.62
CA TRP E 377 16.54 -40.28 -4.60
C TRP E 377 16.09 -39.43 -3.45
N GLY E 378 14.84 -38.98 -3.55
CA GLY E 378 14.22 -38.20 -2.51
C GLY E 378 13.32 -39.18 -1.78
N VAL E 379 12.86 -38.81 -0.60
CA VAL E 379 11.98 -39.70 0.17
C VAL E 379 10.89 -38.88 0.81
N GLN E 380 9.66 -39.30 0.56
CA GLN E 380 8.50 -38.61 1.13
C GLN E 380 7.79 -39.58 2.08
N VAL E 381 7.80 -39.26 3.37
CA VAL E 381 7.13 -40.09 4.36
C VAL E 381 5.63 -39.90 4.16
N SER E 382 4.87 -40.99 4.21
CA SER E 382 3.44 -40.90 3.99
C SER E 382 2.55 -41.57 5.01
N HIS E 383 1.35 -41.06 5.05
CA HIS E 383 0.31 -41.53 5.93
C HIS E 383 -0.52 -42.52 5.13
N ARG E 384 -1.50 -43.15 5.76
CA ARG E 384 -2.38 -44.09 5.08
C ARG E 384 -3.80 -43.55 5.17
N SER E 385 -4.71 -44.09 4.37
CA SER E 385 -6.10 -43.63 4.41
C SER E 385 -6.65 -43.71 5.82
N GLY E 386 -6.44 -44.87 6.45
CA GLY E 386 -6.90 -45.10 7.82
C GLY E 386 -5.80 -44.84 8.83
N GLU E 387 -5.80 -43.64 9.40
CA GLU E 387 -4.81 -43.24 10.40
C GLU E 387 -5.33 -43.30 11.84
N THR E 388 -4.46 -42.97 12.78
CA THR E 388 -4.79 -43.00 14.19
C THR E 388 -4.30 -41.72 14.88
N GLU E 389 -4.46 -41.69 16.20
CA GLU E 389 -4.03 -40.55 17.02
C GLU E 389 -2.50 -40.50 17.09
N ASP E 390 -1.86 -41.59 16.70
CA ASP E 390 -0.41 -41.71 16.76
C ASP E 390 0.32 -40.83 15.74
N SER E 391 1.29 -40.05 16.23
CA SER E 391 2.07 -39.12 15.37
C SER E 391 3.49 -39.62 15.07
N PHE E 392 3.69 -40.94 15.03
CA PHE E 392 5.02 -41.51 14.78
C PHE E 392 5.74 -41.00 13.52
N ILE E 393 5.04 -41.00 12.39
CA ILE E 393 5.65 -40.56 11.13
C ILE E 393 6.20 -39.12 11.16
N ALA E 394 5.71 -38.30 12.10
CA ALA E 394 6.18 -36.93 12.25
C ALA E 394 7.62 -37.00 12.77
N ASP E 395 7.84 -37.83 13.78
CA ASP E 395 9.19 -37.98 14.34
C ASP E 395 10.07 -38.77 13.39
N LEU E 396 9.47 -39.67 12.62
CA LEU E 396 10.22 -40.49 11.66
C LEU E 396 10.78 -39.67 10.51
N VAL E 397 9.97 -38.75 9.98
CA VAL E 397 10.39 -37.91 8.86
C VAL E 397 11.55 -36.99 9.25
N VAL E 398 11.51 -36.45 10.47
CA VAL E 398 12.57 -35.57 10.96
C VAL E 398 13.81 -36.40 11.30
N GLY E 399 13.60 -37.56 11.88
CA GLY E 399 14.69 -38.45 12.26
C GLY E 399 15.48 -38.95 11.07
N LEU E 400 14.76 -39.40 10.03
CA LEU E 400 15.39 -39.90 8.82
C LEU E 400 15.88 -38.78 7.91
N ARG E 401 15.52 -37.54 8.25
CA ARG E 401 15.97 -36.37 7.51
C ARG E 401 15.52 -36.39 6.04
N CYS E 402 14.25 -36.68 5.82
CA CYS E 402 13.68 -36.80 4.47
C CYS E 402 13.43 -35.48 3.72
N GLY E 403 12.92 -34.48 4.42
CA GLY E 403 12.64 -33.18 3.80
C GLY E 403 11.23 -32.99 3.28
N GLN E 404 10.41 -34.03 3.34
CA GLN E 404 9.02 -33.93 2.86
C GLN E 404 8.08 -34.98 3.45
N ILE E 405 6.85 -34.57 3.71
CA ILE E 405 5.84 -35.45 4.29
C ILE E 405 4.42 -35.16 3.81
N LYS E 406 3.64 -36.20 3.55
CA LYS E 406 2.24 -35.97 3.18
C LYS E 406 1.48 -36.73 4.25
N SER E 407 0.64 -36.01 4.99
CA SER E 407 -0.13 -36.63 6.04
C SER E 407 -1.53 -36.04 6.08
N GLY E 408 -2.14 -35.97 4.90
CA GLY E 408 -3.48 -35.43 4.74
C GLY E 408 -3.50 -33.91 4.80
N SER E 409 -4.70 -33.36 4.63
CA SER E 409 -4.88 -31.91 4.66
C SER E 409 -4.96 -31.43 6.11
N PRO E 410 -4.93 -30.10 6.32
CA PRO E 410 -5.01 -29.61 7.70
C PRO E 410 -6.45 -29.71 8.22
N CYS E 411 -6.99 -30.91 8.13
CA CYS E 411 -8.35 -31.19 8.55
C CYS E 411 -8.41 -32.64 9.04
N ARG E 412 -9.22 -32.89 10.08
CA ARG E 412 -9.35 -34.22 10.70
C ARG E 412 -8.10 -34.43 11.56
N SER E 413 -8.29 -34.60 12.87
CA SER E 413 -7.16 -34.75 13.79
C SER E 413 -6.19 -35.91 13.58
N GLU E 414 -6.57 -36.95 12.84
CA GLU E 414 -5.57 -38.02 12.62
C GLU E 414 -4.48 -37.42 11.70
N ARG E 415 -4.82 -36.31 11.04
CA ARG E 415 -3.91 -35.60 10.16
C ARG E 415 -3.16 -34.52 10.93
N LEU E 416 -3.92 -33.61 11.55
CA LEU E 416 -3.35 -32.50 12.33
C LEU E 416 -2.43 -33.04 13.43
N CYS E 417 -2.69 -34.27 13.82
CA CYS E 417 -1.93 -34.98 14.82
C CYS E 417 -0.42 -34.95 14.46
N LYS E 418 -0.11 -35.21 13.19
CA LYS E 418 1.28 -35.22 12.71
C LYS E 418 1.81 -33.81 12.55
N TYR E 419 1.04 -32.95 11.89
CA TYR E 419 1.48 -31.57 11.68
C TYR E 419 1.72 -30.86 13.02
N ASN E 420 0.87 -31.13 14.00
CA ASN E 420 1.03 -30.54 15.34
C ASN E 420 2.35 -31.00 15.95
N GLN E 421 2.64 -32.29 15.84
CA GLN E 421 3.87 -32.85 16.39
C GLN E 421 5.09 -32.16 15.75
N LEU E 422 5.06 -31.95 14.45
CA LEU E 422 6.16 -31.29 13.77
C LEU E 422 6.40 -29.89 14.30
N MET E 423 5.33 -29.18 14.68
CA MET E 423 5.51 -27.83 15.23
C MET E 423 6.16 -27.92 16.61
N ARG E 424 5.81 -28.96 17.37
CA ARG E 424 6.39 -29.13 18.71
C ARG E 424 7.88 -29.43 18.55
N ILE E 425 8.21 -30.31 17.64
CA ILE E 425 9.60 -30.67 17.40
C ILE E 425 10.39 -29.43 17.00
N GLU E 426 9.82 -28.62 16.12
CA GLU E 426 10.51 -27.41 15.64
C GLU E 426 10.70 -26.42 16.77
N GLU E 427 9.72 -26.38 17.66
CA GLU E 427 9.76 -25.48 18.81
C GLU E 427 10.93 -25.88 19.72
N SER E 428 11.05 -27.18 19.98
CA SER E 428 12.11 -27.72 20.84
C SER E 428 13.49 -27.48 20.28
N LEU E 429 13.70 -27.90 19.04
CA LEU E 429 14.99 -27.74 18.37
C LEU E 429 15.44 -26.29 18.30
N GLY E 430 14.48 -25.37 18.20
CA GLY E 430 14.80 -23.94 18.13
C GLY E 430 15.74 -23.63 16.98
N ALA E 431 16.89 -23.06 17.31
CA ALA E 431 17.90 -22.70 16.32
C ALA E 431 18.58 -23.92 15.68
N ASP E 432 18.47 -25.09 16.32
CA ASP E 432 19.10 -26.32 15.82
C ASP E 432 18.31 -27.12 14.76
N CYS E 433 17.55 -26.41 13.93
CA CYS E 433 16.80 -27.06 12.85
C CYS E 433 16.63 -26.08 11.71
N VAL E 434 16.34 -26.60 10.53
CA VAL E 434 16.17 -25.80 9.33
C VAL E 434 15.03 -26.39 8.50
N TYR E 435 14.35 -25.54 7.75
CA TYR E 435 13.25 -25.98 6.90
C TYR E 435 13.79 -26.32 5.50
N ALA E 436 13.48 -27.53 5.04
CA ALA E 436 13.95 -28.02 3.73
C ALA E 436 13.66 -27.05 2.58
N GLY E 437 12.48 -26.42 2.62
CA GLY E 437 12.05 -25.46 1.59
C GLY E 437 12.21 -25.92 0.16
N GLU E 438 12.94 -25.13 -0.63
CA GLU E 438 13.19 -25.45 -2.03
C GLU E 438 13.95 -26.75 -2.20
N SER E 439 14.74 -27.12 -1.19
CA SER E 439 15.55 -28.34 -1.24
C SER E 439 14.83 -29.57 -0.68
N PHE E 440 13.52 -29.55 -0.63
CA PHE E 440 12.76 -30.68 -0.08
C PHE E 440 13.13 -32.06 -0.66
N ARG E 441 13.45 -32.13 -1.94
CA ARG E 441 13.79 -33.44 -2.54
C ARG E 441 15.21 -33.93 -2.23
N HIS E 442 16.10 -33.01 -1.83
CA HIS E 442 17.46 -33.37 -1.45
C HIS E 442 17.90 -32.35 -0.43
N PRO E 443 17.47 -32.52 0.83
CA PRO E 443 17.84 -31.59 1.88
C PRO E 443 19.34 -31.37 1.93
N LYS E 444 19.74 -30.12 2.08
CA LYS E 444 21.16 -29.76 2.11
C LYS E 444 21.73 -29.85 3.52
N ARG E 445 23.06 -29.81 3.60
CA ARG E 445 23.77 -29.88 4.87
C ARG E 445 23.92 -28.47 5.44
N SER E 446 23.97 -28.36 6.77
CA SER E 446 24.08 -27.06 7.44
C SER E 446 25.51 -26.52 7.55
N HIS E 447 25.63 -25.19 7.57
CA HIS E 447 26.93 -24.54 7.68
C HIS E 447 27.33 -24.61 9.17
N HIS E 448 28.56 -25.04 9.44
CA HIS E 448 29.06 -25.17 10.80
C HIS E 448 29.71 -23.88 11.31
N HIS E 449 29.47 -23.54 12.58
CA HIS E 449 30.04 -22.34 13.21
C HIS E 449 30.70 -22.68 14.53
N MET F 1 4.09 -34.41 47.82
CA MET F 1 4.10 -32.95 47.50
C MET F 1 4.98 -32.54 46.34
N VAL F 2 4.39 -32.57 45.15
CA VAL F 2 5.07 -32.15 43.95
C VAL F 2 4.55 -30.73 43.79
N VAL F 3 5.28 -29.88 43.11
CA VAL F 3 4.84 -28.50 42.89
C VAL F 3 5.02 -28.09 41.43
N ILE F 4 4.26 -27.08 41.01
CA ILE F 4 4.32 -26.59 39.63
C ILE F 4 5.64 -25.89 39.38
N LYS F 5 6.53 -26.59 38.68
CA LYS F 5 7.87 -26.06 38.37
C LYS F 5 7.88 -25.13 37.16
N ASP F 6 6.98 -25.37 36.21
CA ASP F 6 6.93 -24.54 35.00
C ASP F 6 5.61 -24.74 34.25
N ILE F 7 5.26 -23.75 33.43
CA ILE F 7 4.05 -23.80 32.60
C ILE F 7 4.38 -23.16 31.25
N VAL F 8 4.09 -23.86 30.16
CA VAL F 8 4.33 -23.30 28.82
C VAL F 8 3.12 -23.61 27.97
N ALA F 9 2.97 -22.84 26.89
CA ALA F 9 1.85 -23.04 26.00
C ALA F 9 2.26 -22.75 24.56
N ARG F 10 1.41 -23.14 23.63
CA ARG F 10 1.66 -22.94 22.22
C ARG F 10 0.39 -23.08 21.41
N GLU F 11 0.51 -22.69 20.15
CA GLU F 11 -0.57 -22.73 19.20
C GLU F 11 -0.45 -23.99 18.36
N ILE F 12 -1.50 -24.82 18.36
CA ILE F 12 -1.56 -26.04 17.56
C ILE F 12 -2.84 -25.90 16.72
N LEU F 13 -3.20 -26.92 15.96
CA LEU F 13 -4.43 -26.83 15.15
C LEU F 13 -5.52 -27.82 15.58
N ASP F 14 -6.77 -27.37 15.60
CA ASP F 14 -7.90 -28.22 15.97
C ASP F 14 -8.31 -29.00 14.73
N SER F 15 -9.26 -29.92 14.88
CA SER F 15 -9.71 -30.76 13.77
C SER F 15 -10.20 -30.08 12.50
N ARG F 16 -10.51 -28.80 12.57
CA ARG F 16 -10.98 -28.05 11.39
C ARG F 16 -9.89 -27.19 10.74
N GLY F 17 -8.67 -27.28 11.26
CA GLY F 17 -7.54 -26.51 10.74
C GLY F 17 -7.40 -25.13 11.37
N ASN F 18 -8.13 -24.91 12.47
CA ASN F 18 -8.09 -23.63 13.18
C ASN F 18 -7.24 -23.71 14.44
N PRO F 19 -6.57 -22.60 14.78
CA PRO F 19 -5.73 -22.62 15.96
C PRO F 19 -6.45 -22.77 17.29
N THR F 20 -5.79 -23.43 18.23
CA THR F 20 -6.31 -23.61 19.56
C THR F 20 -5.07 -23.63 20.43
N ILE F 21 -5.24 -23.47 21.73
CA ILE F 21 -4.10 -23.42 22.63
C ILE F 21 -3.84 -24.79 23.27
N GLU F 22 -2.57 -25.05 23.56
CA GLU F 22 -2.16 -26.30 24.19
C GLU F 22 -1.20 -25.94 25.32
N VAL F 23 -1.47 -26.46 26.51
CA VAL F 23 -0.62 -26.17 27.67
C VAL F 23 0.12 -27.36 28.26
N ASP F 24 1.34 -27.11 28.73
CA ASP F 24 2.19 -28.10 29.38
C ASP F 24 2.53 -27.61 30.77
N VAL F 25 2.15 -28.38 31.79
CA VAL F 25 2.46 -28.04 33.17
C VAL F 25 3.53 -29.03 33.63
N SER F 26 4.63 -28.51 34.18
CA SER F 26 5.73 -29.35 34.66
C SER F 26 5.86 -29.42 36.18
N THR F 27 6.10 -30.62 36.70
CA THR F 27 6.31 -30.83 38.15
C THR F 27 7.45 -31.83 38.27
N GLU F 28 7.77 -32.25 39.49
CA GLU F 28 8.85 -33.22 39.68
C GLU F 28 8.54 -34.56 38.99
N GLY F 29 7.25 -34.86 38.83
CA GLY F 29 6.82 -36.11 38.19
C GLY F 29 6.72 -36.10 36.67
N GLY F 30 7.16 -35.02 36.02
CA GLY F 30 7.12 -34.94 34.57
C GLY F 30 6.38 -33.75 34.01
N VAL F 31 6.14 -33.79 32.70
CA VAL F 31 5.43 -32.74 31.97
C VAL F 31 4.01 -33.25 31.71
N PHE F 32 3.01 -32.39 31.91
CA PHE F 32 1.61 -32.79 31.70
C PHE F 32 0.94 -31.86 30.70
N ARG F 33 0.47 -32.47 29.62
CA ARG F 33 -0.13 -31.73 28.51
C ARG F 33 -1.64 -31.77 28.42
N ALA F 34 -2.20 -30.70 27.85
CA ALA F 34 -3.64 -30.56 27.69
C ALA F 34 -3.95 -29.57 26.54
N ALA F 35 -4.82 -30.00 25.63
CA ALA F 35 -5.24 -29.18 24.50
C ALA F 35 -6.71 -28.81 24.70
N VAL F 36 -7.07 -27.61 24.23
CA VAL F 36 -8.43 -27.09 24.37
C VAL F 36 -9.19 -27.10 23.04
N PRO F 37 -10.49 -27.40 23.08
CA PRO F 37 -11.30 -27.39 21.86
C PRO F 37 -11.85 -25.98 21.58
N SER F 38 -12.50 -25.80 20.43
CA SER F 38 -13.05 -24.50 20.03
C SER F 38 -14.19 -24.05 20.93
N GLY F 39 -14.33 -22.73 21.07
CA GLY F 39 -15.37 -22.14 21.89
C GLY F 39 -16.08 -20.97 21.23
N ALA F 40 -16.09 -19.83 21.92
CA ALA F 40 -16.74 -18.63 21.42
C ALA F 40 -16.08 -17.39 22.00
N SER F 41 -15.74 -16.44 21.13
CA SER F 41 -15.09 -15.20 21.55
C SER F 41 -16.10 -14.13 21.95
N THR F 42 -17.37 -14.38 21.67
CA THR F 42 -18.44 -13.46 22.03
C THR F 42 -19.57 -14.27 22.67
N GLY F 43 -20.38 -13.61 23.49
CA GLY F 43 -21.47 -14.29 24.16
C GLY F 43 -21.90 -13.49 25.37
N ILE F 44 -23.13 -13.72 25.82
CA ILE F 44 -23.66 -13.03 26.97
C ILE F 44 -23.78 -13.99 28.15
N TYR F 45 -23.78 -15.30 27.87
CA TYR F 45 -23.90 -16.33 28.91
C TYR F 45 -22.64 -17.20 29.05
N GLU F 46 -21.97 -17.47 27.93
CA GLU F 46 -20.76 -18.31 27.92
C GLU F 46 -19.48 -17.70 28.46
N ALA F 47 -18.52 -18.59 28.71
CA ALA F 47 -17.19 -18.18 29.14
C ALA F 47 -16.54 -17.94 27.78
N LEU F 48 -15.92 -16.78 27.59
CA LEU F 48 -15.35 -16.45 26.27
C LEU F 48 -13.87 -16.78 26.06
N GLU F 49 -13.56 -17.36 24.90
CA GLU F 49 -12.19 -17.69 24.55
C GLU F 49 -11.54 -16.41 24.02
N LEU F 50 -10.21 -16.38 24.02
CA LEU F 50 -9.47 -15.22 23.57
C LEU F 50 -8.85 -15.50 22.21
N ARG F 51 -9.20 -14.66 21.24
CA ARG F 51 -8.71 -14.75 19.86
C ARG F 51 -7.89 -13.53 19.51
N ASP F 52 -6.90 -13.71 18.64
CA ASP F 52 -6.05 -12.61 18.23
C ASP F 52 -6.77 -11.62 17.30
N LYS F 53 -7.65 -12.12 16.43
CA LYS F 53 -8.41 -11.29 15.50
C LYS F 53 -7.51 -10.55 14.50
N ASP F 54 -6.42 -11.20 14.12
CA ASP F 54 -5.46 -10.66 13.16
C ASP F 54 -5.85 -11.18 11.77
N PRO F 55 -6.34 -10.29 10.89
CA PRO F 55 -6.74 -10.74 9.56
C PRO F 55 -5.62 -11.42 8.75
N LYS F 56 -4.37 -10.99 8.95
CA LYS F 56 -3.21 -11.56 8.25
C LYS F 56 -2.78 -12.95 8.75
N ARG F 57 -3.35 -13.38 9.87
CA ARG F 57 -3.07 -14.68 10.49
C ARG F 57 -4.27 -15.59 10.76
N TYR F 58 -4.23 -16.80 10.20
CA TYR F 58 -5.30 -17.80 10.38
C TYR F 58 -6.72 -17.23 10.37
N LEU F 59 -6.99 -16.31 9.45
CA LEU F 59 -8.31 -15.71 9.33
C LEU F 59 -8.81 -15.10 10.66
N GLY F 60 -7.87 -14.54 11.43
CA GLY F 60 -8.16 -13.91 12.71
C GLY F 60 -8.40 -14.84 13.88
N LYS F 61 -8.30 -16.15 13.64
CA LYS F 61 -8.53 -17.12 14.70
C LYS F 61 -7.29 -17.53 15.47
N GLY F 62 -6.21 -16.75 15.35
CA GLY F 62 -4.98 -17.06 16.07
C GLY F 62 -5.21 -17.05 17.58
N VAL F 63 -4.30 -17.66 18.33
CA VAL F 63 -4.41 -17.71 19.79
C VAL F 63 -3.08 -17.39 20.48
N LEU F 64 -2.23 -16.59 19.81
CA LEU F 64 -0.93 -16.20 20.38
C LEU F 64 -1.11 -15.32 21.63
N ASN F 65 -2.16 -14.51 21.66
CA ASN F 65 -2.41 -13.65 22.82
C ASN F 65 -2.69 -14.51 24.04
N ALA F 66 -3.41 -15.62 23.83
CA ALA F 66 -3.73 -16.58 24.90
C ALA F 66 -2.46 -17.22 25.40
N VAL F 67 -1.56 -17.54 24.46
CA VAL F 67 -0.27 -18.16 24.79
C VAL F 67 0.56 -17.26 25.69
N GLU F 68 0.58 -15.95 25.39
CA GLU F 68 1.35 -15.01 26.20
C GLU F 68 0.74 -14.79 27.60
N ILE F 69 -0.58 -14.89 27.70
CA ILE F 69 -1.23 -14.76 28.99
C ILE F 69 -0.80 -15.89 29.90
N VAL F 70 -0.75 -17.11 29.37
CA VAL F 70 -0.33 -18.28 30.14
C VAL F 70 1.13 -18.12 30.58
N ARG F 71 1.97 -17.67 29.66
CA ARG F 71 3.37 -17.49 29.93
C ARG F 71 3.72 -16.30 30.82
N GLN F 72 3.01 -15.19 30.68
CA GLN F 72 3.33 -13.99 31.46
C GLN F 72 2.43 -13.65 32.66
N GLU F 73 1.33 -14.35 32.87
CA GLU F 73 0.47 -14.08 34.03
C GLU F 73 0.12 -15.32 34.83
N ILE F 74 -0.25 -16.40 34.16
CA ILE F 74 -0.61 -17.63 34.85
C ILE F 74 0.61 -18.29 35.48
N LYS F 75 1.68 -18.45 34.70
CA LYS F 75 2.89 -19.11 35.22
C LYS F 75 3.40 -18.52 36.55
N PRO F 76 3.73 -17.22 36.56
CA PRO F 76 4.23 -16.63 37.80
C PRO F 76 3.28 -16.76 38.99
N ALA F 77 1.98 -16.75 38.69
CA ALA F 77 0.96 -16.86 39.74
C ALA F 77 0.81 -18.28 40.29
N LEU F 78 1.11 -19.28 39.47
CA LEU F 78 0.99 -20.67 39.90
C LEU F 78 2.29 -21.37 40.32
N LEU F 79 3.46 -20.88 39.89
CA LEU F 79 4.73 -21.52 40.29
C LEU F 79 4.78 -21.84 41.78
N GLY F 80 5.18 -23.07 42.09
CA GLY F 80 5.31 -23.52 43.49
C GLY F 80 4.06 -24.07 44.15
N LYS F 81 2.92 -23.96 43.49
CA LYS F 81 1.67 -24.45 44.07
C LYS F 81 1.42 -25.93 43.79
N ASP F 82 0.79 -26.58 44.77
CA ASP F 82 0.46 -27.99 44.68
C ASP F 82 -0.58 -28.14 43.59
N PRO F 83 -0.25 -28.88 42.51
CA PRO F 83 -1.21 -29.06 41.43
C PRO F 83 -2.49 -29.79 41.86
N CYS F 84 -2.42 -30.55 42.96
CA CYS F 84 -3.59 -31.27 43.47
C CYS F 84 -4.72 -30.38 43.95
N ASP F 85 -4.41 -29.15 44.34
CA ASP F 85 -5.43 -28.21 44.82
C ASP F 85 -6.13 -27.63 43.58
N GLN F 86 -6.92 -28.47 42.92
CA GLN F 86 -7.63 -28.08 41.71
C GLN F 86 -8.47 -26.83 41.96
N LYS F 87 -9.39 -26.90 42.92
CA LYS F 87 -10.29 -25.80 43.26
C LYS F 87 -9.54 -24.51 43.56
N GLY F 88 -8.39 -24.60 44.23
CA GLY F 88 -7.60 -23.42 44.55
C GLY F 88 -7.05 -22.78 43.30
N ILE F 89 -6.47 -23.59 42.42
CA ILE F 89 -5.90 -23.10 41.17
C ILE F 89 -6.99 -22.52 40.27
N ASP F 90 -8.04 -23.30 40.02
CA ASP F 90 -9.15 -22.85 39.17
C ASP F 90 -9.76 -21.52 39.59
N MET F 91 -10.00 -21.35 40.88
CA MET F 91 -10.59 -20.11 41.37
C MET F 91 -9.58 -18.96 41.40
N LEU F 92 -8.31 -19.27 41.55
CA LEU F 92 -7.28 -18.24 41.56
C LEU F 92 -7.31 -17.57 40.20
N MET F 93 -7.36 -18.40 39.16
CA MET F 93 -7.39 -17.91 37.78
C MET F 93 -8.69 -17.20 37.41
N VAL F 94 -9.81 -17.82 37.76
CA VAL F 94 -11.12 -17.30 37.42
C VAL F 94 -11.59 -16.10 38.23
N GLU F 95 -11.43 -16.16 39.55
CA GLU F 95 -11.92 -15.09 40.44
C GLU F 95 -10.92 -14.01 40.82
N GLN F 96 -9.63 -14.31 40.78
CA GLN F 96 -8.62 -13.33 41.17
C GLN F 96 -7.82 -12.72 40.01
N LEU F 97 -7.19 -13.55 39.20
CA LEU F 97 -6.40 -13.06 38.07
C LEU F 97 -7.26 -12.36 37.04
N ASP F 98 -8.42 -12.95 36.74
CA ASP F 98 -9.33 -12.38 35.76
C ASP F 98 -10.42 -11.60 36.51
N GLY F 99 -11.31 -12.34 37.18
CA GLY F 99 -12.40 -11.74 37.96
C GLY F 99 -13.55 -11.09 37.23
N THR F 100 -13.57 -11.15 35.91
CA THR F 100 -14.65 -10.55 35.14
C THR F 100 -15.95 -11.35 35.21
N LYS F 101 -17.04 -10.64 35.51
CA LYS F 101 -18.38 -11.22 35.61
C LYS F 101 -19.41 -10.60 34.69
N ASN F 102 -20.32 -11.44 34.20
CA ASN F 102 -21.43 -10.98 33.38
C ASN F 102 -22.60 -11.11 34.36
N GLU F 103 -23.85 -11.09 33.90
CA GLU F 103 -24.97 -11.21 34.84
C GLU F 103 -25.24 -12.66 35.27
N TRP F 104 -24.46 -13.62 34.78
CA TRP F 104 -24.67 -15.03 35.12
C TRP F 104 -23.45 -15.76 35.67
N GLY F 105 -22.39 -15.04 36.03
CA GLY F 105 -21.18 -15.66 36.56
C GLY F 105 -19.92 -15.15 35.90
N TYR F 106 -18.80 -15.80 36.20
CA TYR F 106 -17.51 -15.38 35.64
C TYR F 106 -17.37 -15.66 34.15
N SER F 107 -17.20 -14.60 33.37
CA SER F 107 -17.07 -14.70 31.91
C SER F 107 -15.66 -15.09 31.45
N LYS F 108 -14.65 -14.74 32.25
CA LYS F 108 -13.26 -15.10 31.93
C LYS F 108 -12.77 -14.49 30.61
N SER F 109 -13.30 -13.32 30.27
CA SER F 109 -12.95 -12.64 29.02
C SER F 109 -11.56 -11.96 28.96
N LYS F 110 -10.98 -11.59 30.10
CA LYS F 110 -9.66 -10.94 30.04
C LYS F 110 -8.54 -11.92 29.74
N LEU F 111 -8.46 -13.01 30.49
CA LEU F 111 -7.41 -14.02 30.27
C LEU F 111 -7.83 -15.04 29.21
N GLY F 112 -9.13 -15.23 29.03
CA GLY F 112 -9.63 -16.16 28.05
C GLY F 112 -9.90 -17.56 28.59
N ALA F 113 -11.13 -18.04 28.42
CA ALA F 113 -11.51 -19.36 28.89
C ALA F 113 -10.58 -20.44 28.31
N ASN F 114 -10.06 -20.22 27.09
CA ASN F 114 -9.16 -21.20 26.46
C ASN F 114 -7.83 -21.33 27.19
N ALA F 115 -7.29 -20.21 27.68
CA ALA F 115 -6.04 -20.22 28.42
C ALA F 115 -6.26 -20.92 29.76
N ILE F 116 -7.30 -20.52 30.48
CA ILE F 116 -7.63 -21.08 31.78
C ILE F 116 -7.96 -22.57 31.75
N LEU F 117 -8.78 -23.00 30.80
CA LEU F 117 -9.13 -24.43 30.73
C LEU F 117 -7.86 -25.24 30.50
N GLY F 118 -6.95 -24.73 29.67
CA GLY F 118 -5.70 -25.41 29.37
C GLY F 118 -4.91 -25.73 30.63
N VAL F 119 -4.67 -24.70 31.44
CA VAL F 119 -3.94 -24.86 32.70
C VAL F 119 -4.72 -25.75 33.68
N SER F 120 -6.03 -25.58 33.71
CA SER F 120 -6.90 -26.36 34.58
C SER F 120 -6.79 -27.86 34.31
N ILE F 121 -6.91 -28.26 33.05
CA ILE F 121 -6.82 -29.67 32.69
C ILE F 121 -5.41 -30.22 32.90
N ALA F 122 -4.40 -29.47 32.49
CA ALA F 122 -3.01 -29.91 32.63
C ALA F 122 -2.66 -30.14 34.11
N CYS F 123 -3.17 -29.27 34.99
CA CYS F 123 -2.93 -29.39 36.43
C CYS F 123 -3.67 -30.59 36.97
N CYS F 124 -4.85 -30.84 36.42
CA CYS F 124 -5.66 -31.97 36.86
C CYS F 124 -4.83 -33.23 36.60
N ARG F 125 -4.15 -33.27 35.46
CA ARG F 125 -3.29 -34.41 35.11
C ARG F 125 -2.05 -34.50 36.00
N ALA F 126 -1.50 -33.34 36.37
CA ALA F 126 -0.34 -33.31 37.25
C ALA F 126 -0.77 -33.86 38.62
N GLY F 127 -1.99 -33.50 39.02
CA GLY F 127 -2.56 -33.95 40.29
C GLY F 127 -2.77 -35.44 40.31
N ALA F 128 -3.41 -35.97 39.26
CA ALA F 128 -3.66 -37.41 39.18
C ALA F 128 -2.34 -38.14 39.37
N ALA F 129 -1.31 -37.70 38.66
CA ALA F 129 0.02 -38.32 38.74
C ALA F 129 0.59 -38.21 40.14
N SER F 130 0.48 -37.02 40.73
CA SER F 130 0.97 -36.77 42.08
C SER F 130 0.34 -37.73 43.07
N LYS F 131 -0.96 -38.00 42.90
CA LYS F 131 -1.70 -38.92 43.77
C LYS F 131 -1.52 -40.39 43.41
N GLY F 132 -0.88 -40.67 42.29
CA GLY F 132 -0.66 -42.05 41.85
C GLY F 132 -1.96 -42.68 41.40
N LEU F 133 -2.79 -41.90 40.70
CA LEU F 133 -4.09 -42.38 40.22
C LEU F 133 -4.29 -42.16 38.74
N PRO F 134 -5.04 -43.05 38.08
CA PRO F 134 -5.33 -42.83 36.66
C PRO F 134 -6.32 -41.68 36.59
N LEU F 135 -6.18 -40.84 35.57
CA LEU F 135 -7.03 -39.66 35.42
C LEU F 135 -8.52 -39.91 35.77
N TYR F 136 -9.12 -40.96 35.24
CA TYR F 136 -10.54 -41.24 35.54
C TYR F 136 -10.81 -41.35 37.05
N LYS F 137 -9.92 -42.01 37.80
CA LYS F 137 -10.11 -42.13 39.24
C LYS F 137 -9.82 -40.84 39.99
N TYR F 138 -8.87 -40.05 39.51
CA TYR F 138 -8.54 -38.79 40.18
C TYR F 138 -9.74 -37.86 40.12
N ILE F 139 -10.37 -37.80 38.95
CA ILE F 139 -11.54 -36.96 38.76
C ILE F 139 -12.67 -37.39 39.70
N ALA F 140 -12.77 -38.68 39.95
CA ALA F 140 -13.80 -39.21 40.85
C ALA F 140 -13.61 -38.68 42.26
N THR F 141 -12.35 -38.57 42.70
CA THR F 141 -12.04 -38.06 44.03
C THR F 141 -12.35 -36.56 44.12
N LEU F 142 -12.15 -35.82 43.04
CA LEU F 142 -12.46 -34.39 43.02
C LEU F 142 -13.97 -34.15 43.02
N ALA F 143 -14.73 -35.14 42.55
CA ALA F 143 -16.19 -35.03 42.48
C ALA F 143 -16.86 -35.62 43.73
N GLY F 144 -16.06 -36.10 44.68
CA GLY F 144 -16.59 -36.69 45.92
C GLY F 144 -17.29 -38.03 45.74
N LYS F 145 -16.68 -38.95 45.00
CA LYS F 145 -17.26 -40.27 44.76
C LYS F 145 -16.21 -41.34 44.47
N ASP F 148 -16.78 -47.33 44.53
CA ASP F 148 -17.75 -48.16 43.79
C ASP F 148 -17.25 -48.53 42.41
N LYS F 149 -18.02 -49.38 41.72
CA LYS F 149 -17.67 -49.77 40.38
C LYS F 149 -17.99 -48.54 39.55
N MET F 150 -17.12 -48.23 38.60
CA MET F 150 -17.31 -47.05 37.79
C MET F 150 -18.25 -47.35 36.63
N VAL F 151 -18.95 -46.31 36.19
CA VAL F 151 -19.92 -46.44 35.12
C VAL F 151 -19.38 -45.97 33.79
N MET F 152 -19.41 -46.86 32.81
CA MET F 152 -18.99 -46.55 31.46
C MET F 152 -20.24 -45.99 30.78
N PRO F 153 -20.10 -44.89 30.03
CA PRO F 153 -21.25 -44.24 29.42
C PRO F 153 -21.74 -44.81 28.09
N VAL F 154 -23.00 -44.52 27.79
CA VAL F 154 -23.59 -44.93 26.53
C VAL F 154 -23.11 -43.85 25.56
N PRO F 155 -22.63 -44.25 24.38
CA PRO F 155 -22.16 -43.23 23.46
C PRO F 155 -23.25 -42.81 22.48
N PHE F 156 -23.23 -41.54 22.12
CA PHE F 156 -24.19 -40.97 21.16
C PHE F 156 -23.44 -40.53 19.91
N PHE F 157 -23.51 -41.38 18.89
CA PHE F 157 -22.83 -41.13 17.64
C PHE F 157 -23.62 -40.30 16.63
N ASN F 158 -23.02 -39.20 16.20
CA ASN F 158 -23.61 -38.33 15.21
C ASN F 158 -23.64 -39.09 13.87
N VAL F 159 -24.76 -39.04 13.16
CA VAL F 159 -24.89 -39.76 11.88
C VAL F 159 -25.43 -38.92 10.71
N ILE F 160 -26.45 -38.10 10.95
CA ILE F 160 -27.01 -37.25 9.90
C ILE F 160 -27.08 -35.79 10.35
N ASN F 161 -26.61 -34.90 9.48
CA ASN F 161 -26.57 -33.46 9.75
C ASN F 161 -27.59 -32.66 8.95
N GLY F 162 -27.98 -31.52 9.52
CA GLY F 162 -28.94 -30.62 8.89
C GLY F 162 -28.72 -29.21 9.42
N GLY F 163 -29.80 -28.44 9.49
CA GLY F 163 -29.69 -27.07 9.99
C GLY F 163 -28.56 -26.32 9.33
N GLU F 164 -27.77 -25.61 10.14
CA GLU F 164 -26.65 -24.84 9.62
C GLU F 164 -25.48 -25.68 9.12
N HIS F 165 -25.57 -27.00 9.23
CA HIS F 165 -24.48 -27.87 8.78
C HIS F 165 -24.76 -28.62 7.47
N ALA F 166 -25.79 -28.23 6.73
CA ALA F 166 -26.08 -28.93 5.47
C ALA F 166 -26.93 -28.11 4.51
N GLY F 167 -26.85 -28.45 3.23
CA GLY F 167 -27.60 -27.76 2.19
C GLY F 167 -29.00 -28.34 2.04
N ASN F 168 -29.19 -29.53 2.59
CA ASN F 168 -30.47 -30.22 2.55
C ASN F 168 -31.55 -29.39 3.22
N GLY F 169 -32.81 -29.81 3.07
CA GLY F 169 -33.93 -29.09 3.68
C GLY F 169 -34.13 -29.39 5.16
N LEU F 170 -33.43 -30.41 5.66
CA LEU F 170 -33.53 -30.80 7.07
C LEU F 170 -33.20 -29.62 7.99
N ALA F 171 -34.18 -29.23 8.79
CA ALA F 171 -34.01 -28.11 9.72
C ALA F 171 -33.24 -28.48 10.97
N LEU F 172 -33.50 -29.67 11.51
CA LEU F 172 -32.82 -30.14 12.72
C LEU F 172 -31.31 -30.22 12.48
N GLN F 173 -30.54 -29.76 13.45
CA GLN F 173 -29.09 -29.74 13.32
C GLN F 173 -28.41 -31.11 13.20
N GLU F 174 -28.88 -32.12 13.92
CA GLU F 174 -28.26 -33.45 13.81
C GLU F 174 -29.05 -34.59 14.42
N PHE F 175 -28.80 -35.78 13.89
CA PHE F 175 -29.41 -37.01 14.36
C PHE F 175 -28.29 -37.94 14.84
N LEU F 176 -28.50 -38.55 16.00
CA LEU F 176 -27.50 -39.46 16.54
C LEU F 176 -28.14 -40.80 16.82
N ILE F 177 -27.30 -41.81 17.04
CA ILE F 177 -27.72 -43.17 17.39
C ILE F 177 -26.98 -43.53 18.67
N ALA F 178 -27.64 -44.27 19.56
CA ALA F 178 -27.04 -44.66 20.83
C ALA F 178 -27.38 -46.11 21.18
N PRO F 179 -26.36 -46.99 21.24
CA PRO F 179 -26.56 -48.41 21.55
C PRO F 179 -26.77 -48.68 23.04
N VAL F 180 -27.96 -48.39 23.54
CA VAL F 180 -28.30 -48.62 24.94
C VAL F 180 -28.29 -50.10 25.29
N GLY F 181 -28.55 -50.94 24.30
CA GLY F 181 -28.60 -52.39 24.50
C GLY F 181 -27.27 -53.12 24.65
N ALA F 182 -26.18 -52.53 24.16
CA ALA F 182 -24.86 -53.17 24.24
C ALA F 182 -24.49 -53.63 25.66
N PRO F 183 -23.74 -54.75 25.78
CA PRO F 183 -23.33 -55.27 27.08
C PRO F 183 -22.24 -54.43 27.76
N ASN F 184 -21.37 -53.81 26.95
CA ASN F 184 -20.27 -52.98 27.46
C ASN F 184 -19.90 -51.89 26.46
N ILE F 185 -19.09 -50.91 26.90
CA ILE F 185 -18.71 -49.78 26.03
C ILE F 185 -17.96 -50.29 24.79
N ARG F 186 -17.14 -51.33 24.96
CA ARG F 186 -16.41 -51.94 23.84
C ARG F 186 -17.38 -52.39 22.74
N GLU F 187 -18.44 -53.06 23.14
CA GLU F 187 -19.46 -53.52 22.20
C GLU F 187 -20.32 -52.36 21.68
N ALA F 188 -20.57 -51.36 22.52
CA ALA F 188 -21.37 -50.20 22.10
C ALA F 188 -20.69 -49.55 20.89
N ILE F 189 -19.37 -49.41 20.98
CA ILE F 189 -18.58 -48.81 19.92
C ILE F 189 -18.67 -49.64 18.64
N ARG F 190 -18.63 -50.97 18.76
CA ARG F 190 -18.73 -51.84 17.59
C ARG F 190 -20.10 -51.66 16.94
N TYR F 191 -21.15 -51.76 17.74
CA TYR F 191 -22.53 -51.58 17.28
C TYR F 191 -22.64 -50.29 16.47
N GLY F 192 -22.09 -49.20 17.01
CA GLY F 192 -22.12 -47.90 16.34
C GLY F 192 -21.35 -47.86 15.03
N SER F 193 -20.15 -48.44 15.03
CA SER F 193 -19.32 -48.46 13.83
C SER F 193 -19.99 -49.26 12.73
N GLU F 194 -20.49 -50.45 13.09
CA GLU F 194 -21.15 -51.30 12.11
C GLU F 194 -22.36 -50.60 11.52
N THR F 195 -23.19 -50.02 12.39
CA THR F 195 -24.39 -49.33 11.94
C THR F 195 -24.04 -48.09 11.10
N TYR F 196 -22.97 -47.41 11.48
CA TYR F 196 -22.49 -46.22 10.77
C TYR F 196 -22.09 -46.56 9.34
N HIS F 197 -21.48 -47.72 9.16
CA HIS F 197 -21.06 -48.16 7.83
C HIS F 197 -22.26 -48.61 6.98
N HIS F 198 -23.28 -49.21 7.61
CA HIS F 198 -24.47 -49.60 6.84
C HIS F 198 -25.19 -48.35 6.36
N LEU F 199 -25.26 -47.33 7.22
CA LEU F 199 -25.89 -46.07 6.85
C LEU F 199 -25.14 -45.48 5.66
N LYS F 200 -23.81 -45.50 5.76
CA LYS F 200 -22.95 -44.97 4.71
C LYS F 200 -23.17 -45.73 3.40
N ASN F 201 -23.36 -47.03 3.50
CA ASN F 201 -23.58 -47.88 2.33
C ASN F 201 -24.96 -47.59 1.72
N VAL F 202 -25.96 -47.38 2.59
CA VAL F 202 -27.31 -47.07 2.13
C VAL F 202 -27.30 -45.70 1.47
N ILE F 203 -26.61 -44.74 2.10
CA ILE F 203 -26.51 -43.38 1.56
C ILE F 203 -25.86 -43.38 0.17
N LYS F 204 -24.81 -44.17 0.00
CA LYS F 204 -24.09 -44.24 -1.28
C LYS F 204 -25.02 -44.71 -2.41
N ASN F 205 -25.81 -45.74 -2.12
CA ASN F 205 -26.74 -46.31 -3.11
C ASN F 205 -27.92 -45.41 -3.43
N LYS F 206 -28.45 -44.73 -2.41
CA LYS F 206 -29.59 -43.85 -2.58
C LYS F 206 -29.22 -42.43 -3.06
N TYR F 207 -28.17 -41.84 -2.49
CA TYR F 207 -27.77 -40.47 -2.87
C TYR F 207 -26.49 -40.30 -3.69
N GLY F 208 -25.60 -41.30 -3.70
CA GLY F 208 -24.35 -41.22 -4.47
C GLY F 208 -23.10 -41.18 -3.60
N LEU F 209 -21.96 -41.57 -4.18
CA LEU F 209 -20.69 -41.60 -3.46
C LEU F 209 -20.38 -40.26 -2.79
N ASP F 210 -20.45 -39.17 -3.54
CA ASP F 210 -20.15 -37.84 -3.01
C ASP F 210 -20.91 -37.50 -1.72
N ALA F 211 -22.05 -38.16 -1.50
CA ALA F 211 -22.85 -37.93 -0.30
C ALA F 211 -22.25 -38.63 0.92
N THR F 212 -21.30 -39.54 0.70
CA THR F 212 -20.67 -40.26 1.82
C THR F 212 -19.54 -39.46 2.49
N ASN F 213 -19.29 -38.25 2.01
CA ASN F 213 -18.27 -37.38 2.61
C ASN F 213 -18.82 -36.91 3.95
N VAL F 214 -17.93 -36.68 4.89
CA VAL F 214 -18.34 -36.29 6.24
C VAL F 214 -18.21 -34.80 6.56
N GLY F 215 -18.90 -34.40 7.62
CA GLY F 215 -18.87 -33.03 8.10
C GLY F 215 -17.85 -32.89 9.21
N ASP F 216 -17.95 -31.79 9.96
CA ASP F 216 -17.01 -31.52 11.07
C ASP F 216 -16.96 -32.61 12.13
N GLU F 217 -18.11 -33.23 12.41
CA GLU F 217 -18.21 -34.26 13.45
C GLU F 217 -18.28 -35.70 12.92
N GLY F 218 -17.92 -35.91 11.67
CA GLY F 218 -17.93 -37.25 11.08
C GLY F 218 -19.25 -37.75 10.51
N GLY F 219 -20.33 -37.01 10.72
CA GLY F 219 -21.66 -37.41 10.21
C GLY F 219 -21.84 -37.16 8.72
N PHE F 220 -22.96 -37.60 8.17
CA PHE F 220 -23.27 -37.43 6.75
C PHE F 220 -24.34 -36.37 6.56
N ALA F 221 -24.38 -35.79 5.36
CA ALA F 221 -25.35 -34.75 5.05
C ALA F 221 -26.02 -35.04 3.70
N PRO F 222 -26.75 -36.17 3.61
CA PRO F 222 -27.43 -36.50 2.36
C PRO F 222 -28.52 -35.47 2.10
N ASN F 223 -28.88 -35.28 0.83
CA ASN F 223 -29.88 -34.29 0.47
C ASN F 223 -31.33 -34.73 0.82
N VAL F 224 -31.64 -34.79 2.10
CA VAL F 224 -32.97 -35.19 2.57
C VAL F 224 -33.85 -33.98 2.81
N ALA F 225 -35.11 -34.08 2.41
CA ALA F 225 -36.08 -32.98 2.55
C ALA F 225 -36.57 -32.72 3.99
N THR F 226 -36.89 -33.79 4.73
CA THR F 226 -37.41 -33.64 6.08
C THR F 226 -36.90 -34.66 7.10
N ALA F 227 -37.29 -34.47 8.36
CA ALA F 227 -36.88 -35.35 9.46
C ALA F 227 -37.37 -36.78 9.24
N GLU F 228 -38.56 -36.95 8.67
CA GLU F 228 -39.10 -38.28 8.41
C GLU F 228 -38.11 -39.07 7.54
N GLU F 229 -37.63 -38.46 6.45
CA GLU F 229 -36.68 -39.15 5.57
C GLU F 229 -35.42 -39.52 6.35
N ALA F 230 -34.91 -38.57 7.13
CA ALA F 230 -33.72 -38.79 7.94
C ALA F 230 -33.94 -39.97 8.89
N LEU F 231 -35.03 -39.90 9.65
CA LEU F 231 -35.37 -40.95 10.61
C LEU F 231 -35.55 -42.32 9.96
N ASN F 232 -36.09 -42.36 8.75
CA ASN F 232 -36.27 -43.63 8.04
C ASN F 232 -34.92 -44.24 7.68
N LEU F 233 -33.96 -43.39 7.27
CA LEU F 233 -32.62 -43.87 6.93
C LEU F 233 -31.99 -44.56 8.12
N LEU F 234 -32.06 -43.92 9.28
CA LEU F 234 -31.49 -44.48 10.49
C LEU F 234 -32.14 -45.82 10.80
N VAL F 235 -33.48 -45.87 10.80
CA VAL F 235 -34.17 -47.12 11.08
C VAL F 235 -33.72 -48.22 10.12
N GLU F 236 -33.63 -47.86 8.85
CA GLU F 236 -33.22 -48.79 7.80
C GLU F 236 -31.82 -49.31 8.06
N ALA F 237 -30.91 -48.42 8.45
CA ALA F 237 -29.51 -48.78 8.72
C ALA F 237 -29.38 -49.69 9.95
N ILE F 238 -30.13 -49.37 11.00
CA ILE F 238 -30.10 -50.15 12.25
C ILE F 238 -30.59 -51.57 11.99
N LYS F 239 -31.56 -51.71 11.09
CA LYS F 239 -32.11 -53.01 10.77
C LYS F 239 -31.12 -53.81 9.90
N ALA F 240 -30.47 -53.13 8.96
CA ALA F 240 -29.48 -53.78 8.09
C ALA F 240 -28.31 -54.30 8.94
N ALA F 241 -27.91 -53.53 9.93
CA ALA F 241 -26.82 -53.91 10.83
C ALA F 241 -27.27 -55.06 11.73
N GLY F 242 -28.58 -55.18 11.91
CA GLY F 242 -29.18 -56.23 12.73
C GLY F 242 -29.26 -55.90 14.21
N TYR F 243 -29.44 -54.62 14.53
CA TYR F 243 -29.51 -54.19 15.93
C TYR F 243 -30.85 -53.55 16.32
N GLU F 244 -31.93 -54.05 15.73
N GLU F 244 -31.94 -53.99 15.69
CA GLU F 244 -33.27 -53.55 16.01
CA GLU F 244 -33.26 -53.46 16.00
C GLU F 244 -33.55 -53.69 17.52
C GLU F 244 -33.58 -53.67 17.47
N GLY F 245 -33.86 -52.57 18.18
CA GLY F 245 -34.16 -52.61 19.61
C GLY F 245 -32.96 -52.44 20.52
N LYS F 246 -31.75 -52.60 19.97
CA LYS F 246 -30.53 -52.45 20.76
C LYS F 246 -29.91 -51.06 20.55
N ILE F 247 -30.19 -50.45 19.40
CA ILE F 247 -29.69 -49.11 19.12
C ILE F 247 -30.88 -48.17 19.04
N LYS F 248 -30.78 -47.04 19.74
CA LYS F 248 -31.84 -46.05 19.78
C LYS F 248 -31.39 -44.79 19.05
N ILE F 249 -32.32 -43.87 18.84
CA ILE F 249 -32.05 -42.61 18.13
C ILE F 249 -32.25 -41.41 19.04
N ALA F 250 -31.56 -40.33 18.71
CA ALA F 250 -31.67 -39.08 19.45
C ALA F 250 -31.45 -37.98 18.45
N PHE F 251 -31.65 -36.73 18.84
CA PHE F 251 -31.40 -35.63 17.91
C PHE F 251 -31.24 -34.31 18.62
N ASP F 252 -30.57 -33.39 17.91
CA ASP F 252 -30.33 -32.04 18.41
C ASP F 252 -30.98 -31.10 17.40
N ALA F 253 -32.08 -30.46 17.79
CA ALA F 253 -32.79 -29.55 16.91
C ALA F 253 -32.06 -28.24 16.71
N ALA F 254 -31.39 -27.75 17.76
CA ALA F 254 -30.68 -26.48 17.70
C ALA F 254 -31.72 -25.43 17.33
N ALA F 255 -32.92 -25.62 17.84
CA ALA F 255 -34.09 -24.77 17.60
C ALA F 255 -33.82 -23.28 17.47
N SER F 256 -32.85 -22.77 18.22
CA SER F 256 -32.50 -21.34 18.14
C SER F 256 -32.28 -20.90 16.71
N GLU F 257 -31.66 -21.76 15.91
CA GLU F 257 -31.36 -21.49 14.50
C GLU F 257 -32.56 -21.25 13.62
N PHE F 258 -33.68 -21.92 13.88
CA PHE F 258 -34.87 -21.71 13.06
C PHE F 258 -35.99 -20.99 13.81
N TYR F 259 -35.63 -20.20 14.81
CA TYR F 259 -36.59 -19.44 15.59
C TYR F 259 -36.72 -18.00 15.06
N LYS F 260 -37.95 -17.54 14.89
CA LYS F 260 -38.21 -16.20 14.39
C LYS F 260 -38.56 -15.28 15.56
N GLN F 261 -37.52 -14.61 16.07
CA GLN F 261 -37.60 -13.71 17.21
C GLN F 261 -38.81 -12.75 17.26
N ASP F 262 -39.06 -12.03 16.18
CA ASP F 262 -40.19 -11.08 16.16
C ASP F 262 -41.54 -11.75 15.92
N GLU F 263 -41.54 -12.81 15.13
CA GLU F 263 -42.75 -13.55 14.80
C GLU F 263 -43.14 -14.53 15.92
N LYS F 264 -42.18 -14.87 16.78
CA LYS F 264 -42.38 -15.82 17.89
C LYS F 264 -42.88 -17.19 17.44
N LYS F 265 -42.30 -17.68 16.35
CA LYS F 265 -42.63 -18.99 15.80
C LYS F 265 -41.36 -19.67 15.27
N TYR F 266 -41.48 -20.95 14.94
CA TYR F 266 -40.39 -21.75 14.42
C TYR F 266 -40.69 -22.17 12.98
N ASP F 267 -39.65 -22.23 12.16
CA ASP F 267 -39.78 -22.60 10.75
C ASP F 267 -38.98 -23.85 10.42
N LEU F 268 -39.64 -25.00 10.30
CA LEU F 268 -38.98 -26.27 10.00
C LEU F 268 -38.37 -26.41 8.60
N ASP F 269 -38.79 -25.55 7.67
CA ASP F 269 -38.25 -25.58 6.30
C ASP F 269 -37.81 -24.17 5.90
N TYR F 270 -37.03 -23.57 6.80
CA TYR F 270 -36.53 -22.21 6.62
C TYR F 270 -35.47 -22.05 5.54
N LYS F 271 -34.92 -23.16 5.04
CA LYS F 271 -33.89 -23.09 4.00
C LYS F 271 -34.45 -22.79 2.60
N CYS F 272 -35.70 -22.33 2.54
CA CYS F 272 -36.35 -21.98 1.28
C CYS F 272 -36.69 -20.50 1.27
N SER F 278 -46.89 -18.14 6.83
CA SER F 278 -47.78 -18.46 7.94
C SER F 278 -47.79 -19.96 8.26
N LYS F 279 -46.91 -20.70 7.58
CA LYS F 279 -46.80 -22.15 7.79
C LYS F 279 -45.73 -22.44 8.86
N HIS F 280 -45.46 -21.42 9.70
CA HIS F 280 -44.51 -21.55 10.78
C HIS F 280 -45.31 -22.01 12.00
N LEU F 281 -44.64 -22.76 12.87
CA LEU F 281 -45.27 -23.32 14.06
C LEU F 281 -44.90 -22.58 15.33
N THR F 282 -45.87 -22.40 16.23
CA THR F 282 -45.61 -21.74 17.51
C THR F 282 -44.89 -22.77 18.37
N GLY F 283 -44.52 -22.39 19.59
CA GLY F 283 -43.83 -23.30 20.48
C GLY F 283 -44.64 -24.53 20.85
N GLU F 284 -45.96 -24.36 20.96
CA GLU F 284 -46.85 -25.45 21.34
C GLU F 284 -47.08 -26.40 20.14
N LYS F 285 -47.33 -25.85 18.96
CA LYS F 285 -47.54 -26.70 17.77
C LYS F 285 -46.29 -27.49 17.40
N LEU F 286 -45.12 -26.89 17.57
CA LEU F 286 -43.86 -27.58 17.29
C LEU F 286 -43.72 -28.75 18.25
N LYS F 287 -44.09 -28.52 19.51
CA LYS F 287 -44.04 -29.55 20.54
C LYS F 287 -44.78 -30.80 20.07
N GLU F 288 -46.01 -30.61 19.56
CA GLU F 288 -46.82 -31.72 19.07
C GLU F 288 -46.16 -32.44 17.91
N VAL F 289 -45.35 -31.73 17.13
CA VAL F 289 -44.63 -32.34 16.03
C VAL F 289 -43.62 -33.32 16.62
N TYR F 290 -42.89 -32.87 17.64
CA TYR F 290 -41.90 -33.74 18.28
C TYR F 290 -42.60 -34.92 18.96
N GLU F 291 -43.68 -34.65 19.69
CA GLU F 291 -44.42 -35.71 20.37
C GLU F 291 -44.89 -36.75 19.36
N GLY F 292 -45.18 -36.29 18.15
CA GLY F 292 -45.61 -37.17 17.08
C GLY F 292 -44.51 -38.14 16.69
N TRP F 293 -43.29 -37.63 16.54
CA TRP F 293 -42.18 -38.51 16.15
C TRP F 293 -41.78 -39.46 17.28
N LEU F 294 -41.83 -38.99 18.53
CA LEU F 294 -41.48 -39.85 19.67
C LEU F 294 -42.28 -41.14 19.69
N LYS F 295 -43.52 -41.09 19.22
CA LYS F 295 -44.37 -42.26 19.18
C LYS F 295 -44.11 -43.14 17.95
N LYS F 296 -43.76 -42.54 16.81
CA LYS F 296 -43.47 -43.30 15.59
C LYS F 296 -42.07 -43.91 15.58
N TYR F 297 -41.08 -43.17 16.06
CA TYR F 297 -39.70 -43.64 16.06
C TYR F 297 -39.13 -43.91 17.46
N PRO F 298 -38.06 -44.72 17.54
CA PRO F 298 -37.42 -45.05 18.81
C PRO F 298 -36.46 -43.95 19.29
N ILE F 299 -37.01 -42.75 19.47
CA ILE F 299 -36.23 -41.60 19.92
C ILE F 299 -36.25 -41.64 21.45
N ILE F 300 -35.07 -41.52 22.06
CA ILE F 300 -34.95 -41.56 23.53
C ILE F 300 -34.40 -40.28 24.15
N SER F 301 -33.97 -39.34 23.31
CA SER F 301 -33.41 -38.08 23.80
C SER F 301 -33.59 -36.98 22.77
N VAL F 302 -33.85 -35.77 23.25
CA VAL F 302 -34.05 -34.61 22.39
C VAL F 302 -33.28 -33.45 22.97
N GLU F 303 -32.39 -32.87 22.16
CA GLU F 303 -31.54 -31.75 22.57
C GLU F 303 -31.98 -30.42 21.90
N ASP F 304 -31.96 -29.33 22.68
CA ASP F 304 -32.38 -27.99 22.22
C ASP F 304 -33.59 -27.98 21.31
N PRO F 305 -34.71 -28.53 21.80
CA PRO F 305 -35.93 -28.57 21.00
C PRO F 305 -36.51 -27.19 20.73
N PHE F 306 -36.17 -26.20 21.57
CA PHE F 306 -36.69 -24.84 21.41
C PHE F 306 -35.59 -23.79 21.56
N ASP F 307 -35.95 -22.55 21.27
CA ASP F 307 -35.03 -21.42 21.33
C ASP F 307 -34.32 -21.30 22.67
N GLN F 308 -33.13 -20.71 22.59
CA GLN F 308 -32.26 -20.49 23.74
C GLN F 308 -32.94 -19.85 24.95
N ASP F 309 -33.92 -18.98 24.71
CA ASP F 309 -34.63 -18.31 25.81
C ASP F 309 -36.12 -18.61 25.84
N ASP F 310 -36.54 -19.70 25.21
CA ASP F 310 -37.95 -20.05 25.18
C ASP F 310 -38.26 -21.09 26.26
N PHE F 311 -38.12 -20.69 27.51
CA PHE F 311 -38.40 -21.57 28.66
C PHE F 311 -39.82 -22.10 28.68
N ALA F 312 -40.78 -21.25 28.29
CA ALA F 312 -42.18 -21.66 28.26
C ALA F 312 -42.35 -22.95 27.45
N SER F 313 -41.74 -23.00 26.27
CA SER F 313 -41.83 -24.18 25.41
C SER F 313 -41.10 -25.40 25.99
N PHE F 314 -39.95 -25.17 26.62
CA PHE F 314 -39.21 -26.27 27.24
C PHE F 314 -40.05 -26.93 28.34
N SER F 315 -40.59 -26.12 29.24
CA SER F 315 -41.41 -26.62 30.35
C SER F 315 -42.59 -27.48 29.91
N ALA F 316 -43.34 -26.98 28.93
CA ALA F 316 -44.52 -27.70 28.41
C ALA F 316 -44.15 -29.09 27.88
N PHE F 317 -43.08 -29.13 27.11
CA PHE F 317 -42.60 -30.36 26.50
C PHE F 317 -42.14 -31.36 27.57
N THR F 318 -41.34 -30.88 28.54
CA THR F 318 -40.85 -31.73 29.61
C THR F 318 -41.99 -32.27 30.48
N LYS F 319 -43.03 -31.47 30.68
CA LYS F 319 -44.18 -31.89 31.49
C LYS F 319 -44.92 -33.02 30.76
N ASP F 320 -45.09 -32.88 29.45
CA ASP F 320 -45.79 -33.88 28.64
C ASP F 320 -45.00 -35.20 28.44
N VAL F 321 -43.70 -35.10 28.19
CA VAL F 321 -42.89 -36.32 27.94
C VAL F 321 -41.54 -36.37 28.66
N GLY F 322 -41.44 -35.71 29.80
CA GLY F 322 -40.20 -35.69 30.58
C GLY F 322 -39.69 -37.03 31.08
N GLU F 323 -40.60 -37.93 31.45
CA GLU F 323 -40.21 -39.24 31.96
C GLU F 323 -39.80 -40.27 30.92
N LYS F 324 -40.41 -40.25 29.73
CA LYS F 324 -40.04 -41.23 28.70
C LYS F 324 -38.93 -40.76 27.80
N THR F 325 -38.76 -39.44 27.69
CA THR F 325 -37.74 -38.85 26.82
C THR F 325 -36.82 -37.92 27.56
N GLN F 326 -35.53 -37.98 27.21
CA GLN F 326 -34.56 -37.10 27.82
C GLN F 326 -34.64 -35.79 27.07
N VAL F 327 -34.74 -34.68 27.80
CA VAL F 327 -34.80 -33.37 27.20
C VAL F 327 -33.52 -32.67 27.61
N ILE F 328 -32.55 -32.66 26.71
CA ILE F 328 -31.26 -32.04 26.97
C ILE F 328 -31.27 -30.54 26.74
N GLY F 329 -30.59 -29.82 27.64
CA GLY F 329 -30.47 -28.38 27.56
C GLY F 329 -29.02 -28.06 27.21
N ASP F 330 -28.83 -27.38 26.07
CA ASP F 330 -27.50 -27.00 25.61
C ASP F 330 -27.37 -25.49 25.55
N ASP F 331 -27.88 -24.88 24.48
CA ASP F 331 -27.80 -23.43 24.31
C ASP F 331 -28.49 -22.70 25.46
N ILE F 332 -29.60 -23.27 25.92
CA ILE F 332 -30.38 -22.69 27.01
C ILE F 332 -29.63 -22.69 28.36
N LEU F 333 -28.74 -23.66 28.55
CA LEU F 333 -27.99 -23.77 29.81
C LEU F 333 -26.52 -23.30 29.73
N VAL F 334 -25.85 -23.58 28.60
CA VAL F 334 -24.43 -23.20 28.39
C VAL F 334 -23.52 -23.51 29.59
N THR F 335 -23.73 -24.68 30.19
CA THR F 335 -22.96 -25.16 31.33
C THR F 335 -22.75 -24.08 32.41
N ASN F 336 -23.80 -23.30 32.67
CA ASN F 336 -23.77 -22.21 33.66
C ASN F 336 -24.69 -22.51 34.84
N ILE F 337 -24.12 -22.46 36.05
CA ILE F 337 -24.88 -22.74 37.29
C ILE F 337 -26.21 -22.00 37.37
N LEU F 338 -26.18 -20.68 37.37
CA LEU F 338 -27.42 -19.89 37.46
C LEU F 338 -28.44 -20.27 36.38
N ARG F 339 -27.98 -20.56 35.17
CA ARG F 339 -28.88 -20.95 34.08
C ARG F 339 -29.57 -22.28 34.41
N ILE F 340 -28.78 -23.21 34.96
CA ILE F 340 -29.30 -24.51 35.34
C ILE F 340 -30.35 -24.31 36.42
N GLU F 341 -30.01 -23.51 37.44
CA GLU F 341 -30.93 -23.22 38.54
C GLU F 341 -32.26 -22.68 38.06
N LYS F 342 -32.24 -21.79 37.09
CA LYS F 342 -33.47 -21.23 36.55
C LYS F 342 -34.27 -22.37 35.89
N ALA F 343 -33.55 -23.19 35.11
CA ALA F 343 -34.16 -24.31 34.42
C ALA F 343 -34.80 -25.29 35.40
N LEU F 344 -34.19 -25.44 36.58
CA LEU F 344 -34.71 -26.34 37.61
C LEU F 344 -35.99 -25.76 38.24
N LYS F 345 -36.00 -24.44 38.43
CA LYS F 345 -37.16 -23.77 39.01
C LYS F 345 -38.34 -23.84 38.05
N ASP F 346 -38.04 -23.80 36.74
CA ASP F 346 -39.07 -23.85 35.71
C ASP F 346 -39.27 -25.25 35.15
N LYS F 347 -38.51 -26.22 35.64
CA LYS F 347 -38.61 -27.59 35.17
C LYS F 347 -38.62 -27.61 33.62
N ALA F 348 -37.69 -26.85 33.04
CA ALA F 348 -37.56 -26.73 31.58
C ALA F 348 -36.98 -27.96 30.91
N CYS F 349 -36.14 -28.71 31.62
CA CYS F 349 -35.55 -29.91 31.04
C CYS F 349 -35.14 -30.91 32.10
N ASN F 350 -34.53 -32.02 31.69
CA ASN F 350 -34.12 -33.06 32.64
C ASN F 350 -32.71 -33.60 32.37
N CYS F 351 -31.91 -32.86 31.61
CA CYS F 351 -30.54 -33.29 31.33
C CYS F 351 -29.66 -32.08 31.00
N LEU F 352 -28.41 -32.15 31.44
CA LEU F 352 -27.43 -31.10 31.23
C LEU F 352 -26.37 -31.53 30.24
N LEU F 353 -26.18 -30.74 29.18
CA LEU F 353 -25.13 -31.08 28.22
C LEU F 353 -23.89 -30.40 28.80
N LEU F 354 -22.94 -31.19 29.24
CA LEU F 354 -21.73 -30.66 29.85
C LEU F 354 -20.59 -30.42 28.84
N LYS F 355 -20.36 -29.15 28.53
CA LYS F 355 -19.28 -28.75 27.63
C LYS F 355 -18.25 -28.05 28.52
N VAL F 356 -17.20 -28.77 28.87
CA VAL F 356 -16.17 -28.26 29.77
C VAL F 356 -15.53 -26.91 29.36
N ASN F 357 -15.25 -26.69 28.07
CA ASN F 357 -14.63 -25.40 27.67
C ASN F 357 -15.63 -24.25 27.65
N GLN F 358 -16.91 -24.59 27.75
CA GLN F 358 -17.97 -23.61 27.73
C GLN F 358 -18.04 -22.88 29.08
N ILE F 359 -17.65 -23.59 30.15
CA ILE F 359 -17.67 -23.01 31.49
C ILE F 359 -16.30 -22.43 31.84
N GLY F 360 -15.22 -23.11 31.43
CA GLY F 360 -13.87 -22.58 31.68
C GLY F 360 -12.91 -23.32 32.59
N SER F 361 -13.39 -24.26 33.39
CA SER F 361 -12.49 -24.99 34.29
C SER F 361 -13.06 -26.34 34.67
N VAL F 362 -12.22 -27.16 35.27
CA VAL F 362 -12.63 -28.50 35.69
C VAL F 362 -13.54 -28.38 36.91
N THR F 363 -13.11 -27.61 37.91
CA THR F 363 -13.87 -27.42 39.14
C THR F 363 -15.29 -26.94 38.86
N GLU F 364 -15.42 -25.96 37.98
CA GLU F 364 -16.73 -25.42 37.63
C GLU F 364 -17.54 -26.44 36.84
N ALA F 365 -16.86 -27.24 36.02
CA ALA F 365 -17.54 -28.27 35.25
C ALA F 365 -18.12 -29.34 36.20
N ILE F 366 -17.31 -29.72 37.19
CA ILE F 366 -17.71 -30.70 38.19
C ILE F 366 -18.90 -30.20 39.02
N GLU F 367 -18.86 -28.92 39.40
CA GLU F 367 -19.93 -28.34 40.19
C GLU F 367 -21.25 -28.27 39.43
N ALA F 368 -21.18 -28.01 38.12
CA ALA F 368 -22.38 -27.96 37.29
C ALA F 368 -22.95 -29.37 37.16
N CYS F 369 -22.07 -30.35 37.02
CA CYS F 369 -22.48 -31.75 36.89
C CYS F 369 -23.16 -32.22 38.18
N LEU F 370 -22.54 -31.92 39.32
CA LEU F 370 -23.10 -32.30 40.61
C LEU F 370 -24.46 -31.65 40.87
N LEU F 371 -24.61 -30.39 40.50
CA LEU F 371 -25.87 -29.68 40.69
C LEU F 371 -27.00 -30.43 39.97
N ALA F 372 -26.74 -30.83 38.73
CA ALA F 372 -27.71 -31.56 37.93
C ALA F 372 -27.99 -32.95 38.51
N GLN F 373 -26.92 -33.72 38.77
CA GLN F 373 -27.08 -35.09 39.32
C GLN F 373 -27.83 -35.11 40.65
N LYS F 374 -27.46 -34.22 41.56
CA LYS F 374 -28.07 -34.12 42.89
C LYS F 374 -29.52 -33.66 42.81
N SER F 375 -29.94 -33.16 41.65
CA SER F 375 -31.30 -32.67 41.44
C SER F 375 -32.16 -33.59 40.55
N GLY F 376 -31.70 -34.82 40.33
CA GLY F 376 -32.44 -35.80 39.53
C GLY F 376 -32.35 -35.62 38.02
N TRP F 377 -31.30 -34.96 37.57
CA TRP F 377 -31.06 -34.71 36.14
C TRP F 377 -29.93 -35.57 35.62
N GLY F 378 -30.01 -35.88 34.35
CA GLY F 378 -28.98 -36.67 33.70
C GLY F 378 -27.92 -35.69 33.25
N VAL F 379 -26.73 -36.19 32.96
CA VAL F 379 -25.66 -35.34 32.49
C VAL F 379 -25.00 -36.04 31.31
N GLN F 380 -24.87 -35.33 30.21
CA GLN F 380 -24.25 -35.86 29.00
C GLN F 380 -23.05 -35.01 28.62
N VAL F 381 -21.87 -35.62 28.68
CA VAL F 381 -20.63 -34.93 28.35
C VAL F 381 -20.58 -34.75 26.85
N SER F 382 -20.28 -33.52 26.41
CA SER F 382 -20.23 -33.23 24.98
C SER F 382 -18.88 -32.71 24.49
N HIS F 383 -18.65 -32.95 23.21
CA HIS F 383 -17.46 -32.54 22.52
C HIS F 383 -17.86 -31.29 21.79
N ARG F 384 -16.90 -30.60 21.19
CA ARG F 384 -17.19 -29.38 20.45
C ARG F 384 -16.95 -29.69 18.98
N SER F 385 -17.41 -28.80 18.08
CA SER F 385 -17.23 -29.00 16.64
C SER F 385 -15.75 -29.05 16.28
N GLY F 386 -14.97 -28.20 16.94
CA GLY F 386 -13.53 -28.14 16.73
C GLY F 386 -12.86 -28.86 17.89
N GLU F 387 -12.42 -30.08 17.65
CA GLU F 387 -11.75 -30.90 18.65
C GLU F 387 -10.28 -31.10 18.37
N THR F 388 -9.59 -31.69 19.35
CA THR F 388 -8.18 -31.95 19.25
C THR F 388 -7.94 -33.42 19.52
N GLU F 389 -6.67 -33.83 19.52
CA GLU F 389 -6.30 -35.21 19.78
C GLU F 389 -6.49 -35.51 21.26
N ASP F 390 -6.75 -34.46 22.05
CA ASP F 390 -6.92 -34.62 23.48
C ASP F 390 -8.11 -35.52 23.77
N SER F 391 -7.87 -36.44 24.70
CA SER F 391 -8.82 -37.45 25.11
C SER F 391 -9.55 -37.16 26.43
N PHE F 392 -9.17 -36.06 27.07
CA PHE F 392 -9.73 -35.65 28.38
C PHE F 392 -11.19 -35.92 28.73
N ILE F 393 -12.13 -35.55 27.87
CA ILE F 393 -13.55 -35.76 28.22
C ILE F 393 -13.94 -37.23 28.38
N ALA F 394 -13.12 -38.13 27.86
CA ALA F 394 -13.38 -39.56 27.99
C ALA F 394 -13.21 -39.94 29.47
N ASP F 395 -12.16 -39.40 30.10
CA ASP F 395 -11.90 -39.69 31.52
C ASP F 395 -12.86 -38.91 32.42
N LEU F 396 -13.34 -37.76 31.95
CA LEU F 396 -14.27 -36.92 32.71
C LEU F 396 -15.65 -37.58 32.85
N VAL F 397 -16.16 -38.13 31.76
CA VAL F 397 -17.50 -38.77 31.77
C VAL F 397 -17.53 -39.96 32.73
N VAL F 398 -16.42 -40.69 32.82
CA VAL F 398 -16.32 -41.84 33.72
C VAL F 398 -16.13 -41.35 35.15
N GLY F 399 -15.23 -40.38 35.33
CA GLY F 399 -14.94 -39.81 36.65
C GLY F 399 -16.15 -39.17 37.30
N LEU F 400 -16.93 -38.46 36.51
CA LEU F 400 -18.14 -37.81 37.01
C LEU F 400 -19.29 -38.82 37.11
N ARG F 401 -19.12 -39.98 36.49
CA ARG F 401 -20.12 -41.05 36.53
C ARG F 401 -21.46 -40.58 35.93
N CYS F 402 -21.38 -40.02 34.72
CA CYS F 402 -22.55 -39.48 34.00
C CYS F 402 -23.43 -40.52 33.30
N GLY F 403 -22.79 -41.51 32.67
CA GLY F 403 -23.52 -42.57 31.97
C GLY F 403 -23.83 -42.30 30.50
N GLN F 404 -23.47 -41.12 30.00
CA GLN F 404 -23.72 -40.78 28.60
C GLN F 404 -22.75 -39.75 28.08
N ILE F 405 -22.38 -39.90 26.81
CA ILE F 405 -21.42 -39.00 26.16
C ILE F 405 -21.60 -38.93 24.64
N LYS F 406 -21.49 -37.73 24.08
CA LYS F 406 -21.58 -37.62 22.63
C LYS F 406 -20.24 -36.98 22.21
N SER F 407 -19.46 -37.71 21.43
CA SER F 407 -18.16 -37.23 20.98
C SER F 407 -18.01 -37.43 19.49
N GLY F 408 -19.07 -37.11 18.75
CA GLY F 408 -19.08 -37.25 17.29
C GLY F 408 -19.31 -38.66 16.80
N SER F 409 -19.21 -38.85 15.48
CA SER F 409 -19.39 -40.13 14.84
C SER F 409 -18.19 -41.05 15.07
N PRO F 410 -18.32 -42.33 14.70
CA PRO F 410 -17.17 -43.20 14.85
C PRO F 410 -16.31 -43.00 13.60
N CYS F 411 -15.91 -41.76 13.37
CA CYS F 411 -15.11 -41.39 12.20
C CYS F 411 -14.39 -40.11 12.53
N ARG F 412 -13.14 -39.99 12.11
CA ARG F 412 -12.27 -38.82 12.37
C ARG F 412 -11.65 -39.08 13.74
N SER F 413 -10.33 -39.14 13.81
CA SER F 413 -9.64 -39.44 15.07
C SER F 413 -9.82 -38.47 16.26
N GLU F 414 -10.22 -37.21 16.03
CA GLU F 414 -10.44 -36.30 17.17
C GLU F 414 -11.70 -36.79 17.89
N ARG F 415 -12.47 -37.63 17.19
CA ARG F 415 -13.67 -38.25 17.72
C ARG F 415 -13.36 -39.63 18.29
N LEU F 416 -12.61 -40.43 17.54
CA LEU F 416 -12.24 -41.76 17.98
C LEU F 416 -11.23 -41.81 19.13
N CYS F 417 -10.47 -40.73 19.34
CA CYS F 417 -9.50 -40.75 20.43
C CYS F 417 -10.27 -40.79 21.77
N LYS F 418 -11.51 -40.32 21.77
CA LYS F 418 -12.34 -40.35 22.97
C LYS F 418 -12.92 -41.74 23.17
N TYR F 419 -13.44 -42.34 22.09
CA TYR F 419 -14.03 -43.67 22.19
C TYR F 419 -12.96 -44.72 22.49
N ASN F 420 -11.81 -44.62 21.83
CA ASN F 420 -10.71 -45.54 22.09
C ASN F 420 -10.30 -45.47 23.55
N GLN F 421 -10.26 -44.26 24.10
CA GLN F 421 -9.89 -44.09 25.49
C GLN F 421 -10.92 -44.77 26.40
N LEU F 422 -12.19 -44.61 26.08
CA LEU F 422 -13.24 -45.27 26.87
C LEU F 422 -12.97 -46.77 26.90
N MET F 423 -12.52 -47.33 25.78
CA MET F 423 -12.22 -48.75 25.73
C MET F 423 -11.00 -49.11 26.56
N ARG F 424 -9.97 -48.25 26.58
CA ARG F 424 -8.78 -48.52 27.38
C ARG F 424 -9.12 -48.49 28.87
N ILE F 425 -9.97 -47.53 29.23
CA ILE F 425 -10.40 -47.37 30.62
C ILE F 425 -11.19 -48.61 31.05
N GLU F 426 -12.08 -49.09 30.18
CA GLU F 426 -12.90 -50.26 30.49
C GLU F 426 -12.00 -51.47 30.67
N GLU F 427 -10.99 -51.57 29.82
CA GLU F 427 -10.03 -52.66 29.85
C GLU F 427 -9.26 -52.65 31.17
N SER F 428 -8.75 -51.48 31.54
CA SER F 428 -7.97 -51.30 32.79
C SER F 428 -8.76 -51.64 34.05
N LEU F 429 -9.98 -51.10 34.14
CA LEU F 429 -10.86 -51.34 35.28
C LEU F 429 -11.31 -52.79 35.37
N GLY F 430 -11.33 -53.46 34.22
CA GLY F 430 -11.74 -54.86 34.16
C GLY F 430 -13.14 -55.07 34.72
N ALA F 431 -13.21 -55.86 35.79
CA ALA F 431 -14.48 -56.18 36.45
C ALA F 431 -14.95 -55.07 37.39
N ASP F 432 -14.14 -54.03 37.58
CA ASP F 432 -14.49 -52.93 38.47
C ASP F 432 -15.26 -51.81 37.74
N CYS F 433 -16.12 -52.18 36.79
CA CYS F 433 -16.93 -51.19 36.07
C CYS F 433 -18.19 -51.83 35.48
N VAL F 434 -19.18 -51.00 35.16
CA VAL F 434 -20.43 -51.45 34.60
C VAL F 434 -20.79 -50.52 33.45
N TYR F 435 -21.69 -50.97 32.57
CA TYR F 435 -22.14 -50.14 31.44
C TYR F 435 -23.54 -49.60 31.74
N ALA F 436 -23.68 -48.27 31.69
CA ALA F 436 -24.95 -47.58 31.98
C ALA F 436 -26.18 -48.20 31.30
N GLY F 437 -26.00 -48.64 30.05
CA GLY F 437 -27.09 -49.25 29.30
C GLY F 437 -28.43 -48.54 29.41
N GLU F 438 -29.47 -49.32 29.72
CA GLU F 438 -30.84 -48.83 29.85
C GLU F 438 -30.99 -47.62 30.77
N SER F 439 -30.26 -47.60 31.89
CA SER F 439 -30.38 -46.50 32.85
C SER F 439 -29.34 -45.40 32.68
N PHE F 440 -28.98 -45.09 31.44
CA PHE F 440 -28.00 -44.05 31.18
C PHE F 440 -28.37 -42.67 31.76
N ARG F 441 -29.66 -42.40 31.96
CA ARG F 441 -30.05 -41.08 32.49
C ARG F 441 -29.80 -40.97 33.99
N HIS F 442 -29.93 -42.09 34.69
CA HIS F 442 -29.73 -42.15 36.13
C HIS F 442 -29.15 -43.54 36.40
N PRO F 443 -27.83 -43.69 36.21
CA PRO F 443 -27.11 -44.95 36.38
C PRO F 443 -27.38 -45.67 37.68
N LYS F 444 -27.52 -46.98 37.61
CA LYS F 444 -27.76 -47.82 38.78
C LYS F 444 -26.47 -47.80 39.60
N ARG F 445 -26.55 -48.11 40.89
CA ARG F 445 -25.34 -48.05 41.72
C ARG F 445 -25.10 -49.34 42.50
N SER F 446 -24.03 -49.36 43.31
CA SER F 446 -23.66 -50.54 44.11
C SER F 446 -24.26 -50.49 45.53
CL CL G . -3.27 -45.22 1.46
S SO4 H . -40.88 -47.62 18.10
O1 SO4 H . -40.02 -47.78 16.93
O2 SO4 H . -42.22 -47.21 17.68
O3 SO4 H . -40.95 -48.89 18.81
O4 SO4 H . -40.33 -46.58 18.99
#